data_2JZT
#
_entry.id   2JZT
#
_entity_poly.entity_id   1
_entity_poly.type   'polypeptide(L)'
_entity_poly.pdbx_seq_one_letter_code
;MANDTPFSALWQRLLTRGWQPVEASTVDDWIKRVGDGVILLSSDPRRTPEVSDNPVMIAELLREFPQFDWQVAVADLEQS
EAIGDRFNVRRFPATLVFTDGKLRGALSGIHPWAELLTLMRSIVDTPAAQETVQLEHHHHHH
;
_entity_poly.pdbx_strand_id   A
#
# COMPACT_ATOMS: atom_id res chain seq x y z
N MET A 1 -19.42 4.99 -4.41
CA MET A 1 -18.36 4.26 -5.14
C MET A 1 -18.72 4.11 -6.61
N ALA A 2 -17.85 3.45 -7.37
CA ALA A 2 -18.05 3.26 -8.79
C ALA A 2 -18.70 1.90 -9.07
N ASN A 3 -18.58 1.43 -10.30
CA ASN A 3 -19.16 0.15 -10.69
C ASN A 3 -18.08 -0.92 -10.83
N ASP A 4 -16.85 -0.57 -10.45
CA ASP A 4 -15.68 -1.42 -10.64
C ASP A 4 -15.36 -1.58 -12.12
N THR A 5 -14.16 -1.22 -12.52
CA THR A 5 -13.79 -1.21 -13.92
C THR A 5 -12.40 -1.79 -14.16
N PRO A 6 -12.33 -2.97 -14.78
CA PRO A 6 -11.07 -3.56 -15.22
C PRO A 6 -10.61 -2.95 -16.53
N PHE A 7 -9.61 -2.07 -16.44
CA PHE A 7 -9.13 -1.32 -17.60
C PHE A 7 -8.71 -2.25 -18.75
N SER A 8 -8.06 -3.35 -18.41
CA SER A 8 -7.60 -4.29 -19.42
C SER A 8 -7.39 -5.67 -18.81
N ALA A 9 -7.07 -6.64 -19.65
CA ALA A 9 -6.75 -7.99 -19.20
C ALA A 9 -5.44 -7.99 -18.42
N LEU A 10 -4.58 -7.05 -18.77
CA LEU A 10 -3.30 -6.87 -18.10
C LEU A 10 -3.53 -6.32 -16.69
N TRP A 11 -4.62 -5.59 -16.54
CA TRP A 11 -5.01 -5.02 -15.26
C TRP A 11 -5.79 -6.02 -14.42
N GLN A 12 -6.82 -6.60 -15.02
CA GLN A 12 -7.74 -7.49 -14.32
C GLN A 12 -7.03 -8.69 -13.69
N ARG A 13 -5.88 -9.07 -14.22
CA ARG A 13 -5.13 -10.19 -13.66
C ARG A 13 -4.74 -9.92 -12.21
N LEU A 14 -4.55 -8.64 -11.87
CA LEU A 14 -4.24 -8.25 -10.50
C LEU A 14 -5.46 -8.45 -9.61
N LEU A 15 -6.63 -8.18 -10.18
CA LEU A 15 -7.90 -8.34 -9.47
C LEU A 15 -8.18 -9.81 -9.21
N THR A 16 -7.64 -10.66 -10.08
CA THR A 16 -7.73 -12.10 -9.90
C THR A 16 -6.93 -12.54 -8.69
N ARG A 17 -5.88 -11.78 -8.36
CA ARG A 17 -5.11 -12.02 -7.16
C ARG A 17 -5.83 -11.39 -5.97
N GLY A 18 -6.50 -10.28 -6.23
CA GLY A 18 -7.35 -9.65 -5.24
C GLY A 18 -7.14 -8.15 -5.19
N TRP A 19 -7.27 -7.60 -3.98
CA TRP A 19 -7.02 -6.19 -3.70
C TRP A 19 -8.08 -5.26 -4.34
N GLN A 20 -8.18 -4.06 -3.79
CA GLN A 20 -9.15 -3.09 -4.23
C GLN A 20 -8.50 -2.06 -5.16
N PRO A 21 -9.11 -1.78 -6.32
CA PRO A 21 -8.66 -0.72 -7.21
C PRO A 21 -9.12 0.66 -6.73
N VAL A 22 -8.16 1.54 -6.44
CA VAL A 22 -8.49 2.85 -5.87
C VAL A 22 -7.96 3.98 -6.74
N GLU A 23 -8.48 5.18 -6.49
CA GLU A 23 -8.03 6.38 -7.18
C GLU A 23 -7.31 7.28 -6.18
N ALA A 24 -6.74 8.36 -6.67
CA ALA A 24 -6.06 9.32 -5.80
C ALA A 24 -7.07 10.04 -4.91
N SER A 25 -8.27 10.24 -5.43
CA SER A 25 -9.32 10.91 -4.68
C SER A 25 -10.01 9.95 -3.71
N THR A 26 -10.58 8.86 -4.24
CA THR A 26 -11.43 7.98 -3.45
C THR A 26 -10.62 7.12 -2.46
N VAL A 27 -9.29 7.19 -2.54
CA VAL A 27 -8.45 6.43 -1.62
C VAL A 27 -8.59 6.99 -0.20
N ASP A 28 -8.95 8.27 -0.11
CA ASP A 28 -9.10 8.96 1.17
C ASP A 28 -10.20 8.30 1.99
N ASP A 29 -11.38 8.17 1.38
CA ASP A 29 -12.53 7.53 2.03
C ASP A 29 -12.25 6.05 2.29
N TRP A 30 -11.54 5.42 1.36
CA TRP A 30 -11.19 4.02 1.49
C TRP A 30 -10.38 3.79 2.76
N ILE A 31 -9.34 4.60 2.96
CA ILE A 31 -8.46 4.47 4.12
C ILE A 31 -9.23 4.63 5.42
N LYS A 32 -10.06 5.66 5.49
CA LYS A 32 -10.80 5.95 6.71
C LYS A 32 -11.76 4.79 7.07
N ARG A 33 -12.20 4.06 6.06
CA ARG A 33 -13.11 2.95 6.29
C ARG A 33 -12.36 1.71 6.74
N VAL A 34 -11.25 1.41 6.07
CA VAL A 34 -10.51 0.19 6.35
C VAL A 34 -9.68 0.32 7.63
N GLY A 35 -9.08 1.48 7.84
CA GLY A 35 -8.31 1.72 9.04
C GLY A 35 -6.90 1.18 8.93
N ASP A 36 -6.80 -0.10 8.65
CA ASP A 36 -5.51 -0.78 8.58
C ASP A 36 -5.34 -1.43 7.22
N GLY A 37 -4.28 -1.07 6.52
CA GLY A 37 -4.06 -1.62 5.21
C GLY A 37 -2.84 -1.05 4.52
N VAL A 38 -2.61 -1.48 3.30
CA VAL A 38 -1.47 -1.02 2.53
C VAL A 38 -1.85 -0.79 1.07
N ILE A 39 -1.39 0.32 0.52
CA ILE A 39 -1.65 0.63 -0.88
C ILE A 39 -0.41 0.33 -1.70
N LEU A 40 -0.57 -0.48 -2.72
CA LEU A 40 0.52 -0.79 -3.64
C LEU A 40 0.49 0.16 -4.82
N LEU A 41 1.55 0.93 -4.99
CA LEU A 41 1.67 1.81 -6.13
C LEU A 41 2.23 1.04 -7.31
N SER A 42 2.28 1.68 -8.47
CA SER A 42 2.94 1.11 -9.64
C SER A 42 4.39 0.79 -9.29
N SER A 43 4.67 -0.49 -9.07
CA SER A 43 5.94 -0.91 -8.52
C SER A 43 7.02 -1.05 -9.60
N ASP A 44 7.33 -2.28 -9.97
CA ASP A 44 8.43 -2.56 -10.87
C ASP A 44 7.98 -2.57 -12.32
N PRO A 45 8.63 -1.73 -13.14
CA PRO A 45 8.37 -1.70 -14.57
C PRO A 45 9.14 -2.78 -15.31
N ARG A 46 8.87 -2.91 -16.60
CA ARG A 46 9.54 -3.91 -17.41
C ARG A 46 11.00 -3.54 -17.63
N ARG A 47 11.83 -4.54 -17.86
CA ARG A 47 13.25 -4.30 -18.10
C ARG A 47 13.64 -4.92 -19.44
N THR A 48 14.35 -6.03 -19.38
CA THR A 48 14.69 -6.80 -20.57
C THR A 48 14.67 -8.29 -20.23
N PRO A 49 15.45 -8.73 -19.21
CA PRO A 49 15.32 -10.07 -18.65
C PRO A 49 14.25 -10.10 -17.56
N GLU A 50 13.95 -11.28 -17.05
CA GLU A 50 12.93 -11.43 -16.02
C GLU A 50 13.50 -11.14 -14.63
N VAL A 51 14.17 -10.00 -14.51
CA VAL A 51 14.73 -9.57 -13.24
C VAL A 51 13.73 -8.67 -12.50
N SER A 52 12.47 -8.77 -12.93
CA SER A 52 11.39 -8.00 -12.33
C SER A 52 11.03 -8.53 -10.94
N ASP A 53 10.10 -7.86 -10.29
CA ASP A 53 9.70 -8.25 -8.95
C ASP A 53 8.28 -8.76 -8.94
N ASN A 54 7.32 -7.85 -9.17
CA ASN A 54 5.88 -8.17 -9.14
C ASN A 54 5.42 -8.47 -7.72
N PRO A 55 4.28 -7.89 -7.33
CA PRO A 55 3.76 -8.02 -5.96
C PRO A 55 3.34 -9.45 -5.61
N VAL A 56 4.27 -10.20 -5.02
CA VAL A 56 3.99 -11.56 -4.56
C VAL A 56 4.45 -11.75 -3.11
N MET A 57 5.38 -10.90 -2.68
CA MET A 57 5.95 -11.04 -1.34
C MET A 57 5.18 -10.19 -0.34
N ILE A 58 4.22 -9.42 -0.82
CA ILE A 58 3.43 -8.55 0.03
C ILE A 58 2.45 -9.40 0.87
N ALA A 59 2.17 -10.60 0.38
CA ALA A 59 1.27 -11.53 1.07
C ALA A 59 1.87 -11.99 2.41
N GLU A 60 3.14 -12.38 2.38
CA GLU A 60 3.82 -12.86 3.58
C GLU A 60 4.04 -11.72 4.57
N LEU A 61 4.20 -10.50 4.04
CA LEU A 61 4.28 -9.31 4.88
C LEU A 61 3.00 -9.16 5.68
N LEU A 62 1.89 -9.20 4.97
CA LEU A 62 0.56 -9.06 5.57
C LEU A 62 0.35 -10.10 6.67
N ARG A 63 0.76 -11.33 6.43
CA ARG A 63 0.53 -12.41 7.39
C ARG A 63 1.54 -12.38 8.53
N GLU A 64 2.57 -11.54 8.41
CA GLU A 64 3.59 -11.45 9.44
C GLU A 64 3.11 -10.51 10.54
N PHE A 65 2.10 -9.70 10.22
CA PHE A 65 1.48 -8.82 11.20
C PHE A 65 0.00 -9.17 11.34
N PRO A 66 -0.31 -10.30 11.98
CA PRO A 66 -1.69 -10.81 12.06
C PRO A 66 -2.51 -10.15 13.17
N GLN A 67 -1.94 -9.10 13.74
CA GLN A 67 -2.62 -8.33 14.78
C GLN A 67 -3.76 -7.52 14.17
N PHE A 68 -3.55 -7.04 12.96
CA PHE A 68 -4.55 -6.26 12.26
C PHE A 68 -5.07 -7.03 11.05
N ASP A 69 -6.23 -6.65 10.57
CA ASP A 69 -6.77 -7.20 9.33
C ASP A 69 -6.58 -6.18 8.22
N TRP A 70 -5.52 -6.35 7.46
CA TRP A 70 -5.11 -5.36 6.47
C TRP A 70 -5.86 -5.52 5.16
N GLN A 71 -6.31 -4.41 4.61
CA GLN A 71 -6.85 -4.39 3.27
C GLN A 71 -5.80 -3.81 2.32
N VAL A 72 -5.56 -4.49 1.22
CA VAL A 72 -4.57 -4.04 0.25
C VAL A 72 -5.27 -3.45 -0.96
N ALA A 73 -4.76 -2.33 -1.43
CA ALA A 73 -5.33 -1.66 -2.59
C ALA A 73 -4.27 -1.44 -3.66
N VAL A 74 -4.71 -1.26 -4.89
CA VAL A 74 -3.81 -0.96 -5.99
C VAL A 74 -4.13 0.40 -6.58
N ALA A 75 -3.09 1.18 -6.83
CA ALA A 75 -3.25 2.58 -7.24
C ALA A 75 -3.02 2.76 -8.75
N ASP A 76 -3.22 1.69 -9.51
CA ASP A 76 -3.08 1.76 -10.97
C ASP A 76 -1.70 2.31 -11.36
N LEU A 77 -1.57 2.85 -12.55
CA LEU A 77 -0.32 3.45 -12.98
C LEU A 77 -0.41 4.97 -12.87
N GLU A 78 -1.59 5.50 -13.16
CA GLU A 78 -1.82 6.93 -13.11
C GLU A 78 -1.97 7.42 -11.67
N GLN A 79 -2.88 6.80 -10.93
CA GLN A 79 -3.21 7.23 -9.58
C GLN A 79 -1.97 7.22 -8.68
N SER A 80 -1.08 6.27 -8.95
CA SER A 80 0.17 6.13 -8.21
C SER A 80 0.97 7.44 -8.19
N GLU A 81 0.90 8.21 -9.26
CA GLU A 81 1.68 9.43 -9.35
C GLU A 81 1.10 10.51 -8.44
N ALA A 82 -0.23 10.62 -8.42
CA ALA A 82 -0.90 11.60 -7.58
C ALA A 82 -0.88 11.16 -6.12
N ILE A 83 -1.12 9.87 -5.89
CA ILE A 83 -1.10 9.32 -4.55
C ILE A 83 0.32 9.40 -3.96
N GLY A 84 1.30 9.05 -4.76
CA GLY A 84 2.69 9.13 -4.32
C GLY A 84 3.09 10.53 -3.95
N ASP A 85 2.61 11.49 -4.72
CA ASP A 85 2.86 12.91 -4.45
C ASP A 85 2.26 13.31 -3.11
N ARG A 86 1.01 12.89 -2.89
CA ARG A 86 0.28 13.25 -1.68
C ARG A 86 0.95 12.71 -0.41
N PHE A 87 1.40 11.48 -0.47
CA PHE A 87 1.98 10.84 0.72
C PHE A 87 3.50 11.05 0.78
N ASN A 88 4.00 11.85 -0.15
CA ASN A 88 5.38 12.33 -0.13
C ASN A 88 6.38 11.19 -0.37
N VAL A 89 6.00 10.24 -1.20
CA VAL A 89 6.92 9.19 -1.61
C VAL A 89 7.56 9.60 -2.94
N ARG A 90 7.31 10.85 -3.30
CA ARG A 90 7.87 11.49 -4.48
C ARG A 90 7.23 10.95 -5.76
N ARG A 91 7.71 9.79 -6.22
CA ARG A 91 7.18 9.18 -7.45
C ARG A 91 7.75 7.78 -7.63
N PHE A 92 8.26 7.20 -6.55
CA PHE A 92 8.92 5.90 -6.61
C PHE A 92 8.02 4.81 -6.05
N PRO A 93 8.25 3.56 -6.49
CA PRO A 93 7.51 2.40 -6.01
C PRO A 93 7.68 2.16 -4.52
N ALA A 94 6.57 2.09 -3.81
CA ALA A 94 6.59 1.87 -2.37
C ALA A 94 5.22 1.45 -1.88
N THR A 95 5.19 0.79 -0.75
CA THR A 95 3.96 0.42 -0.12
C THR A 95 3.60 1.48 0.92
N LEU A 96 2.33 1.86 0.96
CA LEU A 96 1.88 2.86 1.94
C LEU A 96 1.40 2.16 3.19
N VAL A 97 1.99 2.54 4.31
CA VAL A 97 1.69 1.90 5.58
C VAL A 97 0.58 2.63 6.30
N PHE A 98 -0.60 2.03 6.31
CA PHE A 98 -1.75 2.61 6.97
C PHE A 98 -2.23 1.73 8.10
N THR A 99 -2.27 2.31 9.29
CA THR A 99 -2.78 1.62 10.47
C THR A 99 -3.51 2.62 11.33
N ASP A 100 -4.46 2.15 12.13
CA ASP A 100 -5.18 3.00 13.07
C ASP A 100 -5.99 4.05 12.33
N GLY A 101 -6.17 3.86 11.03
CA GLY A 101 -6.82 4.85 10.21
C GLY A 101 -5.97 6.10 10.02
N LYS A 102 -4.67 5.95 10.18
CA LYS A 102 -3.75 7.06 10.02
C LYS A 102 -2.48 6.63 9.27
N LEU A 103 -1.83 7.59 8.61
CA LEU A 103 -0.65 7.29 7.80
C LEU A 103 0.60 7.15 8.66
N ARG A 104 1.24 6.00 8.57
CA ARG A 104 2.51 5.77 9.25
C ARG A 104 3.67 6.20 8.36
N GLY A 105 3.50 6.04 7.06
CA GLY A 105 4.53 6.43 6.12
C GLY A 105 4.54 5.52 4.91
N ALA A 106 5.67 5.50 4.20
CA ALA A 106 5.82 4.67 3.02
C ALA A 106 7.03 3.77 3.17
N LEU A 107 7.11 2.73 2.35
CA LEU A 107 8.24 1.81 2.39
C LEU A 107 9.06 1.95 1.12
N SER A 108 9.85 3.01 1.05
CA SER A 108 10.73 3.24 -0.09
C SER A 108 12.14 2.81 0.29
N GLY A 109 12.62 1.75 -0.35
CA GLY A 109 13.88 1.16 0.03
C GLY A 109 13.64 -0.12 0.81
N ILE A 110 14.72 -0.77 1.25
CA ILE A 110 14.62 -2.02 2.01
C ILE A 110 13.80 -3.06 1.24
N HIS A 111 14.46 -3.82 0.38
CA HIS A 111 13.75 -4.73 -0.50
C HIS A 111 13.71 -6.17 0.05
N PRO A 112 14.86 -6.74 0.48
CA PRO A 112 14.87 -8.07 1.08
C PRO A 112 14.27 -8.08 2.48
N TRP A 113 14.01 -9.28 3.00
CA TRP A 113 13.42 -9.45 4.31
C TRP A 113 14.45 -9.19 5.41
N ALA A 114 14.14 -9.62 6.63
CA ALA A 114 14.98 -9.39 7.81
C ALA A 114 15.00 -7.91 8.19
N GLU A 115 15.65 -7.10 7.35
CA GLU A 115 15.75 -5.68 7.59
C GLU A 115 14.39 -5.01 7.52
N LEU A 116 13.55 -5.52 6.62
CA LEU A 116 12.21 -4.98 6.41
C LEU A 116 11.40 -5.05 7.69
N LEU A 117 11.54 -6.15 8.42
CA LEU A 117 10.81 -6.35 9.66
C LEU A 117 11.12 -5.23 10.65
N THR A 118 12.39 -5.06 10.96
CA THR A 118 12.82 -4.05 11.92
C THR A 118 12.52 -2.63 11.43
N LEU A 119 12.74 -2.40 10.13
CA LEU A 119 12.50 -1.09 9.55
C LEU A 119 11.02 -0.71 9.69
N MET A 120 10.14 -1.61 9.27
CA MET A 120 8.71 -1.36 9.34
C MET A 120 8.22 -1.32 10.78
N ARG A 121 8.75 -2.20 11.62
CA ARG A 121 8.39 -2.26 13.03
C ARG A 121 8.72 -0.96 13.74
N SER A 122 9.82 -0.34 13.35
CA SER A 122 10.24 0.93 13.93
C SER A 122 9.17 2.01 13.73
N ILE A 123 8.43 1.88 12.62
CA ILE A 123 7.39 2.84 12.30
C ILE A 123 6.06 2.45 12.97
N VAL A 124 5.75 1.15 12.95
CA VAL A 124 4.51 0.64 13.54
C VAL A 124 4.73 0.12 14.96
N ASP A 125 5.65 0.76 15.67
CA ASP A 125 6.04 0.32 17.00
C ASP A 125 4.85 0.36 17.97
N THR A 126 4.15 1.48 18.00
CA THR A 126 3.01 1.64 18.91
C THR A 126 1.74 2.03 18.17
N PRO A 127 0.61 1.37 18.49
CA PRO A 127 -0.71 1.74 17.96
C PRO A 127 -1.10 3.15 18.37
N ALA A 128 -2.09 3.72 17.69
CA ALA A 128 -2.49 5.09 17.94
C ALA A 128 -4.00 5.25 17.87
N ALA A 129 -4.45 6.49 17.82
CA ALA A 129 -5.86 6.80 17.70
C ALA A 129 -6.08 7.80 16.56
N GLN A 130 -7.10 7.54 15.76
CA GLN A 130 -7.37 8.38 14.61
C GLN A 130 -8.18 9.62 15.00
N GLU A 131 -8.04 10.67 14.20
CA GLU A 131 -8.77 11.92 14.42
C GLU A 131 -10.27 11.68 14.42
N THR A 132 -10.70 10.73 13.59
CA THR A 132 -12.10 10.37 13.44
C THR A 132 -12.90 11.52 12.83
N VAL A 133 -12.85 11.59 11.51
CA VAL A 133 -13.63 12.56 10.77
C VAL A 133 -14.16 11.93 9.49
N GLN A 134 -15.34 11.33 9.59
CA GLN A 134 -15.93 10.62 8.47
C GLN A 134 -17.22 11.29 8.04
N LEU A 135 -17.13 12.17 7.06
CA LEU A 135 -18.30 12.84 6.52
C LEU A 135 -18.76 12.09 5.27
N GLU A 136 -19.77 11.25 5.45
CA GLU A 136 -20.32 10.49 4.35
C GLU A 136 -21.70 11.04 4.00
N HIS A 137 -22.06 11.00 2.72
CA HIS A 137 -23.35 11.51 2.31
C HIS A 137 -24.11 10.45 1.53
N HIS A 138 -25.42 10.52 1.56
CA HIS A 138 -26.25 9.65 0.75
C HIS A 138 -26.54 10.32 -0.58
N HIS A 139 -27.40 11.32 -0.56
CA HIS A 139 -27.68 12.13 -1.74
C HIS A 139 -27.97 13.56 -1.35
N HIS A 140 -26.94 14.40 -1.33
CA HIS A 140 -27.13 15.82 -1.12
C HIS A 140 -27.64 16.44 -2.41
N HIS A 141 -27.22 15.82 -3.51
CA HIS A 141 -27.72 16.13 -4.85
C HIS A 141 -27.04 15.20 -5.83
N HIS A 142 -25.78 14.88 -5.54
CA HIS A 142 -25.04 13.87 -6.28
C HIS A 142 -23.94 13.29 -5.38
N MET A 1 -13.68 3.89 -8.04
CA MET A 1 -12.51 3.17 -7.48
C MET A 1 -11.51 2.88 -8.59
N ALA A 2 -11.94 2.12 -9.59
CA ALA A 2 -11.08 1.79 -10.70
C ALA A 2 -11.09 2.90 -11.74
N ASN A 3 -9.97 3.07 -12.43
CA ASN A 3 -9.89 4.03 -13.54
C ASN A 3 -10.92 3.65 -14.59
N ASP A 4 -10.85 2.39 -15.01
CA ASP A 4 -11.82 1.80 -15.92
C ASP A 4 -11.44 0.36 -16.16
N THR A 5 -10.17 0.16 -16.53
CA THR A 5 -9.59 -1.16 -16.74
C THR A 5 -10.37 -1.96 -17.77
N PRO A 6 -10.29 -1.57 -19.05
CA PRO A 6 -10.92 -2.28 -20.15
C PRO A 6 -10.12 -3.51 -20.57
N PHE A 7 -8.88 -3.30 -20.97
CA PHE A 7 -8.00 -4.37 -21.40
C PHE A 7 -6.69 -4.36 -20.61
N SER A 8 -6.54 -5.35 -19.74
CA SER A 8 -5.29 -5.56 -19.01
C SER A 8 -5.38 -6.80 -18.14
N ALA A 9 -4.88 -7.91 -18.66
CA ALA A 9 -4.88 -9.17 -17.92
C ALA A 9 -3.79 -9.16 -16.84
N LEU A 10 -2.72 -8.43 -17.12
CA LEU A 10 -1.60 -8.33 -16.18
C LEU A 10 -2.03 -7.58 -14.92
N TRP A 11 -2.82 -6.54 -15.09
CA TRP A 11 -3.31 -5.75 -13.97
C TRP A 11 -4.37 -6.53 -13.19
N GLN A 12 -5.37 -7.03 -13.91
CA GLN A 12 -6.48 -7.77 -13.31
C GLN A 12 -6.00 -8.92 -12.42
N ARG A 13 -4.88 -9.54 -12.77
CA ARG A 13 -4.38 -10.70 -12.03
C ARG A 13 -3.97 -10.32 -10.61
N LEU A 14 -3.58 -9.06 -10.42
CA LEU A 14 -3.24 -8.57 -9.08
C LEU A 14 -4.50 -8.37 -8.25
N LEU A 15 -5.56 -7.90 -8.90
CA LEU A 15 -6.80 -7.56 -8.22
C LEU A 15 -7.49 -8.80 -7.64
N THR A 16 -7.23 -9.94 -8.26
CA THR A 16 -7.93 -11.18 -7.90
C THR A 16 -7.70 -11.57 -6.43
N ARG A 17 -6.59 -11.12 -5.85
CA ARG A 17 -6.27 -11.45 -4.47
C ARG A 17 -7.10 -10.63 -3.48
N GLY A 18 -8.02 -9.84 -3.99
CA GLY A 18 -8.85 -9.00 -3.14
C GLY A 18 -8.30 -7.60 -3.04
N TRP A 19 -7.63 -7.17 -4.10
CA TRP A 19 -7.02 -5.86 -4.14
C TRP A 19 -7.95 -4.86 -4.82
N GLN A 20 -8.13 -3.72 -4.19
CA GLN A 20 -9.02 -2.69 -4.69
C GLN A 20 -8.23 -1.61 -5.41
N PRO A 21 -8.52 -1.37 -6.69
CA PRO A 21 -7.97 -0.23 -7.42
C PRO A 21 -8.57 1.07 -6.88
N VAL A 22 -7.72 2.05 -6.62
CA VAL A 22 -8.18 3.28 -6.00
C VAL A 22 -7.84 4.52 -6.82
N GLU A 23 -8.47 5.62 -6.44
CA GLU A 23 -8.29 6.92 -7.08
C GLU A 23 -7.77 7.90 -6.04
N ALA A 24 -7.45 9.11 -6.45
CA ALA A 24 -7.01 10.14 -5.52
C ALA A 24 -8.17 10.60 -4.64
N SER A 25 -9.38 10.53 -5.21
CA SER A 25 -10.57 10.92 -4.48
C SER A 25 -11.02 9.83 -3.50
N THR A 26 -11.19 8.62 -4.00
CA THR A 26 -11.77 7.54 -3.20
C THR A 26 -10.76 6.91 -2.24
N VAL A 27 -9.47 7.21 -2.43
CA VAL A 27 -8.43 6.72 -1.52
C VAL A 27 -8.67 7.28 -0.11
N ASP A 28 -9.21 8.50 -0.05
CA ASP A 28 -9.52 9.16 1.22
C ASP A 28 -10.53 8.32 2.01
N ASP A 29 -11.58 7.90 1.33
CA ASP A 29 -12.64 7.11 1.93
C ASP A 29 -12.14 5.73 2.31
N TRP A 30 -11.42 5.10 1.40
CA TRP A 30 -10.90 3.76 1.62
C TRP A 30 -10.01 3.72 2.87
N ILE A 31 -9.11 4.69 2.99
CA ILE A 31 -8.22 4.76 4.14
C ILE A 31 -9.00 4.85 5.45
N LYS A 32 -9.93 5.79 5.54
CA LYS A 32 -10.69 5.98 6.76
C LYS A 32 -11.67 4.82 6.98
N ARG A 33 -11.99 4.11 5.91
CA ARG A 33 -12.89 2.97 5.98
C ARG A 33 -12.21 1.78 6.65
N VAL A 34 -11.00 1.51 6.23
CA VAL A 34 -10.26 0.37 6.75
C VAL A 34 -9.47 0.71 8.00
N GLY A 35 -8.92 1.92 8.05
CA GLY A 35 -8.13 2.33 9.20
C GLY A 35 -6.70 1.83 9.10
N ASP A 36 -6.57 0.54 8.84
CA ASP A 36 -5.28 -0.09 8.72
C ASP A 36 -5.18 -0.79 7.37
N GLY A 37 -4.07 -0.60 6.68
CA GLY A 37 -3.89 -1.24 5.39
C GLY A 37 -2.71 -0.65 4.63
N VAL A 38 -2.53 -1.11 3.40
CA VAL A 38 -1.43 -0.63 2.58
C VAL A 38 -1.90 -0.23 1.19
N ILE A 39 -1.35 0.87 0.70
CA ILE A 39 -1.62 1.31 -0.66
C ILE A 39 -0.39 1.10 -1.52
N LEU A 40 -0.55 0.37 -2.61
CA LEU A 40 0.54 0.12 -3.53
C LEU A 40 0.44 1.07 -4.72
N LEU A 41 1.53 1.78 -4.99
CA LEU A 41 1.58 2.63 -6.16
C LEU A 41 1.80 1.78 -7.40
N SER A 42 1.41 2.30 -8.55
CA SER A 42 1.46 1.56 -9.80
C SER A 42 2.89 1.15 -10.14
N SER A 43 3.08 -0.14 -10.36
CA SER A 43 4.35 -0.66 -10.82
C SER A 43 4.57 -0.24 -12.27
N ASP A 44 5.81 0.09 -12.61
CA ASP A 44 6.17 0.53 -13.96
C ASP A 44 5.47 1.85 -14.30
N PRO A 45 5.95 2.96 -13.74
CA PRO A 45 5.43 4.29 -14.04
C PRO A 45 6.06 4.87 -15.30
N ARG A 46 7.34 4.61 -15.46
CA ARG A 46 8.11 5.08 -16.61
C ARG A 46 9.50 4.48 -16.55
N ARG A 47 10.19 4.41 -17.69
CA ARG A 47 11.54 3.87 -17.75
C ARG A 47 11.51 2.38 -17.47
N THR A 48 12.52 1.87 -16.78
CA THR A 48 12.58 0.47 -16.41
C THR A 48 11.54 0.14 -15.34
N PRO A 49 10.84 -1.01 -15.49
CA PRO A 49 9.88 -1.48 -14.48
C PRO A 49 10.59 -1.90 -13.19
N GLU A 50 9.81 -2.13 -12.13
CA GLU A 50 10.38 -2.50 -10.85
C GLU A 50 11.06 -3.87 -10.94
N VAL A 51 12.34 -3.89 -10.62
CA VAL A 51 13.14 -5.10 -10.76
C VAL A 51 13.63 -5.59 -9.39
N SER A 52 13.44 -4.77 -8.36
CA SER A 52 13.90 -5.12 -7.02
C SER A 52 13.20 -6.37 -6.51
N ASP A 53 11.88 -6.40 -6.66
CA ASP A 53 11.09 -7.55 -6.25
C ASP A 53 9.76 -7.55 -7.01
N ASN A 54 8.81 -8.37 -6.58
CA ASN A 54 7.53 -8.48 -7.27
C ASN A 54 6.38 -8.21 -6.32
N PRO A 55 5.65 -7.10 -6.54
CA PRO A 55 4.51 -6.71 -5.69
C PRO A 55 3.42 -7.77 -5.61
N VAL A 56 3.46 -8.72 -6.53
CA VAL A 56 2.49 -9.82 -6.54
C VAL A 56 2.60 -10.65 -5.27
N MET A 57 3.81 -10.74 -4.72
CA MET A 57 4.06 -11.60 -3.57
C MET A 57 3.99 -10.82 -2.26
N ILE A 58 3.50 -9.58 -2.31
CA ILE A 58 3.46 -8.76 -1.12
C ILE A 58 2.25 -9.12 -0.25
N ALA A 59 1.31 -9.87 -0.82
CA ALA A 59 0.08 -10.23 -0.14
C ALA A 59 0.35 -11.04 1.13
N GLU A 60 1.38 -11.87 1.09
CA GLU A 60 1.74 -12.69 2.24
C GLU A 60 2.38 -11.86 3.34
N LEU A 61 3.03 -10.76 2.95
CA LEU A 61 3.69 -9.87 3.90
C LEU A 61 2.70 -9.36 4.93
N LEU A 62 1.53 -8.96 4.44
CA LEU A 62 0.46 -8.44 5.30
C LEU A 62 0.06 -9.45 6.37
N ARG A 63 0.26 -10.73 6.09
CA ARG A 63 -0.09 -11.79 7.03
C ARG A 63 0.91 -11.87 8.17
N GLU A 64 2.03 -11.18 8.03
CA GLU A 64 3.11 -11.26 9.00
C GLU A 64 2.81 -10.39 10.22
N PHE A 65 1.90 -9.44 10.04
CA PHE A 65 1.50 -8.57 11.14
C PHE A 65 0.01 -8.70 11.40
N PRO A 66 -0.44 -9.84 11.94
CA PRO A 66 -1.87 -10.12 12.12
C PRO A 66 -2.43 -9.46 13.38
N GLN A 67 -2.06 -8.22 13.61
CA GLN A 67 -2.55 -7.47 14.75
C GLN A 67 -3.80 -6.69 14.34
N PHE A 68 -3.74 -6.14 13.14
CA PHE A 68 -4.86 -5.36 12.61
C PHE A 68 -5.46 -6.08 11.41
N ASP A 69 -6.55 -5.56 10.88
CA ASP A 69 -7.14 -6.13 9.69
C ASP A 69 -6.69 -5.36 8.46
N TRP A 70 -5.57 -5.77 7.89
CA TRP A 70 -4.98 -5.08 6.76
C TRP A 70 -5.69 -5.44 5.47
N GLN A 71 -5.81 -4.45 4.60
CA GLN A 71 -6.31 -4.68 3.25
C GLN A 71 -5.41 -3.98 2.25
N VAL A 72 -5.38 -4.46 1.02
CA VAL A 72 -4.49 -3.93 0.01
C VAL A 72 -5.25 -3.15 -1.05
N ALA A 73 -4.81 -1.92 -1.28
CA ALA A 73 -5.37 -1.10 -2.35
C ALA A 73 -4.27 -0.77 -3.34
N VAL A 74 -4.60 -0.75 -4.62
CA VAL A 74 -3.62 -0.47 -5.65
C VAL A 74 -4.02 0.75 -6.46
N ALA A 75 -3.05 1.61 -6.72
CA ALA A 75 -3.29 2.81 -7.50
C ALA A 75 -3.01 2.55 -8.97
N ASP A 76 -3.98 2.90 -9.81
CA ASP A 76 -3.83 2.75 -11.25
C ASP A 76 -2.72 3.67 -11.77
N LEU A 77 -2.18 3.36 -12.94
CA LEU A 77 -1.06 4.11 -13.52
C LEU A 77 -1.35 5.60 -13.56
N GLU A 78 -2.61 5.96 -13.77
CA GLU A 78 -3.01 7.35 -13.85
C GLU A 78 -3.11 7.98 -12.45
N GLN A 79 -3.85 7.32 -11.57
CA GLN A 79 -4.18 7.88 -10.27
C GLN A 79 -3.01 7.82 -9.30
N SER A 80 -2.08 6.90 -9.52
CA SER A 80 -0.97 6.66 -8.60
C SER A 80 -0.19 7.94 -8.30
N GLU A 81 0.02 8.76 -9.32
CA GLU A 81 0.80 9.98 -9.16
C GLU A 81 0.13 10.93 -8.18
N ALA A 82 -1.16 11.20 -8.39
CA ALA A 82 -1.90 12.09 -7.51
C ALA A 82 -1.95 11.55 -6.08
N ILE A 83 -2.10 10.24 -5.95
CA ILE A 83 -2.16 9.61 -4.64
C ILE A 83 -0.82 9.74 -3.92
N GLY A 84 0.27 9.35 -4.57
CA GLY A 84 1.57 9.47 -3.97
C GLY A 84 1.95 10.92 -3.71
N ASP A 85 1.45 11.80 -4.56
CA ASP A 85 1.68 13.24 -4.43
C ASP A 85 0.99 13.78 -3.19
N ARG A 86 -0.23 13.33 -2.95
CA ARG A 86 -1.01 13.75 -1.78
C ARG A 86 -0.28 13.39 -0.50
N PHE A 87 0.32 12.22 -0.47
CA PHE A 87 1.06 11.77 0.72
C PHE A 87 2.47 12.34 0.71
N ASN A 88 2.76 13.13 -0.32
CA ASN A 88 4.05 13.81 -0.46
C ASN A 88 5.19 12.82 -0.52
N VAL A 89 4.91 11.65 -1.06
CA VAL A 89 5.92 10.62 -1.27
C VAL A 89 6.59 10.87 -2.61
N ARG A 90 5.80 10.75 -3.69
CA ARG A 90 6.27 11.03 -5.04
C ARG A 90 7.41 10.07 -5.43
N ARG A 91 7.92 10.19 -6.65
CA ARG A 91 9.06 9.41 -7.12
C ARG A 91 8.68 7.96 -7.42
N PHE A 92 9.49 7.02 -6.96
CA PHE A 92 9.33 5.61 -7.28
C PHE A 92 8.18 4.98 -6.50
N PRO A 93 7.69 3.82 -6.96
CA PRO A 93 6.60 3.09 -6.30
C PRO A 93 6.90 2.82 -4.82
N ALA A 94 5.98 3.24 -3.97
CA ALA A 94 6.15 3.10 -2.54
C ALA A 94 4.90 2.50 -1.91
N THR A 95 5.10 1.54 -1.04
CA THR A 95 4.02 0.99 -0.25
C THR A 95 3.67 1.97 0.88
N LEU A 96 2.42 2.38 0.95
CA LEU A 96 2.00 3.30 2.00
C LEU A 96 1.52 2.53 3.22
N VAL A 97 2.11 2.83 4.36
CA VAL A 97 1.77 2.16 5.59
C VAL A 97 0.73 2.96 6.37
N PHE A 98 -0.50 2.48 6.34
CA PHE A 98 -1.58 3.14 7.05
C PHE A 98 -2.05 2.31 8.23
N THR A 99 -2.09 2.95 9.38
CA THR A 99 -2.58 2.34 10.59
C THR A 99 -3.30 3.37 11.45
N ASP A 100 -4.44 2.98 12.00
CA ASP A 100 -5.25 3.86 12.85
C ASP A 100 -5.73 5.08 12.06
N GLY A 101 -5.79 4.93 10.74
CA GLY A 101 -6.20 6.03 9.89
C GLY A 101 -5.11 7.08 9.72
N LYS A 102 -3.89 6.77 10.15
CA LYS A 102 -2.79 7.71 10.01
C LYS A 102 -1.66 7.08 9.19
N LEU A 103 -1.00 7.90 8.38
CA LEU A 103 0.11 7.44 7.55
C LEU A 103 1.40 7.43 8.36
N ARG A 104 1.96 6.25 8.56
CA ARG A 104 3.15 6.11 9.38
C ARG A 104 4.40 6.33 8.53
N GLY A 105 4.26 6.08 7.24
CA GLY A 105 5.34 6.32 6.31
C GLY A 105 5.23 5.47 5.06
N ALA A 106 6.21 5.61 4.17
CA ALA A 106 6.23 4.82 2.95
C ALA A 106 7.38 3.81 3.00
N LEU A 107 7.19 2.67 2.37
CA LEU A 107 8.20 1.62 2.41
C LEU A 107 9.09 1.72 1.18
N SER A 108 8.47 2.00 0.04
CA SER A 108 9.16 2.12 -1.25
C SER A 108 9.72 0.77 -1.70
N GLY A 109 9.71 0.53 -3.01
CA GLY A 109 10.20 -0.72 -3.56
C GLY A 109 11.71 -0.82 -3.53
N ILE A 110 12.35 0.11 -2.85
CA ILE A 110 13.81 0.13 -2.76
C ILE A 110 14.29 -0.70 -1.57
N HIS A 111 13.35 -1.11 -0.73
CA HIS A 111 13.67 -1.98 0.41
C HIS A 111 13.18 -3.39 0.15
N PRO A 112 14.12 -4.36 0.10
CA PRO A 112 13.79 -5.77 -0.15
C PRO A 112 13.40 -6.51 1.12
N TRP A 113 13.34 -7.84 1.02
CA TRP A 113 13.01 -8.70 2.14
C TRP A 113 14.14 -8.70 3.18
N ALA A 114 14.04 -9.60 4.16
CA ALA A 114 15.02 -9.72 5.25
C ALA A 114 14.95 -8.51 6.19
N GLU A 115 15.37 -7.35 5.71
CA GLU A 115 15.38 -6.13 6.52
C GLU A 115 13.97 -5.61 6.72
N LEU A 116 13.09 -5.96 5.77
CA LEU A 116 11.69 -5.52 5.80
C LEU A 116 11.06 -5.86 7.14
N LEU A 117 11.39 -7.04 7.66
CA LEU A 117 10.83 -7.53 8.91
C LEU A 117 11.15 -6.56 10.07
N THR A 118 12.34 -5.98 10.04
CA THR A 118 12.73 -5.07 11.10
C THR A 118 12.25 -3.64 10.81
N LEU A 119 12.52 -3.17 9.60
CA LEU A 119 12.21 -1.79 9.22
C LEU A 119 10.70 -1.53 9.27
N MET A 120 9.92 -2.39 8.64
CA MET A 120 8.49 -2.14 8.52
C MET A 120 7.75 -2.40 9.82
N ARG A 121 8.20 -3.39 10.60
CA ARG A 121 7.53 -3.72 11.84
C ARG A 121 7.58 -2.56 12.81
N SER A 122 8.75 -1.93 12.91
CA SER A 122 8.93 -0.78 13.77
C SER A 122 7.95 0.35 13.41
N ILE A 123 7.59 0.41 12.14
CA ILE A 123 6.69 1.44 11.65
C ILE A 123 5.23 1.07 11.95
N VAL A 124 4.89 -0.20 11.75
CA VAL A 124 3.50 -0.65 11.90
C VAL A 124 3.19 -0.97 13.36
N ASP A 125 4.22 -1.05 14.19
CA ASP A 125 4.06 -1.39 15.60
C ASP A 125 3.38 -0.25 16.36
N THR A 126 3.69 0.97 15.95
CA THR A 126 3.17 2.18 16.58
C THR A 126 3.31 2.15 18.10
N PRO A 127 4.52 2.45 18.62
CA PRO A 127 4.79 2.41 20.06
C PRO A 127 4.04 3.49 20.81
N ALA A 128 3.79 4.62 20.16
CA ALA A 128 3.08 5.73 20.76
C ALA A 128 2.34 6.52 19.70
N ALA A 129 1.27 7.17 20.09
CA ALA A 129 0.50 7.99 19.17
C ALA A 129 0.06 9.28 19.83
N GLN A 130 -0.89 9.18 20.77
CA GLN A 130 -1.47 10.34 21.45
C GLN A 130 -2.07 11.30 20.42
N GLU A 131 -2.45 10.77 19.26
CA GLU A 131 -2.91 11.58 18.16
C GLU A 131 -4.24 11.07 17.61
N THR A 132 -5.29 11.83 17.88
CA THR A 132 -6.57 11.61 17.23
C THR A 132 -6.99 12.87 16.50
N VAL A 133 -6.24 13.94 16.71
CA VAL A 133 -6.50 15.22 16.08
C VAL A 133 -5.48 15.50 15.00
N GLN A 134 -5.95 16.00 13.86
CA GLN A 134 -5.08 16.31 12.75
C GLN A 134 -5.36 17.71 12.23
N LEU A 135 -4.45 18.24 11.42
CA LEU A 135 -4.66 19.52 10.76
C LEU A 135 -5.82 19.36 9.78
N GLU A 136 -6.67 20.38 9.70
CA GLU A 136 -7.87 20.32 8.87
C GLU A 136 -7.53 20.02 7.41
N HIS A 137 -7.97 18.86 6.95
CA HIS A 137 -7.84 18.48 5.56
C HIS A 137 -9.03 18.99 4.77
N HIS A 138 -10.16 19.10 5.45
CA HIS A 138 -11.37 19.61 4.84
C HIS A 138 -11.46 21.11 5.07
N HIS A 139 -11.15 21.52 6.31
CA HIS A 139 -11.03 22.93 6.69
C HIS A 139 -12.39 23.63 6.74
N HIS A 140 -13.04 23.75 5.59
CA HIS A 140 -14.31 24.44 5.52
C HIS A 140 -15.30 23.65 4.68
N HIS A 141 -16.53 23.53 5.16
CA HIS A 141 -17.52 22.69 4.50
C HIS A 141 -18.65 23.55 3.95
N HIS A 142 -19.27 23.08 2.86
CA HIS A 142 -20.42 23.75 2.28
C HIS A 142 -21.70 23.07 2.75
N MET A 1 7.24 3.38 -18.67
CA MET A 1 6.60 2.34 -19.52
C MET A 1 5.18 2.77 -19.87
N ALA A 2 4.46 1.90 -20.57
CA ALA A 2 3.09 2.16 -20.95
C ALA A 2 2.20 2.25 -19.72
N ASN A 3 1.73 3.45 -19.42
CA ASN A 3 0.87 3.69 -18.28
C ASN A 3 -0.58 3.47 -18.67
N ASP A 4 -0.89 3.85 -19.90
CA ASP A 4 -2.27 3.85 -20.40
C ASP A 4 -2.70 2.46 -20.86
N THR A 5 -2.28 1.43 -20.15
CA THR A 5 -2.68 0.07 -20.47
C THR A 5 -3.31 -0.62 -19.25
N PRO A 6 -4.56 -0.24 -18.90
CA PRO A 6 -5.27 -0.84 -17.77
C PRO A 6 -6.02 -2.11 -18.17
N PHE A 7 -5.87 -2.49 -19.43
CA PHE A 7 -6.54 -3.67 -19.95
C PHE A 7 -5.52 -4.75 -20.23
N SER A 8 -4.78 -5.11 -19.20
CA SER A 8 -3.71 -6.08 -19.33
C SER A 8 -3.93 -7.27 -18.41
N ALA A 9 -3.41 -8.42 -18.82
CA ALA A 9 -3.55 -9.64 -18.05
C ALA A 9 -2.84 -9.53 -16.71
N LEU A 10 -1.80 -8.72 -16.68
CA LEU A 10 -1.06 -8.48 -15.44
C LEU A 10 -1.92 -7.71 -14.44
N TRP A 11 -2.56 -6.66 -14.91
CA TRP A 11 -3.38 -5.81 -14.06
C TRP A 11 -4.60 -6.57 -13.54
N GLN A 12 -5.39 -7.11 -14.47
CA GLN A 12 -6.60 -7.86 -14.12
C GLN A 12 -6.30 -8.94 -13.09
N ARG A 13 -5.15 -9.61 -13.24
CA ARG A 13 -4.78 -10.70 -12.35
C ARG A 13 -4.61 -10.21 -10.91
N LEU A 14 -4.14 -8.98 -10.75
CA LEU A 14 -4.00 -8.39 -9.43
C LEU A 14 -5.37 -8.20 -8.79
N LEU A 15 -6.32 -7.79 -9.61
CA LEU A 15 -7.70 -7.60 -9.17
C LEU A 15 -8.33 -8.95 -8.84
N THR A 16 -8.05 -9.94 -9.68
CA THR A 16 -8.54 -11.30 -9.49
C THR A 16 -8.12 -11.86 -8.14
N ARG A 17 -6.97 -11.42 -7.65
CA ARG A 17 -6.41 -11.94 -6.42
C ARG A 17 -7.16 -11.42 -5.19
N GLY A 18 -8.02 -10.41 -5.39
CA GLY A 18 -8.84 -9.90 -4.30
C GLY A 18 -8.54 -8.46 -3.96
N TRP A 19 -7.77 -7.80 -4.80
CA TRP A 19 -7.41 -6.40 -4.57
C TRP A 19 -8.30 -5.48 -5.40
N GLN A 20 -8.73 -4.39 -4.80
CA GLN A 20 -9.55 -3.40 -5.48
C GLN A 20 -8.75 -2.14 -5.77
N PRO A 21 -8.99 -1.51 -6.92
CA PRO A 21 -8.30 -0.28 -7.30
C PRO A 21 -8.87 0.95 -6.58
N VAL A 22 -7.98 1.72 -5.96
CA VAL A 22 -8.37 2.95 -5.29
C VAL A 22 -7.80 4.15 -6.03
N GLU A 23 -8.28 5.33 -5.68
CA GLU A 23 -7.88 6.55 -6.36
C GLU A 23 -7.64 7.64 -5.35
N ALA A 24 -7.01 8.73 -5.78
CA ALA A 24 -6.79 9.86 -4.90
C ALA A 24 -8.10 10.58 -4.65
N SER A 25 -9.05 10.34 -5.54
CA SER A 25 -10.39 10.91 -5.44
C SER A 25 -11.14 10.35 -4.23
N THR A 26 -10.92 9.07 -3.92
CA THR A 26 -11.70 8.41 -2.88
C THR A 26 -10.80 7.71 -1.84
N VAL A 27 -9.51 8.00 -1.89
CA VAL A 27 -8.56 7.34 -0.99
C VAL A 27 -8.77 7.77 0.46
N ASP A 28 -9.17 9.03 0.65
CA ASP A 28 -9.43 9.56 1.99
C ASP A 28 -10.52 8.76 2.69
N ASP A 29 -11.63 8.52 2.00
CA ASP A 29 -12.72 7.73 2.54
C ASP A 29 -12.25 6.32 2.86
N TRP A 30 -11.51 5.73 1.93
CA TRP A 30 -11.02 4.37 2.08
C TRP A 30 -10.20 4.23 3.37
N ILE A 31 -9.30 5.19 3.60
CA ILE A 31 -8.47 5.19 4.80
C ILE A 31 -9.32 5.22 6.06
N LYS A 32 -10.32 6.09 6.06
CA LYS A 32 -11.22 6.22 7.21
C LYS A 32 -12.10 4.98 7.36
N ARG A 33 -12.50 4.44 6.23
CA ARG A 33 -13.40 3.29 6.18
C ARG A 33 -12.74 2.04 6.74
N VAL A 34 -11.50 1.80 6.33
CA VAL A 34 -10.78 0.61 6.76
C VAL A 34 -9.99 0.84 8.05
N GLY A 35 -9.43 2.03 8.21
CA GLY A 35 -8.64 2.34 9.38
C GLY A 35 -7.21 1.83 9.25
N ASP A 36 -7.08 0.56 8.94
CA ASP A 36 -5.78 -0.07 8.83
C ASP A 36 -5.66 -0.73 7.46
N GLY A 37 -4.54 -0.50 6.79
CA GLY A 37 -4.33 -1.08 5.49
C GLY A 37 -3.11 -0.55 4.78
N VAL A 38 -2.86 -1.03 3.59
CA VAL A 38 -1.72 -0.59 2.79
C VAL A 38 -2.12 -0.30 1.36
N ILE A 39 -1.62 0.81 0.84
CA ILE A 39 -1.88 1.17 -0.54
C ILE A 39 -0.63 0.91 -1.37
N LEU A 40 -0.77 0.04 -2.36
CA LEU A 40 0.31 -0.24 -3.28
C LEU A 40 0.35 0.80 -4.38
N LEU A 41 1.49 1.46 -4.54
CA LEU A 41 1.64 2.45 -5.59
C LEU A 41 1.80 1.78 -6.95
N SER A 42 2.26 2.56 -7.93
CA SER A 42 2.31 2.12 -9.32
C SER A 42 3.03 0.77 -9.46
N SER A 43 4.17 0.64 -8.79
CA SER A 43 4.94 -0.60 -8.80
C SER A 43 5.30 -1.00 -10.22
N ASP A 44 5.83 -0.03 -10.97
CA ASP A 44 6.17 -0.19 -12.38
C ASP A 44 6.90 -1.50 -12.67
N PRO A 45 6.37 -2.30 -13.62
CA PRO A 45 7.02 -3.53 -14.06
C PRO A 45 8.35 -3.25 -14.76
N ARG A 46 9.39 -3.96 -14.35
CA ARG A 46 10.72 -3.69 -14.84
C ARG A 46 11.33 -4.93 -15.48
N ARG A 47 12.52 -4.79 -16.01
CA ARG A 47 13.25 -5.92 -16.58
C ARG A 47 14.55 -6.10 -15.81
N THR A 48 14.42 -6.64 -14.60
CA THR A 48 15.55 -6.75 -13.69
C THR A 48 15.57 -8.12 -13.02
N PRO A 49 16.77 -8.68 -12.80
CA PRO A 49 16.93 -9.98 -12.13
C PRO A 49 16.68 -9.88 -10.62
N GLU A 50 15.48 -9.46 -10.25
CA GLU A 50 15.11 -9.33 -8.84
C GLU A 50 13.67 -9.80 -8.63
N VAL A 51 13.40 -10.38 -7.47
CA VAL A 51 12.08 -10.88 -7.14
C VAL A 51 11.44 -10.02 -6.07
N SER A 52 10.14 -10.23 -5.86
CA SER A 52 9.37 -9.50 -4.84
C SER A 52 9.26 -8.01 -5.17
N ASP A 53 9.74 -7.62 -6.35
CA ASP A 53 9.71 -6.23 -6.80
C ASP A 53 8.30 -5.85 -7.25
N ASN A 54 7.49 -6.87 -7.47
CA ASN A 54 6.11 -6.67 -7.91
C ASN A 54 5.14 -7.11 -6.81
N PRO A 55 3.94 -6.50 -6.79
CA PRO A 55 2.92 -6.72 -5.75
C PRO A 55 2.56 -8.18 -5.51
N VAL A 56 2.88 -9.05 -6.47
CA VAL A 56 2.51 -10.47 -6.40
C VAL A 56 3.05 -11.16 -5.14
N MET A 57 4.08 -10.60 -4.54
CA MET A 57 4.69 -11.20 -3.36
C MET A 57 4.49 -10.35 -2.10
N ILE A 58 3.68 -9.31 -2.21
CA ILE A 58 3.44 -8.43 -1.06
C ILE A 58 2.37 -9.04 -0.15
N ALA A 59 1.56 -9.94 -0.71
CA ALA A 59 0.45 -10.54 0.01
C ALA A 59 0.93 -11.39 1.18
N GLU A 60 1.85 -12.31 0.89
CA GLU A 60 2.41 -13.19 1.91
C GLU A 60 3.13 -12.39 2.99
N LEU A 61 3.67 -11.24 2.59
CA LEU A 61 4.37 -10.36 3.51
C LEU A 61 3.37 -9.70 4.46
N LEU A 62 2.40 -9.02 3.88
CA LEU A 62 1.47 -8.18 4.62
C LEU A 62 0.59 -9.00 5.57
N ARG A 63 0.45 -10.28 5.30
CA ARG A 63 -0.42 -11.13 6.12
C ARG A 63 0.29 -11.69 7.34
N GLU A 64 1.51 -11.22 7.62
CA GLU A 64 2.23 -11.71 8.77
C GLU A 64 1.87 -10.91 10.02
N PHE A 65 1.01 -9.91 9.83
CA PHE A 65 0.55 -9.08 10.94
C PHE A 65 -0.89 -9.42 11.30
N PRO A 66 -1.10 -10.37 12.23
CA PRO A 66 -2.43 -10.83 12.60
C PRO A 66 -3.09 -9.96 13.66
N GLN A 67 -2.40 -8.89 14.05
CA GLN A 67 -2.93 -7.97 15.05
C GLN A 67 -4.25 -7.35 14.59
N PHE A 68 -4.18 -6.45 13.63
CA PHE A 68 -5.36 -5.81 13.09
C PHE A 68 -5.74 -6.46 11.76
N ASP A 69 -6.84 -6.02 11.17
CA ASP A 69 -7.27 -6.54 9.89
C ASP A 69 -6.87 -5.59 8.79
N TRP A 70 -5.82 -5.95 8.07
CA TRP A 70 -5.26 -5.07 7.05
C TRP A 70 -6.03 -5.20 5.75
N GLN A 71 -6.08 -4.10 5.01
CA GLN A 71 -6.71 -4.09 3.71
C GLN A 71 -5.66 -3.76 2.65
N VAL A 72 -5.66 -4.50 1.57
CA VAL A 72 -4.69 -4.28 0.50
C VAL A 72 -5.38 -3.70 -0.72
N ALA A 73 -4.91 -2.55 -1.16
CA ALA A 73 -5.48 -1.89 -2.32
C ALA A 73 -4.38 -1.43 -3.27
N VAL A 74 -4.74 -1.23 -4.53
CA VAL A 74 -3.80 -0.82 -5.56
C VAL A 74 -4.19 0.54 -6.15
N ALA A 75 -3.21 1.26 -6.68
CA ALA A 75 -3.40 2.62 -7.15
C ALA A 75 -3.91 2.70 -8.59
N ASP A 76 -4.48 1.58 -9.07
CA ASP A 76 -5.06 1.49 -10.41
C ASP A 76 -3.98 1.67 -11.49
N LEU A 77 -3.78 2.89 -11.98
CA LEU A 77 -2.69 3.15 -12.93
C LEU A 77 -2.22 4.61 -12.88
N GLU A 78 -3.10 5.53 -13.23
CA GLU A 78 -2.77 6.95 -13.35
C GLU A 78 -2.69 7.57 -11.96
N GLN A 79 -3.56 7.08 -11.10
CA GLN A 79 -3.72 7.59 -9.75
C GLN A 79 -2.45 7.38 -8.92
N SER A 80 -1.67 6.40 -9.33
CA SER A 80 -0.42 6.04 -8.65
C SER A 80 0.47 7.25 -8.38
N GLU A 81 0.68 8.07 -9.39
CA GLU A 81 1.55 9.23 -9.25
C GLU A 81 0.91 10.26 -8.31
N ALA A 82 -0.40 10.42 -8.45
CA ALA A 82 -1.15 11.37 -7.64
C ALA A 82 -1.18 10.94 -6.17
N ILE A 83 -1.21 9.63 -5.93
CA ILE A 83 -1.24 9.12 -4.57
C ILE A 83 0.06 9.44 -3.83
N GLY A 84 1.18 9.22 -4.49
CA GLY A 84 2.47 9.54 -3.89
C GLY A 84 2.62 11.04 -3.68
N ASP A 85 2.04 11.81 -4.60
CA ASP A 85 2.04 13.26 -4.51
C ASP A 85 1.14 13.73 -3.36
N ARG A 86 -0.02 13.08 -3.24
CA ARG A 86 -0.99 13.38 -2.18
C ARG A 86 -0.36 13.31 -0.80
N PHE A 87 0.45 12.28 -0.57
CA PHE A 87 1.06 12.09 0.74
C PHE A 87 2.43 12.73 0.79
N ASN A 88 2.85 13.30 -0.34
CA ASN A 88 4.15 13.98 -0.47
C ASN A 88 5.29 13.06 -0.08
N VAL A 89 5.19 11.81 -0.51
CA VAL A 89 6.22 10.82 -0.23
C VAL A 89 7.16 10.74 -1.45
N ARG A 90 7.01 11.73 -2.34
CA ARG A 90 7.76 11.80 -3.59
C ARG A 90 7.17 10.83 -4.63
N ARG A 91 7.78 10.79 -5.80
CA ARG A 91 7.26 9.99 -6.90
C ARG A 91 8.14 8.78 -7.17
N PHE A 92 7.82 7.67 -6.52
CA PHE A 92 8.52 6.41 -6.75
C PHE A 92 7.70 5.24 -6.18
N PRO A 93 7.95 4.01 -6.65
CA PRO A 93 7.24 2.82 -6.17
C PRO A 93 7.43 2.59 -4.67
N ALA A 94 6.33 2.56 -3.95
CA ALA A 94 6.36 2.40 -2.50
C ALA A 94 5.03 1.82 -2.01
N THR A 95 5.01 1.43 -0.76
CA THR A 95 3.78 0.96 -0.13
C THR A 95 3.40 1.90 1.00
N LEU A 96 2.15 2.34 1.03
CA LEU A 96 1.72 3.29 2.05
C LEU A 96 1.18 2.55 3.26
N VAL A 97 1.72 2.88 4.43
CA VAL A 97 1.34 2.22 5.66
C VAL A 97 0.31 3.05 6.42
N PHE A 98 -0.91 2.55 6.49
CA PHE A 98 -1.96 3.24 7.21
C PHE A 98 -2.49 2.40 8.36
N THR A 99 -2.45 2.99 9.53
CA THR A 99 -2.96 2.35 10.75
C THR A 99 -3.67 3.39 11.60
N ASP A 100 -4.83 3.05 12.13
CA ASP A 100 -5.64 3.98 12.93
C ASP A 100 -6.10 5.17 12.07
N GLY A 101 -6.08 4.99 10.76
CA GLY A 101 -6.35 6.09 9.87
C GLY A 101 -5.23 7.12 9.85
N LYS A 102 -4.04 6.69 10.26
CA LYS A 102 -2.87 7.57 10.29
C LYS A 102 -1.81 7.06 9.31
N LEU A 103 -1.07 7.98 8.72
CA LEU A 103 0.01 7.63 7.82
C LEU A 103 1.29 7.40 8.62
N ARG A 104 1.70 6.14 8.70
CA ARG A 104 2.90 5.79 9.44
C ARG A 104 4.15 5.98 8.60
N GLY A 105 3.99 5.83 7.29
CA GLY A 105 5.11 6.00 6.40
C GLY A 105 4.91 5.22 5.11
N ALA A 106 6.00 4.98 4.40
CA ALA A 106 5.95 4.26 3.14
C ALA A 106 7.15 3.33 2.98
N LEU A 107 6.94 2.26 2.23
CA LEU A 107 7.98 1.28 1.97
C LEU A 107 8.90 1.76 0.87
N SER A 108 10.12 2.13 1.24
CA SER A 108 11.09 2.65 0.28
C SER A 108 12.44 1.96 0.47
N GLY A 109 12.96 1.38 -0.60
CA GLY A 109 14.24 0.70 -0.52
C GLY A 109 14.89 0.55 -1.88
N ILE A 110 16.07 -0.05 -1.91
CA ILE A 110 16.78 -0.27 -3.17
C ILE A 110 16.64 -1.72 -3.62
N HIS A 111 15.97 -2.51 -2.80
CA HIS A 111 15.62 -3.89 -3.14
C HIS A 111 14.52 -4.35 -2.21
N PRO A 112 13.59 -5.17 -2.71
CA PRO A 112 12.35 -5.52 -2.00
C PRO A 112 12.56 -6.28 -0.68
N TRP A 113 12.92 -7.56 -0.76
CA TRP A 113 12.82 -8.42 0.41
C TRP A 113 14.13 -8.53 1.16
N ALA A 114 14.07 -8.14 2.44
CA ALA A 114 15.18 -8.29 3.41
C ALA A 114 14.96 -7.36 4.60
N GLU A 115 15.24 -6.09 4.36
CA GLU A 115 15.27 -5.07 5.41
C GLU A 115 13.86 -4.64 5.80
N LEU A 116 12.93 -4.87 4.88
CA LEU A 116 11.53 -4.49 5.06
C LEU A 116 10.97 -5.06 6.36
N LEU A 117 11.25 -6.33 6.61
CA LEU A 117 10.67 -7.06 7.74
C LEU A 117 10.96 -6.38 9.08
N THR A 118 12.16 -5.82 9.21
CA THR A 118 12.54 -5.15 10.44
C THR A 118 12.01 -3.72 10.48
N LEU A 119 12.26 -2.97 9.42
CA LEU A 119 11.86 -1.56 9.35
C LEU A 119 10.35 -1.40 9.49
N MET A 120 9.60 -2.30 8.85
CA MET A 120 8.14 -2.26 8.91
C MET A 120 7.66 -2.33 10.35
N ARG A 121 8.34 -3.13 11.15
CA ARG A 121 7.98 -3.32 12.55
C ARG A 121 8.19 -2.05 13.34
N SER A 122 9.29 -1.35 13.07
CA SER A 122 9.60 -0.10 13.71
C SER A 122 8.59 0.99 13.32
N ILE A 123 8.13 0.94 12.08
CA ILE A 123 7.15 1.90 11.57
C ILE A 123 5.80 1.71 12.25
N VAL A 124 5.39 0.46 12.40
CA VAL A 124 4.10 0.14 13.02
C VAL A 124 4.26 -0.16 14.51
N ASP A 125 5.36 0.28 15.09
CA ASP A 125 5.63 0.06 16.51
C ASP A 125 4.82 1.05 17.35
N THR A 126 4.21 2.03 16.67
CA THR A 126 3.37 3.09 17.27
C THR A 126 4.18 4.00 18.19
N PRO A 127 3.86 5.31 18.17
CA PRO A 127 4.52 6.31 19.03
C PRO A 127 4.03 6.24 20.47
N ALA A 128 3.30 5.18 20.79
CA ALA A 128 2.71 5.01 22.11
C ALA A 128 3.68 4.33 23.07
N ALA A 129 4.96 4.44 22.78
CA ALA A 129 6.00 3.88 23.63
C ALA A 129 7.03 4.94 23.98
N GLN A 130 6.59 5.92 24.77
CA GLN A 130 7.42 7.05 25.21
C GLN A 130 7.95 7.86 24.02
N GLU A 131 7.21 8.91 23.67
CA GLU A 131 7.64 9.80 22.61
C GLU A 131 8.37 11.00 23.20
N THR A 132 9.32 11.53 22.46
CA THR A 132 10.03 12.72 22.89
C THR A 132 9.59 13.91 22.06
N VAL A 133 10.31 14.18 20.99
CA VAL A 133 9.97 15.24 20.06
C VAL A 133 10.21 14.78 18.63
N GLN A 134 9.23 14.09 18.07
CA GLN A 134 9.34 13.59 16.70
C GLN A 134 8.81 14.64 15.71
N LEU A 135 9.20 14.50 14.45
CA LEU A 135 8.87 15.49 13.42
C LEU A 135 9.40 16.86 13.84
N GLU A 136 10.69 16.90 14.13
CA GLU A 136 11.37 18.12 14.57
C GLU A 136 11.18 19.25 13.57
N HIS A 137 11.18 20.49 14.08
CA HIS A 137 11.07 21.68 13.26
C HIS A 137 12.07 21.65 12.11
N HIS A 138 11.56 21.51 10.90
CA HIS A 138 12.40 21.40 9.72
C HIS A 138 12.64 22.77 9.10
N HIS A 139 13.76 23.40 9.47
CA HIS A 139 14.15 24.67 8.88
C HIS A 139 14.36 24.50 7.38
N HIS A 140 13.53 25.14 6.59
CA HIS A 140 13.58 24.97 5.15
C HIS A 140 13.59 26.31 4.44
N HIS A 141 14.39 26.39 3.39
CA HIS A 141 14.42 27.55 2.53
C HIS A 141 13.38 27.36 1.43
N HIS A 142 13.11 26.10 1.13
CA HIS A 142 12.04 25.71 0.22
C HIS A 142 11.68 24.25 0.48
N MET A 1 -13.28 9.96 -8.66
CA MET A 1 -14.51 9.14 -8.58
C MET A 1 -14.87 8.60 -9.96
N ALA A 2 -13.97 8.79 -10.92
CA ALA A 2 -14.17 8.31 -12.28
C ALA A 2 -12.83 8.23 -13.01
N ASN A 3 -12.23 7.05 -12.98
CA ASN A 3 -10.96 6.83 -13.68
C ASN A 3 -11.17 5.81 -14.78
N ASP A 4 -10.84 6.17 -16.00
CA ASP A 4 -11.04 5.26 -17.13
C ASP A 4 -9.71 4.76 -17.67
N THR A 5 -9.31 3.60 -17.21
CA THR A 5 -8.08 2.97 -17.65
C THR A 5 -8.36 1.59 -18.20
N PRO A 6 -7.95 1.33 -19.45
CA PRO A 6 -8.18 0.04 -20.12
C PRO A 6 -7.56 -1.13 -19.35
N PHE A 7 -8.42 -1.97 -18.79
CA PHE A 7 -7.96 -3.10 -17.99
C PHE A 7 -7.77 -4.34 -18.85
N SER A 8 -6.58 -4.91 -18.76
CA SER A 8 -6.27 -6.14 -19.48
C SER A 8 -6.44 -7.34 -18.56
N ALA A 9 -6.34 -8.54 -19.12
CA ALA A 9 -6.49 -9.76 -18.34
C ALA A 9 -5.35 -9.89 -17.32
N LEU A 10 -4.17 -9.42 -17.71
CA LEU A 10 -3.01 -9.42 -16.81
C LEU A 10 -3.29 -8.54 -15.59
N TRP A 11 -3.89 -7.39 -15.84
CA TRP A 11 -4.23 -6.44 -14.78
C TRP A 11 -5.38 -6.97 -13.91
N GLN A 12 -6.44 -7.39 -14.57
CA GLN A 12 -7.64 -7.90 -13.89
C GLN A 12 -7.30 -9.03 -12.92
N ARG A 13 -6.43 -9.96 -13.33
CA ARG A 13 -6.12 -11.12 -12.50
C ARG A 13 -5.48 -10.72 -11.18
N LEU A 14 -4.72 -9.62 -11.18
CA LEU A 14 -4.11 -9.13 -9.95
C LEU A 14 -5.18 -8.55 -9.02
N LEU A 15 -6.14 -7.85 -9.60
CA LEU A 15 -7.26 -7.31 -8.83
C LEU A 15 -8.08 -8.45 -8.25
N THR A 16 -8.13 -9.55 -8.99
CA THR A 16 -8.89 -10.73 -8.60
C THR A 16 -8.36 -11.34 -7.30
N ARG A 17 -7.08 -11.10 -7.01
CA ARG A 17 -6.46 -11.62 -5.80
C ARG A 17 -6.96 -10.87 -4.56
N GLY A 18 -7.75 -9.81 -4.79
CA GLY A 18 -8.39 -9.13 -3.69
C GLY A 18 -7.91 -7.70 -3.52
N TRP A 19 -7.41 -7.11 -4.59
CA TRP A 19 -6.89 -5.75 -4.55
C TRP A 19 -7.90 -4.75 -5.09
N GLN A 20 -7.93 -3.57 -4.49
CA GLN A 20 -8.83 -2.51 -4.90
C GLN A 20 -8.07 -1.38 -5.58
N PRO A 21 -8.46 -1.01 -6.80
CA PRO A 21 -7.90 0.16 -7.48
C PRO A 21 -8.50 1.46 -6.93
N VAL A 22 -7.66 2.28 -6.31
CA VAL A 22 -8.13 3.49 -5.67
C VAL A 22 -7.63 4.74 -6.41
N GLU A 23 -8.38 5.83 -6.27
CA GLU A 23 -8.05 7.06 -6.96
C GLU A 23 -7.38 8.05 -6.02
N ALA A 24 -7.14 9.26 -6.52
CA ALA A 24 -6.50 10.30 -5.72
C ALA A 24 -7.39 10.73 -4.56
N SER A 25 -8.66 10.99 -4.87
CA SER A 25 -9.62 11.40 -3.85
C SER A 25 -10.30 10.18 -3.23
N THR A 26 -10.55 9.17 -4.05
CA THR A 26 -11.24 7.97 -3.61
C THR A 26 -10.43 7.20 -2.56
N VAL A 27 -9.10 7.33 -2.60
CA VAL A 27 -8.25 6.64 -1.63
C VAL A 27 -8.44 7.21 -0.22
N ASP A 28 -8.78 8.50 -0.15
CA ASP A 28 -8.97 9.17 1.14
C ASP A 28 -10.15 8.57 1.87
N ASP A 29 -11.18 8.23 1.12
CA ASP A 29 -12.37 7.58 1.68
C ASP A 29 -12.05 6.15 2.05
N TRP A 30 -11.25 5.49 1.21
CA TRP A 30 -10.83 4.12 1.46
C TRP A 30 -10.09 4.02 2.79
N ILE A 31 -9.18 4.96 3.01
CA ILE A 31 -8.41 5.01 4.26
C ILE A 31 -9.32 5.17 5.46
N LYS A 32 -10.28 6.09 5.36
CA LYS A 32 -11.23 6.33 6.44
C LYS A 32 -12.15 5.13 6.65
N ARG A 33 -12.37 4.38 5.57
CA ARG A 33 -13.26 3.22 5.59
C ARG A 33 -12.62 2.05 6.33
N VAL A 34 -11.37 1.79 6.01
CA VAL A 34 -10.69 0.61 6.54
C VAL A 34 -9.87 0.93 7.78
N GLY A 35 -9.24 2.09 7.81
CA GLY A 35 -8.37 2.44 8.92
C GLY A 35 -6.99 1.83 8.77
N ASP A 36 -6.95 0.53 8.56
CA ASP A 36 -5.71 -0.20 8.43
C ASP A 36 -5.59 -0.79 7.04
N GLY A 37 -4.47 -0.55 6.37
CA GLY A 37 -4.31 -1.06 5.04
C GLY A 37 -3.02 -0.61 4.39
N VAL A 38 -2.73 -1.15 3.21
CA VAL A 38 -1.52 -0.81 2.48
C VAL A 38 -1.85 -0.47 1.04
N ILE A 39 -1.27 0.61 0.55
CA ILE A 39 -1.45 1.01 -0.84
C ILE A 39 -0.16 0.75 -1.61
N LEU A 40 -0.26 0.04 -2.72
CA LEU A 40 0.89 -0.20 -3.59
C LEU A 40 0.99 0.88 -4.65
N LEU A 41 2.18 1.41 -4.85
CA LEU A 41 2.40 2.40 -5.91
C LEU A 41 2.60 1.70 -7.24
N SER A 42 2.69 2.48 -8.29
CA SER A 42 2.83 1.95 -9.64
C SER A 42 4.29 1.60 -9.92
N SER A 43 4.64 0.34 -9.74
CA SER A 43 5.96 -0.15 -10.08
C SER A 43 5.94 -0.76 -11.48
N ASP A 44 7.13 -0.92 -12.07
CA ASP A 44 7.24 -1.44 -13.42
C ASP A 44 6.83 -2.91 -13.45
N PRO A 45 5.78 -3.24 -14.21
CA PRO A 45 5.27 -4.60 -14.31
C PRO A 45 5.79 -5.35 -15.53
N ARG A 46 6.74 -4.75 -16.24
CA ARG A 46 7.24 -5.33 -17.48
C ARG A 46 8.44 -6.23 -17.20
N ARG A 47 8.15 -7.50 -16.93
CA ARG A 47 9.16 -8.52 -16.65
C ARG A 47 9.87 -8.25 -15.32
N THR A 48 10.85 -7.34 -15.35
CA THR A 48 11.67 -6.95 -14.20
C THR A 48 12.43 -8.13 -13.57
N PRO A 49 13.54 -7.85 -12.86
CA PRO A 49 14.33 -8.88 -12.19
C PRO A 49 13.66 -9.40 -10.92
N GLU A 50 12.67 -8.64 -10.44
CA GLU A 50 11.92 -8.97 -9.22
C GLU A 50 12.84 -9.02 -8.00
N VAL A 51 12.87 -7.92 -7.25
CA VAL A 51 13.75 -7.82 -6.09
C VAL A 51 12.98 -7.38 -4.85
N SER A 52 12.16 -6.34 -4.99
CA SER A 52 11.38 -5.81 -3.89
C SER A 52 10.12 -5.14 -4.44
N ASP A 53 9.14 -4.89 -3.57
CA ASP A 53 7.85 -4.34 -3.99
C ASP A 53 7.21 -5.30 -5.00
N ASN A 54 6.49 -4.76 -5.98
CA ASN A 54 5.87 -5.56 -7.05
C ASN A 54 4.68 -6.36 -6.54
N PRO A 55 3.74 -6.68 -7.46
CA PRO A 55 2.57 -7.49 -7.12
C PRO A 55 2.94 -8.89 -6.66
N VAL A 56 2.02 -9.53 -5.95
CA VAL A 56 2.19 -10.91 -5.48
C VAL A 56 3.12 -11.00 -4.26
N MET A 57 4.32 -10.43 -4.37
CA MET A 57 5.32 -10.54 -3.31
C MET A 57 4.83 -9.91 -2.00
N ILE A 58 3.96 -8.92 -2.11
CA ILE A 58 3.44 -8.21 -0.93
C ILE A 58 2.65 -9.16 -0.02
N ALA A 59 2.24 -10.30 -0.56
CA ALA A 59 1.44 -11.26 0.18
C ALA A 59 2.19 -11.82 1.39
N GLU A 60 3.47 -12.16 1.19
CA GLU A 60 4.27 -12.70 2.28
C GLU A 60 4.62 -11.60 3.29
N LEU A 61 4.68 -10.37 2.81
CA LEU A 61 4.88 -9.22 3.69
C LEU A 61 3.69 -9.05 4.63
N LEU A 62 2.51 -8.96 4.04
CA LEU A 62 1.26 -8.75 4.79
C LEU A 62 1.11 -9.77 5.92
N ARG A 63 1.38 -11.03 5.64
CA ARG A 63 1.17 -12.11 6.61
C ARG A 63 2.17 -12.03 7.77
N GLU A 64 3.16 -11.15 7.66
CA GLU A 64 4.16 -10.99 8.69
C GLU A 64 3.60 -10.15 9.82
N PHE A 65 2.55 -9.38 9.51
CA PHE A 65 1.98 -8.45 10.48
C PHE A 65 0.46 -8.65 10.60
N PRO A 66 -0.01 -9.88 10.89
CA PRO A 66 -1.44 -10.19 10.88
C PRO A 66 -2.13 -9.77 12.16
N GLN A 67 -1.80 -8.57 12.64
CA GLN A 67 -2.40 -8.04 13.85
C GLN A 67 -3.67 -7.27 13.52
N PHE A 68 -3.59 -6.46 12.48
CA PHE A 68 -4.72 -5.63 12.08
C PHE A 68 -5.43 -6.27 10.91
N ASP A 69 -6.58 -5.72 10.54
CA ASP A 69 -7.31 -6.21 9.38
C ASP A 69 -6.83 -5.50 8.13
N TRP A 70 -5.65 -5.88 7.66
CA TRP A 70 -5.02 -5.21 6.53
C TRP A 70 -5.78 -5.48 5.23
N GLN A 71 -5.77 -4.48 4.37
CA GLN A 71 -6.36 -4.59 3.04
C GLN A 71 -5.44 -3.93 2.03
N VAL A 72 -5.39 -4.49 0.83
CA VAL A 72 -4.47 -4.01 -0.19
C VAL A 72 -5.18 -3.18 -1.25
N ALA A 73 -4.66 -1.98 -1.49
CA ALA A 73 -5.18 -1.12 -2.53
C ALA A 73 -4.07 -0.78 -3.51
N VAL A 74 -4.44 -0.59 -4.78
CA VAL A 74 -3.47 -0.31 -5.82
C VAL A 74 -3.92 0.86 -6.69
N ALA A 75 -3.03 1.32 -7.55
CA ALA A 75 -3.31 2.44 -8.44
C ALA A 75 -2.60 2.24 -9.78
N ASP A 76 -3.18 2.76 -10.85
CA ASP A 76 -2.61 2.58 -12.19
C ASP A 76 -1.55 3.65 -12.52
N LEU A 77 -1.96 4.79 -13.06
CA LEU A 77 -1.01 5.80 -13.53
C LEU A 77 -1.27 7.17 -12.89
N GLU A 78 -2.30 7.85 -13.40
CA GLU A 78 -2.60 9.23 -12.96
C GLU A 78 -2.79 9.29 -11.44
N GLN A 79 -3.68 8.45 -10.96
CA GLN A 79 -3.99 8.38 -9.54
C GLN A 79 -2.75 8.09 -8.70
N SER A 80 -1.91 7.18 -9.19
CA SER A 80 -0.69 6.80 -8.50
C SER A 80 0.18 8.01 -8.16
N GLU A 81 0.33 8.91 -9.12
CA GLU A 81 1.17 10.10 -8.93
C GLU A 81 0.54 11.01 -7.87
N ALA A 82 -0.75 11.25 -7.99
CA ALA A 82 -1.45 12.12 -7.06
C ALA A 82 -1.47 11.51 -5.65
N ILE A 83 -1.66 10.19 -5.59
CA ILE A 83 -1.61 9.47 -4.33
C ILE A 83 -0.25 9.61 -3.67
N GLY A 84 0.81 9.34 -4.44
CA GLY A 84 2.15 9.45 -3.92
C GLY A 84 2.50 10.86 -3.47
N ASP A 85 2.15 11.85 -4.30
CA ASP A 85 2.42 13.25 -3.98
C ASP A 85 1.79 13.63 -2.64
N ARG A 86 0.54 13.22 -2.45
CA ARG A 86 -0.20 13.58 -1.25
C ARG A 86 0.48 13.01 0.00
N PHE A 87 0.97 11.77 -0.11
CA PHE A 87 1.64 11.13 1.03
C PHE A 87 3.09 11.57 1.10
N ASN A 88 3.47 12.44 0.17
CA ASN A 88 4.82 13.04 0.13
C ASN A 88 5.86 12.00 -0.27
N VAL A 89 5.42 10.94 -0.92
CA VAL A 89 6.30 9.89 -1.39
C VAL A 89 6.07 9.62 -2.87
N ARG A 90 6.94 10.16 -3.71
CA ARG A 90 6.80 10.01 -5.16
C ARG A 90 8.10 9.48 -5.77
N ARG A 91 8.88 8.79 -4.95
CA ARG A 91 10.15 8.23 -5.40
C ARG A 91 10.29 6.80 -4.89
N PHE A 92 10.69 5.89 -5.79
CA PHE A 92 10.86 4.47 -5.50
C PHE A 92 9.50 3.78 -5.39
N PRO A 93 9.40 2.54 -5.89
CA PRO A 93 8.21 1.72 -5.67
C PRO A 93 8.12 1.34 -4.19
N ALA A 94 7.09 1.83 -3.53
CA ALA A 94 6.98 1.67 -2.10
C ALA A 94 5.56 1.44 -1.67
N THR A 95 5.39 0.54 -0.72
CA THR A 95 4.10 0.30 -0.11
C THR A 95 3.80 1.39 0.93
N LEU A 96 2.60 1.93 0.89
CA LEU A 96 2.19 2.94 1.85
C LEU A 96 1.51 2.27 3.05
N VAL A 97 1.96 2.60 4.24
CA VAL A 97 1.49 1.94 5.45
C VAL A 97 0.53 2.83 6.22
N PHE A 98 -0.73 2.42 6.30
CA PHE A 98 -1.73 3.14 7.07
C PHE A 98 -2.27 2.27 8.19
N THR A 99 -2.46 2.89 9.35
CA THR A 99 -2.99 2.19 10.50
C THR A 99 -3.77 3.16 11.37
N ASP A 100 -4.85 2.67 11.95
CA ASP A 100 -5.73 3.48 12.80
C ASP A 100 -6.39 4.62 12.00
N GLY A 101 -6.31 4.52 10.69
CA GLY A 101 -6.81 5.57 9.83
C GLY A 101 -5.82 6.71 9.68
N LYS A 102 -4.62 6.53 10.24
CA LYS A 102 -3.59 7.55 10.16
C LYS A 102 -2.35 6.99 9.47
N LEU A 103 -1.49 7.88 8.98
CA LEU A 103 -0.27 7.47 8.31
C LEU A 103 0.76 7.02 9.34
N ARG A 104 1.48 5.95 9.03
CA ARG A 104 2.52 5.46 9.93
C ARG A 104 3.88 5.45 9.25
N GLY A 105 3.91 5.12 7.96
CA GLY A 105 5.17 5.11 7.25
C GLY A 105 5.04 4.51 5.86
N ALA A 106 6.16 4.12 5.28
CA ALA A 106 6.17 3.55 3.94
C ALA A 106 7.37 2.62 3.75
N LEU A 107 7.34 1.85 2.68
CA LEU A 107 8.40 0.91 2.37
C LEU A 107 9.46 1.55 1.46
N SER A 108 9.51 2.87 1.47
CA SER A 108 10.41 3.63 0.61
C SER A 108 11.88 3.39 0.98
N GLY A 109 12.70 3.19 -0.04
CA GLY A 109 14.12 3.03 0.17
C GLY A 109 14.58 1.61 -0.03
N ILE A 110 15.84 1.45 -0.45
CA ILE A 110 16.40 0.12 -0.64
C ILE A 110 16.99 -0.40 0.67
N HIS A 111 16.48 -1.53 1.13
CA HIS A 111 16.92 -2.12 2.38
C HIS A 111 16.67 -3.62 2.39
N PRO A 112 17.62 -4.39 2.96
CA PRO A 112 17.54 -5.85 3.01
C PRO A 112 16.28 -6.36 3.72
N TRP A 113 15.98 -7.64 3.53
CA TRP A 113 14.79 -8.26 4.10
C TRP A 113 14.70 -8.06 5.61
N ALA A 114 15.74 -8.50 6.31
CA ALA A 114 15.80 -8.40 7.77
C ALA A 114 15.62 -6.95 8.22
N GLU A 115 16.15 -6.02 7.44
CA GLU A 115 16.03 -4.60 7.74
C GLU A 115 14.63 -4.12 7.44
N LEU A 116 14.06 -4.60 6.33
CA LEU A 116 12.70 -4.28 5.96
C LEU A 116 11.75 -4.71 7.07
N LEU A 117 11.92 -5.93 7.55
CA LEU A 117 11.10 -6.43 8.65
C LEU A 117 11.24 -5.54 9.87
N THR A 118 12.47 -5.19 10.20
CA THR A 118 12.75 -4.34 11.36
C THR A 118 12.09 -2.96 11.21
N LEU A 119 12.32 -2.32 10.08
CA LEU A 119 11.77 -0.98 9.83
C LEU A 119 10.25 -1.03 9.76
N MET A 120 9.73 -1.99 9.01
CA MET A 120 8.28 -2.13 8.85
C MET A 120 7.60 -2.44 10.18
N ARG A 121 8.21 -3.31 10.98
CA ARG A 121 7.68 -3.65 12.28
C ARG A 121 7.70 -2.44 13.21
N SER A 122 8.75 -1.64 13.09
CA SER A 122 8.84 -0.39 13.82
C SER A 122 7.68 0.54 13.44
N ILE A 123 7.33 0.53 12.15
CA ILE A 123 6.23 1.33 11.64
C ILE A 123 4.89 0.83 12.18
N VAL A 124 4.66 -0.47 12.10
CA VAL A 124 3.37 -1.05 12.50
C VAL A 124 3.24 -1.17 14.02
N ASP A 125 4.24 -0.66 14.74
CA ASP A 125 4.18 -0.60 16.20
C ASP A 125 2.98 0.25 16.61
N THR A 126 2.68 1.24 15.77
CA THR A 126 1.49 2.06 15.89
C THR A 126 1.42 2.81 17.22
N PRO A 127 2.06 3.98 17.28
CA PRO A 127 1.87 4.89 18.40
C PRO A 127 0.48 5.53 18.34
N ALA A 128 -0.27 5.40 19.43
CA ALA A 128 -1.65 5.88 19.48
C ALA A 128 -1.75 7.36 19.11
N ALA A 129 -1.13 8.20 19.93
CA ALA A 129 -1.10 9.63 19.65
C ALA A 129 0.08 9.96 18.75
N GLN A 130 -0.15 9.87 17.45
CA GLN A 130 0.88 10.16 16.47
C GLN A 130 0.28 10.44 15.10
N GLU A 131 0.94 11.32 14.35
CA GLU A 131 0.51 11.74 13.02
C GLU A 131 -0.76 12.59 13.09
N THR A 132 -0.56 13.88 13.25
CA THR A 132 -1.66 14.83 13.27
C THR A 132 -1.90 15.33 11.84
N VAL A 133 -2.85 14.70 11.17
CA VAL A 133 -3.15 15.04 9.79
C VAL A 133 -4.12 16.22 9.72
N GLN A 134 -3.68 17.28 9.06
CA GLN A 134 -4.51 18.45 8.85
C GLN A 134 -5.13 18.37 7.47
N LEU A 135 -6.46 18.33 7.42
CA LEU A 135 -7.19 18.21 6.17
C LEU A 135 -6.81 19.35 5.22
N GLU A 136 -6.56 19.01 3.97
CA GLU A 136 -6.19 19.99 2.95
C GLU A 136 -7.31 21.00 2.75
N HIS A 137 -6.94 22.18 2.30
CA HIS A 137 -7.91 23.22 2.00
C HIS A 137 -8.71 22.83 0.76
N HIS A 138 -10.02 22.69 0.93
CA HIS A 138 -10.89 22.18 -0.13
C HIS A 138 -10.84 23.06 -1.37
N HIS A 139 -10.15 22.59 -2.39
CA HIS A 139 -10.05 23.31 -3.67
C HIS A 139 -10.33 22.34 -4.82
N HIS A 140 -10.47 22.88 -6.02
CA HIS A 140 -10.77 22.05 -7.18
C HIS A 140 -9.50 21.54 -7.83
N HIS A 141 -9.64 20.48 -8.62
CA HIS A 141 -8.54 19.94 -9.40
C HIS A 141 -9.09 19.28 -10.65
N HIS A 142 -8.61 19.71 -11.80
CA HIS A 142 -9.09 19.20 -13.07
C HIS A 142 -7.93 19.06 -14.04
N MET A 1 -4.47 7.65 -18.90
CA MET A 1 -5.77 7.87 -18.21
C MET A 1 -6.88 7.06 -18.85
N ALA A 2 -7.14 5.89 -18.31
CA ALA A 2 -8.26 5.07 -18.71
C ALA A 2 -9.22 4.92 -17.56
N ASN A 3 -8.70 4.41 -16.43
CA ASN A 3 -9.44 4.30 -15.18
C ASN A 3 -10.57 3.28 -15.27
N ASP A 4 -10.31 2.11 -14.69
CA ASP A 4 -11.25 1.00 -14.64
C ASP A 4 -11.38 0.37 -16.04
N THR A 5 -12.29 -0.59 -16.18
CA THR A 5 -12.40 -1.39 -17.40
C THR A 5 -11.06 -2.08 -17.68
N PRO A 6 -10.67 -3.04 -16.82
CA PRO A 6 -9.38 -3.73 -16.93
C PRO A 6 -9.26 -4.54 -18.22
N PHE A 7 -8.57 -3.98 -19.20
CA PHE A 7 -8.30 -4.66 -20.44
C PHE A 7 -7.01 -5.49 -20.33
N SER A 8 -6.21 -5.16 -19.33
CA SER A 8 -4.95 -5.86 -19.10
C SER A 8 -5.16 -7.08 -18.21
N ALA A 9 -4.84 -8.25 -18.76
CA ALA A 9 -5.03 -9.51 -18.04
C ALA A 9 -4.06 -9.62 -16.87
N LEU A 10 -2.87 -9.05 -17.03
CA LEU A 10 -1.85 -9.04 -15.99
C LEU A 10 -2.32 -8.25 -14.77
N TRP A 11 -3.17 -7.27 -15.02
CA TRP A 11 -3.71 -6.42 -13.96
C TRP A 11 -4.84 -7.13 -13.23
N GLN A 12 -5.74 -7.73 -14.00
CA GLN A 12 -6.90 -8.45 -13.48
C GLN A 12 -6.54 -9.44 -12.36
N ARG A 13 -5.38 -10.09 -12.45
CA ARG A 13 -5.00 -11.09 -11.45
C ARG A 13 -4.86 -10.47 -10.06
N LEU A 14 -4.49 -9.19 -10.00
CA LEU A 14 -4.37 -8.51 -8.71
C LEU A 14 -5.75 -8.25 -8.13
N LEU A 15 -6.72 -8.05 -9.00
CA LEU A 15 -8.11 -7.84 -8.59
C LEU A 15 -8.64 -9.11 -7.94
N THR A 16 -8.25 -10.26 -8.51
CA THR A 16 -8.63 -11.55 -7.98
C THR A 16 -7.97 -11.81 -6.63
N ARG A 17 -6.82 -11.17 -6.41
CA ARG A 17 -6.08 -11.32 -5.17
C ARG A 17 -6.74 -10.49 -4.06
N GLY A 18 -7.63 -9.59 -4.45
CA GLY A 18 -8.36 -8.80 -3.48
C GLY A 18 -7.87 -7.37 -3.40
N TRP A 19 -7.27 -6.89 -4.48
CA TRP A 19 -6.76 -5.53 -4.51
C TRP A 19 -7.73 -4.60 -5.22
N GLN A 20 -8.03 -3.47 -4.59
CA GLN A 20 -8.99 -2.51 -5.13
C GLN A 20 -8.28 -1.33 -5.80
N PRO A 21 -8.57 -1.09 -7.08
CA PRO A 21 -8.08 0.09 -7.79
C PRO A 21 -8.86 1.35 -7.38
N VAL A 22 -8.18 2.28 -6.74
CA VAL A 22 -8.83 3.46 -6.20
C VAL A 22 -8.34 4.75 -6.85
N GLU A 23 -8.96 5.86 -6.47
CA GLU A 23 -8.60 7.17 -6.98
C GLU A 23 -7.95 7.98 -5.86
N ALA A 24 -7.33 9.10 -6.21
CA ALA A 24 -6.69 9.95 -5.20
C ALA A 24 -7.72 10.61 -4.30
N SER A 25 -8.94 10.68 -4.80
CA SER A 25 -10.05 11.23 -4.04
C SER A 25 -10.62 10.19 -3.07
N THR A 26 -11.13 9.10 -3.62
CA THR A 26 -11.83 8.10 -2.83
C THR A 26 -10.89 7.27 -1.96
N VAL A 27 -9.59 7.28 -2.26
CA VAL A 27 -8.62 6.54 -1.45
C VAL A 27 -8.60 7.07 -0.02
N ASP A 28 -8.88 8.37 0.12
CA ASP A 28 -8.94 9.02 1.43
C ASP A 28 -10.05 8.39 2.27
N ASP A 29 -11.22 8.26 1.66
CA ASP A 29 -12.38 7.67 2.31
C ASP A 29 -12.18 6.17 2.49
N TRP A 30 -11.54 5.56 1.49
CA TRP A 30 -11.25 4.13 1.54
C TRP A 30 -10.40 3.78 2.75
N ILE A 31 -9.32 4.52 2.95
CA ILE A 31 -8.43 4.30 4.10
C ILE A 31 -9.18 4.50 5.41
N LYS A 32 -10.06 5.50 5.44
CA LYS A 32 -10.89 5.77 6.61
C LYS A 32 -11.96 4.69 6.79
N ARG A 33 -12.30 4.02 5.70
CA ARG A 33 -13.32 2.98 5.73
C ARG A 33 -12.73 1.70 6.32
N VAL A 34 -11.52 1.37 5.89
CA VAL A 34 -10.86 0.14 6.32
C VAL A 34 -10.10 0.34 7.63
N GLY A 35 -9.35 1.44 7.75
CA GLY A 35 -8.60 1.70 8.95
C GLY A 35 -7.24 1.02 8.96
N ASP A 36 -7.09 0.01 8.10
CA ASP A 36 -5.86 -0.77 8.04
C ASP A 36 -5.54 -1.12 6.59
N GLY A 37 -4.29 -1.38 6.31
CA GLY A 37 -3.92 -1.87 4.99
C GLY A 37 -2.79 -1.10 4.35
N VAL A 38 -2.49 -1.47 3.11
CA VAL A 38 -1.39 -0.85 2.37
C VAL A 38 -1.85 -0.42 0.98
N ILE A 39 -1.32 0.70 0.52
CA ILE A 39 -1.62 1.22 -0.81
C ILE A 39 -0.38 1.10 -1.70
N LEU A 40 -0.57 0.57 -2.90
CA LEU A 40 0.53 0.38 -3.83
C LEU A 40 0.43 1.36 -4.99
N LEU A 41 1.55 1.98 -5.32
CA LEU A 41 1.61 2.91 -6.45
C LEU A 41 2.07 2.18 -7.71
N SER A 42 1.67 2.70 -8.85
CA SER A 42 2.03 2.10 -10.13
C SER A 42 3.49 2.43 -10.46
N SER A 43 4.12 1.58 -11.25
CA SER A 43 5.53 1.73 -11.58
C SER A 43 5.73 2.71 -12.74
N ASP A 44 5.89 3.98 -12.39
CA ASP A 44 6.24 5.01 -13.37
C ASP A 44 7.19 6.01 -12.74
N PRO A 45 8.50 5.69 -12.75
CA PRO A 45 9.54 6.53 -12.16
C PRO A 45 10.22 7.42 -13.19
N ARG A 46 11.32 8.04 -12.79
CA ARG A 46 12.14 8.82 -13.70
C ARG A 46 13.19 7.91 -14.33
N ARG A 47 14.21 7.57 -13.54
CA ARG A 47 15.20 6.61 -14.00
C ARG A 47 14.67 5.19 -13.78
N THR A 48 15.25 4.23 -14.48
CA THR A 48 14.66 2.91 -14.58
C THR A 48 13.30 3.02 -15.27
N PRO A 49 13.31 3.35 -16.57
CA PRO A 49 12.08 3.66 -17.31
C PRO A 49 11.22 2.43 -17.58
N GLU A 50 9.91 2.60 -17.38
CA GLU A 50 8.92 1.55 -17.60
C GLU A 50 8.95 0.52 -16.46
N VAL A 51 7.80 -0.09 -16.22
CA VAL A 51 7.64 -1.06 -15.14
C VAL A 51 8.68 -2.18 -15.21
N SER A 52 9.38 -2.38 -14.11
CA SER A 52 10.38 -3.43 -14.02
C SER A 52 10.17 -4.29 -12.78
N ASP A 53 9.47 -3.72 -11.80
CA ASP A 53 9.15 -4.41 -10.56
C ASP A 53 7.79 -5.09 -10.65
N ASN A 54 7.60 -6.14 -9.88
CA ASN A 54 6.35 -6.88 -9.89
C ASN A 54 5.69 -6.85 -8.52
N PRO A 55 4.36 -6.70 -8.47
CA PRO A 55 3.60 -6.70 -7.22
C PRO A 55 3.53 -8.09 -6.58
N VAL A 56 4.68 -8.58 -6.14
CA VAL A 56 4.76 -9.87 -5.49
C VAL A 56 5.46 -9.72 -4.14
N MET A 57 5.33 -10.74 -3.30
CA MET A 57 5.96 -10.77 -1.96
C MET A 57 5.28 -9.79 -1.00
N ILE A 58 4.57 -8.81 -1.53
CA ILE A 58 3.92 -7.79 -0.73
C ILE A 58 2.68 -8.34 -0.04
N ALA A 59 2.02 -9.30 -0.67
CA ALA A 59 0.77 -9.85 -0.14
C ALA A 59 1.03 -10.77 1.04
N GLU A 60 2.02 -11.65 0.89
CA GLU A 60 2.41 -12.57 1.95
C GLU A 60 3.00 -11.82 3.13
N LEU A 61 3.59 -10.66 2.85
CA LEU A 61 4.23 -9.84 3.88
C LEU A 61 3.28 -9.57 5.05
N LEU A 62 2.06 -9.17 4.73
CA LEU A 62 1.10 -8.74 5.76
C LEU A 62 0.75 -9.83 6.76
N ARG A 63 0.95 -11.10 6.40
CA ARG A 63 0.57 -12.20 7.29
C ARG A 63 1.58 -12.35 8.42
N GLU A 64 2.64 -11.54 8.39
CA GLU A 64 3.60 -11.51 9.48
C GLU A 64 3.05 -10.69 10.64
N PHE A 65 1.95 -9.99 10.37
CA PHE A 65 1.25 -9.25 11.40
C PHE A 65 -0.16 -9.82 11.58
N PRO A 66 -0.29 -10.98 12.26
CA PRO A 66 -1.57 -11.68 12.40
C PRO A 66 -2.48 -11.04 13.44
N GLN A 67 -2.56 -9.72 13.40
CA GLN A 67 -3.38 -8.99 14.34
C GLN A 67 -4.63 -8.47 13.63
N PHE A 68 -4.43 -7.54 12.72
CA PHE A 68 -5.53 -6.93 11.98
C PHE A 68 -5.73 -7.64 10.66
N ASP A 69 -6.75 -7.23 9.92
CA ASP A 69 -6.98 -7.77 8.59
C ASP A 69 -6.74 -6.67 7.57
N TRP A 70 -5.51 -6.59 7.11
CA TRP A 70 -5.07 -5.51 6.22
C TRP A 70 -5.66 -5.67 4.83
N GLN A 71 -6.08 -4.58 4.22
CA GLN A 71 -6.53 -4.58 2.84
C GLN A 71 -5.42 -4.03 1.95
N VAL A 72 -5.57 -4.22 0.64
CA VAL A 72 -4.59 -3.68 -0.29
C VAL A 72 -5.29 -2.89 -1.40
N ALA A 73 -4.88 -1.66 -1.58
CA ALA A 73 -5.42 -0.81 -2.62
C ALA A 73 -4.35 -0.43 -3.62
N VAL A 74 -4.71 -0.35 -4.88
CA VAL A 74 -3.78 0.02 -5.93
C VAL A 74 -4.30 1.20 -6.72
N ALA A 75 -3.39 1.94 -7.34
CA ALA A 75 -3.77 3.10 -8.12
C ALA A 75 -3.61 2.82 -9.61
N ASP A 76 -4.37 3.56 -10.42
CA ASP A 76 -4.31 3.43 -11.88
C ASP A 76 -2.96 3.91 -12.43
N LEU A 77 -2.94 5.09 -13.04
CA LEU A 77 -1.70 5.67 -13.50
C LEU A 77 -1.53 7.06 -12.91
N GLU A 78 -2.41 7.97 -13.32
CA GLU A 78 -2.42 9.33 -12.82
C GLU A 78 -2.63 9.32 -11.30
N GLN A 79 -3.52 8.45 -10.86
CA GLN A 79 -3.84 8.32 -9.44
C GLN A 79 -2.59 8.08 -8.59
N SER A 80 -1.65 7.31 -9.12
CA SER A 80 -0.44 7.00 -8.39
C SER A 80 0.38 8.26 -8.15
N GLU A 81 0.40 9.15 -9.12
CA GLU A 81 1.15 10.39 -9.01
C GLU A 81 0.42 11.34 -8.07
N ALA A 82 -0.90 11.38 -8.19
CA ALA A 82 -1.73 12.21 -7.33
C ALA A 82 -1.63 11.75 -5.87
N ILE A 83 -1.67 10.44 -5.66
CA ILE A 83 -1.48 9.88 -4.32
C ILE A 83 -0.11 10.25 -3.78
N GLY A 84 0.92 10.06 -4.61
CA GLY A 84 2.27 10.44 -4.23
C GLY A 84 2.36 11.90 -3.88
N ASP A 85 1.69 12.74 -4.68
CA ASP A 85 1.64 14.18 -4.45
C ASP A 85 1.06 14.49 -3.08
N ARG A 86 -0.04 13.81 -2.75
CA ARG A 86 -0.75 14.01 -1.49
C ARG A 86 0.13 13.72 -0.27
N PHE A 87 1.00 12.72 -0.39
CA PHE A 87 1.82 12.29 0.72
C PHE A 87 3.27 12.73 0.54
N ASN A 88 3.52 13.50 -0.52
CA ASN A 88 4.85 14.04 -0.81
C ASN A 88 5.86 12.93 -1.07
N VAL A 89 5.38 11.86 -1.67
CA VAL A 89 6.22 10.73 -2.03
C VAL A 89 6.69 10.90 -3.46
N ARG A 90 7.93 10.49 -3.73
CA ARG A 90 8.49 10.62 -5.07
C ARG A 90 7.79 9.66 -6.03
N ARG A 91 7.91 9.94 -7.33
CA ARG A 91 7.30 9.10 -8.35
C ARG A 91 8.08 7.79 -8.51
N PHE A 92 7.86 6.87 -7.58
CA PHE A 92 8.51 5.57 -7.59
C PHE A 92 7.56 4.52 -7.01
N PRO A 93 7.81 3.24 -7.28
CA PRO A 93 7.05 2.16 -6.65
C PRO A 93 7.26 2.17 -5.14
N ALA A 94 6.19 2.45 -4.41
CA ALA A 94 6.24 2.56 -2.96
C ALA A 94 5.00 1.94 -2.34
N THR A 95 5.17 1.38 -1.17
CA THR A 95 4.07 0.82 -0.41
C THR A 95 3.74 1.74 0.76
N LEU A 96 2.51 2.24 0.80
CA LEU A 96 2.08 3.10 1.90
C LEU A 96 1.41 2.25 2.98
N VAL A 97 1.91 2.37 4.20
CA VAL A 97 1.37 1.61 5.33
C VAL A 97 0.38 2.46 6.10
N PHE A 98 -0.86 2.00 6.17
CA PHE A 98 -1.90 2.76 6.83
C PHE A 98 -2.56 1.99 7.96
N THR A 99 -2.56 2.61 9.13
CA THR A 99 -3.24 2.07 10.30
C THR A 99 -3.79 3.24 11.10
N ASP A 100 -4.93 3.04 11.77
CA ASP A 100 -5.57 4.13 12.55
C ASP A 100 -6.04 5.22 11.60
N GLY A 101 -6.17 4.87 10.32
CA GLY A 101 -6.49 5.84 9.30
C GLY A 101 -5.33 6.78 9.03
N LYS A 102 -4.18 6.51 9.63
CA LYS A 102 -3.02 7.38 9.49
C LYS A 102 -1.89 6.67 8.77
N LEU A 103 -0.98 7.46 8.20
CA LEU A 103 0.18 6.93 7.50
C LEU A 103 1.28 6.57 8.50
N ARG A 104 1.77 5.36 8.41
CA ARG A 104 2.86 4.90 9.26
C ARG A 104 4.21 5.21 8.60
N GLY A 105 4.28 4.95 7.31
CA GLY A 105 5.50 5.18 6.57
C GLY A 105 5.40 4.67 5.14
N ALA A 106 6.38 5.00 4.33
CA ALA A 106 6.42 4.57 2.94
C ALA A 106 7.56 3.60 2.72
N LEU A 107 7.31 2.57 1.92
CA LEU A 107 8.33 1.57 1.62
C LEU A 107 9.04 1.91 0.33
N SER A 108 10.29 2.33 0.45
CA SER A 108 11.12 2.65 -0.69
C SER A 108 12.58 2.39 -0.37
N GLY A 109 13.38 2.16 -1.42
CA GLY A 109 14.80 2.00 -1.24
C GLY A 109 15.21 0.59 -0.87
N ILE A 110 14.68 0.09 0.24
CA ILE A 110 15.02 -1.24 0.72
C ILE A 110 14.32 -2.32 -0.09
N HIS A 111 14.86 -3.54 -0.04
CA HIS A 111 14.33 -4.66 -0.81
C HIS A 111 14.44 -5.99 -0.04
N PRO A 112 15.64 -6.33 0.50
CA PRO A 112 15.84 -7.63 1.18
C PRO A 112 14.93 -7.86 2.39
N TRP A 113 14.65 -9.14 2.64
CA TRP A 113 13.84 -9.54 3.79
C TRP A 113 14.66 -9.40 5.08
N ALA A 114 14.08 -9.83 6.21
CA ALA A 114 14.73 -9.74 7.52
C ALA A 114 14.81 -8.28 7.98
N GLU A 115 15.68 -7.51 7.33
CA GLU A 115 15.79 -6.08 7.61
C GLU A 115 14.45 -5.39 7.38
N LEU A 116 13.75 -5.85 6.35
CA LEU A 116 12.41 -5.37 6.05
C LEU A 116 11.51 -5.52 7.26
N LEU A 117 11.55 -6.70 7.88
CA LEU A 117 10.77 -6.96 9.07
C LEU A 117 11.19 -6.04 10.20
N THR A 118 12.48 -5.98 10.46
CA THR A 118 13.02 -5.13 11.52
C THR A 118 12.56 -3.69 11.36
N LEU A 119 12.69 -3.16 10.14
CA LEU A 119 12.31 -1.77 9.87
C LEU A 119 10.80 -1.59 9.87
N MET A 120 10.08 -2.44 9.14
CA MET A 120 8.63 -2.30 9.03
C MET A 120 7.92 -2.48 10.38
N ARG A 121 8.52 -3.25 11.27
CA ARG A 121 7.99 -3.41 12.62
C ARG A 121 7.98 -2.07 13.36
N SER A 122 9.03 -1.29 13.15
CA SER A 122 9.13 0.03 13.73
C SER A 122 8.17 1.00 13.02
N ILE A 123 7.94 0.73 11.73
CA ILE A 123 6.99 1.52 10.94
C ILE A 123 5.56 1.27 11.42
N VAL A 124 5.21 0.00 11.59
CA VAL A 124 3.87 -0.36 12.05
C VAL A 124 3.80 -0.40 13.57
N ASP A 125 4.79 0.23 14.22
CA ASP A 125 4.89 0.26 15.68
C ASP A 125 3.56 0.69 16.29
N THR A 126 3.04 1.81 15.80
CA THR A 126 1.71 2.29 16.18
C THR A 126 1.66 2.72 17.66
N PRO A 127 1.58 4.03 17.90
CA PRO A 127 1.45 4.58 19.24
C PRO A 127 0.07 4.32 19.85
N ALA A 128 -0.35 5.19 20.77
CA ALA A 128 -1.67 5.08 21.40
C ALA A 128 -2.77 5.14 20.35
N ALA A 129 -2.52 5.89 19.26
CA ALA A 129 -3.44 6.01 18.14
C ALA A 129 -4.73 6.72 18.55
N GLN A 130 -5.68 6.79 17.64
CA GLN A 130 -6.97 7.40 17.93
C GLN A 130 -7.98 6.33 18.27
N GLU A 131 -7.63 5.49 19.24
CA GLU A 131 -8.46 4.36 19.66
C GLU A 131 -9.89 4.80 19.94
N THR A 132 -10.76 4.58 18.97
CA THR A 132 -12.17 4.89 19.10
C THR A 132 -12.99 3.82 18.39
N VAL A 133 -14.09 3.41 19.03
CA VAL A 133 -14.98 2.38 18.50
C VAL A 133 -14.32 1.00 18.50
N GLN A 134 -13.31 0.82 17.64
CA GLN A 134 -12.67 -0.48 17.42
C GLN A 134 -13.74 -1.54 17.13
N LEU A 135 -14.28 -1.48 15.92
CA LEU A 135 -15.45 -2.27 15.59
C LEU A 135 -15.09 -3.68 15.11
N GLU A 136 -15.26 -4.65 16.00
CA GLU A 136 -15.20 -6.05 15.63
C GLU A 136 -16.62 -6.60 15.57
N HIS A 137 -17.55 -5.74 15.19
CA HIS A 137 -18.97 -6.06 15.19
C HIS A 137 -19.38 -6.75 13.89
N HIS A 138 -18.40 -7.22 13.12
CA HIS A 138 -18.69 -7.98 11.90
C HIS A 138 -19.62 -9.15 12.22
N HIS A 139 -20.75 -9.22 11.52
CA HIS A 139 -21.82 -10.12 11.88
C HIS A 139 -21.63 -11.52 11.30
N HIS A 140 -22.47 -12.44 11.76
CA HIS A 140 -22.43 -13.83 11.34
C HIS A 140 -22.76 -13.96 9.86
N HIS A 141 -22.01 -14.79 9.16
CA HIS A 141 -22.18 -14.96 7.72
C HIS A 141 -22.98 -16.23 7.43
N HIS A 142 -23.83 -16.18 6.42
CA HIS A 142 -24.61 -17.35 6.03
C HIS A 142 -24.26 -17.81 4.63
N MET A 1 -7.01 1.10 -16.01
CA MET A 1 -6.66 2.25 -16.88
C MET A 1 -7.49 3.47 -16.47
N ALA A 2 -6.99 4.21 -15.47
CA ALA A 2 -7.59 5.45 -15.00
C ALA A 2 -9.06 5.27 -14.61
N ASN A 3 -9.42 4.04 -14.29
CA ASN A 3 -10.81 3.68 -13.99
C ASN A 3 -10.87 2.21 -13.61
N ASP A 4 -11.83 1.85 -12.74
CA ASP A 4 -12.03 0.45 -12.38
C ASP A 4 -12.53 -0.33 -13.58
N THR A 5 -11.61 -0.93 -14.31
CA THR A 5 -11.91 -1.58 -15.57
C THR A 5 -11.07 -2.83 -15.78
N PRO A 6 -11.72 -3.94 -16.17
CA PRO A 6 -11.02 -5.15 -16.60
C PRO A 6 -10.44 -4.95 -17.99
N PHE A 7 -9.18 -4.55 -18.06
CA PHE A 7 -8.56 -4.21 -19.32
C PHE A 7 -7.61 -5.30 -19.80
N SER A 8 -6.53 -5.50 -19.07
CA SER A 8 -5.50 -6.46 -19.46
C SER A 8 -5.32 -7.50 -18.36
N ALA A 9 -4.89 -8.70 -18.74
CA ALA A 9 -4.68 -9.78 -17.79
C ALA A 9 -3.57 -9.42 -16.80
N LEU A 10 -2.57 -8.71 -17.29
CA LEU A 10 -1.45 -8.27 -16.45
C LEU A 10 -1.95 -7.31 -15.37
N TRP A 11 -3.03 -6.61 -15.67
CA TRP A 11 -3.66 -5.70 -14.74
C TRP A 11 -4.66 -6.44 -13.84
N GLN A 12 -5.56 -7.18 -14.47
CA GLN A 12 -6.63 -7.90 -13.77
C GLN A 12 -6.09 -8.95 -12.81
N ARG A 13 -4.87 -9.45 -13.06
CA ARG A 13 -4.27 -10.47 -12.19
C ARG A 13 -4.20 -9.97 -10.74
N LEU A 14 -3.99 -8.67 -10.55
CA LEU A 14 -3.94 -8.10 -9.20
C LEU A 14 -5.36 -8.00 -8.64
N LEU A 15 -6.27 -7.54 -9.49
CA LEU A 15 -7.67 -7.35 -9.11
C LEU A 15 -8.28 -8.68 -8.68
N THR A 16 -7.90 -9.75 -9.37
CA THR A 16 -8.39 -11.09 -9.08
C THR A 16 -8.03 -11.51 -7.65
N ARG A 17 -6.91 -11.00 -7.16
CA ARG A 17 -6.43 -11.36 -5.83
C ARG A 17 -7.16 -10.58 -4.73
N GLY A 18 -8.09 -9.72 -5.14
CA GLY A 18 -8.87 -8.97 -4.18
C GLY A 18 -8.36 -7.55 -4.00
N TRP A 19 -7.32 -7.20 -4.74
CA TRP A 19 -6.75 -5.87 -4.67
C TRP A 19 -7.74 -4.84 -5.21
N GLN A 20 -7.95 -3.77 -4.45
CA GLN A 20 -9.00 -2.81 -4.77
C GLN A 20 -8.41 -1.55 -5.38
N PRO A 21 -8.87 -1.18 -6.59
CA PRO A 21 -8.46 0.05 -7.26
C PRO A 21 -9.07 1.28 -6.60
N VAL A 22 -8.24 2.24 -6.23
CA VAL A 22 -8.69 3.45 -5.56
C VAL A 22 -8.27 4.71 -6.30
N GLU A 23 -8.92 5.83 -5.98
CA GLU A 23 -8.59 7.11 -6.59
C GLU A 23 -7.99 8.02 -5.55
N ALA A 24 -7.35 9.10 -5.98
CA ALA A 24 -6.73 10.04 -5.04
C ALA A 24 -7.79 10.80 -4.25
N SER A 25 -8.95 10.96 -4.83
CA SER A 25 -10.03 11.73 -4.24
C SER A 25 -10.84 10.92 -3.22
N THR A 26 -10.70 9.60 -3.25
CA THR A 26 -11.49 8.74 -2.37
C THR A 26 -10.61 7.74 -1.62
N VAL A 27 -9.30 7.77 -1.85
CA VAL A 27 -8.40 6.81 -1.24
C VAL A 27 -8.36 6.97 0.28
N ASP A 28 -8.28 8.21 0.75
CA ASP A 28 -8.20 8.50 2.18
C ASP A 28 -9.47 8.06 2.90
N ASP A 29 -10.58 8.15 2.19
CA ASP A 29 -11.88 7.77 2.75
C ASP A 29 -11.93 6.26 2.99
N TRP A 30 -11.40 5.50 2.04
CA TRP A 30 -11.31 4.06 2.18
C TRP A 30 -10.34 3.71 3.30
N ILE A 31 -9.23 4.44 3.35
CA ILE A 31 -8.21 4.23 4.37
C ILE A 31 -8.77 4.40 5.77
N LYS A 32 -9.45 5.52 6.03
CA LYS A 32 -9.99 5.79 7.35
C LYS A 32 -11.14 4.84 7.68
N ARG A 33 -11.73 4.25 6.64
CA ARG A 33 -12.82 3.31 6.82
C ARG A 33 -12.33 1.98 7.36
N VAL A 34 -11.25 1.49 6.77
CA VAL A 34 -10.67 0.21 7.17
C VAL A 34 -9.66 0.39 8.30
N GLY A 35 -8.94 1.51 8.27
CA GLY A 35 -8.01 1.84 9.31
C GLY A 35 -6.61 1.40 8.97
N ASP A 36 -6.43 0.12 8.79
CA ASP A 36 -5.12 -0.45 8.56
C ASP A 36 -5.07 -1.17 7.21
N GLY A 37 -4.04 -0.89 6.44
CA GLY A 37 -3.91 -1.48 5.12
C GLY A 37 -2.73 -0.93 4.37
N VAL A 38 -2.52 -1.42 3.15
CA VAL A 38 -1.40 -0.98 2.34
C VAL A 38 -1.86 -0.59 0.93
N ILE A 39 -1.36 0.55 0.46
CA ILE A 39 -1.66 1.03 -0.88
C ILE A 39 -0.42 0.89 -1.76
N LEU A 40 -0.59 0.25 -2.91
CA LEU A 40 0.51 0.06 -3.84
C LEU A 40 0.39 1.02 -5.02
N LEU A 41 1.47 1.72 -5.32
CA LEU A 41 1.50 2.65 -6.44
C LEU A 41 1.95 1.93 -7.71
N SER A 42 1.79 2.63 -8.85
CA SER A 42 2.24 2.13 -10.13
C SER A 42 3.69 1.67 -10.04
N SER A 43 3.91 0.38 -10.20
CA SER A 43 5.22 -0.21 -10.04
C SER A 43 6.02 -0.13 -11.35
N ASP A 44 7.26 0.34 -11.23
CA ASP A 44 8.16 0.53 -12.38
C ASP A 44 7.67 1.64 -13.31
N PRO A 45 8.47 2.71 -13.42
CA PRO A 45 8.19 3.82 -14.35
C PRO A 45 8.52 3.44 -15.79
N ARG A 46 8.65 2.14 -16.03
CA ARG A 46 9.01 1.59 -17.33
C ARG A 46 10.47 1.92 -17.65
N ARG A 47 11.35 1.63 -16.70
CA ARG A 47 12.75 1.95 -16.85
C ARG A 47 13.58 0.70 -17.08
N THR A 48 13.29 -0.36 -16.35
CA THR A 48 14.08 -1.59 -16.45
C THR A 48 13.25 -2.76 -16.99
N PRO A 49 13.58 -3.23 -18.19
CA PRO A 49 12.99 -4.44 -18.76
C PRO A 49 13.48 -5.67 -17.99
N GLU A 50 14.75 -5.62 -17.60
CA GLU A 50 15.34 -6.66 -16.78
C GLU A 50 15.01 -6.40 -15.31
N VAL A 51 14.09 -7.19 -14.78
CA VAL A 51 13.61 -7.04 -13.40
C VAL A 51 12.88 -5.72 -13.21
N SER A 52 11.58 -5.76 -13.38
CA SER A 52 10.74 -4.60 -13.13
C SER A 52 10.15 -4.69 -11.73
N ASP A 53 9.39 -3.69 -11.32
CA ASP A 53 8.77 -3.70 -10.01
C ASP A 53 7.43 -4.44 -10.06
N ASN A 54 7.30 -5.48 -9.26
CA ASN A 54 6.09 -6.27 -9.21
C ASN A 54 5.90 -6.85 -7.80
N PRO A 55 5.02 -6.23 -7.00
CA PRO A 55 4.86 -6.57 -5.57
C PRO A 55 3.97 -7.79 -5.33
N VAL A 56 4.16 -8.84 -6.12
CA VAL A 56 3.40 -10.07 -5.96
C VAL A 56 4.07 -10.99 -4.95
N MET A 57 3.93 -10.58 -3.71
CA MET A 57 4.52 -11.27 -2.55
C MET A 57 4.26 -10.45 -1.30
N ILE A 58 3.59 -9.32 -1.50
CA ILE A 58 3.35 -8.37 -0.44
C ILE A 58 2.31 -8.89 0.56
N ALA A 59 1.52 -9.86 0.12
CA ALA A 59 0.43 -10.41 0.92
C ALA A 59 0.95 -11.13 2.18
N GLU A 60 2.01 -11.90 2.01
CA GLU A 60 2.57 -12.68 3.12
C GLU A 60 3.29 -11.79 4.12
N LEU A 61 3.80 -10.67 3.64
CA LEU A 61 4.48 -9.69 4.48
C LEU A 61 3.53 -9.18 5.57
N LEU A 62 2.40 -8.64 5.14
CA LEU A 62 1.46 -7.99 6.05
C LEU A 62 0.82 -8.95 7.05
N ARG A 63 0.81 -10.24 6.75
CA ARG A 63 0.22 -11.22 7.66
C ARG A 63 1.22 -11.61 8.75
N GLU A 64 2.33 -10.90 8.81
CA GLU A 64 3.28 -11.04 9.91
C GLU A 64 2.83 -10.17 11.07
N PHE A 65 1.79 -9.39 10.83
CA PHE A 65 1.22 -8.53 11.84
C PHE A 65 -0.22 -8.95 12.14
N PRO A 66 -0.40 -10.00 12.95
CA PRO A 66 -1.71 -10.61 13.18
C PRO A 66 -2.57 -9.84 14.18
N GLN A 67 -2.58 -8.52 14.04
CA GLN A 67 -3.44 -7.67 14.85
C GLN A 67 -4.64 -7.20 14.04
N PHE A 68 -4.39 -6.81 12.81
CA PHE A 68 -5.42 -6.26 11.94
C PHE A 68 -5.61 -7.16 10.73
N ASP A 69 -6.73 -7.01 10.05
CA ASP A 69 -6.94 -7.69 8.79
C ASP A 69 -6.58 -6.74 7.66
N TRP A 70 -5.33 -6.82 7.23
CA TRP A 70 -4.79 -5.87 6.27
C TRP A 70 -5.39 -6.07 4.89
N GLN A 71 -5.61 -4.96 4.21
CA GLN A 71 -6.18 -4.97 2.88
C GLN A 71 -5.25 -4.26 1.90
N VAL A 72 -5.20 -4.74 0.67
CA VAL A 72 -4.31 -4.18 -0.33
C VAL A 72 -5.09 -3.40 -1.37
N ALA A 73 -4.74 -2.13 -1.55
CA ALA A 73 -5.37 -1.28 -2.54
C ALA A 73 -4.35 -0.83 -3.57
N VAL A 74 -4.79 -0.67 -4.81
CA VAL A 74 -3.91 -0.25 -5.89
C VAL A 74 -4.37 1.07 -6.48
N ALA A 75 -3.41 1.90 -6.85
CA ALA A 75 -3.71 3.22 -7.40
C ALA A 75 -3.72 3.18 -8.94
N ASP A 76 -4.21 2.08 -9.49
CA ASP A 76 -4.29 1.89 -10.95
C ASP A 76 -2.93 2.14 -11.60
N LEU A 77 -2.80 3.27 -12.29
CA LEU A 77 -1.55 3.69 -12.90
C LEU A 77 -1.51 5.20 -12.91
N GLU A 78 -2.53 5.79 -13.52
CA GLU A 78 -2.64 7.25 -13.62
C GLU A 78 -2.93 7.84 -12.25
N GLN A 79 -3.70 7.12 -11.45
CA GLN A 79 -4.11 7.58 -10.13
C GLN A 79 -2.90 7.65 -9.20
N SER A 80 -1.92 6.79 -9.46
CA SER A 80 -0.69 6.77 -8.66
C SER A 80 0.02 8.11 -8.70
N GLU A 81 0.00 8.75 -9.87
CA GLU A 81 0.59 10.08 -10.03
C GLU A 81 -0.02 11.06 -9.04
N ALA A 82 -1.35 11.07 -8.97
CA ALA A 82 -2.07 11.98 -8.10
C ALA A 82 -1.81 11.66 -6.63
N ILE A 83 -1.84 10.37 -6.29
CA ILE A 83 -1.67 9.94 -4.91
C ILE A 83 -0.25 10.20 -4.41
N GLY A 84 0.73 9.96 -5.28
CA GLY A 84 2.12 10.22 -4.91
C GLY A 84 2.37 11.66 -4.53
N ASP A 85 1.69 12.56 -5.22
CA ASP A 85 1.77 13.98 -4.91
C ASP A 85 0.91 14.31 -3.69
N ARG A 86 -0.27 13.70 -3.65
CA ARG A 86 -1.25 13.93 -2.59
C ARG A 86 -0.66 13.70 -1.19
N PHE A 87 0.14 12.65 -1.04
CA PHE A 87 0.70 12.32 0.26
C PHE A 87 2.19 12.64 0.33
N ASN A 88 2.70 13.29 -0.71
CA ASN A 88 4.12 13.69 -0.75
C ASN A 88 5.03 12.47 -0.68
N VAL A 89 4.68 11.44 -1.43
CA VAL A 89 5.42 10.18 -1.43
C VAL A 89 6.47 10.17 -2.54
N ARG A 90 6.52 11.28 -3.29
CA ARG A 90 7.37 11.41 -4.48
C ARG A 90 6.82 10.52 -5.60
N ARG A 91 7.51 10.47 -6.72
CA ARG A 91 7.09 9.63 -7.82
C ARG A 91 7.98 8.39 -7.91
N PHE A 92 7.91 7.55 -6.90
CA PHE A 92 8.67 6.31 -6.86
C PHE A 92 7.80 5.17 -6.34
N PRO A 93 7.91 3.99 -6.94
CA PRO A 93 7.15 2.82 -6.49
C PRO A 93 7.47 2.44 -5.05
N ALA A 94 6.48 2.56 -4.19
CA ALA A 94 6.64 2.29 -2.77
C ALA A 94 5.33 1.83 -2.17
N THR A 95 5.43 0.97 -1.17
CA THR A 95 4.27 0.51 -0.45
C THR A 95 3.89 1.54 0.60
N LEU A 96 2.63 1.95 0.62
CA LEU A 96 2.17 2.91 1.62
C LEU A 96 1.64 2.16 2.82
N VAL A 97 2.20 2.48 3.99
CA VAL A 97 1.83 1.81 5.21
C VAL A 97 0.80 2.65 5.97
N PHE A 98 -0.44 2.21 5.90
CA PHE A 98 -1.53 2.90 6.58
C PHE A 98 -1.98 2.11 7.80
N THR A 99 -2.13 2.82 8.90
CA THR A 99 -2.47 2.21 10.17
C THR A 99 -3.23 3.21 11.02
N ASP A 100 -4.17 2.70 11.82
CA ASP A 100 -5.04 3.53 12.68
C ASP A 100 -5.81 4.57 11.88
N GLY A 101 -5.83 4.40 10.57
CA GLY A 101 -6.48 5.34 9.71
C GLY A 101 -5.52 6.37 9.16
N LYS A 102 -4.30 6.43 9.69
CA LYS A 102 -3.33 7.41 9.23
C LYS A 102 -2.11 6.78 8.56
N LEU A 103 -1.31 7.63 7.92
CA LEU A 103 -0.12 7.19 7.19
C LEU A 103 1.09 7.16 8.11
N ARG A 104 1.86 6.09 8.05
CA ARG A 104 3.08 5.99 8.85
C ARG A 104 4.32 6.22 7.99
N GLY A 105 4.20 5.96 6.69
CA GLY A 105 5.30 6.21 5.79
C GLY A 105 5.24 5.35 4.55
N ALA A 106 6.19 5.55 3.65
CA ALA A 106 6.28 4.75 2.43
C ALA A 106 7.43 3.75 2.56
N LEU A 107 7.28 2.60 1.92
CA LEU A 107 8.25 1.55 2.04
C LEU A 107 8.88 1.20 0.70
N SER A 108 10.05 1.75 0.46
CA SER A 108 10.88 1.32 -0.65
C SER A 108 11.92 0.34 -0.13
N GLY A 109 11.46 -0.83 0.28
CA GLY A 109 12.32 -1.81 0.90
C GLY A 109 13.14 -2.58 -0.11
N ILE A 110 14.42 -2.23 -0.20
CA ILE A 110 15.32 -2.89 -1.13
C ILE A 110 15.83 -4.21 -0.55
N HIS A 111 16.69 -4.88 -1.31
CA HIS A 111 17.24 -6.18 -0.94
C HIS A 111 16.18 -7.28 -1.03
N PRO A 112 16.60 -8.51 -1.37
CA PRO A 112 15.70 -9.66 -1.52
C PRO A 112 15.16 -10.18 -0.19
N TRP A 113 14.41 -9.32 0.50
CA TRP A 113 13.74 -9.67 1.76
C TRP A 113 14.73 -9.82 2.91
N ALA A 114 14.61 -8.90 3.87
CA ALA A 114 15.44 -8.93 5.09
C ALA A 114 15.13 -7.77 6.02
N GLU A 115 15.56 -6.58 5.60
CA GLU A 115 15.56 -5.39 6.46
C GLU A 115 14.16 -4.84 6.70
N LEU A 116 13.27 -5.05 5.74
CA LEU A 116 11.90 -4.55 5.80
C LEU A 116 11.20 -5.03 7.07
N LEU A 117 11.45 -6.28 7.44
CA LEU A 117 10.80 -6.89 8.59
C LEU A 117 11.09 -6.10 9.88
N THR A 118 12.36 -5.79 10.10
CA THR A 118 12.77 -5.05 11.28
C THR A 118 12.12 -3.68 11.33
N LEU A 119 12.14 -2.98 10.20
CA LEU A 119 11.63 -1.62 10.13
C LEU A 119 10.11 -1.58 10.25
N MET A 120 9.42 -2.40 9.47
CA MET A 120 7.95 -2.37 9.46
C MET A 120 7.35 -2.94 10.75
N ARG A 121 8.05 -3.85 11.43
CA ARG A 121 7.53 -4.42 12.66
C ARG A 121 7.42 -3.37 13.76
N SER A 122 8.35 -2.44 13.77
CA SER A 122 8.31 -1.33 14.73
C SER A 122 7.12 -0.42 14.44
N ILE A 123 6.71 -0.34 13.18
CA ILE A 123 5.64 0.54 12.76
C ILE A 123 4.28 0.10 13.31
N VAL A 124 4.04 -1.21 13.33
CA VAL A 124 2.73 -1.76 13.70
C VAL A 124 2.50 -1.76 15.23
N ASP A 125 3.09 -0.78 15.89
CA ASP A 125 2.89 -0.59 17.33
C ASP A 125 1.52 0.04 17.59
N THR A 126 0.92 0.53 16.53
CA THR A 126 -0.39 1.19 16.62
C THR A 126 -1.46 0.21 17.12
N PRO A 127 -2.20 0.60 18.17
CA PRO A 127 -3.24 -0.23 18.75
C PRO A 127 -4.62 0.02 18.15
N ALA A 128 -5.26 -1.04 17.69
CA ALA A 128 -6.62 -0.96 17.16
C ALA A 128 -7.61 -1.53 18.15
N ALA A 129 -7.07 -2.12 19.23
CA ALA A 129 -7.88 -2.71 20.29
C ALA A 129 -8.69 -3.89 19.78
N GLN A 130 -9.66 -4.34 20.58
CA GLN A 130 -10.49 -5.48 20.19
C GLN A 130 -11.95 -5.05 20.04
N GLU A 131 -12.51 -5.32 18.87
CA GLU A 131 -13.91 -5.04 18.61
C GLU A 131 -14.45 -5.91 17.47
N THR A 132 -13.55 -6.42 16.64
CA THR A 132 -13.95 -7.37 15.60
C THR A 132 -13.70 -8.80 16.10
N VAL A 133 -14.78 -9.55 16.24
CA VAL A 133 -14.69 -10.90 16.79
C VAL A 133 -14.95 -11.96 15.73
N GLN A 134 -14.28 -13.10 15.88
CA GLN A 134 -14.43 -14.24 14.98
C GLN A 134 -14.04 -13.87 13.55
N LEU A 135 -12.77 -14.05 13.23
CA LEU A 135 -12.29 -13.73 11.89
C LEU A 135 -12.06 -14.99 11.06
N GLU A 136 -12.52 -14.93 9.82
CA GLU A 136 -12.33 -15.99 8.83
C GLU A 136 -13.08 -17.28 9.19
N HIS A 137 -14.13 -17.57 8.44
CA HIS A 137 -14.79 -18.86 8.49
C HIS A 137 -15.33 -19.21 7.13
N HIS A 138 -14.50 -19.82 6.29
CA HIS A 138 -14.89 -20.18 4.94
C HIS A 138 -15.56 -21.56 4.94
N HIS A 139 -16.34 -21.84 3.91
CA HIS A 139 -17.10 -23.08 3.85
C HIS A 139 -17.39 -23.48 2.41
N HIS A 140 -17.50 -24.80 2.19
CA HIS A 140 -17.87 -25.38 0.89
C HIS A 140 -16.71 -25.33 -0.10
N HIS A 141 -16.06 -26.47 -0.27
CA HIS A 141 -15.02 -26.62 -1.27
C HIS A 141 -15.56 -27.46 -2.42
N HIS A 142 -16.39 -28.43 -2.08
CA HIS A 142 -17.08 -29.26 -3.07
C HIS A 142 -18.26 -29.95 -2.42
N MET A 1 -9.45 13.17 -22.66
CA MET A 1 -8.32 12.67 -21.84
C MET A 1 -8.62 11.24 -21.37
N ALA A 2 -8.11 10.27 -22.11
CA ALA A 2 -8.36 8.88 -21.79
C ALA A 2 -7.08 8.07 -21.73
N ASN A 3 -6.80 7.51 -20.57
CA ASN A 3 -5.67 6.59 -20.40
C ASN A 3 -6.16 5.16 -20.52
N ASP A 4 -6.36 4.73 -21.76
CA ASP A 4 -6.93 3.41 -22.03
C ASP A 4 -5.85 2.36 -22.16
N THR A 5 -5.98 1.30 -21.38
CA THR A 5 -5.02 0.22 -21.40
C THR A 5 -5.52 -0.94 -22.26
N PRO A 6 -4.95 -1.13 -23.46
CA PRO A 6 -5.36 -2.19 -24.38
C PRO A 6 -4.80 -3.55 -23.95
N PHE A 7 -3.81 -3.50 -23.07
CA PHE A 7 -3.19 -4.71 -22.55
C PHE A 7 -3.16 -4.61 -21.03
N SER A 8 -4.24 -5.04 -20.40
CA SER A 8 -4.38 -4.92 -18.96
C SER A 8 -4.47 -6.28 -18.28
N ALA A 9 -3.98 -7.31 -18.99
CA ALA A 9 -4.01 -8.68 -18.48
C ALA A 9 -3.39 -8.77 -17.09
N LEU A 10 -2.17 -8.24 -16.94
CA LEU A 10 -1.47 -8.27 -15.66
C LEU A 10 -2.24 -7.50 -14.60
N TRP A 11 -2.79 -6.37 -15.00
CA TRP A 11 -3.57 -5.52 -14.09
C TRP A 11 -4.79 -6.27 -13.55
N GLN A 12 -5.54 -6.88 -14.44
CA GLN A 12 -6.72 -7.65 -14.06
C GLN A 12 -6.36 -8.78 -13.08
N ARG A 13 -5.18 -9.37 -13.26
CA ARG A 13 -4.75 -10.47 -12.38
C ARG A 13 -4.55 -9.97 -10.96
N LEU A 14 -4.17 -8.70 -10.83
CA LEU A 14 -3.96 -8.09 -9.52
C LEU A 14 -5.31 -7.85 -8.84
N LEU A 15 -6.25 -7.31 -9.60
CA LEU A 15 -7.60 -7.06 -9.09
C LEU A 15 -8.26 -8.36 -8.65
N THR A 16 -8.07 -9.40 -9.47
CA THR A 16 -8.62 -10.73 -9.19
C THR A 16 -8.09 -11.27 -7.86
N ARG A 17 -6.91 -10.80 -7.46
CA ARG A 17 -6.27 -11.29 -6.24
C ARG A 17 -6.88 -10.63 -5.00
N GLY A 18 -7.97 -9.88 -5.19
CA GLY A 18 -8.71 -9.33 -4.09
C GLY A 18 -8.29 -7.91 -3.75
N TRP A 19 -7.70 -7.22 -4.71
CA TRP A 19 -7.22 -5.86 -4.50
C TRP A 19 -8.19 -4.85 -5.08
N GLN A 20 -8.52 -3.84 -4.28
CA GLN A 20 -9.45 -2.81 -4.69
C GLN A 20 -8.72 -1.63 -5.34
N PRO A 21 -9.22 -1.15 -6.48
CA PRO A 21 -8.68 0.03 -7.15
C PRO A 21 -9.15 1.32 -6.50
N VAL A 22 -8.21 2.13 -6.05
CA VAL A 22 -8.53 3.38 -5.36
C VAL A 22 -8.15 4.59 -6.19
N GLU A 23 -8.82 5.71 -5.92
CA GLU A 23 -8.56 6.96 -6.61
C GLU A 23 -7.78 7.91 -5.70
N ALA A 24 -7.23 8.96 -6.29
CA ALA A 24 -6.39 9.91 -5.56
C ALA A 24 -7.15 10.56 -4.39
N SER A 25 -8.39 10.93 -4.63
CA SER A 25 -9.20 11.59 -3.62
C SER A 25 -9.98 10.58 -2.79
N THR A 26 -10.47 9.53 -3.45
CA THR A 26 -11.35 8.56 -2.81
C THR A 26 -10.58 7.65 -1.83
N VAL A 27 -9.27 7.52 -2.04
CA VAL A 27 -8.44 6.69 -1.17
C VAL A 27 -8.46 7.20 0.27
N ASP A 28 -8.59 8.51 0.41
CA ASP A 28 -8.58 9.17 1.73
C ASP A 28 -9.71 8.64 2.60
N ASP A 29 -10.93 8.67 2.07
CA ASP A 29 -12.09 8.21 2.80
C ASP A 29 -12.11 6.69 2.91
N TRP A 30 -11.51 6.03 1.92
CA TRP A 30 -11.33 4.59 1.97
C TRP A 30 -10.49 4.22 3.21
N ILE A 31 -9.44 5.00 3.45
CA ILE A 31 -8.60 4.83 4.63
C ILE A 31 -9.43 4.98 5.90
N LYS A 32 -10.35 5.95 5.87
CA LYS A 32 -11.32 6.15 6.95
C LYS A 32 -12.04 4.85 7.28
N ARG A 33 -12.38 4.08 6.24
CA ARG A 33 -13.19 2.89 6.41
C ARG A 33 -12.38 1.73 6.94
N VAL A 34 -11.23 1.52 6.35
CA VAL A 34 -10.40 0.38 6.70
C VAL A 34 -9.59 0.64 7.98
N GLY A 35 -9.06 1.85 8.12
CA GLY A 35 -8.24 2.17 9.26
C GLY A 35 -6.83 1.65 9.10
N ASP A 36 -6.72 0.38 8.77
CA ASP A 36 -5.45 -0.28 8.61
C ASP A 36 -5.38 -0.89 7.22
N GLY A 37 -4.19 -0.93 6.64
CA GLY A 37 -4.03 -1.53 5.33
C GLY A 37 -2.85 -0.95 4.58
N VAL A 38 -2.69 -1.36 3.32
CA VAL A 38 -1.58 -0.88 2.51
C VAL A 38 -2.03 -0.56 1.09
N ILE A 39 -1.46 0.51 0.54
CA ILE A 39 -1.71 0.89 -0.84
C ILE A 39 -0.43 0.71 -1.64
N LEU A 40 -0.49 -0.11 -2.69
CA LEU A 40 0.66 -0.33 -3.55
C LEU A 40 0.70 0.73 -4.64
N LEU A 41 1.76 1.52 -4.68
CA LEU A 41 1.91 2.52 -5.73
C LEU A 41 2.28 1.88 -7.05
N SER A 42 1.89 2.54 -8.11
CA SER A 42 2.09 2.04 -9.45
C SER A 42 3.26 2.77 -10.11
N SER A 43 3.13 3.07 -11.40
CA SER A 43 4.18 3.72 -12.17
C SER A 43 5.34 2.76 -12.43
N ASP A 44 5.84 2.76 -13.67
CA ASP A 44 6.88 1.83 -14.12
C ASP A 44 6.28 0.46 -14.42
N PRO A 45 6.33 0.02 -15.68
CA PRO A 45 5.72 -1.23 -16.12
C PRO A 45 6.42 -2.48 -15.57
N ARG A 46 5.66 -3.31 -14.85
CA ARG A 46 6.19 -4.55 -14.29
C ARG A 46 6.49 -5.56 -15.38
N ARG A 47 7.73 -5.52 -15.87
CA ARG A 47 8.19 -6.42 -16.93
C ARG A 47 9.66 -6.75 -16.66
N THR A 48 9.98 -7.01 -15.40
CA THR A 48 11.36 -7.07 -14.92
C THR A 48 12.15 -5.86 -15.44
N PRO A 49 11.74 -4.65 -15.06
CA PRO A 49 12.35 -3.43 -15.56
C PRO A 49 13.66 -3.10 -14.84
N GLU A 50 13.54 -2.45 -13.69
CA GLU A 50 14.70 -2.10 -12.89
C GLU A 50 14.90 -3.14 -11.80
N VAL A 51 13.80 -3.73 -11.36
CA VAL A 51 13.83 -4.78 -10.34
C VAL A 51 12.97 -5.96 -10.78
N SER A 52 12.76 -6.92 -9.88
CA SER A 52 11.93 -8.07 -10.17
C SER A 52 10.46 -7.78 -9.84
N ASP A 53 9.55 -8.44 -10.56
CA ASP A 53 8.12 -8.18 -10.39
C ASP A 53 7.55 -9.11 -9.35
N ASN A 54 7.54 -8.70 -8.10
CA ASN A 54 6.95 -9.51 -7.04
C ASN A 54 5.96 -8.70 -6.22
N PRO A 55 4.71 -8.61 -6.70
CA PRO A 55 3.62 -8.00 -5.95
C PRO A 55 2.84 -9.03 -5.16
N VAL A 56 3.28 -10.28 -5.22
CA VAL A 56 2.56 -11.37 -4.58
C VAL A 56 3.02 -11.56 -3.14
N MET A 57 4.32 -11.41 -2.93
CA MET A 57 4.92 -11.67 -1.63
C MET A 57 4.61 -10.54 -0.63
N ILE A 58 3.92 -9.51 -1.09
CA ILE A 58 3.52 -8.42 -0.21
C ILE A 58 2.43 -8.93 0.75
N ALA A 59 1.65 -9.90 0.31
CA ALA A 59 0.63 -10.52 1.14
C ALA A 59 1.29 -11.32 2.25
N GLU A 60 2.45 -11.88 1.94
CA GLU A 60 3.24 -12.64 2.90
C GLU A 60 3.66 -11.74 4.06
N LEU A 61 3.98 -10.49 3.73
CA LEU A 61 4.39 -9.52 4.73
C LEU A 61 3.23 -9.19 5.66
N LEU A 62 2.06 -8.96 5.07
CA LEU A 62 0.87 -8.57 5.81
C LEU A 62 0.39 -9.68 6.73
N ARG A 63 0.44 -10.91 6.25
CA ARG A 63 -0.05 -12.04 7.03
C ARG A 63 0.91 -12.41 8.15
N GLU A 64 2.03 -11.70 8.23
CA GLU A 64 2.98 -11.88 9.31
C GLU A 64 2.65 -10.93 10.45
N PHE A 65 1.71 -10.02 10.19
CA PHE A 65 1.27 -9.07 11.21
C PHE A 65 -0.24 -9.20 11.44
N PRO A 66 -0.67 -10.31 12.06
CA PRO A 66 -2.09 -10.62 12.26
C PRO A 66 -2.66 -9.88 13.46
N GLN A 67 -2.52 -8.57 13.47
CA GLN A 67 -3.05 -7.75 14.54
C GLN A 67 -4.09 -6.78 14.01
N PHE A 68 -3.85 -6.26 12.82
CA PHE A 68 -4.74 -5.30 12.20
C PHE A 68 -5.51 -5.96 11.07
N ASP A 69 -6.61 -5.34 10.66
CA ASP A 69 -7.39 -5.83 9.55
C ASP A 69 -6.89 -5.18 8.26
N TRP A 70 -5.92 -5.83 7.63
CA TRP A 70 -5.24 -5.25 6.49
C TRP A 70 -6.04 -5.41 5.20
N GLN A 71 -6.13 -4.30 4.48
CA GLN A 71 -6.72 -4.26 3.15
C GLN A 71 -5.65 -3.88 2.15
N VAL A 72 -5.66 -4.51 0.99
CA VAL A 72 -4.69 -4.19 -0.05
C VAL A 72 -5.36 -3.42 -1.18
N ALA A 73 -4.97 -2.16 -1.34
CA ALA A 73 -5.53 -1.33 -2.38
C ALA A 73 -4.46 -0.95 -3.40
N VAL A 74 -4.87 -0.84 -4.65
CA VAL A 74 -3.95 -0.50 -5.73
C VAL A 74 -4.54 0.56 -6.64
N ALA A 75 -3.71 1.12 -7.49
CA ALA A 75 -4.16 2.12 -8.46
C ALA A 75 -3.67 1.72 -9.85
N ASP A 76 -4.21 2.35 -10.88
CA ASP A 76 -3.86 2.00 -12.26
C ASP A 76 -2.42 2.46 -12.59
N LEU A 77 -2.30 3.64 -13.17
CA LEU A 77 -0.99 4.21 -13.50
C LEU A 77 -1.02 5.73 -13.31
N GLU A 78 -2.10 6.35 -13.78
CA GLU A 78 -2.23 7.79 -13.72
C GLU A 78 -2.63 8.25 -12.32
N GLN A 79 -3.71 7.68 -11.80
CA GLN A 79 -4.18 7.99 -10.44
C GLN A 79 -3.11 7.64 -9.41
N SER A 80 -2.31 6.65 -9.75
CA SER A 80 -1.21 6.21 -8.91
C SER A 80 -0.24 7.34 -8.58
N GLU A 81 0.10 8.11 -9.59
CA GLU A 81 1.04 9.21 -9.44
C GLU A 81 0.44 10.28 -8.54
N ALA A 82 -0.85 10.54 -8.72
CA ALA A 82 -1.56 11.51 -7.90
C ALA A 82 -1.60 11.07 -6.44
N ILE A 83 -1.75 9.75 -6.22
CA ILE A 83 -1.75 9.19 -4.88
C ILE A 83 -0.38 9.39 -4.21
N GLY A 84 0.67 9.06 -4.96
CA GLY A 84 2.02 9.24 -4.45
C GLY A 84 2.32 10.69 -4.14
N ASP A 85 1.80 11.58 -4.96
CA ASP A 85 1.94 13.02 -4.75
C ASP A 85 1.30 13.44 -3.43
N ARG A 86 0.08 12.98 -3.21
CA ARG A 86 -0.71 13.35 -2.04
C ARG A 86 -0.01 12.97 -0.73
N PHE A 87 0.63 11.80 -0.71
CA PHE A 87 1.26 11.30 0.52
C PHE A 87 2.74 11.63 0.54
N ASN A 88 3.22 12.27 -0.52
CA ASN A 88 4.61 12.68 -0.65
C ASN A 88 5.55 11.48 -0.63
N VAL A 89 5.43 10.63 -1.64
CA VAL A 89 6.35 9.52 -1.82
C VAL A 89 7.75 10.06 -2.17
N ARG A 90 8.79 9.26 -1.97
CA ARG A 90 10.14 9.71 -2.25
C ARG A 90 10.36 9.90 -3.75
N ARG A 91 10.34 8.82 -4.51
CA ARG A 91 10.57 8.91 -5.95
C ARG A 91 10.14 7.64 -6.66
N PHE A 92 10.48 6.50 -6.08
CA PHE A 92 10.19 5.21 -6.70
C PHE A 92 8.97 4.57 -6.05
N PRO A 93 8.30 3.65 -6.76
CA PRO A 93 7.11 2.95 -6.26
C PRO A 93 7.31 2.37 -4.87
N ALA A 94 6.40 2.70 -3.97
CA ALA A 94 6.49 2.28 -2.58
C ALA A 94 5.14 1.83 -2.07
N THR A 95 5.15 1.10 -0.97
CA THR A 95 3.93 0.68 -0.31
C THR A 95 3.59 1.64 0.82
N LEU A 96 2.36 2.12 0.86
CA LEU A 96 1.93 2.98 1.95
C LEU A 96 1.34 2.16 3.06
N VAL A 97 1.89 2.32 4.25
CA VAL A 97 1.44 1.54 5.40
C VAL A 97 0.50 2.37 6.27
N PHE A 98 -0.75 1.96 6.31
CA PHE A 98 -1.76 2.66 7.08
C PHE A 98 -2.22 1.84 8.26
N THR A 99 -2.36 2.51 9.39
CA THR A 99 -2.87 1.89 10.61
C THR A 99 -3.58 2.96 11.40
N ASP A 100 -4.56 2.57 12.20
CA ASP A 100 -5.28 3.49 13.09
C ASP A 100 -5.86 4.70 12.34
N GLY A 101 -5.99 4.56 11.03
CA GLY A 101 -6.50 5.64 10.22
C GLY A 101 -5.42 6.61 9.77
N LYS A 102 -4.21 6.45 10.28
CA LYS A 102 -3.14 7.38 9.91
C LYS A 102 -2.01 6.69 9.15
N LEU A 103 -1.38 7.44 8.25
CA LEU A 103 -0.22 6.97 7.50
C LEU A 103 1.00 6.90 8.41
N ARG A 104 1.58 5.72 8.51
CA ARG A 104 2.73 5.53 9.38
C ARG A 104 4.01 5.77 8.59
N GLY A 105 4.02 5.37 7.34
CA GLY A 105 5.18 5.58 6.49
C GLY A 105 5.10 4.81 5.20
N ALA A 106 6.12 4.96 4.36
CA ALA A 106 6.18 4.25 3.09
C ALA A 106 7.23 3.16 3.15
N LEU A 107 7.13 2.19 2.24
CA LEU A 107 8.05 1.08 2.22
C LEU A 107 8.51 0.81 0.79
N SER A 108 9.79 1.05 0.53
CA SER A 108 10.38 0.78 -0.76
C SER A 108 11.57 -0.16 -0.61
N GLY A 109 11.35 -1.43 -0.93
CA GLY A 109 12.39 -2.42 -0.77
C GLY A 109 11.80 -3.81 -0.75
N ILE A 110 11.69 -4.42 -1.91
CA ILE A 110 11.01 -5.70 -2.04
C ILE A 110 11.99 -6.85 -1.92
N HIS A 111 13.26 -6.58 -2.21
CA HIS A 111 14.27 -7.62 -2.24
C HIS A 111 14.87 -7.91 -0.86
N PRO A 112 15.40 -6.88 -0.13
CA PRO A 112 15.99 -7.10 1.20
C PRO A 112 14.94 -7.42 2.26
N TRP A 113 14.78 -8.71 2.54
CA TRP A 113 13.73 -9.18 3.44
C TRP A 113 14.09 -8.92 4.89
N ALA A 114 15.27 -9.35 5.26
CA ALA A 114 15.73 -9.28 6.65
C ALA A 114 15.85 -7.83 7.12
N GLU A 115 15.90 -6.90 6.17
CA GLU A 115 15.96 -5.49 6.50
C GLU A 115 14.56 -4.90 6.55
N LEU A 116 13.71 -5.38 5.66
CA LEU A 116 12.31 -4.93 5.58
C LEU A 116 11.62 -5.15 6.92
N LEU A 117 11.73 -6.36 7.46
CA LEU A 117 11.06 -6.73 8.70
C LEU A 117 11.39 -5.75 9.82
N THR A 118 12.66 -5.40 9.95
CA THR A 118 13.11 -4.51 11.01
C THR A 118 12.49 -3.12 10.86
N LEU A 119 12.55 -2.56 9.65
CA LEU A 119 12.05 -1.22 9.41
C LEU A 119 10.52 -1.19 9.39
N MET A 120 9.92 -2.17 8.72
CA MET A 120 8.45 -2.24 8.63
C MET A 120 7.85 -2.40 10.02
N ARG A 121 8.54 -3.14 10.89
CA ARG A 121 8.08 -3.37 12.24
C ARG A 121 7.91 -2.05 13.00
N SER A 122 8.87 -1.15 12.84
CA SER A 122 8.83 0.14 13.47
C SER A 122 7.64 0.94 12.96
N ILE A 123 7.27 0.70 11.71
CA ILE A 123 6.16 1.39 11.08
C ILE A 123 4.82 0.97 11.70
N VAL A 124 4.71 -0.32 12.01
CA VAL A 124 3.46 -0.87 12.53
C VAL A 124 3.50 -1.05 14.04
N ASP A 125 4.33 -0.26 14.72
CA ASP A 125 4.42 -0.35 16.18
C ASP A 125 3.14 0.16 16.84
N THR A 126 2.46 1.07 16.14
CA THR A 126 1.16 1.60 16.57
C THR A 126 1.33 2.55 17.76
N PRO A 127 1.55 3.83 17.48
CA PRO A 127 1.74 4.86 18.50
C PRO A 127 0.41 5.40 19.02
N ALA A 128 -0.68 5.00 18.36
CA ALA A 128 -2.02 5.46 18.70
C ALA A 128 -2.40 5.10 20.13
N ALA A 129 -1.72 4.10 20.68
CA ALA A 129 -1.99 3.64 22.04
C ALA A 129 -1.64 4.73 23.06
N GLN A 130 -0.78 5.66 22.67
CA GLN A 130 -0.40 6.77 23.54
C GLN A 130 -0.70 8.10 22.88
N GLU A 131 -0.52 8.16 21.56
CA GLU A 131 -0.75 9.38 20.82
C GLU A 131 -1.80 9.16 19.74
N THR A 132 -3.02 9.58 20.00
CA THR A 132 -4.11 9.49 19.05
C THR A 132 -4.98 10.75 19.15
N VAL A 133 -5.85 10.96 18.19
CA VAL A 133 -6.61 12.20 18.12
C VAL A 133 -8.11 11.96 18.02
N GLN A 134 -8.50 10.93 17.26
CA GLN A 134 -9.91 10.69 16.91
C GLN A 134 -10.41 11.81 16.01
N LEU A 135 -10.45 11.55 14.72
CA LEU A 135 -10.77 12.58 13.74
C LEU A 135 -12.19 12.43 13.22
N GLU A 136 -13.12 13.07 13.91
CA GLU A 136 -14.50 13.15 13.44
C GLU A 136 -14.67 14.38 12.55
N HIS A 137 -15.85 14.51 11.95
CA HIS A 137 -16.18 15.65 11.07
C HIS A 137 -15.41 15.56 9.75
N HIS A 138 -14.69 14.45 9.58
CA HIS A 138 -13.96 14.18 8.35
C HIS A 138 -14.97 13.89 7.24
N HIS A 139 -14.76 14.43 6.05
CA HIS A 139 -15.72 14.28 4.97
C HIS A 139 -15.80 12.83 4.53
N HIS A 140 -17.01 12.28 4.53
CA HIS A 140 -17.23 10.89 4.20
C HIS A 140 -17.96 10.77 2.86
N HIS A 141 -17.74 9.65 2.17
CA HIS A 141 -18.49 9.38 0.95
C HIS A 141 -19.70 8.50 1.28
N HIS A 142 -20.77 8.69 0.55
CA HIS A 142 -21.97 7.89 0.74
C HIS A 142 -22.47 7.36 -0.59
N MET A 1 -6.75 12.13 -12.17
CA MET A 1 -6.33 12.50 -13.53
C MET A 1 -7.00 11.57 -14.52
N ALA A 2 -8.03 12.06 -15.22
CA ALA A 2 -8.84 11.25 -16.12
C ALA A 2 -9.58 10.16 -15.35
N ASN A 3 -10.18 9.21 -16.07
CA ASN A 3 -10.90 8.12 -15.42
C ASN A 3 -10.54 6.77 -16.04
N ASP A 4 -9.60 6.79 -16.97
CA ASP A 4 -9.21 5.56 -17.65
C ASP A 4 -8.03 4.90 -16.96
N THR A 5 -8.19 3.61 -16.69
CA THR A 5 -7.11 2.82 -16.12
C THR A 5 -6.49 1.95 -17.22
N PRO A 6 -5.39 1.24 -16.92
CA PRO A 6 -4.78 0.32 -17.89
C PRO A 6 -5.80 -0.71 -18.39
N PHE A 7 -6.58 -1.23 -17.45
CA PHE A 7 -7.66 -2.19 -17.75
C PHE A 7 -7.11 -3.43 -18.44
N SER A 8 -5.80 -3.64 -18.30
CA SER A 8 -5.14 -4.77 -18.93
C SER A 8 -5.37 -6.05 -18.12
N ALA A 9 -5.19 -7.19 -18.75
CA ALA A 9 -5.33 -8.48 -18.08
C ALA A 9 -4.25 -8.63 -17.00
N LEU A 10 -3.12 -7.99 -17.25
CA LEU A 10 -2.01 -7.97 -16.28
C LEU A 10 -2.44 -7.25 -15.00
N TRP A 11 -3.39 -6.34 -15.15
CA TRP A 11 -3.91 -5.58 -14.03
C TRP A 11 -4.98 -6.41 -13.29
N GLN A 12 -5.94 -6.90 -14.05
CA GLN A 12 -7.08 -7.66 -13.50
C GLN A 12 -6.62 -8.90 -12.73
N ARG A 13 -5.54 -9.52 -13.18
CA ARG A 13 -5.05 -10.75 -12.54
C ARG A 13 -4.62 -10.50 -11.09
N LEU A 14 -4.14 -9.29 -10.80
CA LEU A 14 -3.72 -8.95 -9.45
C LEU A 14 -4.94 -8.73 -8.56
N LEU A 15 -6.01 -8.23 -9.15
CA LEU A 15 -7.24 -7.97 -8.42
C LEU A 15 -7.83 -9.27 -7.89
N THR A 16 -7.60 -10.35 -8.64
CA THR A 16 -8.07 -11.67 -8.27
C THR A 16 -7.50 -12.10 -6.91
N ARG A 17 -6.34 -11.55 -6.56
CA ARG A 17 -5.66 -11.94 -5.32
C ARG A 17 -6.23 -11.16 -4.13
N GLY A 18 -7.35 -10.48 -4.35
CA GLY A 18 -8.01 -9.77 -3.27
C GLY A 18 -7.58 -8.33 -3.17
N TRP A 19 -7.05 -7.80 -4.26
CA TRP A 19 -6.57 -6.42 -4.27
C TRP A 19 -7.64 -5.50 -4.81
N GLN A 20 -7.89 -4.42 -4.08
CA GLN A 20 -8.94 -3.47 -4.42
C GLN A 20 -8.37 -2.33 -5.26
N PRO A 21 -8.92 -2.11 -6.46
CA PRO A 21 -8.55 -0.98 -7.30
C PRO A 21 -9.18 0.33 -6.81
N VAL A 22 -8.36 1.27 -6.39
CA VAL A 22 -8.86 2.53 -5.85
C VAL A 22 -8.53 3.69 -6.78
N GLU A 23 -9.09 4.85 -6.48
CA GLU A 23 -8.88 6.05 -7.29
C GLU A 23 -8.05 7.06 -6.51
N ALA A 24 -7.62 8.11 -7.19
CA ALA A 24 -6.74 9.10 -6.58
C ALA A 24 -7.51 9.97 -5.59
N SER A 25 -8.66 10.47 -6.02
CA SER A 25 -9.48 11.32 -5.19
C SER A 25 -10.27 10.51 -4.16
N THR A 26 -10.60 9.27 -4.53
CA THR A 26 -11.49 8.45 -3.72
C THR A 26 -10.73 7.60 -2.69
N VAL A 27 -9.41 7.50 -2.85
CA VAL A 27 -8.59 6.70 -1.93
C VAL A 27 -8.68 7.23 -0.51
N ASP A 28 -8.86 8.54 -0.38
CA ASP A 28 -8.98 9.19 0.93
C ASP A 28 -10.16 8.62 1.71
N ASP A 29 -11.30 8.53 1.04
CA ASP A 29 -12.52 8.03 1.65
C ASP A 29 -12.37 6.56 2.01
N TRP A 30 -11.72 5.81 1.12
CA TRP A 30 -11.48 4.39 1.33
C TRP A 30 -10.65 4.16 2.59
N ILE A 31 -9.55 4.90 2.71
CA ILE A 31 -8.67 4.78 3.87
C ILE A 31 -9.43 5.11 5.16
N LYS A 32 -10.25 6.15 5.11
CA LYS A 32 -11.03 6.57 6.28
C LYS A 32 -12.04 5.48 6.66
N ARG A 33 -12.42 4.67 5.67
CA ARG A 33 -13.40 3.63 5.87
C ARG A 33 -12.78 2.40 6.51
N VAL A 34 -11.63 2.00 5.99
CA VAL A 34 -10.96 0.79 6.45
C VAL A 34 -10.14 1.02 7.71
N GLY A 35 -9.40 2.13 7.75
CA GLY A 35 -8.54 2.42 8.88
C GLY A 35 -7.15 1.84 8.70
N ASP A 36 -7.11 0.54 8.48
CA ASP A 36 -5.85 -0.17 8.30
C ASP A 36 -5.76 -0.72 6.88
N GLY A 37 -4.59 -0.64 6.28
CA GLY A 37 -4.42 -1.15 4.94
C GLY A 37 -3.14 -0.67 4.28
N VAL A 38 -2.87 -1.19 3.09
CA VAL A 38 -1.68 -0.82 2.34
C VAL A 38 -2.04 -0.51 0.90
N ILE A 39 -1.60 0.64 0.44
CA ILE A 39 -1.85 1.07 -0.93
C ILE A 39 -0.55 1.08 -1.71
N LEU A 40 -0.56 0.53 -2.93
CA LEU A 40 0.62 0.53 -3.77
C LEU A 40 0.67 1.82 -4.60
N LEU A 41 1.82 2.49 -4.57
CA LEU A 41 2.02 3.71 -5.33
C LEU A 41 2.33 3.43 -6.78
N SER A 42 2.71 4.48 -7.50
CA SER A 42 2.97 4.41 -8.91
C SER A 42 4.25 3.62 -9.20
N SER A 43 4.09 2.46 -9.82
CA SER A 43 5.21 1.57 -10.05
C SER A 43 5.88 1.88 -11.39
N ASP A 44 6.89 2.73 -11.34
CA ASP A 44 7.73 3.01 -12.51
C ASP A 44 9.11 3.46 -12.03
N PRO A 45 10.02 2.51 -11.80
CA PRO A 45 11.36 2.81 -11.30
C PRO A 45 12.38 3.04 -12.41
N ARG A 46 12.64 4.31 -12.69
CA ARG A 46 13.69 4.66 -13.66
C ARG A 46 14.97 4.99 -12.89
N ARG A 47 14.78 5.49 -11.67
CA ARG A 47 15.91 5.79 -10.80
C ARG A 47 16.20 4.61 -9.89
N THR A 48 17.26 3.90 -10.21
CA THR A 48 17.67 2.70 -9.49
C THR A 48 16.67 1.56 -9.73
N PRO A 49 16.92 0.75 -10.76
CA PRO A 49 16.13 -0.45 -11.04
C PRO A 49 16.56 -1.62 -10.15
N GLU A 50 16.17 -2.83 -10.56
CA GLU A 50 16.54 -4.05 -9.84
C GLU A 50 15.89 -4.06 -8.45
N VAL A 51 14.77 -3.37 -8.34
CA VAL A 51 14.05 -3.26 -7.07
C VAL A 51 12.59 -2.89 -7.33
N SER A 52 11.68 -3.42 -6.50
CA SER A 52 10.24 -3.20 -6.67
C SER A 52 9.77 -3.63 -8.05
N ASP A 53 10.29 -4.79 -8.49
CA ASP A 53 9.98 -5.33 -9.80
C ASP A 53 8.50 -5.67 -9.88
N ASN A 54 8.00 -6.27 -8.80
CA ASN A 54 6.59 -6.64 -8.68
C ASN A 54 6.32 -7.03 -7.23
N PRO A 55 5.17 -6.61 -6.67
CA PRO A 55 4.83 -6.85 -5.24
C PRO A 55 4.51 -8.32 -4.92
N VAL A 56 5.31 -9.23 -5.45
CA VAL A 56 5.20 -10.64 -5.13
C VAL A 56 6.02 -10.94 -3.88
N MET A 57 5.42 -10.59 -2.75
CA MET A 57 6.06 -10.67 -1.43
C MET A 57 5.19 -9.94 -0.43
N ILE A 58 4.42 -8.99 -0.94
CA ILE A 58 3.66 -8.06 -0.12
C ILE A 58 2.51 -8.77 0.61
N ALA A 59 2.00 -9.84 0.01
CA ALA A 59 0.88 -10.57 0.59
C ALA A 59 1.30 -11.28 1.87
N GLU A 60 2.39 -12.03 1.79
CA GLU A 60 2.89 -12.79 2.92
C GLU A 60 3.48 -11.87 3.99
N LEU A 61 4.00 -10.73 3.55
CA LEU A 61 4.58 -9.74 4.45
C LEU A 61 3.54 -9.25 5.44
N LEU A 62 2.44 -8.72 4.91
CA LEU A 62 1.37 -8.17 5.74
C LEU A 62 0.73 -9.25 6.60
N ARG A 63 0.88 -10.51 6.20
CA ARG A 63 0.32 -11.63 6.95
C ARG A 63 1.12 -11.88 8.23
N GLU A 64 2.21 -11.15 8.40
CA GLU A 64 3.03 -11.25 9.60
C GLU A 64 2.46 -10.36 10.71
N PHE A 65 1.45 -9.57 10.37
CA PHE A 65 0.82 -8.69 11.35
C PHE A 65 -0.66 -9.04 11.49
N PRO A 66 -0.97 -10.10 12.27
CA PRO A 66 -2.33 -10.59 12.42
C PRO A 66 -3.10 -9.86 13.51
N GLN A 67 -2.95 -8.55 13.54
CA GLN A 67 -3.63 -7.72 14.53
C GLN A 67 -4.71 -6.89 13.86
N PHE A 68 -4.34 -6.20 12.81
CA PHE A 68 -5.26 -5.35 12.07
C PHE A 68 -5.84 -6.13 10.91
N ASP A 69 -6.91 -5.61 10.32
CA ASP A 69 -7.50 -6.26 9.15
C ASP A 69 -7.07 -5.50 7.91
N TRP A 70 -5.88 -5.81 7.41
CA TRP A 70 -5.27 -5.06 6.33
C TRP A 70 -5.98 -5.32 5.01
N GLN A 71 -6.00 -4.30 4.17
CA GLN A 71 -6.52 -4.44 2.81
C GLN A 71 -5.47 -3.95 1.82
N VAL A 72 -5.19 -4.74 0.80
CA VAL A 72 -4.22 -4.34 -0.21
C VAL A 72 -4.93 -3.65 -1.35
N ALA A 73 -4.66 -2.36 -1.51
CA ALA A 73 -5.30 -1.58 -2.55
C ALA A 73 -4.30 -1.13 -3.59
N VAL A 74 -4.71 -1.15 -4.84
CA VAL A 74 -3.88 -0.73 -5.93
C VAL A 74 -4.51 0.45 -6.67
N ALA A 75 -3.68 1.36 -7.10
CA ALA A 75 -4.17 2.54 -7.79
C ALA A 75 -3.71 2.53 -9.24
N ASP A 76 -4.52 3.15 -10.10
CA ASP A 76 -4.17 3.31 -11.50
C ASP A 76 -2.80 3.97 -11.66
N LEU A 77 -2.07 3.60 -12.71
CA LEU A 77 -0.70 4.05 -12.90
C LEU A 77 -0.60 5.58 -12.99
N GLU A 78 -1.63 6.21 -13.55
CA GLU A 78 -1.67 7.66 -13.63
C GLU A 78 -2.11 8.24 -12.29
N GLN A 79 -3.13 7.63 -11.68
CA GLN A 79 -3.70 8.12 -10.43
C GLN A 79 -2.69 8.05 -9.29
N SER A 80 -1.86 7.03 -9.33
CA SER A 80 -0.92 6.75 -8.24
C SER A 80 0.09 7.87 -8.03
N GLU A 81 0.39 8.63 -9.09
CA GLU A 81 1.28 9.77 -8.96
C GLU A 81 0.64 10.84 -8.07
N ALA A 82 -0.65 11.07 -8.29
CA ALA A 82 -1.41 12.06 -7.53
C ALA A 82 -1.53 11.65 -6.08
N ILE A 83 -1.64 10.35 -5.83
CA ILE A 83 -1.73 9.85 -4.46
C ILE A 83 -0.40 10.04 -3.74
N GLY A 84 0.70 9.73 -4.43
CA GLY A 84 2.01 9.95 -3.87
C GLY A 84 2.27 11.42 -3.62
N ASP A 85 1.71 12.26 -4.48
CA ASP A 85 1.81 13.70 -4.33
C ASP A 85 0.98 14.20 -3.15
N ARG A 86 -0.27 13.74 -3.07
CA ARG A 86 -1.20 14.17 -2.04
C ARG A 86 -0.61 14.01 -0.65
N PHE A 87 -0.02 12.85 -0.37
CA PHE A 87 0.53 12.58 0.94
C PHE A 87 1.98 13.05 1.05
N ASN A 88 2.51 13.58 -0.04
CA ASN A 88 3.90 14.06 -0.10
C ASN A 88 4.85 12.91 0.22
N VAL A 89 4.49 11.71 -0.23
CA VAL A 89 5.25 10.51 0.09
C VAL A 89 6.68 10.61 -0.46
N ARG A 90 6.80 10.58 -1.78
CA ARG A 90 8.07 10.74 -2.46
C ARG A 90 7.87 10.59 -3.97
N ARG A 91 8.93 10.26 -4.68
CA ARG A 91 8.86 10.17 -6.14
C ARG A 91 9.33 8.80 -6.62
N PHE A 92 9.12 7.78 -5.80
CA PHE A 92 9.49 6.42 -6.16
C PHE A 92 8.40 5.45 -5.72
N PRO A 93 8.33 4.25 -6.34
CA PRO A 93 7.33 3.23 -5.99
C PRO A 93 7.48 2.75 -4.55
N ALA A 94 6.39 2.86 -3.79
CA ALA A 94 6.38 2.46 -2.39
C ALA A 94 4.99 2.04 -1.96
N THR A 95 4.93 1.27 -0.89
CA THR A 95 3.66 0.87 -0.30
C THR A 95 3.33 1.77 0.88
N LEU A 96 2.09 2.20 0.98
CA LEU A 96 1.68 3.06 2.08
C LEU A 96 1.17 2.23 3.24
N VAL A 97 1.76 2.44 4.40
CA VAL A 97 1.33 1.74 5.60
C VAL A 97 0.34 2.58 6.38
N PHE A 98 -0.94 2.27 6.23
CA PHE A 98 -1.98 2.98 6.94
C PHE A 98 -2.50 2.14 8.09
N THR A 99 -2.69 2.78 9.22
CA THR A 99 -3.15 2.12 10.43
C THR A 99 -3.93 3.08 11.29
N ASP A 100 -5.05 2.61 11.84
CA ASP A 100 -5.96 3.41 12.67
C ASP A 100 -6.48 4.64 11.94
N GLY A 101 -6.33 4.63 10.62
CA GLY A 101 -6.72 5.78 9.82
C GLY A 101 -5.56 6.71 9.57
N LYS A 102 -4.45 6.50 10.28
CA LYS A 102 -3.29 7.37 10.11
C LYS A 102 -2.14 6.66 9.38
N LEU A 103 -1.37 7.44 8.64
CA LEU A 103 -0.24 6.93 7.88
C LEU A 103 0.98 6.80 8.78
N ARG A 104 1.69 5.70 8.67
CA ARG A 104 2.92 5.50 9.43
C ARG A 104 4.14 5.78 8.57
N GLY A 105 4.09 5.36 7.31
CA GLY A 105 5.20 5.58 6.40
C GLY A 105 5.09 4.73 5.15
N ALA A 106 6.17 4.66 4.40
CA ALA A 106 6.19 3.90 3.16
C ALA A 106 7.10 2.68 3.29
N LEU A 107 6.85 1.68 2.46
CA LEU A 107 7.64 0.45 2.47
C LEU A 107 7.98 0.05 1.04
N SER A 108 9.25 -0.18 0.77
CA SER A 108 9.70 -0.49 -0.58
C SER A 108 9.97 -1.99 -0.74
N GLY A 109 9.65 -2.53 -1.91
CA GLY A 109 9.89 -3.93 -2.17
C GLY A 109 11.32 -4.18 -2.58
N ILE A 110 12.15 -4.50 -1.59
CA ILE A 110 13.57 -4.71 -1.83
C ILE A 110 13.88 -6.17 -2.14
N HIS A 111 15.07 -6.42 -2.64
CA HIS A 111 15.50 -7.78 -2.97
C HIS A 111 16.06 -8.52 -1.75
N PRO A 112 17.04 -7.95 -1.01
CA PRO A 112 17.59 -8.59 0.18
C PRO A 112 16.57 -8.68 1.32
N TRP A 113 15.94 -9.84 1.46
CA TRP A 113 14.94 -10.05 2.49
C TRP A 113 15.60 -10.26 3.84
N ALA A 114 15.43 -9.30 4.72
CA ALA A 114 15.98 -9.33 6.07
C ALA A 114 15.67 -8.03 6.80
N GLU A 115 16.21 -6.94 6.26
CA GLU A 115 16.10 -5.63 6.89
C GLU A 115 14.67 -5.12 6.84
N LEU A 116 13.92 -5.55 5.83
CA LEU A 116 12.53 -5.15 5.65
C LEU A 116 11.73 -5.48 6.89
N LEU A 117 11.98 -6.66 7.45
CA LEU A 117 11.28 -7.12 8.64
C LEU A 117 11.49 -6.15 9.78
N THR A 118 12.75 -5.92 10.13
CA THR A 118 13.09 -5.04 11.24
C THR A 118 12.66 -3.60 10.98
N LEU A 119 12.81 -3.14 9.73
CA LEU A 119 12.49 -1.77 9.38
C LEU A 119 11.00 -1.53 9.51
N MET A 120 10.21 -2.39 8.90
CA MET A 120 8.75 -2.21 8.92
C MET A 120 8.20 -2.45 10.32
N ARG A 121 8.77 -3.40 11.05
CA ARG A 121 8.35 -3.69 12.40
C ARG A 121 8.60 -2.51 13.33
N SER A 122 9.69 -1.79 13.09
CA SER A 122 10.01 -0.59 13.86
C SER A 122 8.98 0.50 13.61
N ILE A 123 8.41 0.51 12.41
CA ILE A 123 7.41 1.50 12.02
C ILE A 123 6.04 1.13 12.59
N VAL A 124 5.65 -0.13 12.42
CA VAL A 124 4.32 -0.58 12.87
C VAL A 124 4.35 -0.94 14.36
N ASP A 125 5.47 -0.68 15.02
CA ASP A 125 5.61 -0.94 16.45
C ASP A 125 4.59 -0.15 17.25
N THR A 126 4.21 1.00 16.70
CA THR A 126 3.14 1.82 17.25
C THR A 126 3.54 2.49 18.57
N PRO A 127 3.88 3.77 18.51
CA PRO A 127 4.18 4.57 19.69
C PRO A 127 2.92 4.95 20.46
N ALA A 128 2.87 4.58 21.73
CA ALA A 128 1.73 4.87 22.59
C ALA A 128 0.48 4.12 22.13
N ALA A 129 -0.65 4.42 22.76
CA ALA A 129 -1.90 3.76 22.42
C ALA A 129 -2.89 4.73 21.79
N GLN A 130 -2.59 6.03 21.92
CA GLN A 130 -3.42 7.11 21.35
C GLN A 130 -4.71 7.30 22.17
N GLU A 131 -5.06 6.30 22.97
CA GLU A 131 -6.34 6.22 23.67
C GLU A 131 -7.46 5.94 22.68
N THR A 132 -8.55 5.36 23.17
CA THR A 132 -9.52 4.68 22.33
C THR A 132 -8.89 3.36 21.87
N VAL A 133 -9.43 2.25 22.34
CA VAL A 133 -8.74 0.96 22.22
C VAL A 133 -8.92 0.31 20.85
N GLN A 134 -9.94 0.74 20.10
CA GLN A 134 -10.30 0.11 18.82
C GLN A 134 -10.84 -1.31 19.01
N LEU A 135 -10.72 -1.83 20.22
CA LEU A 135 -11.28 -3.12 20.57
C LEU A 135 -12.77 -2.94 20.82
N GLU A 136 -13.51 -2.82 19.73
CA GLU A 136 -14.91 -2.45 19.80
C GLU A 136 -15.81 -3.68 19.92
N HIS A 137 -16.26 -3.96 21.16
CA HIS A 137 -17.29 -4.97 21.42
C HIS A 137 -16.79 -6.41 21.18
N HIS A 138 -15.58 -6.55 20.65
CA HIS A 138 -15.04 -7.85 20.19
C HIS A 138 -15.75 -8.28 18.92
N HIS A 139 -15.09 -9.12 18.12
CA HIS A 139 -15.67 -9.58 16.87
C HIS A 139 -16.89 -10.46 17.14
N HIS A 140 -18.04 -10.06 16.62
CA HIS A 140 -19.26 -10.82 16.80
C HIS A 140 -19.51 -11.67 15.56
N HIS A 141 -19.84 -12.93 15.77
CA HIS A 141 -20.07 -13.83 14.65
C HIS A 141 -21.06 -14.92 15.04
N HIS A 142 -21.96 -15.24 14.12
CA HIS A 142 -22.94 -16.29 14.33
C HIS A 142 -22.81 -17.31 13.21
N MET A 1 8.75 -11.32 -16.23
CA MET A 1 9.18 -12.27 -17.27
C MET A 1 8.70 -11.82 -18.65
N ALA A 2 7.40 -11.58 -18.75
CA ALA A 2 6.78 -11.22 -20.03
C ALA A 2 7.16 -9.80 -20.44
N ASN A 3 8.12 -9.70 -21.35
CA ASN A 3 8.50 -8.41 -21.92
C ASN A 3 7.56 -8.07 -23.07
N ASP A 4 6.85 -9.09 -23.54
CA ASP A 4 5.85 -8.92 -24.60
C ASP A 4 4.80 -7.91 -24.19
N THR A 5 4.46 -7.91 -22.90
CA THR A 5 3.50 -6.97 -22.33
C THR A 5 2.14 -7.04 -23.04
N PRO A 6 1.32 -8.04 -22.69
CA PRO A 6 0.00 -8.22 -23.25
C PRO A 6 -1.09 -7.57 -22.39
N PHE A 7 -1.47 -6.34 -22.75
CA PHE A 7 -2.46 -5.57 -22.01
C PHE A 7 -1.94 -5.27 -20.59
N SER A 8 -2.76 -4.63 -19.77
CA SER A 8 -2.41 -4.38 -18.38
C SER A 8 -2.58 -5.66 -17.56
N ALA A 9 -1.70 -6.62 -17.84
CA ALA A 9 -1.75 -7.93 -17.20
C ALA A 9 -1.56 -7.82 -15.69
N LEU A 10 -0.68 -6.92 -15.27
CA LEU A 10 -0.43 -6.71 -13.85
C LEU A 10 -1.70 -6.24 -13.16
N TRP A 11 -2.31 -5.21 -13.70
CA TRP A 11 -3.48 -4.59 -13.11
C TRP A 11 -4.65 -5.57 -13.02
N GLN A 12 -5.06 -6.10 -14.16
CA GLN A 12 -6.20 -7.02 -14.24
C GLN A 12 -6.04 -8.21 -13.28
N ARG A 13 -4.83 -8.73 -13.17
CA ARG A 13 -4.60 -9.90 -12.31
C ARG A 13 -4.67 -9.54 -10.82
N LEU A 14 -4.27 -8.33 -10.49
CA LEU A 14 -4.33 -7.86 -9.11
C LEU A 14 -5.78 -7.70 -8.69
N LEU A 15 -6.62 -7.35 -9.65
CA LEU A 15 -8.06 -7.27 -9.44
C LEU A 15 -8.60 -8.65 -9.07
N THR A 16 -8.13 -9.66 -9.79
CA THR A 16 -8.52 -11.04 -9.56
C THR A 16 -7.94 -11.56 -8.23
N ARG A 17 -6.82 -10.97 -7.82
CA ARG A 17 -6.17 -11.38 -6.57
C ARG A 17 -6.99 -10.91 -5.36
N GLY A 18 -7.79 -9.87 -5.55
CA GLY A 18 -8.71 -9.45 -4.51
C GLY A 18 -8.34 -8.13 -3.88
N TRP A 19 -7.65 -7.29 -4.62
CA TRP A 19 -7.27 -5.97 -4.12
C TRP A 19 -8.23 -4.91 -4.65
N GLN A 20 -8.50 -3.91 -3.82
CA GLN A 20 -9.49 -2.89 -4.14
C GLN A 20 -8.88 -1.80 -5.03
N PRO A 21 -9.48 -1.56 -6.21
CA PRO A 21 -9.05 -0.50 -7.11
C PRO A 21 -9.50 0.87 -6.59
N VAL A 22 -8.55 1.66 -6.10
CA VAL A 22 -8.87 2.93 -5.49
C VAL A 22 -8.44 4.11 -6.34
N GLU A 23 -9.10 5.24 -6.11
CA GLU A 23 -8.78 6.49 -6.79
C GLU A 23 -8.20 7.46 -5.78
N ALA A 24 -7.57 8.52 -6.24
CA ALA A 24 -6.99 9.53 -5.36
C ALA A 24 -8.07 10.18 -4.49
N SER A 25 -9.29 10.21 -5.01
CA SER A 25 -10.41 10.80 -4.30
C SER A 25 -10.92 9.87 -3.20
N THR A 26 -11.32 8.67 -3.59
CA THR A 26 -11.96 7.74 -2.68
C THR A 26 -10.95 7.07 -1.73
N VAL A 27 -9.67 7.08 -2.10
CA VAL A 27 -8.66 6.39 -1.29
C VAL A 27 -8.60 6.96 0.13
N ASP A 28 -8.78 8.28 0.24
CA ASP A 28 -8.75 8.95 1.55
C ASP A 28 -9.89 8.43 2.42
N ASP A 29 -11.07 8.34 1.82
CA ASP A 29 -12.26 7.88 2.53
C ASP A 29 -12.14 6.39 2.82
N TRP A 30 -11.59 5.65 1.86
CA TRP A 30 -11.36 4.21 2.02
C TRP A 30 -10.43 3.94 3.21
N ILE A 31 -9.33 4.67 3.27
CA ILE A 31 -8.38 4.55 4.38
C ILE A 31 -9.04 4.93 5.69
N LYS A 32 -9.82 6.00 5.66
CA LYS A 32 -10.58 6.46 6.82
C LYS A 32 -11.56 5.37 7.27
N ARG A 33 -12.03 4.58 6.31
CA ARG A 33 -13.03 3.56 6.56
C ARG A 33 -12.41 2.30 7.15
N VAL A 34 -11.32 1.85 6.56
CA VAL A 34 -10.66 0.63 7.01
C VAL A 34 -9.76 0.88 8.21
N GLY A 35 -9.15 2.06 8.23
CA GLY A 35 -8.26 2.40 9.31
C GLY A 35 -6.88 1.83 9.09
N ASP A 36 -6.82 0.53 8.91
CA ASP A 36 -5.56 -0.18 8.78
C ASP A 36 -5.51 -0.88 7.43
N GLY A 37 -4.39 -0.76 6.73
CA GLY A 37 -4.27 -1.40 5.44
C GLY A 37 -3.07 -0.90 4.66
N VAL A 38 -2.86 -1.47 3.48
CA VAL A 38 -1.73 -1.08 2.65
C VAL A 38 -2.19 -0.80 1.22
N ILE A 39 -1.61 0.23 0.63
CA ILE A 39 -1.92 0.60 -0.74
C ILE A 39 -0.70 0.39 -1.63
N LEU A 40 -0.88 -0.34 -2.71
CA LEU A 40 0.19 -0.60 -3.65
C LEU A 40 0.06 0.28 -4.89
N LEU A 41 1.13 0.95 -5.26
CA LEU A 41 1.15 1.77 -6.46
C LEU A 41 1.40 0.90 -7.69
N SER A 42 1.03 1.42 -8.86
CA SER A 42 1.20 0.69 -10.11
C SER A 42 2.66 0.29 -10.30
N SER A 43 2.91 -1.01 -10.30
CA SER A 43 4.27 -1.53 -10.34
C SER A 43 4.78 -1.62 -11.78
N ASP A 44 4.70 -0.51 -12.50
CA ASP A 44 5.21 -0.45 -13.86
C ASP A 44 6.72 -0.15 -13.85
N PRO A 45 7.16 0.92 -13.14
CA PRO A 45 8.59 1.14 -12.91
C PRO A 45 9.15 0.14 -11.90
N ARG A 46 10.35 -0.36 -12.15
CA ARG A 46 10.91 -1.43 -11.34
C ARG A 46 12.38 -1.18 -11.04
N ARG A 47 12.78 -1.40 -9.80
CA ARG A 47 14.18 -1.26 -9.41
C ARG A 47 15.00 -2.40 -10.02
N THR A 48 14.58 -3.63 -9.75
CA THR A 48 15.29 -4.79 -10.24
C THR A 48 14.50 -5.51 -11.32
N PRO A 49 15.16 -5.95 -12.40
CA PRO A 49 14.53 -6.70 -13.48
C PRO A 49 14.01 -8.07 -13.02
N GLU A 50 14.57 -8.57 -11.93
CA GLU A 50 14.15 -9.85 -11.38
C GLU A 50 13.15 -9.64 -10.25
N VAL A 51 12.07 -10.43 -10.27
CA VAL A 51 11.12 -10.54 -9.16
C VAL A 51 10.18 -9.33 -9.07
N SER A 52 10.66 -8.15 -9.44
CA SER A 52 9.91 -6.92 -9.28
C SER A 52 8.83 -6.77 -10.35
N ASP A 53 8.60 -7.83 -11.12
CA ASP A 53 7.56 -7.82 -12.15
C ASP A 53 6.18 -7.67 -11.55
N ASN A 54 5.82 -8.61 -10.67
CA ASN A 54 4.49 -8.65 -10.08
C ASN A 54 4.56 -8.67 -8.57
N PRO A 55 3.69 -7.89 -7.88
CA PRO A 55 3.61 -7.89 -6.43
C PRO A 55 2.86 -9.12 -5.90
N VAL A 56 3.61 -10.16 -5.57
CA VAL A 56 3.02 -11.40 -5.10
C VAL A 56 3.45 -11.69 -3.67
N MET A 57 4.62 -11.17 -3.30
CA MET A 57 5.21 -11.45 -1.98
C MET A 57 4.75 -10.46 -0.93
N ILE A 58 3.75 -9.67 -1.26
CA ILE A 58 3.18 -8.73 -0.31
C ILE A 58 2.17 -9.43 0.61
N ALA A 59 1.77 -10.63 0.20
CA ALA A 59 0.70 -11.36 0.86
C ALA A 59 1.15 -11.93 2.21
N GLU A 60 2.26 -12.66 2.21
CA GLU A 60 2.79 -13.27 3.42
C GLU A 60 3.19 -12.22 4.44
N LEU A 61 3.58 -11.05 3.95
CA LEU A 61 3.99 -9.95 4.82
C LEU A 61 2.89 -9.60 5.82
N LEU A 62 1.72 -9.30 5.29
CA LEU A 62 0.59 -8.88 6.12
C LEU A 62 0.17 -9.97 7.11
N ARG A 63 0.51 -11.23 6.81
CA ARG A 63 0.13 -12.34 7.67
C ARG A 63 0.97 -12.35 8.95
N GLU A 64 2.03 -11.54 8.97
CA GLU A 64 2.95 -11.53 10.10
C GLU A 64 2.49 -10.55 11.16
N PHE A 65 1.53 -9.70 10.82
CA PHE A 65 0.99 -8.74 11.76
C PHE A 65 -0.51 -9.01 12.00
N PRO A 66 -0.84 -10.03 12.80
CA PRO A 66 -2.22 -10.42 13.05
C PRO A 66 -2.83 -9.66 14.21
N GLN A 67 -2.57 -8.36 14.25
CA GLN A 67 -3.10 -7.50 15.29
C GLN A 67 -4.37 -6.81 14.81
N PHE A 68 -4.34 -6.36 13.56
CA PHE A 68 -5.46 -5.63 12.98
C PHE A 68 -6.03 -6.40 11.80
N ASP A 69 -7.07 -5.86 11.19
CA ASP A 69 -7.62 -6.40 9.96
C ASP A 69 -7.20 -5.53 8.80
N TRP A 70 -6.24 -6.02 8.02
CA TRP A 70 -5.67 -5.23 6.93
C TRP A 70 -6.38 -5.53 5.61
N GLN A 71 -6.54 -4.49 4.80
CA GLN A 71 -7.01 -4.64 3.44
C GLN A 71 -5.93 -4.16 2.48
N VAL A 72 -5.96 -4.64 1.25
CA VAL A 72 -4.98 -4.23 0.26
C VAL A 72 -5.66 -3.51 -0.90
N ALA A 73 -5.20 -2.31 -1.19
CA ALA A 73 -5.74 -1.53 -2.27
C ALA A 73 -4.68 -1.26 -3.32
N VAL A 74 -5.12 -1.04 -4.55
CA VAL A 74 -4.20 -0.80 -5.66
C VAL A 74 -4.58 0.44 -6.45
N ALA A 75 -3.58 1.12 -6.95
CA ALA A 75 -3.77 2.27 -7.81
C ALA A 75 -3.54 1.89 -9.27
N ASP A 76 -4.50 2.24 -10.13
CA ASP A 76 -4.48 1.90 -11.55
C ASP A 76 -3.13 2.20 -12.22
N LEU A 77 -2.93 3.44 -12.63
CA LEU A 77 -1.65 3.90 -13.16
C LEU A 77 -1.66 5.42 -13.21
N GLU A 78 -2.79 5.97 -13.62
CA GLU A 78 -3.02 7.40 -13.54
C GLU A 78 -3.15 7.81 -12.08
N GLN A 79 -3.88 6.99 -11.34
CA GLN A 79 -4.13 7.22 -9.92
C GLN A 79 -2.82 7.19 -9.12
N SER A 80 -1.87 6.37 -9.55
CA SER A 80 -0.61 6.23 -8.83
C SER A 80 0.15 7.56 -8.79
N GLU A 81 0.05 8.32 -9.87
CA GLU A 81 0.70 9.62 -9.97
C GLU A 81 0.13 10.56 -8.91
N ALA A 82 -1.19 10.64 -8.85
CA ALA A 82 -1.88 11.51 -7.91
C ALA A 82 -1.69 11.05 -6.47
N ILE A 83 -1.88 9.75 -6.24
CA ILE A 83 -1.76 9.18 -4.90
C ILE A 83 -0.34 9.35 -4.37
N GLY A 84 0.65 9.06 -5.20
CA GLY A 84 2.04 9.21 -4.80
C GLY A 84 2.38 10.63 -4.43
N ASP A 85 1.91 11.57 -5.24
CA ASP A 85 2.14 12.99 -5.01
C ASP A 85 1.41 13.45 -3.75
N ARG A 86 0.17 12.99 -3.58
CA ARG A 86 -0.67 13.39 -2.47
C ARG A 86 -0.05 13.00 -1.13
N PHE A 87 0.57 11.82 -1.07
CA PHE A 87 1.18 11.35 0.16
C PHE A 87 2.65 11.73 0.22
N ASN A 88 3.12 12.42 -0.81
CA ASN A 88 4.49 12.94 -0.85
C ASN A 88 5.50 11.81 -0.77
N VAL A 89 5.18 10.69 -1.40
CA VAL A 89 6.02 9.50 -1.34
C VAL A 89 6.94 9.45 -2.56
N ARG A 90 7.25 10.63 -3.10
CA ARG A 90 8.07 10.76 -4.30
C ARG A 90 7.34 10.17 -5.51
N ARG A 91 8.07 9.71 -6.51
CA ARG A 91 7.45 9.19 -7.71
C ARG A 91 7.99 7.79 -8.03
N PHE A 92 7.86 6.88 -7.08
CA PHE A 92 8.26 5.49 -7.28
C PHE A 92 7.30 4.55 -6.56
N PRO A 93 7.18 3.30 -7.04
CA PRO A 93 6.31 2.31 -6.40
C PRO A 93 6.73 1.98 -4.98
N ALA A 94 5.86 2.29 -4.04
CA ALA A 94 6.11 2.03 -2.63
C ALA A 94 4.81 1.63 -1.95
N THR A 95 4.92 0.74 -0.99
CA THR A 95 3.77 0.32 -0.23
C THR A 95 3.41 1.39 0.79
N LEU A 96 2.17 1.84 0.79
CA LEU A 96 1.73 2.81 1.78
C LEU A 96 1.18 2.08 2.99
N VAL A 97 1.73 2.37 4.14
CA VAL A 97 1.36 1.69 5.37
C VAL A 97 0.43 2.56 6.21
N PHE A 98 -0.85 2.22 6.21
CA PHE A 98 -1.82 2.99 6.94
C PHE A 98 -2.30 2.25 8.17
N THR A 99 -2.43 2.98 9.26
CA THR A 99 -2.90 2.43 10.52
C THR A 99 -3.64 3.51 11.31
N ASP A 100 -4.80 3.13 11.84
CA ASP A 100 -5.67 4.08 12.57
C ASP A 100 -6.19 5.17 11.64
N GLY A 101 -6.06 4.94 10.35
CA GLY A 101 -6.47 5.91 9.36
C GLY A 101 -5.38 6.93 9.09
N LYS A 102 -4.24 6.77 9.76
CA LYS A 102 -3.13 7.70 9.61
C LYS A 102 -1.96 7.01 8.92
N LEU A 103 -1.24 7.76 8.09
CA LEU A 103 -0.08 7.23 7.37
C LEU A 103 1.14 7.15 8.28
N ARG A 104 1.54 5.93 8.61
CA ARG A 104 2.71 5.71 9.44
C ARG A 104 3.98 5.88 8.62
N GLY A 105 3.94 5.42 7.38
CA GLY A 105 5.08 5.55 6.50
C GLY A 105 4.92 4.75 5.24
N ALA A 106 5.97 4.71 4.43
CA ALA A 106 5.95 3.98 3.18
C ALA A 106 6.99 2.87 3.22
N LEU A 107 6.90 1.94 2.27
CA LEU A 107 7.81 0.82 2.23
C LEU A 107 8.38 0.67 0.83
N SER A 108 9.60 1.14 0.65
CA SER A 108 10.31 0.97 -0.61
C SER A 108 11.10 -0.33 -0.59
N GLY A 109 11.36 -0.89 -1.76
CA GLY A 109 12.14 -2.10 -1.84
C GLY A 109 13.61 -1.82 -1.83
N ILE A 110 14.16 -1.58 -0.64
CA ILE A 110 15.61 -1.37 -0.50
C ILE A 110 16.34 -2.65 -0.88
N HIS A 111 15.84 -3.76 -0.36
CA HIS A 111 16.33 -5.09 -0.70
C HIS A 111 15.16 -6.04 -0.78
N PRO A 112 15.22 -7.08 -1.61
CA PRO A 112 14.15 -8.07 -1.73
C PRO A 112 13.93 -8.82 -0.42
N TRP A 113 12.87 -8.44 0.30
CA TRP A 113 12.53 -9.03 1.59
C TRP A 113 13.67 -8.81 2.61
N ALA A 114 13.59 -9.49 3.75
CA ALA A 114 14.59 -9.42 4.81
C ALA A 114 14.60 -8.04 5.48
N GLU A 115 15.12 -7.05 4.78
CA GLU A 115 15.24 -5.69 5.31
C GLU A 115 13.87 -5.10 5.59
N LEU A 116 12.89 -5.55 4.82
CA LEU A 116 11.51 -5.08 4.94
C LEU A 116 11.00 -5.27 6.37
N LEU A 117 11.25 -6.46 6.93
CA LEU A 117 10.75 -6.81 8.25
C LEU A 117 11.23 -5.81 9.29
N THR A 118 12.52 -5.50 9.24
CA THR A 118 13.13 -4.60 10.19
C THR A 118 12.66 -3.16 9.98
N LEU A 119 12.52 -2.76 8.71
CA LEU A 119 12.15 -1.39 8.37
C LEU A 119 10.68 -1.13 8.74
N MET A 120 9.79 -2.00 8.29
CA MET A 120 8.36 -1.84 8.53
C MET A 120 8.03 -2.05 10.01
N ARG A 121 8.90 -2.79 10.70
CA ARG A 121 8.73 -3.07 12.12
C ARG A 121 8.59 -1.76 12.90
N SER A 122 9.44 -0.80 12.58
CA SER A 122 9.40 0.50 13.26
C SER A 122 8.23 1.34 12.76
N ILE A 123 7.83 1.12 11.51
CA ILE A 123 6.72 1.87 10.92
C ILE A 123 5.42 1.57 11.66
N VAL A 124 5.13 0.30 11.89
CA VAL A 124 3.89 -0.11 12.52
C VAL A 124 4.05 -0.30 14.03
N ASP A 125 5.17 0.20 14.57
CA ASP A 125 5.49 0.02 15.98
C ASP A 125 4.40 0.60 16.87
N THR A 126 4.23 1.93 16.81
CA THR A 126 3.17 2.61 17.55
C THR A 126 3.41 2.59 19.07
N PRO A 127 3.66 3.77 19.66
CA PRO A 127 3.83 3.88 21.11
C PRO A 127 2.50 3.71 21.86
N ALA A 128 2.55 3.77 23.18
CA ALA A 128 1.35 3.53 23.99
C ALA A 128 0.48 4.79 24.05
N ALA A 129 -0.07 5.17 22.91
CA ALA A 129 -1.02 6.27 22.85
C ALA A 129 -2.43 5.74 23.01
N GLN A 130 -2.61 4.50 22.61
CA GLN A 130 -3.90 3.82 22.76
C GLN A 130 -3.81 2.73 23.82
N GLU A 131 -2.59 2.25 24.04
CA GLU A 131 -2.31 1.17 24.97
C GLU A 131 -3.03 -0.12 24.53
N THR A 132 -2.36 -0.89 23.70
CA THR A 132 -2.91 -2.13 23.20
C THR A 132 -2.51 -3.29 24.10
N VAL A 133 -3.50 -3.92 24.71
CA VAL A 133 -3.25 -5.03 25.61
C VAL A 133 -4.10 -6.25 25.22
N GLN A 134 -3.42 -7.34 24.90
CA GLN A 134 -4.06 -8.58 24.48
C GLN A 134 -4.82 -8.39 23.17
N LEU A 135 -4.10 -8.50 22.07
CA LEU A 135 -4.69 -8.33 20.74
C LEU A 135 -4.16 -9.41 19.80
N GLU A 136 -3.60 -10.46 20.38
CA GLU A 136 -3.01 -11.54 19.61
C GLU A 136 -4.08 -12.38 18.93
N HIS A 137 -4.24 -12.21 17.63
CA HIS A 137 -5.15 -13.04 16.86
C HIS A 137 -4.40 -14.24 16.30
N HIS A 138 -4.39 -15.32 17.07
CA HIS A 138 -3.64 -16.52 16.68
C HIS A 138 -4.38 -17.29 15.61
N HIS A 139 -3.72 -17.51 14.48
CA HIS A 139 -4.32 -18.25 13.38
C HIS A 139 -4.36 -19.74 13.70
N HIS A 140 -5.39 -20.43 13.21
CA HIS A 140 -5.53 -21.86 13.45
C HIS A 140 -4.81 -22.63 12.36
N HIS A 141 -5.18 -22.36 11.11
CA HIS A 141 -4.61 -23.03 9.95
C HIS A 141 -5.29 -22.51 8.70
N HIS A 142 -6.61 -22.59 8.72
CA HIS A 142 -7.44 -22.05 7.66
C HIS A 142 -8.87 -21.95 8.17
N MET A 1 3.34 8.16 -18.61
CA MET A 1 2.10 8.57 -19.31
C MET A 1 1.91 7.77 -20.59
N ALA A 2 0.65 7.54 -20.95
CA ALA A 2 0.26 6.84 -22.17
C ALA A 2 -1.25 6.88 -22.27
N ASN A 3 -1.88 6.36 -21.22
CA ASN A 3 -3.33 6.50 -21.02
C ASN A 3 -4.13 5.77 -22.09
N ASP A 4 -4.21 4.46 -21.93
CA ASP A 4 -5.06 3.63 -22.76
C ASP A 4 -5.76 2.63 -21.86
N THR A 5 -4.96 1.98 -21.02
CA THR A 5 -5.45 1.05 -20.00
C THR A 5 -6.29 -0.07 -20.61
N PRO A 6 -5.62 -1.07 -21.18
CA PRO A 6 -6.29 -2.24 -21.75
C PRO A 6 -6.66 -3.25 -20.67
N PHE A 7 -6.99 -4.47 -21.08
CA PHE A 7 -7.33 -5.55 -20.16
C PHE A 7 -6.27 -5.69 -19.07
N SER A 8 -5.01 -5.80 -19.49
CA SER A 8 -3.86 -5.87 -18.59
C SER A 8 -3.88 -7.16 -17.77
N ALA A 9 -3.01 -8.09 -18.15
CA ALA A 9 -2.96 -9.41 -17.53
C ALA A 9 -2.65 -9.32 -16.03
N LEU A 10 -1.64 -8.54 -15.69
CA LEU A 10 -1.23 -8.40 -14.29
C LEU A 10 -2.30 -7.69 -13.46
N TRP A 11 -2.99 -6.75 -14.09
CA TRP A 11 -3.96 -5.90 -13.41
C TRP A 11 -5.07 -6.72 -12.76
N GLN A 12 -5.78 -7.51 -13.56
CA GLN A 12 -6.86 -8.35 -13.06
C GLN A 12 -6.36 -9.25 -11.92
N ARG A 13 -5.17 -9.80 -12.08
CA ARG A 13 -4.61 -10.72 -11.09
C ARG A 13 -4.42 -10.02 -9.75
N LEU A 14 -4.20 -8.73 -9.79
CA LEU A 14 -4.06 -7.94 -8.57
C LEU A 14 -5.44 -7.77 -7.92
N LEU A 15 -6.43 -7.43 -8.73
CA LEU A 15 -7.79 -7.21 -8.25
C LEU A 15 -8.38 -8.50 -7.68
N THR A 16 -8.23 -9.59 -8.43
CA THR A 16 -8.76 -10.89 -8.03
C THR A 16 -8.14 -11.34 -6.70
N ARG A 17 -6.94 -10.84 -6.41
CA ARG A 17 -6.23 -11.20 -5.19
C ARG A 17 -6.92 -10.59 -3.97
N GLY A 18 -7.85 -9.67 -4.23
CA GLY A 18 -8.59 -9.04 -3.15
C GLY A 18 -8.16 -7.60 -2.94
N TRP A 19 -7.72 -6.96 -4.02
CA TRP A 19 -7.24 -5.58 -3.95
C TRP A 19 -8.24 -4.63 -4.59
N GLN A 20 -8.36 -3.44 -4.02
CA GLN A 20 -9.27 -2.44 -4.52
C GLN A 20 -8.51 -1.31 -5.20
N PRO A 21 -8.95 -0.89 -6.40
CA PRO A 21 -8.37 0.26 -7.09
C PRO A 21 -8.83 1.58 -6.46
N VAL A 22 -7.88 2.40 -6.04
CA VAL A 22 -8.20 3.66 -5.39
C VAL A 22 -7.85 4.85 -6.25
N GLU A 23 -8.49 5.98 -5.97
CA GLU A 23 -8.28 7.20 -6.72
C GLU A 23 -7.65 8.26 -5.80
N ALA A 24 -7.19 9.35 -6.37
CA ALA A 24 -6.53 10.39 -5.60
C ALA A 24 -7.51 11.06 -4.64
N SER A 25 -8.75 11.22 -5.08
CA SER A 25 -9.79 11.86 -4.28
C SER A 25 -10.69 10.83 -3.62
N THR A 26 -10.38 9.55 -3.79
CA THR A 26 -11.19 8.49 -3.23
C THR A 26 -10.39 7.68 -2.19
N VAL A 27 -9.07 7.77 -2.26
CA VAL A 27 -8.21 6.99 -1.37
C VAL A 27 -8.45 7.36 0.10
N ASP A 28 -8.70 8.64 0.37
CA ASP A 28 -8.91 9.11 1.73
C ASP A 28 -10.19 8.52 2.32
N ASP A 29 -11.14 8.25 1.44
CA ASP A 29 -12.41 7.63 1.84
C ASP A 29 -12.20 6.16 2.15
N TRP A 30 -11.35 5.52 1.35
CA TRP A 30 -11.02 4.10 1.54
C TRP A 30 -10.26 3.91 2.85
N ILE A 31 -9.31 4.81 3.11
CA ILE A 31 -8.54 4.78 4.35
C ILE A 31 -9.47 4.84 5.56
N LYS A 32 -10.42 5.75 5.52
CA LYS A 32 -11.41 5.92 6.58
C LYS A 32 -12.29 4.66 6.71
N ARG A 33 -12.45 3.95 5.62
CA ARG A 33 -13.31 2.78 5.58
C ARG A 33 -12.62 1.58 6.21
N VAL A 34 -11.36 1.38 5.87
CA VAL A 34 -10.61 0.23 6.35
C VAL A 34 -9.96 0.47 7.72
N GLY A 35 -9.39 1.65 7.90
CA GLY A 35 -8.68 1.93 9.14
C GLY A 35 -7.23 1.50 9.06
N ASP A 36 -7.04 0.23 8.72
CA ASP A 36 -5.71 -0.34 8.59
C ASP A 36 -5.56 -0.96 7.21
N GLY A 37 -4.39 -0.81 6.61
CA GLY A 37 -4.16 -1.38 5.30
C GLY A 37 -2.94 -0.80 4.62
N VAL A 38 -2.68 -1.24 3.40
CA VAL A 38 -1.53 -0.78 2.65
C VAL A 38 -1.92 -0.38 1.23
N ILE A 39 -1.34 0.70 0.74
CA ILE A 39 -1.60 1.18 -0.60
C ILE A 39 -0.36 0.98 -1.47
N LEU A 40 -0.54 0.29 -2.58
CA LEU A 40 0.54 0.05 -3.53
C LEU A 40 0.43 0.99 -4.71
N LEU A 41 1.48 1.78 -4.93
CA LEU A 41 1.55 2.62 -6.11
C LEU A 41 1.92 1.77 -7.33
N SER A 42 1.62 2.27 -8.51
CA SER A 42 1.96 1.57 -9.75
C SER A 42 3.45 1.21 -9.76
N SER A 43 3.73 -0.08 -9.71
CA SER A 43 5.10 -0.54 -9.65
C SER A 43 5.72 -0.53 -11.05
N ASP A 44 6.40 0.56 -11.36
CA ASP A 44 7.06 0.71 -12.65
C ASP A 44 8.43 0.05 -12.59
N PRO A 45 8.65 -0.98 -13.43
CA PRO A 45 9.92 -1.71 -13.46
C PRO A 45 11.09 -0.82 -13.89
N ARG A 46 11.65 -0.12 -12.91
CA ARG A 46 12.77 0.76 -13.15
C ARG A 46 13.92 0.42 -12.21
N ARG A 47 13.77 -0.69 -11.48
CA ARG A 47 14.82 -1.14 -10.57
C ARG A 47 15.94 -1.77 -11.39
N THR A 48 15.61 -2.89 -12.02
CA THR A 48 16.54 -3.62 -12.83
C THR A 48 15.78 -4.54 -13.80
N PRO A 49 16.32 -4.75 -15.01
CA PRO A 49 15.72 -5.67 -15.98
C PRO A 49 15.81 -7.12 -15.53
N GLU A 50 16.62 -7.36 -14.49
CA GLU A 50 16.78 -8.69 -13.92
C GLU A 50 15.56 -9.05 -13.07
N VAL A 51 15.36 -8.28 -12.02
CA VAL A 51 14.27 -8.51 -11.09
C VAL A 51 13.25 -7.38 -11.21
N SER A 52 12.11 -7.68 -11.82
CA SER A 52 11.04 -6.71 -11.95
C SER A 52 10.29 -6.60 -10.62
N ASP A 53 10.03 -5.38 -10.19
CA ASP A 53 9.33 -5.15 -8.93
C ASP A 53 7.85 -5.42 -9.09
N ASN A 54 7.48 -6.68 -8.96
CA ASN A 54 6.09 -7.09 -9.04
C ASN A 54 5.49 -7.19 -7.64
N PRO A 55 4.25 -6.73 -7.46
CA PRO A 55 3.53 -6.83 -6.18
C PRO A 55 3.06 -8.26 -5.88
N VAL A 56 3.96 -9.21 -6.10
CA VAL A 56 3.65 -10.62 -5.92
C VAL A 56 4.17 -11.13 -4.58
N MET A 57 4.98 -10.31 -3.95
CA MET A 57 5.66 -10.70 -2.71
C MET A 57 5.11 -9.92 -1.52
N ILE A 58 4.08 -9.12 -1.76
CA ILE A 58 3.51 -8.30 -0.71
C ILE A 58 2.55 -9.13 0.15
N ALA A 59 2.07 -10.24 -0.40
CA ALA A 59 1.09 -11.07 0.28
C ALA A 59 1.70 -11.76 1.49
N GLU A 60 2.86 -12.40 1.29
CA GLU A 60 3.58 -13.06 2.36
C GLU A 60 3.96 -12.07 3.46
N LEU A 61 4.16 -10.83 3.08
CA LEU A 61 4.48 -9.77 4.04
C LEU A 61 3.28 -9.47 4.91
N LEU A 62 2.18 -9.10 4.27
CA LEU A 62 0.97 -8.68 4.98
C LEU A 62 0.41 -9.80 5.86
N ARG A 63 0.51 -11.03 5.37
CA ARG A 63 -0.05 -12.19 6.07
C ARG A 63 0.79 -12.56 7.30
N GLU A 64 1.83 -11.79 7.58
CA GLU A 64 2.68 -12.06 8.73
C GLU A 64 2.17 -11.33 9.97
N PHE A 65 1.29 -10.37 9.77
CA PHE A 65 0.78 -9.58 10.87
C PHE A 65 -0.72 -9.82 11.06
N PRO A 66 -1.10 -10.89 11.77
CA PRO A 66 -2.50 -11.25 11.99
C PRO A 66 -3.10 -10.55 13.19
N GLN A 67 -2.79 -9.27 13.33
CA GLN A 67 -3.32 -8.47 14.42
C GLN A 67 -4.48 -7.62 13.93
N PHE A 68 -4.30 -7.01 12.77
CA PHE A 68 -5.33 -6.20 12.16
C PHE A 68 -5.90 -6.90 10.94
N ASP A 69 -6.96 -6.35 10.38
CA ASP A 69 -7.51 -6.87 9.14
C ASP A 69 -7.05 -6.00 7.98
N TRP A 70 -5.94 -6.40 7.37
CA TRP A 70 -5.33 -5.59 6.33
C TRP A 70 -6.01 -5.82 5.00
N GLN A 71 -6.23 -4.74 4.29
CA GLN A 71 -6.67 -4.78 2.92
C GLN A 71 -5.66 -4.06 2.05
N VAL A 72 -5.50 -4.50 0.82
CA VAL A 72 -4.53 -3.88 -0.06
C VAL A 72 -5.24 -3.09 -1.14
N ALA A 73 -4.78 -1.86 -1.33
CA ALA A 73 -5.33 -1.00 -2.37
C ALA A 73 -4.27 -0.72 -3.42
N VAL A 74 -4.71 -0.56 -4.65
CA VAL A 74 -3.79 -0.27 -5.74
C VAL A 74 -4.12 1.08 -6.38
N ALA A 75 -3.09 1.84 -6.67
CA ALA A 75 -3.25 3.16 -7.25
C ALA A 75 -3.31 3.09 -8.77
N ASP A 76 -3.57 1.89 -9.29
CA ASP A 76 -3.70 1.65 -10.72
C ASP A 76 -2.39 1.99 -11.45
N LEU A 77 -2.38 3.09 -12.19
CA LEU A 77 -1.18 3.57 -12.86
C LEU A 77 -1.23 5.08 -12.94
N GLU A 78 -2.29 5.57 -13.57
CA GLU A 78 -2.48 7.01 -13.78
C GLU A 78 -2.57 7.74 -12.43
N GLN A 79 -3.42 7.22 -11.56
CA GLN A 79 -3.70 7.84 -10.27
C GLN A 79 -2.48 7.79 -9.35
N SER A 80 -1.59 6.83 -9.58
CA SER A 80 -0.44 6.60 -8.71
C SER A 80 0.39 7.86 -8.51
N GLU A 81 0.58 8.65 -9.57
CA GLU A 81 1.37 9.86 -9.47
C GLU A 81 0.65 10.90 -8.61
N ALA A 82 -0.66 11.00 -8.80
CA ALA A 82 -1.48 11.93 -8.03
C ALA A 82 -1.55 11.51 -6.57
N ILE A 83 -1.71 10.21 -6.34
CA ILE A 83 -1.77 9.67 -4.99
C ILE A 83 -0.41 9.82 -4.30
N GLY A 84 0.66 9.58 -5.06
CA GLY A 84 1.99 9.81 -4.54
C GLY A 84 2.23 11.27 -4.22
N ASP A 85 1.69 12.14 -5.06
CA ASP A 85 1.73 13.59 -4.82
C ASP A 85 0.97 13.95 -3.55
N ARG A 86 -0.12 13.25 -3.34
CA ARG A 86 -0.99 13.50 -2.19
C ARG A 86 -0.29 13.14 -0.87
N PHE A 87 0.51 12.08 -0.91
CA PHE A 87 1.22 11.64 0.29
C PHE A 87 2.65 12.14 0.30
N ASN A 88 3.03 12.84 -0.77
CA ASN A 88 4.37 13.43 -0.90
C ASN A 88 5.44 12.34 -1.02
N VAL A 89 5.03 11.20 -1.55
CA VAL A 89 5.92 10.06 -1.74
C VAL A 89 5.82 9.56 -3.17
N ARG A 90 6.88 9.72 -3.94
CA ARG A 90 6.86 9.38 -5.36
C ARG A 90 8.26 9.09 -5.88
N ARG A 91 8.38 9.05 -7.22
CA ARG A 91 9.64 8.73 -7.92
C ARG A 91 9.94 7.24 -7.82
N PHE A 92 9.89 6.70 -6.62
CA PHE A 92 10.07 5.27 -6.42
C PHE A 92 8.77 4.67 -5.89
N PRO A 93 8.21 3.66 -6.58
CA PRO A 93 7.00 2.97 -6.15
C PRO A 93 7.16 2.38 -4.75
N ALA A 94 6.29 2.78 -3.84
CA ALA A 94 6.41 2.41 -2.45
C ALA A 94 5.06 2.05 -1.85
N THR A 95 5.09 1.22 -0.83
CA THR A 95 3.90 0.86 -0.09
C THR A 95 3.60 1.91 0.97
N LEU A 96 2.39 2.42 0.97
CA LEU A 96 1.95 3.33 2.02
C LEU A 96 1.27 2.53 3.12
N VAL A 97 1.76 2.68 4.32
CA VAL A 97 1.26 1.89 5.44
C VAL A 97 0.31 2.70 6.31
N PHE A 98 -0.94 2.27 6.38
CA PHE A 98 -1.95 2.95 7.16
C PHE A 98 -2.43 2.07 8.31
N THR A 99 -2.55 2.69 9.48
CA THR A 99 -3.07 2.04 10.66
C THR A 99 -3.76 3.06 11.55
N ASP A 100 -4.91 2.68 12.11
CA ASP A 100 -5.72 3.58 12.92
C ASP A 100 -6.19 4.77 12.09
N GLY A 101 -6.25 4.59 10.77
CA GLY A 101 -6.59 5.68 9.88
C GLY A 101 -5.48 6.71 9.78
N LYS A 102 -4.30 6.34 10.22
CA LYS A 102 -3.16 7.24 10.22
C LYS A 102 -2.04 6.68 9.34
N LEU A 103 -1.33 7.58 8.67
CA LEU A 103 -0.21 7.19 7.83
C LEU A 103 1.06 7.11 8.67
N ARG A 104 1.67 5.93 8.66
CA ARG A 104 2.91 5.73 9.39
C ARG A 104 4.09 6.16 8.53
N GLY A 105 3.93 5.98 7.23
CA GLY A 105 4.96 6.36 6.28
C GLY A 105 4.98 5.45 5.08
N ALA A 106 6.01 5.56 4.27
CA ALA A 106 6.17 4.71 3.10
C ALA A 106 7.25 3.67 3.34
N LEU A 107 7.34 2.69 2.46
CA LEU A 107 8.34 1.65 2.59
C LEU A 107 9.60 2.05 1.83
N SER A 108 9.41 2.65 0.67
CA SER A 108 10.51 3.07 -0.20
C SER A 108 11.42 1.87 -0.53
N GLY A 109 10.82 0.69 -0.57
CA GLY A 109 11.56 -0.53 -0.83
C GLY A 109 12.22 -0.54 -2.19
N ILE A 110 13.53 -0.44 -2.21
CA ILE A 110 14.30 -0.54 -3.44
C ILE A 110 15.06 -1.87 -3.45
N HIS A 111 15.07 -2.52 -2.30
CA HIS A 111 15.69 -3.83 -2.14
C HIS A 111 14.59 -4.88 -1.99
N PRO A 112 14.68 -5.99 -2.72
CA PRO A 112 13.61 -7.00 -2.80
C PRO A 112 13.05 -7.44 -1.45
N TRP A 113 13.80 -8.23 -0.70
CA TRP A 113 13.35 -8.70 0.59
C TRP A 113 14.50 -8.89 1.56
N ALA A 114 14.45 -8.16 2.66
CA ALA A 114 15.42 -8.24 3.75
C ALA A 114 15.08 -7.24 4.82
N GLU A 115 15.27 -5.97 4.49
CA GLU A 115 15.03 -4.87 5.42
C GLU A 115 13.54 -4.61 5.61
N LEU A 116 12.74 -5.15 4.68
CA LEU A 116 11.30 -4.95 4.69
C LEU A 116 10.71 -5.45 6.00
N LEU A 117 11.21 -6.58 6.50
CA LEU A 117 10.75 -7.12 7.77
C LEU A 117 11.06 -6.14 8.89
N THR A 118 12.30 -5.69 8.94
CA THR A 118 12.74 -4.74 9.96
C THR A 118 11.90 -3.46 9.92
N LEU A 119 11.75 -2.89 8.73
CA LEU A 119 10.99 -1.66 8.55
C LEU A 119 9.54 -1.85 8.97
N MET A 120 8.91 -2.91 8.47
CA MET A 120 7.52 -3.19 8.80
C MET A 120 7.32 -3.37 10.31
N ARG A 121 8.27 -4.05 10.95
CA ARG A 121 8.21 -4.27 12.38
C ARG A 121 8.29 -2.96 13.15
N SER A 122 9.14 -2.07 12.68
CA SER A 122 9.26 -0.74 13.26
C SER A 122 7.97 0.05 13.07
N ILE A 123 7.26 -0.22 11.97
CA ILE A 123 6.01 0.47 11.66
C ILE A 123 4.85 -0.07 12.50
N VAL A 124 4.73 -1.40 12.57
CA VAL A 124 3.64 -2.03 13.31
C VAL A 124 3.89 -1.95 14.82
N ASP A 125 5.00 -1.35 15.20
CA ASP A 125 5.31 -1.12 16.60
C ASP A 125 4.33 -0.11 17.19
N THR A 126 4.11 0.97 16.43
CA THR A 126 3.10 2.01 16.73
C THR A 126 3.32 2.70 18.07
N PRO A 127 2.71 3.88 18.28
CA PRO A 127 2.75 4.59 19.57
C PRO A 127 2.00 3.84 20.66
N ALA A 128 1.20 2.85 20.26
CA ALA A 128 0.47 1.98 21.17
C ALA A 128 -0.52 2.76 22.05
N ALA A 129 -1.78 2.79 21.62
CA ALA A 129 -2.84 3.50 22.35
C ALA A 129 -2.46 4.95 22.61
N GLN A 130 -2.56 5.77 21.59
CA GLN A 130 -2.17 7.16 21.69
C GLN A 130 -3.35 8.07 21.34
N GLU A 131 -3.64 8.18 20.05
CA GLU A 131 -4.76 8.97 19.59
C GLU A 131 -5.40 8.32 18.37
N THR A 132 -6.50 7.63 18.60
CA THR A 132 -7.26 6.99 17.54
C THR A 132 -8.73 7.34 17.67
N VAL A 133 -9.20 8.27 16.85
CA VAL A 133 -10.59 8.69 16.86
C VAL A 133 -11.47 7.64 16.18
N GLN A 134 -12.72 7.55 16.60
CA GLN A 134 -13.64 6.57 16.06
C GLN A 134 -15.04 7.13 15.97
N LEU A 135 -15.36 7.74 14.83
CA LEU A 135 -16.70 8.26 14.54
C LEU A 135 -17.07 9.39 15.53
N GLU A 136 -16.92 10.62 15.08
CA GLU A 136 -17.30 11.77 15.90
C GLU A 136 -18.71 12.22 15.57
N HIS A 137 -18.85 12.90 14.43
CA HIS A 137 -20.14 13.39 13.98
C HIS A 137 -20.53 12.67 12.69
N HIS A 138 -19.75 11.66 12.35
CA HIS A 138 -19.95 10.89 11.12
C HIS A 138 -21.33 10.22 11.13
N HIS A 139 -22.20 10.65 10.24
CA HIS A 139 -23.54 10.09 10.12
C HIS A 139 -23.49 8.73 9.43
N HIS A 140 -24.29 7.81 9.93
CA HIS A 140 -24.36 6.46 9.38
C HIS A 140 -25.05 6.45 8.04
N HIS A 141 -24.34 6.01 7.01
CA HIS A 141 -24.90 5.94 5.67
C HIS A 141 -25.03 4.48 5.24
N HIS A 142 -26.08 4.17 4.50
CA HIS A 142 -26.25 2.84 3.93
C HIS A 142 -25.65 2.84 2.54
N MET A 1 -17.49 -0.29 -2.24
CA MET A 1 -17.05 -0.24 -3.66
C MET A 1 -16.06 0.90 -3.87
N ALA A 2 -15.28 0.80 -4.94
CA ALA A 2 -14.40 1.88 -5.34
C ALA A 2 -14.73 2.32 -6.75
N ASN A 3 -14.72 1.36 -7.68
CA ASN A 3 -15.12 1.59 -9.06
C ASN A 3 -15.20 0.26 -9.82
N ASP A 4 -14.18 -0.57 -9.63
CA ASP A 4 -14.13 -1.93 -10.20
C ASP A 4 -13.99 -1.91 -11.72
N THR A 5 -12.82 -2.31 -12.19
CA THR A 5 -12.56 -2.37 -13.61
C THR A 5 -12.80 -3.80 -14.13
N PRO A 6 -13.76 -3.96 -15.06
CA PRO A 6 -14.09 -5.26 -15.63
C PRO A 6 -13.19 -5.62 -16.82
N PHE A 7 -12.37 -4.67 -17.24
CA PHE A 7 -11.49 -4.86 -18.38
C PHE A 7 -10.04 -4.58 -17.99
N SER A 8 -9.15 -4.62 -18.98
CA SER A 8 -7.71 -4.43 -18.75
C SER A 8 -7.17 -5.59 -17.92
N ALA A 9 -6.80 -6.67 -18.61
CA ALA A 9 -6.37 -7.90 -17.95
C ALA A 9 -5.11 -7.68 -17.11
N LEU A 10 -4.20 -6.87 -17.65
CA LEU A 10 -2.95 -6.57 -16.97
C LEU A 10 -3.21 -5.85 -15.64
N TRP A 11 -4.31 -5.11 -15.61
CA TRP A 11 -4.72 -4.39 -14.41
C TRP A 11 -5.56 -5.28 -13.50
N GLN A 12 -6.62 -5.87 -14.05
CA GLN A 12 -7.59 -6.65 -13.28
C GLN A 12 -6.95 -7.83 -12.55
N ARG A 13 -5.83 -8.33 -13.08
CA ARG A 13 -5.12 -9.46 -12.47
C ARG A 13 -4.71 -9.16 -11.03
N LEU A 14 -4.46 -7.88 -10.73
CA LEU A 14 -4.10 -7.48 -9.36
C LEU A 14 -5.32 -7.52 -8.47
N LEU A 15 -6.47 -7.22 -9.04
CA LEU A 15 -7.73 -7.15 -8.29
C LEU A 15 -8.13 -8.55 -7.84
N THR A 16 -7.85 -9.53 -8.70
CA THR A 16 -8.14 -10.92 -8.42
C THR A 16 -7.38 -11.42 -7.19
N ARG A 17 -6.25 -10.79 -6.89
CA ARG A 17 -5.41 -11.18 -5.78
C ARG A 17 -6.02 -10.72 -4.44
N GLY A 18 -7.13 -9.98 -4.53
CA GLY A 18 -7.78 -9.49 -3.33
C GLY A 18 -7.48 -8.03 -3.08
N TRP A 19 -6.86 -7.39 -4.08
CA TRP A 19 -6.46 -6.01 -3.96
C TRP A 19 -7.49 -5.08 -4.58
N GLN A 20 -7.87 -4.05 -3.86
CA GLN A 20 -8.91 -3.14 -4.29
C GLN A 20 -8.39 -2.12 -5.29
N PRO A 21 -9.14 -1.89 -6.37
CA PRO A 21 -8.78 -0.88 -7.37
C PRO A 21 -9.17 0.52 -6.92
N VAL A 22 -8.20 1.28 -6.43
CA VAL A 22 -8.49 2.61 -5.92
C VAL A 22 -8.17 3.67 -6.93
N GLU A 23 -8.71 4.83 -6.66
CA GLU A 23 -8.64 5.94 -7.59
C GLU A 23 -7.90 7.10 -6.95
N ALA A 24 -8.03 8.27 -7.54
CA ALA A 24 -7.37 9.46 -7.02
C ALA A 24 -8.25 10.14 -5.98
N SER A 25 -9.56 9.99 -6.16
CA SER A 25 -10.51 10.58 -5.25
C SER A 25 -10.96 9.58 -4.18
N THR A 26 -11.35 8.38 -4.62
CA THR A 26 -11.92 7.39 -3.70
C THR A 26 -10.89 6.78 -2.76
N VAL A 27 -9.61 7.00 -3.06
CA VAL A 27 -8.54 6.46 -2.22
C VAL A 27 -8.61 7.04 -0.81
N ASP A 28 -9.10 8.28 -0.71
CA ASP A 28 -9.21 8.96 0.58
C ASP A 28 -10.25 8.27 1.44
N ASP A 29 -11.40 7.97 0.84
CA ASP A 29 -12.50 7.35 1.55
C ASP A 29 -12.16 5.91 1.91
N TRP A 30 -11.45 5.24 1.01
CA TRP A 30 -11.03 3.86 1.25
C TRP A 30 -10.24 3.75 2.55
N ILE A 31 -9.25 4.63 2.71
CA ILE A 31 -8.41 4.65 3.91
C ILE A 31 -9.26 4.91 5.14
N LYS A 32 -10.16 5.88 5.03
CA LYS A 32 -11.07 6.22 6.12
C LYS A 32 -11.92 5.02 6.51
N ARG A 33 -12.31 4.24 5.52
CA ARG A 33 -13.24 3.14 5.70
C ARG A 33 -12.56 1.95 6.37
N VAL A 34 -11.39 1.60 5.87
CA VAL A 34 -10.69 0.41 6.33
C VAL A 34 -9.87 0.67 7.58
N GLY A 35 -9.25 1.85 7.66
CA GLY A 35 -8.40 2.18 8.80
C GLY A 35 -7.02 1.60 8.65
N ASP A 36 -6.96 0.30 8.41
CA ASP A 36 -5.71 -0.41 8.28
C ASP A 36 -5.57 -0.96 6.87
N GLY A 37 -4.49 -0.60 6.19
CA GLY A 37 -4.30 -1.05 4.84
C GLY A 37 -3.05 -0.45 4.20
N VAL A 38 -2.73 -0.92 3.01
CA VAL A 38 -1.55 -0.43 2.31
C VAL A 38 -1.88 -0.09 0.86
N ILE A 39 -1.31 1.00 0.37
CA ILE A 39 -1.50 1.41 -1.01
C ILE A 39 -0.25 1.11 -1.82
N LEU A 40 -0.42 0.36 -2.91
CA LEU A 40 0.68 0.05 -3.80
C LEU A 40 0.62 0.92 -5.04
N LEU A 41 1.72 1.58 -5.36
CA LEU A 41 1.81 2.33 -6.60
C LEU A 41 2.14 1.39 -7.74
N SER A 42 1.75 1.77 -8.95
CA SER A 42 2.01 0.97 -10.13
C SER A 42 3.48 0.62 -10.24
N SER A 43 3.77 -0.66 -10.39
CA SER A 43 5.13 -1.17 -10.49
C SER A 43 5.90 -0.46 -11.60
N ASP A 44 6.73 0.49 -11.21
CA ASP A 44 7.58 1.22 -12.14
C ASP A 44 8.94 1.41 -11.50
N PRO A 45 10.01 1.00 -12.19
CA PRO A 45 11.38 1.05 -11.66
C PRO A 45 11.79 2.46 -11.22
N ARG A 46 11.45 3.45 -12.05
CA ARG A 46 11.80 4.85 -11.80
C ARG A 46 13.28 5.01 -11.48
N ARG A 47 14.09 5.15 -12.53
CA ARG A 47 15.54 5.36 -12.43
C ARG A 47 16.28 4.08 -12.06
N THR A 48 15.97 3.53 -10.88
CA THR A 48 16.70 2.38 -10.38
C THR A 48 15.76 1.22 -10.07
N PRO A 49 15.95 0.07 -10.74
CA PRO A 49 15.17 -1.14 -10.53
C PRO A 49 15.62 -1.91 -9.28
N GLU A 50 16.39 -1.23 -8.43
CA GLU A 50 16.86 -1.80 -7.18
C GLU A 50 15.67 -2.17 -6.30
N VAL A 51 15.74 -3.36 -5.68
CA VAL A 51 14.64 -3.91 -4.88
C VAL A 51 13.57 -4.53 -5.80
N SER A 52 13.46 -3.96 -7.00
CA SER A 52 12.63 -4.49 -8.08
C SER A 52 11.14 -4.21 -7.86
N ASP A 53 10.42 -5.15 -7.26
CA ASP A 53 8.96 -5.08 -7.19
C ASP A 53 8.41 -6.25 -6.38
N ASN A 54 8.27 -7.41 -7.04
CA ASN A 54 7.83 -8.65 -6.39
C ASN A 54 6.52 -8.47 -5.63
N PRO A 55 5.39 -8.35 -6.34
CA PRO A 55 4.08 -8.11 -5.72
C PRO A 55 3.47 -9.37 -5.12
N VAL A 56 4.21 -10.46 -5.21
CA VAL A 56 3.77 -11.72 -4.61
C VAL A 56 4.51 -11.94 -3.28
N MET A 57 5.65 -11.27 -3.14
CA MET A 57 6.45 -11.40 -1.93
C MET A 57 5.90 -10.52 -0.82
N ILE A 58 5.16 -9.48 -1.23
CA ILE A 58 4.58 -8.54 -0.28
C ILE A 58 3.51 -9.22 0.58
N ALA A 59 3.00 -10.34 0.11
CA ALA A 59 2.01 -11.11 0.85
C ALA A 59 2.59 -11.57 2.20
N GLU A 60 3.81 -12.09 2.14
CA GLU A 60 4.51 -12.55 3.35
C GLU A 60 4.79 -11.37 4.28
N LEU A 61 4.98 -10.19 3.69
CA LEU A 61 5.25 -8.98 4.46
C LEU A 61 4.09 -8.69 5.40
N LEU A 62 2.89 -8.57 4.84
CA LEU A 62 1.71 -8.21 5.62
C LEU A 62 1.30 -9.34 6.57
N ARG A 63 1.64 -10.57 6.22
CA ARG A 63 1.32 -11.73 7.05
C ARG A 63 2.12 -11.72 8.35
N GLU A 64 3.14 -10.86 8.41
CA GLU A 64 3.96 -10.77 9.60
C GLU A 64 3.29 -9.87 10.63
N PHE A 65 2.22 -9.20 10.19
CA PHE A 65 1.44 -8.35 11.08
C PHE A 65 0.01 -8.89 11.19
N PRO A 66 -0.21 -9.91 12.03
CA PRO A 66 -1.51 -10.54 12.18
C PRO A 66 -2.41 -9.78 13.15
N GLN A 67 -2.00 -8.57 13.47
CA GLN A 67 -2.74 -7.72 14.38
C GLN A 67 -4.08 -7.32 13.76
N PHE A 68 -4.03 -6.97 12.49
CA PHE A 68 -5.23 -6.54 11.77
C PHE A 68 -5.42 -7.40 10.53
N ASP A 69 -6.59 -7.30 9.93
CA ASP A 69 -6.81 -7.89 8.62
C ASP A 69 -6.55 -6.82 7.57
N TRP A 70 -5.37 -6.88 6.97
CA TRP A 70 -4.92 -5.84 6.08
C TRP A 70 -5.60 -5.93 4.72
N GLN A 71 -5.78 -4.78 4.11
CA GLN A 71 -6.33 -4.70 2.77
C GLN A 71 -5.34 -3.95 1.88
N VAL A 72 -5.09 -4.50 0.71
CA VAL A 72 -4.14 -3.90 -0.21
C VAL A 72 -4.87 -3.20 -1.33
N ALA A 73 -4.58 -1.94 -1.53
CA ALA A 73 -5.19 -1.18 -2.60
C ALA A 73 -4.15 -0.82 -3.65
N VAL A 74 -4.51 -1.02 -4.90
CA VAL A 74 -3.60 -0.72 -6.00
C VAL A 74 -4.18 0.36 -6.89
N ALA A 75 -3.29 1.14 -7.50
CA ALA A 75 -3.72 2.21 -8.37
C ALA A 75 -3.18 2.02 -9.78
N ASP A 76 -3.96 2.45 -10.76
CA ASP A 76 -3.55 2.43 -12.16
C ASP A 76 -2.27 3.25 -12.32
N LEU A 77 -1.53 3.03 -13.41
CA LEU A 77 -0.24 3.68 -13.59
C LEU A 77 -0.38 5.20 -13.57
N GLU A 78 -1.49 5.71 -14.09
CA GLU A 78 -1.76 7.14 -14.05
C GLU A 78 -2.23 7.55 -12.65
N GLN A 79 -3.11 6.75 -12.09
CA GLN A 79 -3.63 6.99 -10.74
C GLN A 79 -2.49 7.07 -9.72
N SER A 80 -1.46 6.25 -9.93
CA SER A 80 -0.31 6.21 -9.04
C SER A 80 0.41 7.55 -8.99
N GLU A 81 0.45 8.23 -10.14
CA GLU A 81 1.10 9.53 -10.22
C GLU A 81 0.28 10.56 -9.46
N ALA A 82 -1.04 10.47 -9.59
CA ALA A 82 -1.95 11.37 -8.88
C ALA A 82 -1.90 11.13 -7.37
N ILE A 83 -1.95 9.87 -6.97
CA ILE A 83 -1.86 9.50 -5.56
C ILE A 83 -0.49 9.88 -4.99
N GLY A 84 0.54 9.71 -5.81
CA GLY A 84 1.88 10.12 -5.42
C GLY A 84 1.95 11.61 -5.17
N ASP A 85 1.13 12.37 -5.88
CA ASP A 85 1.02 13.81 -5.69
C ASP A 85 0.20 14.10 -4.44
N ARG A 86 -0.93 13.42 -4.33
CA ARG A 86 -1.86 13.59 -3.21
C ARG A 86 -1.17 13.44 -1.85
N PHE A 87 -0.24 12.50 -1.75
CA PHE A 87 0.45 12.26 -0.48
C PHE A 87 1.85 12.87 -0.51
N ASN A 88 2.26 13.31 -1.70
CA ASN A 88 3.61 13.82 -1.94
C ASN A 88 4.66 12.79 -1.53
N VAL A 89 4.60 11.67 -2.22
CA VAL A 89 5.57 10.60 -2.05
C VAL A 89 6.18 10.28 -3.42
N ARG A 90 6.02 11.23 -4.33
CA ARG A 90 6.44 11.05 -5.71
C ARG A 90 7.96 11.13 -5.83
N ARG A 91 8.62 10.03 -5.54
CA ARG A 91 10.07 9.96 -5.66
C ARG A 91 10.49 8.59 -6.19
N PHE A 92 9.88 7.56 -5.63
CA PHE A 92 10.18 6.19 -6.01
C PHE A 92 8.96 5.30 -5.70
N PRO A 93 8.90 4.08 -6.26
CA PRO A 93 7.82 3.13 -5.94
C PRO A 93 7.86 2.73 -4.47
N ALA A 94 6.71 2.86 -3.80
CA ALA A 94 6.66 2.64 -2.37
C ALA A 94 5.28 2.20 -1.93
N THR A 95 5.23 1.53 -0.81
CA THR A 95 3.97 1.12 -0.21
C THR A 95 3.60 2.09 0.90
N LEU A 96 2.37 2.55 0.92
CA LEU A 96 1.93 3.46 1.97
C LEU A 96 1.32 2.65 3.11
N VAL A 97 1.86 2.85 4.31
CA VAL A 97 1.46 2.07 5.46
C VAL A 97 0.44 2.84 6.31
N PHE A 98 -0.82 2.45 6.18
CA PHE A 98 -1.88 3.06 6.96
C PHE A 98 -2.37 2.13 8.04
N THR A 99 -2.39 2.63 9.26
CA THR A 99 -2.81 1.85 10.42
C THR A 99 -3.62 2.73 11.36
N ASP A 100 -4.76 2.21 11.81
CA ASP A 100 -5.65 2.95 12.70
C ASP A 100 -6.17 4.21 12.01
N GLY A 101 -6.18 4.19 10.68
CA GLY A 101 -6.61 5.35 9.92
C GLY A 101 -5.51 6.38 9.77
N LYS A 102 -4.35 6.15 10.37
CA LYS A 102 -3.26 7.10 10.30
C LYS A 102 -2.07 6.54 9.53
N LEU A 103 -1.34 7.43 8.88
CA LEU A 103 -0.16 7.04 8.12
C LEU A 103 1.05 6.99 9.05
N ARG A 104 1.79 5.89 8.98
CA ARG A 104 3.02 5.77 9.76
C ARG A 104 4.23 6.08 8.89
N GLY A 105 4.10 5.79 7.60
CA GLY A 105 5.17 6.08 6.66
C GLY A 105 5.09 5.21 5.43
N ALA A 106 6.20 5.07 4.73
CA ALA A 106 6.26 4.26 3.52
C ALA A 106 7.02 2.97 3.80
N LEU A 107 6.99 2.06 2.84
CA LEU A 107 7.67 0.78 3.00
C LEU A 107 8.85 0.71 2.03
N SER A 108 10.05 0.61 2.60
CA SER A 108 11.26 0.47 1.80
C SER A 108 12.14 -0.63 2.39
N GLY A 109 12.92 -1.28 1.54
CA GLY A 109 13.75 -2.37 2.01
C GLY A 109 15.20 -2.21 1.58
N ILE A 110 16.11 -2.38 2.54
CA ILE A 110 17.54 -2.29 2.26
C ILE A 110 18.01 -3.60 1.62
N HIS A 111 17.62 -4.70 2.22
CA HIS A 111 17.93 -6.03 1.71
C HIS A 111 16.69 -6.89 1.73
N PRO A 112 16.63 -7.96 0.91
CA PRO A 112 15.50 -8.89 0.91
C PRO A 112 15.33 -9.56 2.26
N TRP A 113 14.41 -9.01 3.06
CA TRP A 113 14.15 -9.48 4.41
C TRP A 113 15.38 -9.38 5.29
N ALA A 114 15.33 -10.01 6.46
CA ALA A 114 16.39 -9.93 7.48
C ALA A 114 16.45 -8.53 8.09
N GLU A 115 16.63 -7.54 7.24
CA GLU A 115 16.66 -6.14 7.65
C GLU A 115 15.24 -5.69 8.00
N LEU A 116 14.28 -6.31 7.34
CA LEU A 116 12.87 -5.97 7.47
C LEU A 116 12.32 -6.28 8.85
N LEU A 117 12.78 -7.40 9.43
CA LEU A 117 12.17 -7.95 10.65
C LEU A 117 11.99 -6.90 11.74
N THR A 118 13.05 -6.16 12.05
CA THR A 118 12.97 -5.14 13.08
C THR A 118 12.45 -3.82 12.51
N LEU A 119 12.89 -3.49 11.30
CA LEU A 119 12.62 -2.18 10.71
C LEU A 119 11.12 -1.98 10.46
N MET A 120 10.50 -2.95 9.79
CA MET A 120 9.10 -2.82 9.43
C MET A 120 8.20 -2.95 10.65
N ARG A 121 8.65 -3.74 11.61
CA ARG A 121 7.85 -4.04 12.79
C ARG A 121 7.81 -2.84 13.71
N SER A 122 8.91 -2.12 13.80
CA SER A 122 8.99 -0.93 14.63
C SER A 122 8.04 0.15 14.13
N ILE A 123 7.80 0.17 12.82
CA ILE A 123 6.90 1.16 12.21
C ILE A 123 5.49 1.02 12.76
N VAL A 124 5.04 -0.21 12.93
CA VAL A 124 3.69 -0.47 13.43
C VAL A 124 3.72 -0.91 14.89
N ASP A 125 4.89 -0.76 15.52
CA ASP A 125 5.06 -1.14 16.92
C ASP A 125 4.40 -0.10 17.82
N THR A 126 4.39 1.13 17.37
CA THR A 126 3.71 2.21 18.07
C THR A 126 2.62 2.80 17.18
N PRO A 127 1.39 2.26 17.26
CA PRO A 127 0.27 2.71 16.44
C PRO A 127 -0.29 4.06 16.90
N ALA A 128 0.13 4.50 18.07
CA ALA A 128 -0.37 5.74 18.63
C ALA A 128 0.49 6.93 18.21
N ALA A 129 -0.10 8.10 18.32
CA ALA A 129 0.59 9.36 18.07
C ALA A 129 -0.18 10.47 18.76
N GLN A 130 0.10 10.64 20.05
CA GLN A 130 -0.74 11.44 20.96
C GLN A 130 -2.03 10.68 21.24
N GLU A 131 -2.28 10.41 22.52
CA GLU A 131 -3.47 9.69 22.94
C GLU A 131 -4.73 10.45 22.54
N THR A 132 -5.71 9.70 22.03
CA THR A 132 -6.94 10.29 21.52
C THR A 132 -6.65 11.21 20.33
N VAL A 133 -6.06 10.63 19.30
CA VAL A 133 -5.73 11.38 18.09
C VAL A 133 -6.59 10.90 16.93
N GLN A 134 -7.01 9.64 16.99
CA GLN A 134 -7.82 9.08 15.93
C GLN A 134 -9.29 9.09 16.32
N LEU A 135 -10.05 9.87 15.59
CA LEU A 135 -11.49 9.92 15.74
C LEU A 135 -12.12 10.00 14.36
N GLU A 136 -13.42 9.75 14.29
CA GLU A 136 -14.16 9.87 13.03
C GLU A 136 -14.44 11.34 12.71
N HIS A 137 -13.41 12.18 12.94
CA HIS A 137 -13.52 13.63 12.84
C HIS A 137 -14.39 14.17 13.96
N HIS A 138 -15.69 13.96 13.84
CA HIS A 138 -16.63 14.31 14.89
C HIS A 138 -17.83 13.39 14.82
N HIS A 139 -18.52 13.20 15.92
CA HIS A 139 -19.63 12.27 15.98
C HIS A 139 -20.92 12.98 16.37
N HIS A 140 -21.53 13.65 15.40
CA HIS A 140 -22.81 14.31 15.60
C HIS A 140 -23.92 13.41 15.07
N HIS A 141 -24.15 12.31 15.76
CA HIS A 141 -25.12 11.31 15.36
C HIS A 141 -25.23 10.25 16.42
N HIS A 142 -26.44 9.81 16.72
CA HIS A 142 -26.65 8.78 17.72
C HIS A 142 -27.33 7.58 17.08
N MET A 1 -8.20 12.25 -12.82
CA MET A 1 -9.23 12.09 -13.87
C MET A 1 -9.90 10.72 -13.72
N ALA A 2 -9.13 9.66 -13.96
CA ALA A 2 -9.53 8.29 -13.64
C ALA A 2 -10.76 7.82 -14.42
N ASN A 3 -11.12 8.53 -15.48
CA ASN A 3 -12.29 8.14 -16.28
C ASN A 3 -11.91 7.05 -17.28
N ASP A 4 -10.61 6.87 -17.46
CA ASP A 4 -10.09 5.86 -18.36
C ASP A 4 -8.94 5.11 -17.71
N THR A 5 -9.15 3.82 -17.49
CA THR A 5 -8.12 2.97 -16.92
C THR A 5 -7.78 1.84 -17.89
N PRO A 6 -6.49 1.66 -18.22
CA PRO A 6 -6.04 0.56 -19.07
C PRO A 6 -6.34 -0.80 -18.45
N PHE A 7 -7.32 -1.49 -19.02
CA PHE A 7 -7.76 -2.76 -18.47
C PHE A 7 -7.30 -3.92 -19.35
N SER A 8 -6.49 -4.79 -18.78
CA SER A 8 -6.05 -6.00 -19.45
C SER A 8 -5.86 -7.11 -18.41
N ALA A 9 -5.58 -8.31 -18.87
CA ALA A 9 -5.43 -9.46 -17.98
C ALA A 9 -4.25 -9.29 -17.04
N LEU A 10 -3.23 -8.57 -17.51
CA LEU A 10 -2.03 -8.33 -16.71
C LEU A 10 -2.35 -7.43 -15.52
N TRP A 11 -3.32 -6.57 -15.70
CA TRP A 11 -3.80 -5.70 -14.63
C TRP A 11 -4.86 -6.41 -13.78
N GLN A 12 -5.85 -6.97 -14.47
CA GLN A 12 -6.97 -7.66 -13.83
C GLN A 12 -6.51 -8.72 -12.82
N ARG A 13 -5.39 -9.39 -13.10
CA ARG A 13 -4.90 -10.44 -12.23
C ARG A 13 -4.61 -9.93 -10.82
N LEU A 14 -4.22 -8.65 -10.70
CA LEU A 14 -3.97 -8.06 -9.39
C LEU A 14 -5.27 -7.84 -8.66
N LEU A 15 -6.28 -7.38 -9.41
CA LEU A 15 -7.60 -7.17 -8.84
C LEU A 15 -8.20 -8.51 -8.43
N THR A 16 -7.86 -9.55 -9.19
CA THR A 16 -8.31 -10.90 -8.93
C THR A 16 -7.71 -11.43 -7.63
N ARG A 17 -6.54 -10.89 -7.25
CA ARG A 17 -5.87 -11.30 -6.03
C ARG A 17 -6.53 -10.65 -4.81
N GLY A 18 -7.58 -9.86 -5.06
CA GLY A 18 -8.33 -9.25 -3.98
C GLY A 18 -7.80 -7.89 -3.60
N TRP A 19 -7.26 -7.17 -4.57
CA TRP A 19 -6.79 -5.82 -4.34
C TRP A 19 -7.77 -4.81 -4.93
N GLN A 20 -8.06 -3.77 -4.16
CA GLN A 20 -8.98 -2.73 -4.59
C GLN A 20 -8.25 -1.61 -5.32
N PRO A 21 -8.75 -1.21 -6.51
CA PRO A 21 -8.23 -0.06 -7.22
C PRO A 21 -8.81 1.25 -6.66
N VAL A 22 -7.97 2.07 -6.06
CA VAL A 22 -8.43 3.30 -5.42
C VAL A 22 -8.14 4.52 -6.28
N GLU A 23 -8.94 5.57 -6.08
CA GLU A 23 -8.78 6.81 -6.83
C GLU A 23 -8.14 7.87 -5.95
N ALA A 24 -7.84 9.02 -6.55
CA ALA A 24 -7.27 10.13 -5.80
C ALA A 24 -8.33 10.75 -4.90
N SER A 25 -9.56 10.80 -5.39
CA SER A 25 -10.66 11.39 -4.64
C SER A 25 -11.53 10.30 -4.00
N THR A 26 -11.04 9.07 -3.98
CA THR A 26 -11.80 7.96 -3.43
C THR A 26 -10.96 7.16 -2.42
N VAL A 27 -9.64 7.33 -2.47
CA VAL A 27 -8.74 6.61 -1.57
C VAL A 27 -8.98 7.01 -0.12
N ASP A 28 -9.37 8.26 0.10
CA ASP A 28 -9.58 8.79 1.45
C ASP A 28 -10.69 8.02 2.17
N ASP A 29 -11.82 7.82 1.50
CA ASP A 29 -12.95 7.10 2.08
C ASP A 29 -12.55 5.67 2.42
N TRP A 30 -11.76 5.08 1.53
CA TRP A 30 -11.30 3.72 1.73
C TRP A 30 -10.40 3.64 2.96
N ILE A 31 -9.41 4.53 3.01
CA ILE A 31 -8.44 4.54 4.11
C ILE A 31 -9.13 4.71 5.46
N LYS A 32 -10.04 5.66 5.56
CA LYS A 32 -10.69 5.95 6.83
C LYS A 32 -11.63 4.81 7.25
N ARG A 33 -12.13 4.06 6.27
CA ARG A 33 -13.03 2.96 6.59
C ARG A 33 -12.26 1.72 7.01
N VAL A 34 -11.23 1.40 6.25
CA VAL A 34 -10.44 0.19 6.52
C VAL A 34 -9.54 0.39 7.74
N GLY A 35 -9.02 1.61 7.91
CA GLY A 35 -8.18 1.93 9.04
C GLY A 35 -6.76 1.47 8.84
N ASP A 36 -6.61 0.20 8.50
CA ASP A 36 -5.30 -0.41 8.36
C ASP A 36 -5.18 -1.04 6.98
N GLY A 37 -4.05 -0.85 6.33
CA GLY A 37 -3.84 -1.41 5.02
C GLY A 37 -2.66 -0.79 4.30
N VAL A 38 -2.43 -1.23 3.06
CA VAL A 38 -1.31 -0.72 2.29
C VAL A 38 -1.74 -0.40 0.86
N ILE A 39 -1.25 0.72 0.36
CA ILE A 39 -1.52 1.12 -1.02
C ILE A 39 -0.25 0.96 -1.86
N LEU A 40 -0.37 0.24 -2.96
CA LEU A 40 0.74 0.06 -3.88
C LEU A 40 0.65 1.08 -5.01
N LEU A 41 1.72 1.83 -5.21
CA LEU A 41 1.76 2.80 -6.31
C LEU A 41 2.10 2.11 -7.60
N SER A 42 1.71 2.72 -8.72
CA SER A 42 2.05 2.23 -10.03
C SER A 42 3.57 2.08 -10.15
N SER A 43 4.02 0.85 -10.39
CA SER A 43 5.43 0.54 -10.32
C SER A 43 6.16 0.91 -11.60
N ASP A 44 6.52 2.17 -11.72
CA ASP A 44 7.36 2.63 -12.83
C ASP A 44 8.61 3.29 -12.26
N PRO A 45 9.67 2.51 -12.01
CA PRO A 45 10.91 3.02 -11.44
C PRO A 45 11.85 3.55 -12.53
N ARG A 46 12.39 2.63 -13.31
CA ARG A 46 13.34 2.96 -14.38
C ARG A 46 13.79 1.65 -15.04
N ARG A 47 13.84 0.61 -14.20
CA ARG A 47 14.23 -0.72 -14.63
C ARG A 47 14.03 -1.65 -13.45
N THR A 48 13.62 -2.88 -13.70
CA THR A 48 13.50 -3.88 -12.63
C THR A 48 14.88 -4.19 -12.04
N PRO A 49 15.10 -3.81 -10.77
CA PRO A 49 16.40 -3.89 -10.12
C PRO A 49 16.65 -5.19 -9.37
N GLU A 50 17.59 -5.99 -9.86
CA GLU A 50 18.05 -7.21 -9.20
C GLU A 50 16.91 -8.20 -9.02
N VAL A 51 16.29 -8.20 -7.85
CA VAL A 51 15.17 -9.09 -7.55
C VAL A 51 14.04 -8.32 -6.89
N SER A 52 14.22 -7.02 -6.74
CA SER A 52 13.27 -6.19 -6.04
C SER A 52 12.20 -5.68 -6.99
N ASP A 53 11.32 -6.59 -7.39
CA ASP A 53 10.19 -6.26 -8.25
C ASP A 53 9.13 -7.34 -8.09
N ASN A 54 8.05 -7.23 -8.87
CA ASN A 54 6.86 -8.10 -8.75
C ASN A 54 6.04 -7.73 -7.53
N PRO A 55 4.71 -7.84 -7.66
CA PRO A 55 3.76 -7.54 -6.57
C PRO A 55 3.65 -8.66 -5.54
N VAL A 56 4.63 -9.53 -5.52
CA VAL A 56 4.62 -10.68 -4.62
C VAL A 56 5.23 -10.31 -3.28
N MET A 57 5.11 -11.22 -2.31
CA MET A 57 5.70 -11.06 -0.98
C MET A 57 4.94 -10.04 -0.12
N ILE A 58 4.41 -9.01 -0.77
CA ILE A 58 3.73 -7.93 -0.08
C ILE A 58 2.52 -8.44 0.74
N ALA A 59 1.88 -9.49 0.25
CA ALA A 59 0.69 -10.01 0.90
C ALA A 59 1.04 -10.87 2.12
N GLU A 60 2.03 -11.74 1.96
CA GLU A 60 2.43 -12.64 3.03
C GLU A 60 3.11 -11.90 4.17
N LEU A 61 3.79 -10.80 3.84
CA LEU A 61 4.45 -9.98 4.85
C LEU A 61 3.44 -9.49 5.87
N LEU A 62 2.36 -8.91 5.35
CA LEU A 62 1.30 -8.34 6.18
C LEU A 62 0.71 -9.38 7.13
N ARG A 63 0.69 -10.63 6.71
CA ARG A 63 0.00 -11.68 7.45
C ARG A 63 0.78 -12.13 8.70
N GLU A 64 1.92 -11.51 8.99
CA GLU A 64 2.61 -11.81 10.21
C GLU A 64 2.10 -10.91 11.34
N PHE A 65 1.22 -9.99 10.97
CA PHE A 65 0.57 -9.12 11.94
C PHE A 65 -0.91 -9.50 12.03
N PRO A 66 -1.23 -10.53 12.84
CA PRO A 66 -2.57 -11.13 12.86
C PRO A 66 -3.54 -10.43 13.81
N GLN A 67 -3.13 -9.26 14.30
CA GLN A 67 -3.98 -8.51 15.22
C GLN A 67 -5.19 -7.92 14.52
N PHE A 68 -4.97 -7.31 13.38
CA PHE A 68 -6.03 -6.65 12.65
C PHE A 68 -5.95 -6.98 11.17
N ASP A 69 -7.04 -6.73 10.46
CA ASP A 69 -7.16 -7.13 9.06
C ASP A 69 -6.51 -6.12 8.13
N TRP A 70 -5.43 -6.53 7.48
CA TRP A 70 -4.76 -5.70 6.50
C TRP A 70 -5.39 -5.87 5.13
N GLN A 71 -5.50 -4.78 4.41
CA GLN A 71 -6.08 -4.79 3.08
C GLN A 71 -5.17 -4.09 2.09
N VAL A 72 -5.09 -4.61 0.88
CA VAL A 72 -4.19 -4.06 -0.13
C VAL A 72 -4.98 -3.32 -1.21
N ALA A 73 -4.51 -2.13 -1.53
CA ALA A 73 -5.14 -1.33 -2.57
C ALA A 73 -4.09 -0.91 -3.60
N VAL A 74 -4.52 -0.78 -4.84
CA VAL A 74 -3.64 -0.37 -5.93
C VAL A 74 -4.24 0.81 -6.67
N ALA A 75 -3.45 1.47 -7.50
CA ALA A 75 -3.92 2.63 -8.24
C ALA A 75 -3.35 2.66 -9.64
N ASP A 76 -4.08 3.31 -10.54
CA ASP A 76 -3.63 3.52 -11.92
C ASP A 76 -2.45 4.48 -11.95
N LEU A 77 -1.81 4.62 -13.10
CA LEU A 77 -0.66 5.49 -13.27
C LEU A 77 -0.98 6.92 -12.78
N GLU A 78 -2.06 7.50 -13.29
CA GLU A 78 -2.42 8.86 -12.94
C GLU A 78 -2.89 8.94 -11.49
N GLN A 79 -3.59 7.90 -11.05
CA GLN A 79 -4.08 7.84 -9.68
C GLN A 79 -2.91 7.80 -8.71
N SER A 80 -1.91 6.99 -9.02
CA SER A 80 -0.70 6.90 -8.21
C SER A 80 0.05 8.23 -8.22
N GLU A 81 -0.01 8.92 -9.34
CA GLU A 81 0.64 10.22 -9.47
C GLU A 81 -0.02 11.23 -8.54
N ALA A 82 -1.34 11.33 -8.63
CA ALA A 82 -2.10 12.26 -7.81
C ALA A 82 -1.99 11.93 -6.33
N ILE A 83 -2.18 10.64 -6.00
CA ILE A 83 -2.09 10.20 -4.61
C ILE A 83 -0.67 10.34 -4.09
N GLY A 84 0.28 9.83 -4.87
CA GLY A 84 1.67 9.88 -4.49
C GLY A 84 2.17 11.29 -4.27
N ASP A 85 1.76 12.21 -5.13
CA ASP A 85 2.18 13.61 -5.02
C ASP A 85 1.69 14.22 -3.71
N ARG A 86 0.48 13.85 -3.31
CA ARG A 86 -0.11 14.32 -2.05
C ARG A 86 0.74 13.87 -0.86
N PHE A 87 1.30 12.67 -0.96
CA PHE A 87 2.15 12.14 0.10
C PHE A 87 3.63 12.40 -0.21
N ASN A 88 3.86 13.10 -1.32
CA ASN A 88 5.21 13.50 -1.76
C ASN A 88 6.05 12.29 -2.15
N VAL A 89 5.40 11.19 -2.42
CA VAL A 89 6.09 9.97 -2.82
C VAL A 89 5.57 9.49 -4.17
N ARG A 90 6.05 10.12 -5.23
CA ARG A 90 5.80 9.64 -6.59
C ARG A 90 7.08 9.72 -7.40
N ARG A 91 8.18 9.95 -6.71
CA ARG A 91 9.49 10.00 -7.35
C ARG A 91 10.07 8.59 -7.40
N PHE A 92 9.56 7.74 -6.54
CA PHE A 92 9.99 6.35 -6.48
C PHE A 92 8.85 5.48 -5.97
N PRO A 93 8.71 4.26 -6.51
CA PRO A 93 7.67 3.32 -6.09
C PRO A 93 7.84 2.89 -4.64
N ALA A 94 6.76 2.89 -3.88
CA ALA A 94 6.80 2.55 -2.47
C ALA A 94 5.43 2.14 -1.99
N THR A 95 5.39 1.20 -1.06
CA THR A 95 4.16 0.79 -0.43
C THR A 95 3.79 1.80 0.65
N LEU A 96 2.56 2.27 0.66
CA LEU A 96 2.14 3.19 1.70
C LEU A 96 1.54 2.42 2.87
N VAL A 97 2.10 2.64 4.04
CA VAL A 97 1.68 1.91 5.23
C VAL A 97 0.64 2.72 6.00
N PHE A 98 -0.60 2.28 5.94
CA PHE A 98 -1.68 2.93 6.64
C PHE A 98 -2.15 2.10 7.82
N THR A 99 -2.32 2.77 8.94
CA THR A 99 -2.79 2.14 10.17
C THR A 99 -3.45 3.19 11.04
N ASP A 100 -4.58 2.82 11.66
CA ASP A 100 -5.34 3.74 12.51
C ASP A 100 -5.93 4.87 11.67
N GLY A 101 -5.91 4.67 10.36
CA GLY A 101 -6.37 5.71 9.44
C GLY A 101 -5.28 6.72 9.14
N LYS A 102 -4.10 6.51 9.71
CA LYS A 102 -2.99 7.43 9.51
C LYS A 102 -1.88 6.80 8.67
N LEU A 103 -1.07 7.65 8.06
CA LEU A 103 0.08 7.20 7.30
C LEU A 103 1.30 7.10 8.21
N ARG A 104 1.92 5.92 8.24
CA ARG A 104 3.09 5.71 9.06
C ARG A 104 4.36 5.97 8.25
N GLY A 105 4.25 5.81 6.94
CA GLY A 105 5.38 6.06 6.08
C GLY A 105 5.32 5.24 4.80
N ALA A 106 6.42 5.20 4.09
CA ALA A 106 6.51 4.46 2.84
C ALA A 106 7.47 3.29 2.99
N LEU A 107 7.17 2.19 2.33
CA LEU A 107 7.97 0.99 2.45
C LEU A 107 8.92 0.87 1.26
N SER A 108 10.14 1.34 1.47
CA SER A 108 11.18 1.18 0.46
C SER A 108 12.29 0.33 1.06
N GLY A 109 12.59 -0.78 0.40
CA GLY A 109 13.51 -1.74 0.98
C GLY A 109 14.93 -1.61 0.49
N ILE A 110 15.86 -1.60 1.42
CA ILE A 110 17.28 -1.65 1.10
C ILE A 110 17.69 -3.08 0.76
N HIS A 111 16.81 -4.01 1.14
CA HIS A 111 16.93 -5.41 0.78
C HIS A 111 15.53 -6.01 0.71
N PRO A 112 15.32 -7.03 -0.13
CA PRO A 112 14.00 -7.63 -0.34
C PRO A 112 13.41 -8.24 0.94
N TRP A 113 14.27 -8.72 1.83
CA TRP A 113 13.82 -9.33 3.06
C TRP A 113 14.86 -9.11 4.16
N ALA A 114 14.70 -9.84 5.28
CA ALA A 114 15.62 -9.80 6.41
C ALA A 114 15.52 -8.48 7.19
N GLU A 115 16.08 -7.42 6.62
CA GLU A 115 16.14 -6.13 7.30
C GLU A 115 14.76 -5.47 7.32
N LEU A 116 13.91 -5.88 6.39
CA LEU A 116 12.55 -5.35 6.28
C LEU A 116 11.77 -5.60 7.56
N LEU A 117 11.95 -6.80 8.11
CA LEU A 117 11.20 -7.22 9.30
C LEU A 117 11.36 -6.23 10.44
N THR A 118 12.60 -5.85 10.72
CA THR A 118 12.90 -4.94 11.81
C THR A 118 12.24 -3.57 11.58
N LEU A 119 12.38 -3.04 10.37
CA LEU A 119 11.86 -1.72 10.06
C LEU A 119 10.35 -1.72 9.97
N MET A 120 9.79 -2.66 9.22
CA MET A 120 8.33 -2.74 9.04
C MET A 120 7.61 -2.90 10.37
N ARG A 121 8.18 -3.73 11.24
CA ARG A 121 7.58 -4.00 12.55
C ARG A 121 7.63 -2.75 13.42
N SER A 122 8.64 -1.93 13.21
CA SER A 122 8.78 -0.68 13.92
C SER A 122 7.80 0.37 13.38
N ILE A 123 7.46 0.25 12.10
CA ILE A 123 6.55 1.18 11.45
C ILE A 123 5.16 1.12 12.10
N VAL A 124 4.73 -0.08 12.48
CA VAL A 124 3.42 -0.27 13.11
C VAL A 124 3.46 0.04 14.61
N ASP A 125 4.27 1.05 14.95
CA ASP A 125 4.45 1.51 16.34
C ASP A 125 3.14 2.07 16.92
N THR A 126 2.15 2.24 16.06
CA THR A 126 0.83 2.71 16.48
C THR A 126 0.20 1.72 17.45
N PRO A 127 -0.32 2.22 18.59
CA PRO A 127 -0.98 1.39 19.60
C PRO A 127 -2.32 0.82 19.11
N ALA A 128 -2.26 0.01 18.07
CA ALA A 128 -3.43 -0.65 17.52
C ALA A 128 -3.34 -2.15 17.75
N ALA A 129 -2.17 -2.59 18.19
CA ALA A 129 -1.94 -4.00 18.45
C ALA A 129 -1.76 -4.24 19.94
N GLN A 130 -2.34 -5.32 20.45
CA GLN A 130 -2.23 -5.65 21.85
C GLN A 130 -0.85 -6.20 22.19
N GLU A 131 0.02 -5.30 22.62
CA GLU A 131 1.35 -5.64 23.09
C GLU A 131 1.93 -4.41 23.78
N THR A 132 3.09 -4.55 24.40
CA THR A 132 3.71 -3.45 25.11
C THR A 132 4.33 -2.44 24.13
N VAL A 133 3.45 -1.66 23.51
CA VAL A 133 3.89 -0.58 22.64
C VAL A 133 4.13 0.67 23.46
N GLN A 134 5.22 1.36 23.18
CA GLN A 134 5.59 2.55 23.94
C GLN A 134 4.68 3.72 23.58
N LEU A 135 4.29 4.47 24.60
CA LEU A 135 3.32 5.55 24.44
C LEU A 135 3.97 6.80 23.85
N GLU A 136 5.29 6.78 23.71
CA GLU A 136 6.01 7.93 23.20
C GLU A 136 5.80 8.08 21.69
N HIS A 137 4.93 9.02 21.35
CA HIS A 137 4.70 9.40 19.97
C HIS A 137 4.83 10.91 19.86
N HIS A 138 5.99 11.36 19.39
CA HIS A 138 6.32 12.78 19.41
C HIS A 138 5.41 13.58 18.52
N HIS A 139 4.50 14.30 19.13
CA HIS A 139 3.57 15.16 18.41
C HIS A 139 4.07 16.60 18.43
N HIS A 140 4.16 17.18 17.25
CA HIS A 140 4.51 18.59 17.12
C HIS A 140 3.66 19.22 16.03
N HIS A 141 2.81 20.16 16.41
CA HIS A 141 1.86 20.75 15.48
C HIS A 141 2.55 21.62 14.44
N HIS A 142 3.00 20.99 13.37
CA HIS A 142 3.58 21.67 12.23
C HIS A 142 4.03 20.64 11.21
N MET A 1 5.29 7.76 -12.33
CA MET A 1 6.61 8.28 -12.75
C MET A 1 6.95 7.72 -14.11
N ALA A 2 6.46 8.39 -15.16
CA ALA A 2 6.41 7.83 -16.51
C ALA A 2 5.43 6.65 -16.52
N ASN A 3 5.34 5.93 -17.62
CA ASN A 3 4.43 4.79 -17.69
C ASN A 3 4.77 3.87 -18.85
N ASP A 4 5.14 2.64 -18.52
CA ASP A 4 5.27 1.58 -19.50
C ASP A 4 3.89 1.08 -19.90
N THR A 5 3.06 0.89 -18.88
CA THR A 5 1.70 0.41 -19.06
C THR A 5 1.67 -1.00 -19.65
N PRO A 6 1.79 -2.03 -18.80
CA PRO A 6 1.75 -3.42 -19.22
C PRO A 6 0.35 -3.84 -19.67
N PHE A 7 -0.64 -3.41 -18.89
CA PHE A 7 -2.05 -3.66 -19.18
C PHE A 7 -2.32 -5.17 -19.18
N SER A 8 -3.42 -5.59 -19.82
CA SER A 8 -3.75 -7.00 -19.97
C SER A 8 -3.94 -7.68 -18.62
N ALA A 9 -3.79 -9.01 -18.60
CA ALA A 9 -3.92 -9.81 -17.40
C ALA A 9 -2.93 -9.37 -16.32
N LEU A 10 -1.80 -8.79 -16.74
CA LEU A 10 -0.80 -8.29 -15.81
C LEU A 10 -1.42 -7.26 -14.86
N TRP A 11 -2.30 -6.43 -15.39
CA TRP A 11 -3.02 -5.46 -14.58
C TRP A 11 -4.24 -6.12 -13.93
N GLN A 12 -4.98 -6.87 -14.74
CA GLN A 12 -6.16 -7.61 -14.29
C GLN A 12 -5.86 -8.44 -13.04
N ARG A 13 -4.63 -8.96 -12.94
CA ARG A 13 -4.21 -9.77 -11.80
C ARG A 13 -4.46 -9.05 -10.48
N LEU A 14 -4.24 -7.75 -10.46
CA LEU A 14 -4.43 -6.95 -9.25
C LEU A 14 -5.91 -6.91 -8.89
N LEU A 15 -6.75 -6.87 -9.91
CA LEU A 15 -8.19 -6.83 -9.74
C LEU A 15 -8.72 -8.21 -9.33
N THR A 16 -8.03 -9.26 -9.79
CA THR A 16 -8.40 -10.63 -9.48
C THR A 16 -8.18 -10.93 -7.99
N ARG A 17 -7.17 -10.31 -7.42
CA ARG A 17 -6.88 -10.47 -6.00
C ARG A 17 -7.80 -9.55 -5.18
N GLY A 18 -7.78 -9.69 -3.86
CA GLY A 18 -8.68 -8.91 -3.02
C GLY A 18 -8.23 -7.47 -2.81
N TRP A 19 -7.80 -6.83 -3.89
CA TRP A 19 -7.36 -5.44 -3.83
C TRP A 19 -8.41 -4.51 -4.43
N GLN A 20 -8.63 -3.38 -3.78
CA GLN A 20 -9.56 -2.37 -4.25
C GLN A 20 -8.81 -1.28 -5.00
N PRO A 21 -9.32 -0.85 -6.17
CA PRO A 21 -8.74 0.26 -6.91
C PRO A 21 -9.21 1.60 -6.35
N VAL A 22 -8.26 2.40 -5.88
CA VAL A 22 -8.57 3.67 -5.24
C VAL A 22 -8.17 4.86 -6.11
N GLU A 23 -8.84 5.98 -5.89
CA GLU A 23 -8.54 7.22 -6.60
C GLU A 23 -8.11 8.27 -5.59
N ALA A 24 -7.58 9.38 -6.08
CA ALA A 24 -7.11 10.44 -5.21
C ALA A 24 -8.26 11.08 -4.43
N SER A 25 -9.46 10.98 -4.98
CA SER A 25 -10.64 11.59 -4.38
C SER A 25 -11.36 10.64 -3.42
N THR A 26 -11.04 9.36 -3.46
CA THR A 26 -11.72 8.39 -2.61
C THR A 26 -10.75 7.57 -1.75
N VAL A 27 -9.46 7.75 -1.98
CA VAL A 27 -8.45 6.97 -1.27
C VAL A 27 -8.51 7.24 0.24
N ASP A 28 -8.74 8.50 0.61
CA ASP A 28 -8.76 8.89 2.02
C ASP A 28 -9.97 8.29 2.73
N ASP A 29 -11.04 8.06 1.97
CA ASP A 29 -12.26 7.48 2.53
C ASP A 29 -12.10 5.99 2.73
N TRP A 30 -11.51 5.33 1.76
CA TRP A 30 -11.25 3.90 1.84
C TRP A 30 -10.42 3.58 3.08
N ILE A 31 -9.36 4.36 3.27
CA ILE A 31 -8.49 4.22 4.44
C ILE A 31 -9.26 4.44 5.73
N LYS A 32 -10.12 5.45 5.72
CA LYS A 32 -10.99 5.74 6.85
C LYS A 32 -11.88 4.54 7.19
N ARG A 33 -12.35 3.88 6.15
CA ARG A 33 -13.35 2.83 6.27
C ARG A 33 -12.71 1.52 6.72
N VAL A 34 -11.49 1.26 6.26
CA VAL A 34 -10.79 0.05 6.65
C VAL A 34 -10.01 0.25 7.96
N GLY A 35 -9.30 1.37 8.06
CA GLY A 35 -8.53 1.64 9.25
C GLY A 35 -7.06 1.35 9.06
N ASP A 36 -6.76 0.09 8.79
CA ASP A 36 -5.38 -0.36 8.67
C ASP A 36 -5.17 -1.09 7.36
N GLY A 37 -4.07 -0.82 6.69
CA GLY A 37 -3.81 -1.46 5.42
C GLY A 37 -2.65 -0.84 4.67
N VAL A 38 -2.47 -1.26 3.42
CA VAL A 38 -1.38 -0.79 2.60
C VAL A 38 -1.84 -0.48 1.19
N ILE A 39 -1.36 0.62 0.64
CA ILE A 39 -1.69 1.02 -0.72
C ILE A 39 -0.47 0.86 -1.62
N LEU A 40 -0.64 0.16 -2.72
CA LEU A 40 0.44 -0.03 -3.69
C LEU A 40 0.33 0.98 -4.82
N LEU A 41 1.44 1.61 -5.15
CA LEU A 41 1.45 2.55 -6.26
C LEU A 41 1.90 1.85 -7.53
N SER A 42 1.52 2.41 -8.66
CA SER A 42 1.97 1.89 -9.94
C SER A 42 3.44 2.25 -10.12
N SER A 43 3.72 3.56 -10.03
CA SER A 43 5.09 4.08 -10.04
C SER A 43 5.77 3.98 -11.41
N ASP A 44 5.70 2.77 -11.99
CA ASP A 44 6.37 2.42 -13.24
C ASP A 44 7.82 2.05 -12.99
N PRO A 45 8.23 0.83 -13.41
CA PRO A 45 9.58 0.30 -13.21
C PRO A 45 10.57 0.85 -14.23
N ARG A 46 10.52 2.16 -14.45
CA ARG A 46 11.43 2.84 -15.36
C ARG A 46 12.87 2.69 -14.87
N ARG A 47 13.12 3.20 -13.67
CA ARG A 47 14.40 3.02 -13.02
C ARG A 47 14.20 2.10 -11.83
N THR A 48 15.17 1.21 -11.60
CA THR A 48 14.98 0.11 -10.66
C THR A 48 13.89 -0.83 -11.20
N PRO A 49 14.28 -1.68 -12.17
CA PRO A 49 13.34 -2.52 -12.90
C PRO A 49 13.12 -3.88 -12.25
N GLU A 50 12.32 -4.70 -12.92
CA GLU A 50 12.02 -6.06 -12.50
C GLU A 50 11.11 -6.08 -11.26
N VAL A 51 11.73 -5.97 -10.08
CA VAL A 51 11.04 -6.06 -8.78
C VAL A 51 9.97 -7.18 -8.79
N SER A 52 10.41 -8.35 -9.27
CA SER A 52 9.56 -9.55 -9.36
C SER A 52 8.61 -9.48 -10.56
N ASP A 53 8.19 -8.27 -10.92
CA ASP A 53 7.20 -8.04 -11.98
C ASP A 53 5.84 -8.61 -11.59
N ASN A 54 4.84 -7.73 -11.55
CA ASN A 54 3.51 -8.06 -11.02
C ASN A 54 3.57 -8.21 -9.50
N PRO A 55 2.89 -7.31 -8.77
CA PRO A 55 2.92 -7.28 -7.30
C PRO A 55 2.50 -8.62 -6.68
N VAL A 56 3.51 -9.38 -6.28
CA VAL A 56 3.31 -10.63 -5.55
C VAL A 56 4.16 -10.61 -4.29
N MET A 57 3.93 -11.57 -3.41
CA MET A 57 4.68 -11.69 -2.15
C MET A 57 4.31 -10.59 -1.16
N ILE A 58 3.77 -9.50 -1.67
CA ILE A 58 3.31 -8.38 -0.83
C ILE A 58 2.17 -8.84 0.09
N ALA A 59 1.47 -9.89 -0.33
CA ALA A 59 0.39 -10.46 0.47
C ALA A 59 0.94 -11.29 1.63
N GLU A 60 2.16 -11.81 1.44
CA GLU A 60 2.81 -12.62 2.46
C GLU A 60 3.16 -11.76 3.67
N LEU A 61 3.40 -10.47 3.40
CA LEU A 61 3.75 -9.50 4.42
C LEU A 61 2.73 -9.53 5.56
N LEU A 62 1.46 -9.61 5.18
CA LEU A 62 0.35 -9.62 6.14
C LEU A 62 0.46 -10.77 7.14
N ARG A 63 1.27 -11.77 6.84
CA ARG A 63 1.47 -12.91 7.73
C ARG A 63 2.40 -12.54 8.88
N GLU A 64 3.21 -11.50 8.68
CA GLU A 64 4.25 -11.14 9.62
C GLU A 64 3.70 -10.22 10.70
N PHE A 65 2.68 -9.45 10.35
CA PHE A 65 2.08 -8.53 11.31
C PHE A 65 0.59 -8.85 11.48
N PRO A 66 0.27 -9.90 12.25
CA PRO A 66 -1.11 -10.34 12.46
C PRO A 66 -1.82 -9.52 13.54
N GLN A 67 -1.17 -8.45 13.98
CA GLN A 67 -1.74 -7.54 14.95
C GLN A 67 -2.97 -6.86 14.37
N PHE A 68 -2.85 -6.40 13.14
CA PHE A 68 -3.96 -5.76 12.44
C PHE A 68 -4.49 -6.68 11.35
N ASP A 69 -5.74 -6.48 10.98
CA ASP A 69 -6.30 -7.13 9.80
C ASP A 69 -6.22 -6.16 8.64
N TRP A 70 -5.15 -6.24 7.87
CA TRP A 70 -4.83 -5.26 6.85
C TRP A 70 -5.68 -5.47 5.60
N GLN A 71 -6.07 -4.37 4.97
CA GLN A 71 -6.66 -4.40 3.65
C GLN A 71 -5.69 -3.77 2.66
N VAL A 72 -5.59 -4.36 1.48
CA VAL A 72 -4.64 -3.86 0.49
C VAL A 72 -5.39 -3.19 -0.67
N ALA A 73 -4.90 -2.03 -1.08
CA ALA A 73 -5.52 -1.30 -2.17
C ALA A 73 -4.48 -0.91 -3.21
N VAL A 74 -4.93 -0.72 -4.43
CA VAL A 74 -4.06 -0.33 -5.52
C VAL A 74 -4.59 0.93 -6.19
N ALA A 75 -3.68 1.76 -6.69
CA ALA A 75 -4.07 2.97 -7.37
C ALA A 75 -4.16 2.74 -8.87
N ASP A 76 -5.15 3.35 -9.50
CA ASP A 76 -5.29 3.32 -10.95
C ASP A 76 -4.03 3.86 -11.62
N LEU A 77 -3.75 3.40 -12.83
CA LEU A 77 -2.54 3.79 -13.56
C LEU A 77 -2.39 5.32 -13.61
N GLU A 78 -3.47 6.01 -13.87
CA GLU A 78 -3.47 7.47 -13.92
C GLU A 78 -3.49 8.04 -12.52
N GLN A 79 -4.44 7.56 -11.71
CA GLN A 79 -4.65 8.08 -10.36
C GLN A 79 -3.44 7.87 -9.45
N SER A 80 -2.64 6.86 -9.75
CA SER A 80 -1.47 6.53 -8.94
C SER A 80 -0.50 7.71 -8.87
N GLU A 81 -0.39 8.45 -9.97
CA GLU A 81 0.51 9.59 -10.04
C GLU A 81 -0.01 10.69 -9.11
N ALA A 82 -1.31 10.91 -9.14
CA ALA A 82 -1.95 11.92 -8.32
C ALA A 82 -1.91 11.54 -6.85
N ILE A 83 -2.11 10.25 -6.56
CA ILE A 83 -2.08 9.76 -5.18
C ILE A 83 -0.67 9.89 -4.60
N GLY A 84 0.34 9.59 -5.41
CA GLY A 84 1.71 9.75 -4.98
C GLY A 84 2.01 11.18 -4.59
N ASP A 85 1.54 12.12 -5.40
CA ASP A 85 1.66 13.54 -5.13
C ASP A 85 0.86 13.93 -3.89
N ARG A 86 -0.32 13.35 -3.78
CA ARG A 86 -1.27 13.63 -2.71
C ARG A 86 -0.64 13.43 -1.33
N PHE A 87 0.13 12.36 -1.18
CA PHE A 87 0.74 12.03 0.10
C PHE A 87 2.21 12.42 0.12
N ASN A 88 2.70 12.95 -1.01
CA ASN A 88 4.10 13.32 -1.15
C ASN A 88 5.01 12.12 -0.87
N VAL A 89 4.70 11.00 -1.51
CA VAL A 89 5.42 9.77 -1.30
C VAL A 89 6.83 9.87 -1.89
N ARG A 90 7.78 9.15 -1.30
CA ARG A 90 9.14 9.13 -1.78
C ARG A 90 9.20 8.36 -3.11
N ARG A 91 10.01 8.86 -4.04
CA ARG A 91 10.10 8.28 -5.38
C ARG A 91 10.52 6.80 -5.36
N PHE A 92 10.32 6.14 -6.51
CA PHE A 92 10.54 4.70 -6.68
C PHE A 92 9.38 3.92 -6.09
N PRO A 93 9.10 2.70 -6.63
CA PRO A 93 7.98 1.86 -6.20
C PRO A 93 7.87 1.75 -4.69
N ALA A 94 6.72 2.15 -4.15
CA ALA A 94 6.58 2.28 -2.71
C ALA A 94 5.22 1.79 -2.24
N THR A 95 5.22 1.17 -1.09
CA THR A 95 3.99 0.77 -0.44
C THR A 95 3.65 1.78 0.66
N LEU A 96 2.42 2.24 0.67
CA LEU A 96 1.99 3.17 1.70
C LEU A 96 1.43 2.41 2.87
N VAL A 97 1.99 2.65 4.04
CA VAL A 97 1.59 1.94 5.24
C VAL A 97 0.58 2.78 6.02
N PHE A 98 -0.63 2.28 6.11
CA PHE A 98 -1.67 3.00 6.83
C PHE A 98 -2.07 2.24 8.08
N THR A 99 -2.32 3.00 9.13
CA THR A 99 -2.64 2.43 10.42
C THR A 99 -3.48 3.44 11.19
N ASP A 100 -4.37 2.94 12.01
CA ASP A 100 -5.28 3.76 12.84
C ASP A 100 -6.15 4.69 11.99
N GLY A 101 -6.23 4.42 10.70
CA GLY A 101 -6.94 5.29 9.80
C GLY A 101 -6.06 6.35 9.18
N LYS A 102 -4.83 6.48 9.68
CA LYS A 102 -3.93 7.51 9.17
C LYS A 102 -2.65 6.90 8.59
N LEU A 103 -1.78 7.75 8.07
CA LEU A 103 -0.57 7.29 7.41
C LEU A 103 0.54 7.02 8.42
N ARG A 104 1.13 5.84 8.33
CA ARG A 104 2.23 5.45 9.20
C ARG A 104 3.55 5.83 8.56
N GLY A 105 3.71 5.45 7.30
CA GLY A 105 4.93 5.72 6.58
C GLY A 105 4.92 5.11 5.20
N ALA A 106 6.09 5.02 4.58
CA ALA A 106 6.20 4.47 3.24
C ALA A 106 7.32 3.43 3.18
N LEU A 107 7.14 2.43 2.32
CA LEU A 107 8.12 1.38 2.16
C LEU A 107 8.77 1.45 0.78
N SER A 108 10.00 1.91 0.75
CA SER A 108 10.75 2.04 -0.51
C SER A 108 12.10 1.35 -0.38
N GLY A 109 12.73 1.06 -1.51
CA GLY A 109 14.06 0.48 -1.50
C GLY A 109 14.04 -1.03 -1.61
N ILE A 110 15.06 -1.59 -2.25
CA ILE A 110 15.15 -3.03 -2.41
C ILE A 110 15.80 -3.66 -1.18
N HIS A 111 15.00 -4.39 -0.42
CA HIS A 111 15.47 -5.04 0.79
C HIS A 111 14.91 -6.45 0.89
N PRO A 112 15.74 -7.43 1.26
CA PRO A 112 15.32 -8.83 1.35
C PRO A 112 14.38 -9.07 2.53
N TRP A 113 13.88 -10.30 2.64
CA TRP A 113 13.04 -10.67 3.76
C TRP A 113 13.89 -10.80 5.02
N ALA A 114 13.24 -11.02 6.16
CA ALA A 114 13.89 -11.07 7.47
C ALA A 114 14.34 -9.67 7.91
N GLU A 115 15.17 -9.02 7.11
CA GLU A 115 15.58 -7.64 7.39
C GLU A 115 14.39 -6.71 7.31
N LEU A 116 13.46 -7.04 6.43
CA LEU A 116 12.21 -6.28 6.29
C LEU A 116 11.48 -6.23 7.63
N LEU A 117 11.48 -7.38 8.32
CA LEU A 117 10.81 -7.50 9.62
C LEU A 117 11.42 -6.57 10.65
N THR A 118 12.71 -6.27 10.49
CA THR A 118 13.39 -5.39 11.41
C THR A 118 13.13 -3.92 11.03
N LEU A 119 13.24 -3.63 9.74
CA LEU A 119 13.15 -2.25 9.25
C LEU A 119 11.72 -1.72 9.35
N MET A 120 10.77 -2.50 8.86
CA MET A 120 9.39 -2.05 8.79
C MET A 120 8.74 -2.00 10.18
N ARG A 121 9.27 -2.80 11.09
CA ARG A 121 8.72 -2.87 12.44
C ARG A 121 8.97 -1.57 13.19
N SER A 122 10.04 -0.88 12.83
CA SER A 122 10.35 0.40 13.38
C SER A 122 9.25 1.43 13.09
N ILE A 123 8.55 1.25 11.97
CA ILE A 123 7.45 2.13 11.62
C ILE A 123 6.18 1.73 12.38
N VAL A 124 5.87 0.44 12.34
CA VAL A 124 4.67 -0.08 12.98
C VAL A 124 4.94 -0.53 14.41
N ASP A 125 5.82 0.20 15.09
CA ASP A 125 6.20 -0.14 16.45
C ASP A 125 5.07 0.21 17.41
N THR A 126 4.65 1.48 17.35
CA THR A 126 3.54 2.01 18.15
C THR A 126 3.67 1.66 19.64
N PRO A 127 4.44 2.46 20.40
CA PRO A 127 4.59 2.29 21.85
C PRO A 127 3.29 2.63 22.60
N ALA A 128 2.47 3.46 21.96
CA ALA A 128 1.21 3.91 22.54
C ALA A 128 0.05 3.02 22.12
N ALA A 129 0.30 1.73 22.05
CA ALA A 129 -0.73 0.77 21.69
C ALA A 129 -0.88 -0.28 22.80
N GLN A 130 -2.08 -0.83 22.93
CA GLN A 130 -2.35 -1.81 23.98
C GLN A 130 -1.96 -3.21 23.54
N GLU A 131 -2.22 -3.51 22.26
CA GLU A 131 -1.91 -4.82 21.69
C GLU A 131 -2.72 -5.90 22.44
N THR A 132 -2.10 -7.04 22.71
CA THR A 132 -2.72 -8.11 23.48
C THR A 132 -3.92 -8.69 22.73
N VAL A 133 -3.73 -8.90 21.43
CA VAL A 133 -4.77 -9.46 20.60
C VAL A 133 -4.55 -10.96 20.38
N GLN A 134 -5.49 -11.60 19.74
CA GLN A 134 -5.38 -13.01 19.42
C GLN A 134 -4.97 -13.15 17.96
N LEU A 135 -3.74 -13.63 17.73
CA LEU A 135 -3.21 -13.79 16.39
C LEU A 135 -3.98 -14.89 15.65
N GLU A 136 -4.68 -14.49 14.59
CA GLU A 136 -5.46 -15.44 13.80
C GLU A 136 -4.60 -16.57 13.27
N HIS A 137 -5.13 -17.77 13.38
CA HIS A 137 -4.41 -18.97 12.99
C HIS A 137 -4.57 -19.24 11.50
N HIS A 138 -3.87 -20.24 11.00
CA HIS A 138 -3.97 -20.61 9.60
C HIS A 138 -5.21 -21.45 9.37
N HIS A 139 -5.93 -21.17 8.28
CA HIS A 139 -7.16 -21.87 7.98
C HIS A 139 -6.91 -23.35 7.75
N HIS A 140 -7.31 -24.16 8.72
CA HIS A 140 -7.12 -25.60 8.65
C HIS A 140 -8.36 -26.25 8.03
N HIS A 141 -8.28 -26.56 6.75
CA HIS A 141 -9.42 -27.06 6.01
C HIS A 141 -9.01 -28.29 5.19
N HIS A 142 -9.92 -29.23 5.01
CA HIS A 142 -9.65 -30.35 4.12
C HIS A 142 -10.48 -30.19 2.85
N MET A 1 11.52 -7.59 -17.37
CA MET A 1 10.45 -7.99 -18.30
C MET A 1 9.90 -6.75 -19.01
N ALA A 2 10.25 -6.62 -20.28
CA ALA A 2 9.86 -5.47 -21.07
C ALA A 2 8.65 -5.82 -21.92
N ASN A 3 7.56 -5.08 -21.72
CA ASN A 3 6.32 -5.35 -22.41
C ASN A 3 5.92 -4.19 -23.31
N ASP A 4 5.48 -4.51 -24.52
CA ASP A 4 4.95 -3.51 -25.43
C ASP A 4 3.46 -3.37 -25.20
N THR A 5 2.99 -2.12 -25.18
CA THR A 5 1.63 -1.76 -24.78
C THR A 5 1.30 -2.25 -23.35
N PRO A 6 0.90 -1.33 -22.46
CA PRO A 6 0.56 -1.67 -21.07
C PRO A 6 -0.36 -2.88 -20.98
N PHE A 7 -1.44 -2.85 -21.76
CA PHE A 7 -2.39 -3.96 -21.87
C PHE A 7 -3.15 -4.18 -20.56
N SER A 8 -4.48 -4.09 -20.64
CA SER A 8 -5.32 -4.16 -19.45
C SER A 8 -5.13 -5.47 -18.69
N ALA A 9 -4.79 -6.54 -19.41
CA ALA A 9 -4.59 -7.85 -18.79
C ALA A 9 -3.44 -7.84 -17.78
N LEU A 10 -2.46 -6.98 -18.01
CA LEU A 10 -1.31 -6.86 -17.11
C LEU A 10 -1.73 -6.23 -15.79
N TRP A 11 -2.77 -5.42 -15.84
CA TRP A 11 -3.36 -4.82 -14.66
C TRP A 11 -4.38 -5.78 -14.03
N GLN A 12 -5.25 -6.32 -14.88
CA GLN A 12 -6.31 -7.25 -14.49
C GLN A 12 -5.81 -8.36 -13.56
N ARG A 13 -4.62 -8.89 -13.85
CA ARG A 13 -4.06 -10.01 -13.09
C ARG A 13 -4.00 -9.74 -11.59
N LEU A 14 -3.81 -8.47 -11.21
CA LEU A 14 -3.77 -8.12 -9.78
C LEU A 14 -5.17 -8.19 -9.20
N LEU A 15 -6.13 -7.69 -9.97
CA LEU A 15 -7.53 -7.69 -9.56
C LEU A 15 -8.07 -9.11 -9.49
N THR A 16 -7.47 -9.99 -10.28
CA THR A 16 -7.85 -11.40 -10.29
C THR A 16 -7.64 -12.03 -8.91
N ARG A 17 -6.57 -11.63 -8.22
CA ARG A 17 -6.33 -12.13 -6.88
C ARG A 17 -7.27 -11.45 -5.89
N GLY A 18 -7.58 -10.19 -6.16
CA GLY A 18 -8.52 -9.47 -5.33
C GLY A 18 -8.13 -8.03 -5.13
N TRP A 19 -8.12 -7.61 -3.86
CA TRP A 19 -7.80 -6.24 -3.45
C TRP A 19 -8.85 -5.24 -3.94
N GLN A 20 -8.94 -4.13 -3.23
CA GLN A 20 -9.89 -3.09 -3.57
C GLN A 20 -9.27 -2.09 -4.52
N PRO A 21 -9.86 -1.92 -5.71
CA PRO A 21 -9.40 -0.91 -6.67
C PRO A 21 -9.92 0.47 -6.29
N VAL A 22 -9.03 1.30 -5.77
CA VAL A 22 -9.37 2.64 -5.31
C VAL A 22 -8.96 3.68 -6.34
N GLU A 23 -9.12 4.95 -5.96
CA GLU A 23 -8.81 6.05 -6.86
C GLU A 23 -7.97 7.09 -6.12
N ALA A 24 -7.61 8.16 -6.81
CA ALA A 24 -6.76 9.20 -6.24
C ALA A 24 -7.46 9.89 -5.06
N SER A 25 -8.70 10.29 -5.26
CA SER A 25 -9.46 10.94 -4.21
C SER A 25 -10.20 9.92 -3.35
N THR A 26 -10.59 8.82 -3.97
CA THR A 26 -11.37 7.79 -3.29
C THR A 26 -10.53 7.05 -2.24
N VAL A 27 -9.21 6.98 -2.44
CA VAL A 27 -8.34 6.30 -1.48
C VAL A 27 -8.38 6.99 -0.12
N ASP A 28 -8.54 8.31 -0.13
CA ASP A 28 -8.59 9.10 1.10
C ASP A 28 -9.77 8.66 1.96
N ASP A 29 -10.90 8.42 1.30
CA ASP A 29 -12.11 7.97 1.96
C ASP A 29 -11.95 6.53 2.45
N TRP A 30 -11.32 5.71 1.61
CA TRP A 30 -11.08 4.32 1.96
C TRP A 30 -10.22 4.22 3.22
N ILE A 31 -9.15 4.99 3.24
CA ILE A 31 -8.22 4.99 4.37
C ILE A 31 -8.92 5.31 5.68
N LYS A 32 -9.70 6.39 5.70
CA LYS A 32 -10.34 6.82 6.93
C LYS A 32 -11.42 5.82 7.39
N ARG A 33 -11.91 4.99 6.47
CA ARG A 33 -12.87 3.97 6.85
C ARG A 33 -12.20 2.75 7.45
N VAL A 34 -11.16 2.28 6.77
CA VAL A 34 -10.50 1.04 7.18
C VAL A 34 -9.60 1.27 8.38
N GLY A 35 -8.95 2.42 8.44
CA GLY A 35 -8.06 2.73 9.53
C GLY A 35 -6.72 2.05 9.39
N ASP A 36 -6.75 0.76 9.14
CA ASP A 36 -5.56 -0.05 9.02
C ASP A 36 -5.53 -0.72 7.67
N GLY A 37 -4.45 -0.53 6.92
CA GLY A 37 -4.34 -1.13 5.61
C GLY A 37 -3.11 -0.70 4.86
N VAL A 38 -2.90 -1.30 3.70
CA VAL A 38 -1.75 -0.99 2.86
C VAL A 38 -2.17 -0.79 1.41
N ILE A 39 -1.66 0.27 0.80
CA ILE A 39 -1.98 0.56 -0.58
C ILE A 39 -0.81 0.18 -1.48
N LEU A 40 -1.08 -0.63 -2.49
CA LEU A 40 -0.08 -0.99 -3.48
C LEU A 40 -0.28 -0.14 -4.72
N LEU A 41 0.69 0.72 -5.03
CA LEU A 41 0.61 1.53 -6.23
C LEU A 41 0.79 0.64 -7.46
N SER A 42 0.14 1.02 -8.54
CA SER A 42 0.20 0.23 -9.76
C SER A 42 1.57 0.33 -10.40
N SER A 43 2.27 1.43 -10.13
CA SER A 43 3.60 1.66 -10.66
C SER A 43 3.56 1.71 -12.20
N ASP A 44 4.71 1.60 -12.82
CA ASP A 44 4.81 1.46 -14.26
C ASP A 44 5.77 0.33 -14.58
N PRO A 45 5.21 -0.86 -14.81
CA PRO A 45 5.98 -2.11 -14.96
C PRO A 45 6.74 -2.23 -16.27
N ARG A 46 7.48 -1.18 -16.63
CA ARG A 46 8.37 -1.24 -17.79
C ARG A 46 9.32 -0.04 -17.82
N ARG A 47 10.49 -0.24 -17.22
CA ARG A 47 11.57 0.74 -17.29
C ARG A 47 12.85 0.05 -17.75
N THR A 48 13.72 -0.23 -16.79
CA THR A 48 14.90 -1.03 -17.03
C THR A 48 15.21 -1.85 -15.77
N PRO A 49 15.40 -1.17 -14.61
CA PRO A 49 15.48 -1.83 -13.32
C PRO A 49 14.09 -2.03 -12.72
N GLU A 50 13.75 -3.26 -12.41
CA GLU A 50 12.42 -3.58 -11.91
C GLU A 50 12.40 -3.52 -10.39
N VAL A 51 11.94 -2.39 -9.86
CA VAL A 51 11.93 -2.17 -8.42
C VAL A 51 10.50 -2.12 -7.88
N SER A 52 10.33 -2.65 -6.67
CA SER A 52 9.03 -2.67 -5.99
C SER A 52 7.98 -3.47 -6.75
N ASP A 53 8.41 -4.22 -7.76
CA ASP A 53 7.48 -5.00 -8.57
C ASP A 53 7.22 -6.34 -7.92
N ASN A 54 6.81 -6.31 -6.65
CA ASN A 54 6.54 -7.53 -5.90
C ASN A 54 5.18 -7.45 -5.19
N PRO A 55 4.08 -7.15 -5.92
CA PRO A 55 2.76 -7.02 -5.32
C PRO A 55 2.20 -8.36 -4.89
N VAL A 56 2.56 -9.40 -5.62
CA VAL A 56 2.07 -10.75 -5.35
C VAL A 56 2.69 -11.30 -4.06
N MET A 57 3.80 -10.70 -3.66
CA MET A 57 4.56 -11.15 -2.51
C MET A 57 4.18 -10.37 -1.25
N ILE A 58 3.16 -9.53 -1.36
CA ILE A 58 2.75 -8.70 -0.23
C ILE A 58 1.97 -9.53 0.80
N ALA A 59 1.47 -10.68 0.36
CA ALA A 59 0.65 -11.53 1.21
C ALA A 59 1.46 -12.14 2.36
N GLU A 60 2.58 -12.76 2.02
CA GLU A 60 3.43 -13.37 3.03
C GLU A 60 4.10 -12.31 3.91
N LEU A 61 4.31 -11.14 3.31
CA LEU A 61 4.92 -10.02 4.02
C LEU A 61 3.96 -9.46 5.05
N LEU A 62 2.78 -9.08 4.58
CA LEU A 62 1.77 -8.42 5.42
C LEU A 62 1.42 -9.23 6.66
N ARG A 63 1.38 -10.54 6.52
CA ARG A 63 0.98 -11.42 7.62
C ARG A 63 2.08 -11.54 8.69
N GLU A 64 3.08 -10.66 8.64
CA GLU A 64 4.09 -10.61 9.68
C GLU A 64 3.60 -9.70 10.79
N PHE A 65 2.61 -8.86 10.45
CA PHE A 65 2.08 -7.87 11.37
C PHE A 65 0.58 -8.08 11.62
N PRO A 66 0.18 -9.22 12.18
CA PRO A 66 -1.24 -9.55 12.35
C PRO A 66 -1.83 -8.93 13.61
N GLN A 67 -1.49 -7.68 13.85
CA GLN A 67 -1.98 -6.95 15.01
C GLN A 67 -3.36 -6.38 14.73
N PHE A 68 -3.55 -5.92 13.50
CA PHE A 68 -4.79 -5.27 13.10
C PHE A 68 -5.40 -6.01 11.92
N ASP A 69 -6.56 -5.57 11.47
CA ASP A 69 -7.16 -6.11 10.26
C ASP A 69 -6.69 -5.30 9.07
N TRP A 70 -5.57 -5.72 8.48
CA TRP A 70 -5.02 -5.03 7.34
C TRP A 70 -5.82 -5.33 6.08
N GLN A 71 -5.99 -4.31 5.27
CA GLN A 71 -6.70 -4.45 4.01
C GLN A 71 -5.81 -3.91 2.90
N VAL A 72 -5.74 -4.63 1.79
CA VAL A 72 -4.87 -4.23 0.70
C VAL A 72 -5.68 -3.63 -0.44
N ALA A 73 -5.27 -2.45 -0.90
CA ALA A 73 -5.94 -1.79 -1.99
C ALA A 73 -4.95 -1.43 -3.10
N VAL A 74 -5.45 -1.37 -4.32
CA VAL A 74 -4.63 -1.03 -5.47
C VAL A 74 -5.30 0.09 -6.27
N ALA A 75 -4.54 0.76 -7.12
CA ALA A 75 -5.08 1.88 -7.89
C ALA A 75 -4.68 1.75 -9.36
N ASP A 76 -5.36 2.53 -10.20
CA ASP A 76 -5.11 2.50 -11.65
C ASP A 76 -3.69 2.98 -11.96
N LEU A 77 -3.19 2.58 -13.12
CA LEU A 77 -1.79 2.78 -13.51
C LEU A 77 -1.34 4.23 -13.34
N GLU A 78 -2.01 5.17 -14.00
CA GLU A 78 -1.57 6.55 -14.03
C GLU A 78 -1.87 7.28 -12.72
N GLN A 79 -3.05 7.03 -12.15
CA GLN A 79 -3.46 7.74 -10.95
C GLN A 79 -2.58 7.39 -9.76
N SER A 80 -2.04 6.19 -9.79
CA SER A 80 -1.09 5.72 -8.76
C SER A 80 0.07 6.70 -8.60
N GLU A 81 0.47 7.34 -9.69
CA GLU A 81 1.59 8.29 -9.67
C GLU A 81 1.17 9.53 -8.89
N ALA A 82 -0.06 9.98 -9.12
CA ALA A 82 -0.57 11.18 -8.46
C ALA A 82 -0.88 10.91 -6.99
N ILE A 83 -1.23 9.66 -6.68
CA ILE A 83 -1.54 9.26 -5.31
C ILE A 83 -0.31 9.41 -4.40
N GLY A 84 0.86 9.12 -4.94
CA GLY A 84 2.10 9.31 -4.19
C GLY A 84 2.29 10.76 -3.82
N ASP A 85 1.86 11.66 -4.71
CA ASP A 85 1.95 13.08 -4.47
C ASP A 85 0.90 13.52 -3.45
N ARG A 86 -0.25 12.86 -3.51
CA ARG A 86 -1.33 13.09 -2.54
C ARG A 86 -0.84 12.88 -1.11
N PHE A 87 -0.07 11.82 -0.90
CA PHE A 87 0.47 11.52 0.42
C PHE A 87 1.75 12.31 0.66
N ASN A 88 2.15 13.10 -0.34
CA ASN A 88 3.34 13.96 -0.26
C ASN A 88 4.59 13.11 -0.10
N VAL A 89 4.63 11.98 -0.80
CA VAL A 89 5.78 11.09 -0.79
C VAL A 89 6.77 11.52 -1.87
N ARG A 90 7.94 10.91 -1.89
CA ARG A 90 8.98 11.24 -2.88
C ARG A 90 8.61 10.78 -4.29
N ARG A 91 7.37 10.29 -4.45
CA ARG A 91 6.87 9.81 -5.75
C ARG A 91 7.67 8.61 -6.24
N PHE A 92 7.24 7.41 -5.85
CA PHE A 92 7.87 6.17 -6.27
C PHE A 92 7.01 4.99 -5.85
N PRO A 93 7.13 3.85 -6.54
CA PRO A 93 6.39 2.62 -6.17
C PRO A 93 6.73 2.16 -4.76
N ALA A 94 5.71 2.14 -3.90
CA ALA A 94 5.90 1.82 -2.49
C ALA A 94 4.58 1.41 -1.87
N THR A 95 4.66 0.71 -0.77
CA THR A 95 3.47 0.33 -0.02
C THR A 95 3.16 1.41 1.01
N LEU A 96 1.91 1.84 1.05
CA LEU A 96 1.53 2.87 2.00
C LEU A 96 1.04 2.24 3.29
N VAL A 97 1.65 2.65 4.40
CA VAL A 97 1.36 2.05 5.70
C VAL A 97 0.40 2.93 6.49
N PHE A 98 -0.81 2.42 6.69
CA PHE A 98 -1.81 3.14 7.47
C PHE A 98 -2.26 2.33 8.67
N THR A 99 -2.27 2.97 9.82
CA THR A 99 -2.68 2.32 11.06
C THR A 99 -3.49 3.29 11.91
N ASP A 100 -4.64 2.84 12.39
CA ASP A 100 -5.49 3.64 13.29
C ASP A 100 -6.01 4.89 12.56
N GLY A 101 -5.96 4.86 11.25
CA GLY A 101 -6.37 6.02 10.46
C GLY A 101 -5.28 7.05 10.35
N LYS A 102 -4.10 6.70 10.87
CA LYS A 102 -2.97 7.62 10.87
C LYS A 102 -1.93 7.19 9.85
N LEU A 103 -1.31 8.16 9.19
CA LEU A 103 -0.27 7.91 8.20
C LEU A 103 1.06 7.64 8.90
N ARG A 104 1.63 6.48 8.63
CA ARG A 104 2.91 6.10 9.22
C ARG A 104 4.04 6.34 8.22
N GLY A 105 3.77 6.13 6.95
CA GLY A 105 4.77 6.39 5.93
C GLY A 105 4.66 5.43 4.76
N ALA A 106 5.69 5.42 3.92
CA ALA A 106 5.73 4.53 2.76
C ALA A 106 6.80 3.46 2.97
N LEU A 107 6.68 2.35 2.25
CA LEU A 107 7.59 1.25 2.42
C LEU A 107 8.19 0.87 1.06
N SER A 108 9.48 1.12 0.91
CA SER A 108 10.20 0.74 -0.30
C SER A 108 11.40 -0.13 0.10
N GLY A 109 11.50 -1.29 -0.52
CA GLY A 109 12.54 -2.22 -0.15
C GLY A 109 13.88 -1.90 -0.77
N ILE A 110 14.82 -1.45 0.05
CA ILE A 110 16.21 -1.32 -0.38
C ILE A 110 16.74 -2.72 -0.69
N HIS A 111 16.32 -3.65 0.15
CA HIS A 111 16.48 -5.06 -0.11
C HIS A 111 15.11 -5.71 -0.05
N PRO A 112 14.84 -6.69 -0.94
CA PRO A 112 13.54 -7.35 -1.02
C PRO A 112 13.04 -7.90 0.33
N TRP A 113 13.95 -8.29 1.20
CA TRP A 113 13.57 -8.85 2.48
C TRP A 113 14.56 -8.46 3.58
N ALA A 114 14.47 -9.16 4.72
CA ALA A 114 15.40 -9.02 5.85
C ALA A 114 15.19 -7.70 6.59
N GLU A 115 15.91 -6.65 6.17
CA GLU A 115 15.84 -5.36 6.86
C GLU A 115 14.46 -4.74 6.75
N LEU A 116 13.70 -5.16 5.75
CA LEU A 116 12.32 -4.71 5.57
C LEU A 116 11.53 -4.97 6.85
N LEU A 117 11.70 -6.16 7.40
CA LEU A 117 10.99 -6.54 8.61
C LEU A 117 11.44 -5.67 9.78
N THR A 118 12.74 -5.45 9.88
CA THR A 118 13.30 -4.65 10.95
C THR A 118 12.73 -3.23 10.93
N LEU A 119 12.72 -2.61 9.76
CA LEU A 119 12.23 -1.25 9.62
C LEU A 119 10.71 -1.20 9.75
N MET A 120 10.02 -2.08 9.03
CA MET A 120 8.56 -2.09 9.04
C MET A 120 8.01 -2.31 10.45
N ARG A 121 8.66 -3.18 11.22
CA ARG A 121 8.23 -3.49 12.58
C ARG A 121 8.27 -2.24 13.47
N SER A 122 9.27 -1.41 13.26
CA SER A 122 9.37 -0.16 14.00
C SER A 122 8.25 0.79 13.59
N ILE A 123 7.84 0.69 12.32
CA ILE A 123 6.76 1.51 11.80
C ILE A 123 5.44 1.16 12.49
N VAL A 124 5.24 -0.13 12.74
CA VAL A 124 4.02 -0.59 13.42
C VAL A 124 4.27 -0.84 14.91
N ASP A 125 5.32 -0.23 15.44
CA ASP A 125 5.66 -0.38 16.86
C ASP A 125 4.86 0.62 17.69
N THR A 126 4.25 1.58 17.03
CA THR A 126 3.48 2.61 17.69
C THR A 126 2.18 2.06 18.27
N PRO A 127 1.77 2.56 19.45
CA PRO A 127 0.53 2.16 20.10
C PRO A 127 -0.69 2.48 19.25
N ALA A 128 -1.36 1.43 18.77
CA ALA A 128 -2.54 1.60 17.96
C ALA A 128 -3.77 1.03 18.66
N ALA A 129 -4.79 1.86 18.78
CA ALA A 129 -6.02 1.49 19.47
C ALA A 129 -7.08 2.55 19.21
N GLN A 130 -6.68 3.80 19.42
CA GLN A 130 -7.51 4.96 19.10
C GLN A 130 -6.73 6.26 19.30
N GLU A 131 -6.13 6.75 18.24
CA GLU A 131 -5.45 8.04 18.28
C GLU A 131 -6.40 9.10 17.75
N THR A 132 -7.23 9.63 18.64
CA THR A 132 -8.29 10.56 18.26
C THR A 132 -7.71 11.93 17.90
N VAL A 133 -6.61 12.28 18.54
CA VAL A 133 -5.96 13.56 18.27
C VAL A 133 -5.21 13.51 16.95
N GLN A 134 -5.58 14.39 16.02
CA GLN A 134 -4.96 14.44 14.71
C GLN A 134 -3.65 15.23 14.76
N LEU A 135 -2.58 14.53 15.07
CA LEU A 135 -1.28 15.16 15.21
C LEU A 135 -0.47 15.02 13.93
N GLU A 136 -0.40 16.10 13.18
CA GLU A 136 0.42 16.14 11.98
C GLU A 136 1.85 16.54 12.33
N HIS A 137 2.72 16.57 11.33
CA HIS A 137 4.11 16.97 11.54
C HIS A 137 4.28 18.42 11.11
N HIS A 138 3.16 19.14 11.02
CA HIS A 138 3.12 20.55 10.63
C HIS A 138 3.34 20.72 9.13
N HIS A 139 4.07 19.80 8.53
CA HIS A 139 4.15 19.72 7.07
C HIS A 139 2.81 19.22 6.55
N HIS A 140 2.05 20.12 5.94
CA HIS A 140 0.69 19.80 5.52
C HIS A 140 0.72 19.09 4.16
N HIS A 141 -0.40 18.46 3.82
CA HIS A 141 -0.53 17.83 2.52
C HIS A 141 -0.72 18.88 1.44
N HIS A 142 0.26 19.04 0.57
CA HIS A 142 0.12 19.95 -0.55
C HIS A 142 -0.80 19.32 -1.58
N MET A 1 8.94 -12.24 -30.92
CA MET A 1 8.71 -11.17 -29.93
C MET A 1 7.22 -10.95 -29.74
N ALA A 2 6.81 -10.68 -28.51
CA ALA A 2 5.40 -10.45 -28.21
C ALA A 2 5.02 -9.00 -28.49
N ASN A 3 4.61 -8.74 -29.72
CA ASN A 3 4.20 -7.40 -30.13
C ASN A 3 2.72 -7.19 -29.84
N ASP A 4 2.14 -8.14 -29.12
CA ASP A 4 0.73 -8.12 -28.79
C ASP A 4 0.51 -8.75 -27.42
N THR A 5 -0.25 -8.09 -26.57
CA THR A 5 -0.53 -8.60 -25.24
C THR A 5 -1.88 -9.32 -25.22
N PRO A 6 -1.89 -10.56 -24.71
CA PRO A 6 -3.10 -11.36 -24.63
C PRO A 6 -4.02 -10.91 -23.51
N PHE A 7 -4.82 -9.87 -23.78
CA PHE A 7 -5.78 -9.34 -22.82
C PHE A 7 -5.07 -8.62 -21.67
N SER A 8 -5.82 -7.89 -20.84
CA SER A 8 -5.24 -7.21 -19.69
C SER A 8 -5.19 -8.18 -18.50
N ALA A 9 -4.86 -9.43 -18.78
CA ALA A 9 -4.86 -10.50 -17.78
C ALA A 9 -3.98 -10.13 -16.59
N LEU A 10 -2.82 -9.54 -16.86
CA LEU A 10 -1.85 -9.17 -15.83
C LEU A 10 -2.49 -8.29 -14.76
N TRP A 11 -3.25 -7.31 -15.21
CA TRP A 11 -3.90 -6.35 -14.33
C TRP A 11 -5.20 -6.91 -13.76
N GLN A 12 -6.04 -7.41 -14.66
CA GLN A 12 -7.36 -7.96 -14.30
C GLN A 12 -7.28 -8.98 -13.17
N ARG A 13 -6.30 -9.89 -13.22
CA ARG A 13 -6.23 -10.97 -12.24
C ARG A 13 -5.94 -10.46 -10.83
N LEU A 14 -5.26 -9.32 -10.73
CA LEU A 14 -5.01 -8.71 -9.43
C LEU A 14 -6.31 -8.11 -8.89
N LEU A 15 -7.10 -7.53 -9.78
CA LEU A 15 -8.42 -7.04 -9.40
C LEU A 15 -9.30 -8.21 -8.99
N THR A 16 -9.12 -9.34 -9.65
CA THR A 16 -9.89 -10.54 -9.38
C THR A 16 -9.54 -11.12 -8.00
N ARG A 17 -8.32 -10.85 -7.53
CA ARG A 17 -7.90 -11.33 -6.22
C ARG A 17 -8.63 -10.58 -5.12
N GLY A 18 -9.05 -9.36 -5.42
CA GLY A 18 -9.78 -8.58 -4.45
C GLY A 18 -9.03 -7.35 -4.01
N TRP A 19 -8.06 -6.92 -4.81
CA TRP A 19 -7.31 -5.71 -4.54
C TRP A 19 -8.08 -4.49 -5.03
N GLN A 20 -8.11 -3.44 -4.22
CA GLN A 20 -8.86 -2.25 -4.54
C GLN A 20 -8.00 -1.24 -5.32
N PRO A 21 -8.42 -0.89 -6.53
CA PRO A 21 -7.80 0.20 -7.28
C PRO A 21 -8.23 1.55 -6.70
N VAL A 22 -7.32 2.18 -5.99
CA VAL A 22 -7.64 3.43 -5.31
C VAL A 22 -7.50 4.62 -6.24
N GLU A 23 -8.14 5.72 -5.86
CA GLU A 23 -8.14 6.93 -6.64
C GLU A 23 -7.42 8.03 -5.88
N ALA A 24 -7.41 9.23 -6.43
CA ALA A 24 -6.66 10.34 -5.84
C ALA A 24 -7.49 11.06 -4.80
N SER A 25 -8.70 11.43 -5.17
CA SER A 25 -9.53 12.27 -4.31
C SER A 25 -10.15 11.46 -3.16
N THR A 26 -10.53 10.22 -3.43
CA THR A 26 -11.24 9.42 -2.44
C THR A 26 -10.34 8.35 -1.81
N VAL A 27 -9.02 8.53 -1.92
CA VAL A 27 -8.07 7.56 -1.38
C VAL A 27 -8.16 7.49 0.15
N ASP A 28 -8.34 8.66 0.79
CA ASP A 28 -8.37 8.71 2.25
C ASP A 28 -9.69 8.18 2.78
N ASP A 29 -10.73 8.21 1.95
CA ASP A 29 -12.03 7.68 2.34
C ASP A 29 -11.95 6.18 2.52
N TRP A 30 -11.26 5.52 1.58
CA TRP A 30 -11.04 4.08 1.67
C TRP A 30 -10.25 3.75 2.93
N ILE A 31 -9.21 4.54 3.18
CA ILE A 31 -8.37 4.37 4.36
C ILE A 31 -9.20 4.50 5.64
N LYS A 32 -10.08 5.50 5.66
CA LYS A 32 -10.96 5.73 6.81
C LYS A 32 -11.94 4.57 6.96
N ARG A 33 -12.31 3.98 5.83
CA ARG A 33 -13.31 2.93 5.79
C ARG A 33 -12.74 1.61 6.31
N VAL A 34 -11.55 1.26 5.84
CA VAL A 34 -10.92 0.01 6.23
C VAL A 34 -10.13 0.14 7.53
N GLY A 35 -9.59 1.33 7.77
CA GLY A 35 -8.81 1.58 8.97
C GLY A 35 -7.36 1.16 8.79
N ASP A 36 -7.17 -0.08 8.41
CA ASP A 36 -5.84 -0.64 8.28
C ASP A 36 -5.66 -1.24 6.89
N GLY A 37 -4.56 -0.86 6.22
CA GLY A 37 -4.31 -1.34 4.88
C GLY A 37 -3.09 -0.70 4.26
N VAL A 38 -2.73 -1.15 3.06
CA VAL A 38 -1.57 -0.60 2.36
C VAL A 38 -1.91 -0.26 0.92
N ILE A 39 -1.32 0.81 0.42
CA ILE A 39 -1.48 1.21 -0.97
C ILE A 39 -0.17 1.01 -1.74
N LEU A 40 -0.24 0.27 -2.84
CA LEU A 40 0.93 0.04 -3.68
C LEU A 40 0.96 1.03 -4.85
N LEU A 41 2.10 1.68 -5.05
CA LEU A 41 2.28 2.56 -6.19
C LEU A 41 3.01 1.82 -7.31
N SER A 42 2.91 2.34 -8.53
CA SER A 42 3.61 1.76 -9.67
C SER A 42 5.12 1.81 -9.44
N SER A 43 5.68 0.68 -9.04
CA SER A 43 7.06 0.62 -8.58
C SER A 43 8.06 0.68 -9.73
N ASP A 44 7.66 0.21 -10.90
CA ASP A 44 8.56 0.20 -12.05
C ASP A 44 8.44 1.51 -12.84
N PRO A 45 9.54 2.26 -12.92
CA PRO A 45 9.58 3.53 -13.65
C PRO A 45 9.55 3.33 -15.16
N ARG A 46 10.61 2.71 -15.68
CA ARG A 46 10.69 2.39 -17.10
C ARG A 46 10.57 0.88 -17.26
N ARG A 47 11.30 0.17 -16.41
CA ARG A 47 11.23 -1.28 -16.35
C ARG A 47 11.50 -1.71 -14.91
N THR A 48 11.10 -2.93 -14.58
CA THR A 48 11.37 -3.51 -13.27
C THR A 48 12.86 -3.42 -12.91
N PRO A 49 13.23 -2.56 -11.95
CA PRO A 49 14.61 -2.26 -11.63
C PRO A 49 15.23 -3.19 -10.58
N GLU A 50 16.05 -4.12 -11.06
CA GLU A 50 16.80 -5.05 -10.21
C GLU A 50 15.87 -5.93 -9.37
N VAL A 51 15.64 -5.51 -8.12
CA VAL A 51 14.81 -6.26 -7.18
C VAL A 51 14.10 -5.30 -6.24
N SER A 52 13.95 -4.05 -6.68
CA SER A 52 13.36 -3.02 -5.84
C SER A 52 11.88 -2.83 -6.20
N ASP A 53 11.30 -3.87 -6.76
CA ASP A 53 9.94 -3.83 -7.27
C ASP A 53 9.23 -5.15 -6.98
N ASN A 54 8.27 -5.50 -7.84
CA ASN A 54 7.44 -6.71 -7.71
C ASN A 54 6.32 -6.51 -6.69
N PRO A 55 5.08 -6.41 -7.17
CA PRO A 55 3.90 -6.28 -6.32
C PRO A 55 3.44 -7.63 -5.77
N VAL A 56 4.03 -8.70 -6.28
CA VAL A 56 3.73 -10.04 -5.82
C VAL A 56 4.46 -10.34 -4.52
N MET A 57 3.94 -11.28 -3.75
CA MET A 57 4.53 -11.68 -2.47
C MET A 57 4.36 -10.60 -1.42
N ILE A 58 3.60 -9.56 -1.75
CA ILE A 58 3.29 -8.50 -0.80
C ILE A 58 2.22 -8.98 0.19
N ALA A 59 1.54 -10.06 -0.17
CA ALA A 59 0.48 -10.61 0.66
C ALA A 59 1.03 -11.27 1.90
N GLU A 60 1.97 -12.20 1.71
CA GLU A 60 2.65 -12.86 2.80
C GLU A 60 3.49 -11.86 3.59
N LEU A 61 3.96 -10.85 2.89
CA LEU A 61 4.69 -9.74 3.51
C LEU A 61 3.76 -8.99 4.46
N LEU A 62 2.65 -8.54 3.92
CA LEU A 62 1.66 -7.78 4.67
C LEU A 62 1.11 -8.57 5.85
N ARG A 63 0.89 -9.86 5.66
CA ARG A 63 0.29 -10.70 6.68
C ARG A 63 1.29 -11.04 7.80
N GLU A 64 2.40 -10.30 7.84
CA GLU A 64 3.35 -10.41 8.94
C GLU A 64 2.79 -9.74 10.18
N PHE A 65 1.72 -8.98 10.00
CA PHE A 65 1.07 -8.31 11.12
C PHE A 65 -0.33 -8.86 11.34
N PRO A 66 -0.45 -10.02 12.00
CA PRO A 66 -1.74 -10.65 12.29
C PRO A 66 -2.49 -9.91 13.40
N GLN A 67 -1.80 -8.94 14.00
CA GLN A 67 -2.40 -8.10 15.03
C GLN A 67 -3.67 -7.44 14.49
N PHE A 68 -3.55 -6.87 13.30
CA PHE A 68 -4.68 -6.25 12.62
C PHE A 68 -5.11 -7.10 11.43
N ASP A 69 -6.06 -6.59 10.66
CA ASP A 69 -6.44 -7.25 9.42
C ASP A 69 -6.39 -6.23 8.28
N TRP A 70 -5.37 -6.35 7.45
CA TRP A 70 -5.07 -5.34 6.44
C TRP A 70 -5.68 -5.71 5.09
N GLN A 71 -6.01 -4.70 4.29
CA GLN A 71 -6.42 -4.92 2.91
C GLN A 71 -5.33 -4.37 1.98
N VAL A 72 -5.29 -4.86 0.75
CA VAL A 72 -4.29 -4.43 -0.20
C VAL A 72 -4.93 -3.59 -1.31
N ALA A 73 -4.48 -2.35 -1.41
CA ALA A 73 -4.98 -1.46 -2.44
C ALA A 73 -3.85 -1.08 -3.39
N VAL A 74 -4.19 -0.85 -4.64
CA VAL A 74 -3.20 -0.53 -5.65
C VAL A 74 -3.61 0.68 -6.45
N ALA A 75 -2.62 1.43 -6.92
CA ALA A 75 -2.86 2.51 -7.86
C ALA A 75 -2.96 1.95 -9.26
N ASP A 76 -3.75 2.59 -10.10
CA ASP A 76 -3.96 2.12 -11.47
C ASP A 76 -2.81 2.56 -12.37
N LEU A 77 -1.61 2.68 -11.77
CA LEU A 77 -0.43 3.20 -12.45
C LEU A 77 -0.52 4.71 -12.63
N GLU A 78 -1.66 5.17 -13.11
CA GLU A 78 -1.90 6.59 -13.34
C GLU A 78 -1.96 7.34 -12.02
N GLN A 79 -2.79 6.85 -11.10
CA GLN A 79 -2.99 7.50 -9.81
C GLN A 79 -1.70 7.69 -9.02
N SER A 80 -0.67 6.89 -9.32
CA SER A 80 0.56 6.87 -8.53
C SER A 80 1.13 8.28 -8.30
N GLU A 81 1.14 9.09 -9.36
CA GLU A 81 1.68 10.45 -9.25
C GLU A 81 0.84 11.30 -8.30
N ALA A 82 -0.48 11.22 -8.45
CA ALA A 82 -1.40 11.98 -7.62
C ALA A 82 -1.38 11.46 -6.18
N ILE A 83 -1.42 10.14 -6.04
CA ILE A 83 -1.41 9.51 -4.72
C ILE A 83 -0.12 9.84 -3.97
N GLY A 84 0.99 9.86 -4.69
CA GLY A 84 2.27 10.21 -4.08
C GLY A 84 2.23 11.58 -3.44
N ASP A 85 1.78 12.58 -4.19
CA ASP A 85 1.73 13.95 -3.68
C ASP A 85 0.68 14.08 -2.58
N ARG A 86 -0.39 13.30 -2.72
CA ARG A 86 -1.48 13.26 -1.73
C ARG A 86 -0.95 12.88 -0.35
N PHE A 87 0.04 12.01 -0.31
CA PHE A 87 0.63 11.56 0.94
C PHE A 87 2.00 12.18 1.17
N ASN A 88 2.30 13.21 0.37
CA ASN A 88 3.54 13.98 0.50
C ASN A 88 4.76 13.11 0.21
N VAL A 89 4.58 12.15 -0.68
CA VAL A 89 5.66 11.29 -1.13
C VAL A 89 6.30 11.93 -2.38
N ARG A 90 6.98 11.13 -3.19
CA ARG A 90 7.72 11.67 -4.32
C ARG A 90 8.05 10.54 -5.29
N ARG A 91 8.81 10.85 -6.34
CA ARG A 91 9.27 9.85 -7.30
C ARG A 91 10.03 8.73 -6.56
N PHE A 92 10.10 7.56 -7.17
CA PHE A 92 10.62 6.35 -6.53
C PHE A 92 9.63 5.88 -5.46
N PRO A 93 8.77 4.92 -5.84
CA PRO A 93 7.59 4.53 -5.06
C PRO A 93 7.90 3.74 -3.79
N ALA A 94 6.83 3.31 -3.12
CA ALA A 94 6.90 2.65 -1.84
C ALA A 94 5.55 2.11 -1.46
N THR A 95 5.52 1.19 -0.52
CA THR A 95 4.27 0.72 0.04
C THR A 95 3.83 1.70 1.14
N LEU A 96 2.60 2.16 1.07
CA LEU A 96 2.10 3.08 2.08
C LEU A 96 1.45 2.30 3.20
N VAL A 97 1.92 2.52 4.40
CA VAL A 97 1.44 1.77 5.56
C VAL A 97 0.41 2.60 6.31
N PHE A 98 -0.84 2.19 6.21
CA PHE A 98 -1.91 2.88 6.90
C PHE A 98 -2.48 2.03 8.01
N THR A 99 -2.60 2.63 9.17
CA THR A 99 -3.10 1.95 10.34
C THR A 99 -3.89 2.92 11.19
N ASP A 100 -4.99 2.44 11.77
CA ASP A 100 -5.87 3.27 12.61
C ASP A 100 -6.48 4.40 11.79
N GLY A 101 -6.52 4.22 10.48
CA GLY A 101 -7.00 5.26 9.59
C GLY A 101 -6.01 6.38 9.43
N LYS A 102 -4.80 6.18 9.95
CA LYS A 102 -3.76 7.20 9.88
C LYS A 102 -2.50 6.66 9.19
N LEU A 103 -1.69 7.56 8.66
CA LEU A 103 -0.46 7.17 7.98
C LEU A 103 0.60 6.81 9.00
N ARG A 104 1.22 5.66 8.82
CA ARG A 104 2.29 5.23 9.70
C ARG A 104 3.65 5.49 9.04
N GLY A 105 3.74 5.21 7.74
CA GLY A 105 4.97 5.47 7.02
C GLY A 105 4.97 4.85 5.64
N ALA A 106 6.10 4.92 4.97
CA ALA A 106 6.24 4.36 3.63
C ALA A 106 7.43 3.40 3.59
N LEU A 107 7.32 2.36 2.77
CA LEU A 107 8.36 1.35 2.69
C LEU A 107 8.83 1.17 1.25
N SER A 108 9.99 1.70 0.95
CA SER A 108 10.58 1.59 -0.38
C SER A 108 11.56 0.43 -0.39
N GLY A 109 11.97 0.00 -1.59
CA GLY A 109 12.83 -1.15 -1.72
C GLY A 109 14.26 -0.90 -1.26
N ILE A 110 14.45 -0.88 0.05
CA ILE A 110 15.78 -0.75 0.63
C ILE A 110 16.43 -2.13 0.77
N HIS A 111 17.02 -2.60 -0.35
CA HIS A 111 17.55 -3.95 -0.45
C HIS A 111 16.42 -4.98 -0.53
N PRO A 112 16.64 -6.09 -1.24
CA PRO A 112 15.63 -7.13 -1.38
C PRO A 112 15.25 -7.75 -0.04
N TRP A 113 14.05 -7.42 0.44
CA TRP A 113 13.54 -7.94 1.70
C TRP A 113 14.40 -7.41 2.86
N ALA A 114 15.00 -8.32 3.63
CA ALA A 114 15.99 -7.99 4.67
C ALA A 114 15.52 -6.89 5.64
N GLU A 115 15.79 -5.64 5.29
CA GLU A 115 15.57 -4.51 6.19
C GLU A 115 14.11 -4.11 6.26
N LEU A 116 13.35 -4.53 5.26
CA LEU A 116 11.92 -4.25 5.22
C LEU A 116 11.25 -4.73 6.50
N LEU A 117 11.63 -5.92 6.95
CA LEU A 117 11.11 -6.49 8.19
C LEU A 117 11.38 -5.56 9.36
N THR A 118 12.61 -5.07 9.45
CA THR A 118 13.01 -4.19 10.54
C THR A 118 12.22 -2.89 10.51
N LEU A 119 12.19 -2.24 9.36
CA LEU A 119 11.56 -0.93 9.23
C LEU A 119 10.06 -0.98 9.46
N MET A 120 9.38 -1.90 8.79
CA MET A 120 7.91 -1.96 8.89
C MET A 120 7.47 -2.32 10.30
N ARG A 121 8.24 -3.16 11.00
CA ARG A 121 7.90 -3.58 12.34
C ARG A 121 8.14 -2.45 13.35
N SER A 122 9.19 -1.69 13.14
CA SER A 122 9.56 -0.62 14.05
C SER A 122 8.48 0.47 14.07
N ILE A 123 7.80 0.66 12.95
CA ILE A 123 6.77 1.68 12.85
C ILE A 123 5.51 1.26 13.61
N VAL A 124 5.13 -0.01 13.47
CA VAL A 124 3.92 -0.52 14.13
C VAL A 124 4.22 -0.94 15.57
N ASP A 125 5.39 -0.57 16.06
CA ASP A 125 5.82 -0.90 17.41
C ASP A 125 4.98 -0.18 18.46
N THR A 126 4.39 0.96 18.07
CA THR A 126 3.55 1.81 18.93
C THR A 126 4.32 2.37 20.13
N PRO A 127 3.90 3.54 20.65
CA PRO A 127 4.59 4.21 21.75
C PRO A 127 4.40 3.51 23.09
N ALA A 128 5.33 2.63 23.43
CA ALA A 128 5.36 1.99 24.74
C ALA A 128 6.53 2.51 25.56
N ALA A 129 7.55 2.97 24.85
CA ALA A 129 8.71 3.57 25.48
C ALA A 129 8.64 5.09 25.39
N GLN A 130 9.47 5.78 26.15
CA GLN A 130 9.50 7.24 26.16
C GLN A 130 9.98 7.79 24.82
N GLU A 131 9.15 8.61 24.20
CA GLU A 131 9.47 9.31 22.96
C GLU A 131 9.61 8.39 21.76
N THR A 132 8.77 8.62 20.76
CA THR A 132 8.84 7.91 19.51
C THR A 132 9.49 8.79 18.45
N VAL A 133 10.54 9.49 18.85
CA VAL A 133 11.25 10.40 17.97
C VAL A 133 11.81 9.67 16.75
N GLN A 134 11.84 10.38 15.62
CA GLN A 134 12.25 9.79 14.36
C GLN A 134 13.33 10.65 13.70
N LEU A 135 12.96 11.90 13.39
CA LEU A 135 13.88 12.87 12.80
C LEU A 135 14.28 12.50 11.37
N GLU A 136 14.66 13.53 10.61
CA GLU A 136 15.16 13.38 9.23
C GLU A 136 14.04 13.04 8.25
N HIS A 137 13.17 12.12 8.64
CA HIS A 137 11.96 11.85 7.88
C HIS A 137 10.89 12.86 8.27
N HIS A 138 10.24 13.44 7.26
CA HIS A 138 9.33 14.56 7.48
C HIS A 138 8.11 14.16 8.32
N HIS A 139 7.74 15.05 9.23
CA HIS A 139 6.51 14.92 9.98
C HIS A 139 5.63 16.13 9.76
N HIS A 140 5.96 17.24 10.44
CA HIS A 140 5.17 18.47 10.36
C HIS A 140 3.72 18.21 10.73
N HIS A 141 2.84 19.11 10.34
CA HIS A 141 1.42 18.88 10.41
C HIS A 141 0.84 19.06 9.01
N HIS A 142 1.18 20.20 8.44
CA HIS A 142 0.94 20.47 7.03
C HIS A 142 1.72 21.71 6.62
N MET A 1 -21.91 2.85 -7.75
CA MET A 1 -20.77 3.79 -7.85
C MET A 1 -19.50 3.14 -7.35
N ALA A 2 -18.76 2.53 -8.26
CA ALA A 2 -17.48 1.90 -7.91
C ALA A 2 -16.54 1.90 -9.12
N ASN A 3 -17.08 2.30 -10.28
CA ASN A 3 -16.33 2.34 -11.54
C ASN A 3 -16.01 0.92 -12.03
N ASP A 4 -15.10 0.25 -11.32
CA ASP A 4 -14.73 -1.14 -11.59
C ASP A 4 -14.45 -1.37 -13.08
N THR A 5 -13.29 -0.94 -13.54
CA THR A 5 -12.90 -1.12 -14.93
C THR A 5 -11.46 -1.59 -15.03
N PRO A 6 -11.19 -2.60 -15.88
CA PRO A 6 -9.84 -3.06 -16.16
C PRO A 6 -9.12 -2.13 -17.13
N PHE A 7 -8.35 -1.20 -16.58
CA PHE A 7 -7.66 -0.19 -17.38
C PHE A 7 -6.58 -0.82 -18.25
N SER A 8 -5.86 -1.80 -17.71
CA SER A 8 -4.81 -2.47 -18.45
C SER A 8 -4.81 -3.95 -18.13
N ALA A 9 -4.06 -4.73 -18.93
CA ALA A 9 -3.95 -6.16 -18.73
C ALA A 9 -3.31 -6.47 -17.38
N LEU A 10 -2.22 -5.78 -17.08
CA LEU A 10 -1.53 -5.96 -15.80
C LEU A 10 -2.48 -5.63 -14.65
N TRP A 11 -3.22 -4.54 -14.80
CA TRP A 11 -4.20 -4.13 -13.80
C TRP A 11 -5.23 -5.23 -13.57
N GLN A 12 -5.79 -5.75 -14.65
CA GLN A 12 -6.76 -6.84 -14.58
C GLN A 12 -6.16 -8.07 -13.88
N ARG A 13 -4.88 -8.33 -14.13
CA ARG A 13 -4.22 -9.48 -13.53
C ARG A 13 -4.02 -9.29 -12.03
N LEU A 14 -3.88 -8.04 -11.61
CA LEU A 14 -3.81 -7.73 -10.19
C LEU A 14 -5.15 -8.00 -9.52
N LEU A 15 -6.22 -7.65 -10.23
CA LEU A 15 -7.57 -7.87 -9.75
C LEU A 15 -7.85 -9.37 -9.61
N THR A 16 -7.15 -10.16 -10.40
CA THR A 16 -7.25 -11.61 -10.31
C THR A 16 -6.78 -12.09 -8.94
N ARG A 17 -5.68 -11.53 -8.45
CA ARG A 17 -5.17 -11.87 -7.13
C ARG A 17 -6.09 -11.29 -6.06
N GLY A 18 -6.69 -10.14 -6.37
CA GLY A 18 -7.69 -9.56 -5.50
C GLY A 18 -7.44 -8.09 -5.25
N TRP A 19 -7.55 -7.70 -3.97
CA TRP A 19 -7.29 -6.34 -3.53
C TRP A 19 -8.35 -5.34 -3.98
N GLN A 20 -8.47 -4.25 -3.22
CA GLN A 20 -9.48 -3.24 -3.46
C GLN A 20 -9.01 -2.20 -4.46
N PRO A 21 -9.67 -2.09 -5.61
CA PRO A 21 -9.38 -1.07 -6.61
C PRO A 21 -9.83 0.31 -6.15
N VAL A 22 -8.88 1.22 -5.93
CA VAL A 22 -9.18 2.54 -5.43
C VAL A 22 -8.79 3.62 -6.44
N GLU A 23 -9.30 4.83 -6.23
CA GLU A 23 -8.98 5.96 -7.09
C GLU A 23 -8.33 7.05 -6.26
N ALA A 24 -7.93 8.13 -6.91
CA ALA A 24 -7.30 9.26 -6.21
C ALA A 24 -8.30 9.96 -5.31
N SER A 25 -9.55 9.97 -5.74
CA SER A 25 -10.60 10.68 -5.03
C SER A 25 -11.35 9.78 -4.06
N THR A 26 -11.02 8.49 -4.04
CA THR A 26 -11.73 7.55 -3.17
C THR A 26 -10.79 6.77 -2.27
N VAL A 27 -9.49 6.91 -2.49
CA VAL A 27 -8.50 6.15 -1.74
C VAL A 27 -8.50 6.52 -0.25
N ASP A 28 -8.60 7.82 0.04
CA ASP A 28 -8.54 8.29 1.42
C ASP A 28 -9.86 8.01 2.13
N ASP A 29 -10.96 8.04 1.39
CA ASP A 29 -12.27 7.69 1.93
C ASP A 29 -12.27 6.22 2.34
N TRP A 30 -11.63 5.40 1.54
CA TRP A 30 -11.45 3.99 1.82
C TRP A 30 -10.59 3.81 3.08
N ILE A 31 -9.45 4.49 3.12
CA ILE A 31 -8.52 4.43 4.25
C ILE A 31 -9.22 4.86 5.54
N LYS A 32 -10.02 5.90 5.44
CA LYS A 32 -10.76 6.43 6.59
C LYS A 32 -11.62 5.35 7.25
N ARG A 33 -12.19 4.46 6.44
CA ARG A 33 -13.09 3.44 6.96
C ARG A 33 -12.31 2.28 7.56
N VAL A 34 -11.31 1.82 6.82
CA VAL A 34 -10.52 0.67 7.24
C VAL A 34 -9.60 1.02 8.40
N GLY A 35 -8.98 2.20 8.34
CA GLY A 35 -8.10 2.65 9.40
C GLY A 35 -6.70 2.10 9.23
N ASP A 36 -6.60 0.79 9.18
CA ASP A 36 -5.32 0.12 9.12
C ASP A 36 -5.27 -0.75 7.87
N GLY A 37 -4.49 -0.32 6.88
CA GLY A 37 -4.42 -1.04 5.63
C GLY A 37 -3.22 -0.61 4.82
N VAL A 38 -3.04 -1.25 3.66
CA VAL A 38 -1.91 -0.95 2.80
C VAL A 38 -2.35 -0.79 1.35
N ILE A 39 -1.76 0.18 0.67
CA ILE A 39 -2.08 0.45 -0.73
C ILE A 39 -0.87 0.19 -1.62
N LEU A 40 -1.09 -0.52 -2.71
CA LEU A 40 -0.05 -0.77 -3.68
C LEU A 40 -0.14 0.24 -4.83
N LEU A 41 0.96 0.89 -5.14
CA LEU A 41 0.99 1.85 -6.24
C LEU A 41 1.17 1.12 -7.56
N SER A 42 1.01 1.87 -8.65
CA SER A 42 1.15 1.34 -10.00
C SER A 42 2.44 0.52 -10.14
N SER A 43 3.54 1.10 -9.66
CA SER A 43 4.83 0.41 -9.61
C SER A 43 5.36 0.09 -11.00
N ASP A 44 4.89 0.83 -12.00
CA ASP A 44 5.26 0.59 -13.38
C ASP A 44 5.37 1.91 -14.14
N PRO A 45 5.98 1.90 -15.34
CA PRO A 45 6.08 3.09 -16.18
C PRO A 45 4.79 3.37 -16.98
N ARG A 46 4.09 2.29 -17.36
CA ARG A 46 2.84 2.36 -18.12
C ARG A 46 2.41 0.94 -18.46
N ARG A 47 3.40 0.09 -18.71
CA ARG A 47 3.20 -1.33 -18.90
C ARG A 47 4.36 -2.07 -18.27
N THR A 48 4.08 -3.13 -17.54
CA THR A 48 5.14 -3.95 -16.98
C THR A 48 4.94 -5.42 -17.35
N PRO A 49 5.43 -5.80 -18.54
CA PRO A 49 5.37 -7.19 -19.00
C PRO A 49 6.62 -7.97 -18.60
N GLU A 50 7.56 -7.28 -17.97
CA GLU A 50 8.82 -7.87 -17.57
C GLU A 50 8.78 -8.24 -16.09
N VAL A 51 9.25 -9.44 -15.79
CA VAL A 51 9.30 -9.90 -14.41
C VAL A 51 10.54 -9.34 -13.70
N SER A 52 10.51 -8.05 -13.44
CA SER A 52 11.56 -7.40 -12.70
C SER A 52 11.21 -7.38 -11.22
N ASP A 53 10.00 -6.89 -10.94
CA ASP A 53 9.47 -6.90 -9.59
C ASP A 53 7.96 -7.14 -9.65
N ASN A 54 7.43 -7.81 -8.65
CA ASN A 54 6.03 -8.20 -8.64
C ASN A 54 5.50 -8.30 -7.21
N PRO A 55 4.35 -7.67 -6.94
CA PRO A 55 3.74 -7.64 -5.61
C PRO A 55 3.12 -8.98 -5.22
N VAL A 56 3.95 -9.87 -4.69
CA VAL A 56 3.47 -11.14 -4.17
C VAL A 56 3.84 -11.26 -2.68
N MET A 57 5.03 -10.76 -2.35
CA MET A 57 5.58 -10.86 -1.00
C MET A 57 4.77 -10.05 0.00
N ILE A 58 3.88 -9.21 -0.51
CA ILE A 58 3.02 -8.38 0.34
C ILE A 58 2.15 -9.25 1.25
N ALA A 59 1.81 -10.45 0.78
CA ALA A 59 1.03 -11.39 1.56
C ALA A 59 1.79 -11.82 2.82
N GLU A 60 3.09 -12.01 2.67
CA GLU A 60 3.95 -12.41 3.79
C GLU A 60 4.07 -11.26 4.80
N LEU A 61 4.07 -10.04 4.28
CA LEU A 61 4.18 -8.85 5.09
C LEU A 61 2.92 -8.67 5.94
N LEU A 62 1.78 -8.74 5.26
CA LEU A 62 0.47 -8.57 5.92
C LEU A 62 0.30 -9.54 7.08
N ARG A 63 0.64 -10.81 6.85
CA ARG A 63 0.41 -11.84 7.85
C ARG A 63 1.43 -11.75 9.00
N GLU A 64 2.43 -10.88 8.84
CA GLU A 64 3.47 -10.73 9.84
C GLU A 64 3.01 -9.79 10.96
N PHE A 65 1.93 -9.05 10.69
CA PHE A 65 1.32 -8.22 11.72
C PHE A 65 -0.05 -8.77 12.08
N PRO A 66 -0.08 -9.77 12.98
CA PRO A 66 -1.31 -10.50 13.32
C PRO A 66 -2.16 -9.79 14.36
N GLN A 67 -2.33 -8.49 14.20
CA GLN A 67 -3.14 -7.69 15.11
C GLN A 67 -4.17 -6.89 14.34
N PHE A 68 -3.73 -6.25 13.26
CA PHE A 68 -4.64 -5.54 12.38
C PHE A 68 -5.09 -6.47 11.27
N ASP A 69 -6.34 -6.35 10.86
CA ASP A 69 -6.80 -7.01 9.65
C ASP A 69 -6.63 -6.04 8.50
N TRP A 70 -5.48 -6.13 7.85
CA TRP A 70 -5.13 -5.16 6.81
C TRP A 70 -5.89 -5.45 5.53
N GLN A 71 -6.35 -4.39 4.91
CA GLN A 71 -6.90 -4.47 3.58
C GLN A 71 -5.88 -3.94 2.60
N VAL A 72 -5.62 -4.69 1.54
CA VAL A 72 -4.68 -4.24 0.53
C VAL A 72 -5.44 -3.67 -0.66
N ALA A 73 -5.15 -2.44 -1.00
CA ALA A 73 -5.80 -1.80 -2.12
C ALA A 73 -4.82 -1.60 -3.26
N VAL A 74 -5.34 -1.50 -4.46
CA VAL A 74 -4.50 -1.29 -5.64
C VAL A 74 -4.87 0.01 -6.33
N ALA A 75 -3.86 0.79 -6.67
CA ALA A 75 -4.06 2.04 -7.38
C ALA A 75 -3.80 1.86 -8.87
N ASP A 76 -4.70 2.40 -9.68
CA ASP A 76 -4.56 2.33 -11.13
C ASP A 76 -3.28 3.04 -11.58
N LEU A 77 -2.77 2.61 -12.73
CA LEU A 77 -1.51 3.13 -13.27
C LEU A 77 -1.56 4.65 -13.41
N GLU A 78 -2.62 5.13 -14.05
CA GLU A 78 -2.78 6.56 -14.31
C GLU A 78 -3.13 7.29 -13.02
N GLN A 79 -3.98 6.67 -12.23
CA GLN A 79 -4.39 7.21 -10.94
C GLN A 79 -3.21 7.36 -9.99
N SER A 80 -2.20 6.51 -10.15
CA SER A 80 -1.02 6.54 -9.29
C SER A 80 -0.26 7.85 -9.41
N GLU A 81 -0.47 8.56 -10.52
CA GLU A 81 0.15 9.86 -10.71
C GLU A 81 -0.24 10.82 -9.59
N ALA A 82 -1.54 10.93 -9.36
CA ALA A 82 -2.06 11.81 -8.33
C ALA A 82 -1.88 11.19 -6.94
N ILE A 83 -2.15 9.89 -6.85
CA ILE A 83 -2.09 9.16 -5.58
C ILE A 83 -0.68 9.17 -5.01
N GLY A 84 0.30 8.83 -5.84
CA GLY A 84 1.69 8.77 -5.40
C GLY A 84 2.18 10.11 -4.90
N ASP A 85 1.79 11.17 -5.58
CA ASP A 85 2.16 12.53 -5.20
C ASP A 85 1.49 12.91 -3.90
N ARG A 86 0.22 12.50 -3.77
CA ARG A 86 -0.60 12.82 -2.61
C ARG A 86 0.00 12.25 -1.32
N PHE A 87 0.64 11.09 -1.44
CA PHE A 87 1.25 10.44 -0.29
C PHE A 87 2.75 10.73 -0.23
N ASN A 88 3.20 11.59 -1.15
CA ASN A 88 4.60 12.05 -1.19
C ASN A 88 5.55 10.90 -1.51
N VAL A 89 5.05 9.90 -2.22
CA VAL A 89 5.88 8.79 -2.69
C VAL A 89 6.38 9.10 -4.09
N ARG A 90 6.01 10.29 -4.57
CA ARG A 90 6.40 10.79 -5.87
C ARG A 90 5.78 9.95 -6.98
N ARG A 91 6.46 8.90 -7.38
CA ARG A 91 6.01 8.04 -8.47
C ARG A 91 6.83 6.75 -8.48
N PHE A 92 7.28 6.34 -7.29
CA PHE A 92 8.10 5.14 -7.17
C PHE A 92 7.30 4.00 -6.54
N PRO A 93 7.51 2.76 -7.00
CA PRO A 93 6.85 1.58 -6.44
C PRO A 93 7.08 1.45 -4.92
N ALA A 94 5.99 1.45 -4.17
CA ALA A 94 6.04 1.33 -2.73
C ALA A 94 4.68 0.94 -2.18
N THR A 95 4.69 0.17 -1.12
CA THR A 95 3.49 -0.15 -0.39
C THR A 95 3.21 0.94 0.62
N LEU A 96 1.99 1.44 0.67
CA LEU A 96 1.67 2.50 1.62
C LEU A 96 1.18 1.89 2.92
N VAL A 97 1.83 2.25 4.00
CA VAL A 97 1.49 1.73 5.31
C VAL A 97 0.61 2.71 6.05
N PHE A 98 -0.65 2.32 6.22
CA PHE A 98 -1.60 3.17 6.91
C PHE A 98 -2.06 2.55 8.21
N THR A 99 -2.11 3.36 9.24
CA THR A 99 -2.58 2.97 10.55
C THR A 99 -3.17 4.19 11.23
N ASP A 100 -4.20 3.98 12.04
CA ASP A 100 -4.96 5.08 12.64
C ASP A 100 -5.69 5.88 11.57
N GLY A 101 -5.77 5.31 10.37
CA GLY A 101 -6.30 6.03 9.23
C GLY A 101 -5.35 7.11 8.76
N LYS A 102 -4.09 7.02 9.18
CA LYS A 102 -3.10 8.04 8.90
C LYS A 102 -1.87 7.41 8.25
N LEU A 103 -1.14 8.21 7.47
CA LEU A 103 0.05 7.72 6.78
C LEU A 103 1.20 7.49 7.75
N ARG A 104 1.67 6.26 7.81
CA ARG A 104 2.80 5.92 8.67
C ARG A 104 4.10 6.00 7.88
N GLY A 105 4.10 5.37 6.71
CA GLY A 105 5.27 5.38 5.86
C GLY A 105 5.06 4.56 4.61
N ALA A 106 6.13 4.35 3.86
CA ALA A 106 6.06 3.57 2.63
C ALA A 106 7.04 2.41 2.68
N LEU A 107 6.66 1.31 2.04
CA LEU A 107 7.48 0.12 2.01
C LEU A 107 7.97 -0.12 0.59
N SER A 108 9.15 0.39 0.29
CA SER A 108 9.72 0.27 -1.05
C SER A 108 10.47 -1.04 -1.21
N GLY A 109 10.78 -1.69 -0.10
CA GLY A 109 11.49 -2.95 -0.14
C GLY A 109 10.54 -4.12 -0.25
N ILE A 110 10.56 -4.77 -1.40
CA ILE A 110 9.69 -5.91 -1.65
C ILE A 110 10.50 -7.20 -1.67
N HIS A 111 11.75 -7.09 -2.09
CA HIS A 111 12.61 -8.26 -2.26
C HIS A 111 13.59 -8.45 -1.08
N PRO A 112 14.32 -7.39 -0.65
CA PRO A 112 15.25 -7.51 0.47
C PRO A 112 14.54 -7.83 1.79
N TRP A 113 14.52 -9.10 2.15
CA TRP A 113 13.81 -9.54 3.33
C TRP A 113 14.77 -10.15 4.35
N ALA A 114 14.86 -9.49 5.50
CA ALA A 114 15.72 -9.90 6.61
C ALA A 114 15.80 -8.75 7.60
N GLU A 115 16.41 -7.68 7.14
CA GLU A 115 16.54 -6.45 7.92
C GLU A 115 15.24 -5.67 7.88
N LEU A 116 14.41 -6.01 6.90
CA LEU A 116 13.06 -5.45 6.77
C LEU A 116 12.27 -5.71 8.04
N LEU A 117 12.54 -6.86 8.67
CA LEU A 117 11.87 -7.24 9.90
C LEU A 117 12.03 -6.16 10.97
N THR A 118 13.26 -5.70 11.15
CA THR A 118 13.56 -4.68 12.13
C THR A 118 12.94 -3.33 11.73
N LEU A 119 13.01 -3.04 10.43
CA LEU A 119 12.57 -1.75 9.90
C LEU A 119 11.05 -1.62 10.01
N MET A 120 10.35 -2.64 9.54
CA MET A 120 8.88 -2.61 9.49
C MET A 120 8.27 -2.42 10.88
N ARG A 121 8.88 -3.02 11.89
CA ARG A 121 8.36 -2.98 13.24
C ARG A 121 8.43 -1.58 13.82
N SER A 122 9.49 -0.87 13.47
CA SER A 122 9.68 0.50 13.86
C SER A 122 8.60 1.40 13.25
N ILE A 123 8.11 1.03 12.06
CA ILE A 123 7.06 1.78 11.39
C ILE A 123 5.71 1.54 12.06
N VAL A 124 5.41 0.28 12.35
CA VAL A 124 4.15 -0.09 12.98
C VAL A 124 4.23 0.04 14.51
N ASP A 125 5.01 1.01 14.96
CA ASP A 125 5.18 1.26 16.39
C ASP A 125 3.92 1.87 16.99
N THR A 126 3.16 2.57 16.16
CA THR A 126 1.95 3.24 16.60
C THR A 126 0.92 2.22 17.13
N PRO A 127 0.22 2.57 18.22
CA PRO A 127 -0.85 1.74 18.76
C PRO A 127 -2.14 1.91 17.97
N ALA A 128 -3.16 1.18 18.35
CA ALA A 128 -4.46 1.27 17.69
C ALA A 128 -5.53 0.68 18.59
N ALA A 129 -6.70 0.43 18.03
CA ALA A 129 -7.76 -0.23 18.78
C ALA A 129 -7.44 -1.71 18.94
N GLN A 130 -6.83 -2.06 20.05
CA GLN A 130 -6.39 -3.42 20.29
C GLN A 130 -7.56 -4.30 20.70
N GLU A 131 -8.05 -5.08 19.76
CA GLU A 131 -9.06 -6.08 20.06
C GLU A 131 -8.38 -7.43 20.19
N THR A 132 -8.35 -7.94 21.40
CA THR A 132 -7.70 -9.21 21.68
C THR A 132 -8.47 -10.36 21.06
N VAL A 133 -9.78 -10.16 20.91
CA VAL A 133 -10.68 -11.13 20.30
C VAL A 133 -10.88 -12.34 21.22
N GLN A 134 -12.13 -12.67 21.51
CA GLN A 134 -12.45 -13.74 22.45
C GLN A 134 -12.34 -15.11 21.77
N LEU A 135 -12.21 -15.09 20.44
CA LEU A 135 -12.13 -16.32 19.67
C LEU A 135 -10.77 -16.43 18.99
N GLU A 136 -10.30 -17.66 18.82
CA GLU A 136 -9.03 -17.91 18.16
C GLU A 136 -9.16 -17.75 16.65
N HIS A 137 -8.02 -17.64 15.97
CA HIS A 137 -7.99 -17.54 14.51
C HIS A 137 -7.91 -18.94 13.89
N HIS A 138 -8.20 -19.96 14.72
CA HIS A 138 -8.17 -21.36 14.30
C HIS A 138 -6.74 -21.83 14.04
N HIS A 139 -5.78 -20.99 14.36
CA HIS A 139 -4.37 -21.34 14.18
C HIS A 139 -3.51 -20.46 15.08
N HIS A 140 -2.49 -21.06 15.69
CA HIS A 140 -1.56 -20.33 16.54
C HIS A 140 -0.23 -20.16 15.81
N HIS A 141 0.59 -19.23 16.29
CA HIS A 141 1.94 -19.07 15.77
C HIS A 141 2.78 -18.22 16.72
N HIS A 142 2.68 -18.51 18.00
CA HIS A 142 3.45 -17.80 19.01
C HIS A 142 4.01 -18.79 20.02
N MET A 1 12.04 -1.33 -21.18
CA MET A 1 11.12 -1.68 -22.29
C MET A 1 9.67 -1.57 -21.83
N ALA A 2 9.37 -2.07 -20.64
CA ALA A 2 8.02 -2.03 -20.11
C ALA A 2 7.87 -0.90 -19.11
N ASN A 3 6.89 -0.04 -19.34
CA ASN A 3 6.60 1.07 -18.43
C ASN A 3 6.01 0.52 -17.14
N ASP A 4 4.81 -0.06 -17.25
CA ASP A 4 4.18 -0.74 -16.13
C ASP A 4 3.98 -2.20 -16.51
N THR A 5 2.98 -2.42 -17.35
CA THR A 5 2.69 -3.73 -17.89
C THR A 5 2.21 -3.57 -19.33
N PRO A 6 2.84 -4.28 -20.28
CA PRO A 6 2.49 -4.16 -21.71
C PRO A 6 1.04 -4.55 -22.00
N PHE A 7 0.52 -5.50 -21.23
CA PHE A 7 -0.82 -6.00 -21.45
C PHE A 7 -1.68 -5.86 -20.20
N SER A 8 -2.96 -5.61 -20.39
CA SER A 8 -3.89 -5.41 -19.28
C SER A 8 -4.00 -6.68 -18.43
N ALA A 9 -3.87 -7.84 -19.07
CA ALA A 9 -3.99 -9.12 -18.37
C ALA A 9 -2.97 -9.25 -17.24
N LEU A 10 -1.82 -8.62 -17.41
CA LEU A 10 -0.77 -8.67 -16.40
C LEU A 10 -1.16 -7.88 -15.17
N TRP A 11 -1.82 -6.75 -15.39
CA TRP A 11 -2.31 -5.91 -14.32
C TRP A 11 -3.57 -6.54 -13.69
N GLN A 12 -4.46 -6.98 -14.56
CA GLN A 12 -5.69 -7.68 -14.17
C GLN A 12 -5.44 -8.78 -13.13
N ARG A 13 -4.30 -9.46 -13.22
CA ARG A 13 -4.02 -10.57 -12.30
C ARG A 13 -3.97 -10.08 -10.85
N LEU A 14 -3.54 -8.84 -10.64
CA LEU A 14 -3.45 -8.27 -9.30
C LEU A 14 -4.85 -7.96 -8.78
N LEU A 15 -5.68 -7.41 -9.66
CA LEU A 15 -7.06 -7.07 -9.31
C LEU A 15 -7.83 -8.33 -8.95
N THR A 16 -7.59 -9.39 -9.72
CA THR A 16 -8.27 -10.66 -9.54
C THR A 16 -7.85 -11.31 -8.22
N ARG A 17 -6.66 -10.97 -7.74
CA ARG A 17 -6.13 -11.58 -6.52
C ARG A 17 -6.77 -10.96 -5.27
N GLY A 18 -7.59 -9.93 -5.47
CA GLY A 18 -8.33 -9.37 -4.36
C GLY A 18 -7.95 -7.95 -3.99
N TRP A 19 -7.25 -7.27 -4.89
CA TRP A 19 -6.87 -5.89 -4.67
C TRP A 19 -7.82 -4.94 -5.40
N GLN A 20 -8.27 -3.91 -4.70
CA GLN A 20 -9.19 -2.94 -5.26
C GLN A 20 -8.42 -1.77 -5.86
N PRO A 21 -8.63 -1.48 -7.14
CA PRO A 21 -8.03 -0.32 -7.79
C PRO A 21 -8.81 0.96 -7.47
N VAL A 22 -8.25 1.76 -6.57
CA VAL A 22 -8.95 2.92 -6.06
C VAL A 22 -8.66 4.18 -6.87
N GLU A 23 -9.32 5.26 -6.50
CA GLU A 23 -9.16 6.54 -7.16
C GLU A 23 -8.51 7.53 -6.22
N ALA A 24 -8.20 8.72 -6.72
CA ALA A 24 -7.59 9.76 -5.91
C ALA A 24 -8.62 10.42 -4.99
N SER A 25 -9.88 10.25 -5.35
CA SER A 25 -10.97 10.82 -4.57
C SER A 25 -11.43 9.87 -3.48
N THR A 26 -11.75 8.64 -3.86
CA THR A 26 -12.32 7.66 -2.95
C THR A 26 -11.28 7.16 -1.93
N VAL A 27 -10.00 7.27 -2.27
CA VAL A 27 -8.94 6.72 -1.43
C VAL A 27 -8.90 7.40 -0.05
N ASP A 28 -9.20 8.69 -0.01
CA ASP A 28 -9.11 9.46 1.23
C ASP A 28 -10.15 8.95 2.23
N ASP A 29 -11.40 8.84 1.79
CA ASP A 29 -12.48 8.36 2.65
C ASP A 29 -12.29 6.88 2.96
N TRP A 30 -11.82 6.13 1.98
CA TRP A 30 -11.55 4.71 2.15
C TRP A 30 -10.59 4.48 3.31
N ILE A 31 -9.49 5.21 3.33
CA ILE A 31 -8.50 5.09 4.38
C ILE A 31 -9.07 5.49 5.73
N LYS A 32 -9.84 6.57 5.74
CA LYS A 32 -10.51 7.03 6.96
C LYS A 32 -11.45 5.94 7.48
N ARG A 33 -12.11 5.27 6.55
CA ARG A 33 -13.09 4.24 6.86
C ARG A 33 -12.43 3.00 7.45
N VAL A 34 -11.37 2.56 6.81
CA VAL A 34 -10.71 1.34 7.23
C VAL A 34 -9.77 1.59 8.41
N GLY A 35 -9.08 2.71 8.39
CA GLY A 35 -8.13 3.02 9.44
C GLY A 35 -6.81 2.31 9.25
N ASP A 36 -6.89 1.01 9.04
CA ASP A 36 -5.72 0.18 8.86
C ASP A 36 -5.75 -0.45 7.47
N GLY A 37 -4.64 -0.36 6.75
CA GLY A 37 -4.58 -0.92 5.41
C GLY A 37 -3.31 -0.50 4.69
N VAL A 38 -3.14 -1.01 3.48
CA VAL A 38 -1.96 -0.69 2.68
C VAL A 38 -2.34 -0.36 1.25
N ILE A 39 -1.76 0.72 0.75
CA ILE A 39 -1.99 1.15 -0.63
C ILE A 39 -0.74 0.91 -1.46
N LEU A 40 -0.89 0.24 -2.58
CA LEU A 40 0.21 -0.03 -3.48
C LEU A 40 0.13 0.88 -4.70
N LEU A 41 1.25 1.53 -5.04
CA LEU A 41 1.28 2.38 -6.22
C LEU A 41 1.73 1.56 -7.42
N SER A 42 1.51 2.10 -8.62
CA SER A 42 1.74 1.37 -9.86
C SER A 42 3.19 0.87 -10.01
N SER A 43 4.08 1.74 -10.49
CA SER A 43 5.45 1.33 -10.74
C SER A 43 6.40 2.53 -10.76
N ASP A 44 7.66 2.28 -11.10
CA ASP A 44 8.65 3.34 -11.25
C ASP A 44 9.52 3.05 -12.47
N PRO A 45 9.16 3.61 -13.63
CA PRO A 45 9.92 3.45 -14.85
C PRO A 45 10.91 4.60 -15.06
N ARG A 46 11.55 5.01 -13.98
CA ARG A 46 12.54 6.08 -14.05
C ARG A 46 13.84 5.67 -13.39
N ARG A 47 13.74 4.95 -12.28
CA ARG A 47 14.92 4.40 -11.65
C ARG A 47 15.41 3.20 -12.45
N THR A 48 14.47 2.62 -13.21
CA THR A 48 14.74 1.49 -14.10
C THR A 48 15.56 0.39 -13.41
N PRO A 49 14.99 -0.25 -12.37
CA PRO A 49 15.66 -1.32 -11.65
C PRO A 49 15.79 -2.59 -12.49
N GLU A 50 14.77 -2.79 -13.34
CA GLU A 50 14.62 -4.03 -14.11
C GLU A 50 14.36 -5.21 -13.18
N VAL A 51 13.32 -5.97 -13.48
CA VAL A 51 12.82 -6.99 -12.57
C VAL A 51 12.50 -6.34 -11.23
N SER A 52 11.47 -5.50 -11.24
CA SER A 52 11.09 -4.73 -10.08
C SER A 52 10.46 -5.60 -9.01
N ASP A 53 10.57 -5.16 -7.77
CA ASP A 53 9.98 -5.87 -6.64
C ASP A 53 8.46 -5.89 -6.78
N ASN A 54 7.92 -7.07 -7.10
CA ASN A 54 6.49 -7.22 -7.29
C ASN A 54 5.80 -7.40 -5.94
N PRO A 55 4.89 -6.48 -5.59
CA PRO A 55 4.25 -6.47 -4.28
C PRO A 55 3.20 -7.57 -4.08
N VAL A 56 3.19 -8.54 -4.98
CA VAL A 56 2.23 -9.63 -4.89
C VAL A 56 2.54 -10.52 -3.69
N MET A 57 3.78 -10.46 -3.22
CA MET A 57 4.20 -11.21 -2.03
C MET A 57 3.85 -10.47 -0.74
N ILE A 58 3.22 -9.30 -0.86
CA ILE A 58 2.90 -8.49 0.31
C ILE A 58 1.94 -9.22 1.26
N ALA A 59 1.22 -10.19 0.70
CA ALA A 59 0.22 -10.95 1.44
C ALA A 59 0.84 -11.70 2.62
N GLU A 60 1.99 -12.32 2.39
CA GLU A 60 2.63 -13.13 3.43
C GLU A 60 3.20 -12.24 4.54
N LEU A 61 3.59 -11.03 4.17
CA LEU A 61 4.13 -10.06 5.13
C LEU A 61 3.05 -9.66 6.12
N LEU A 62 1.89 -9.30 5.58
CA LEU A 62 0.75 -8.88 6.39
C LEU A 62 0.28 -10.02 7.32
N ARG A 63 0.60 -11.25 6.95
CA ARG A 63 0.22 -12.41 7.75
C ARG A 63 1.01 -12.48 9.05
N GLU A 64 2.06 -11.67 9.16
CA GLU A 64 2.86 -11.62 10.36
C GLU A 64 2.29 -10.62 11.34
N PHE A 65 1.30 -9.86 10.88
CA PHE A 65 0.63 -8.88 11.73
C PHE A 65 -0.88 -9.11 11.71
N PRO A 66 -1.36 -10.25 12.24
CA PRO A 66 -2.76 -10.64 12.14
C PRO A 66 -3.65 -9.89 13.13
N GLN A 67 -3.06 -8.91 13.81
CA GLN A 67 -3.77 -8.12 14.80
C GLN A 67 -4.80 -7.22 14.13
N PHE A 68 -4.41 -6.59 13.05
CA PHE A 68 -5.27 -5.63 12.36
C PHE A 68 -6.00 -6.30 11.21
N ASP A 69 -7.06 -5.67 10.74
CA ASP A 69 -7.76 -6.15 9.54
C ASP A 69 -7.26 -5.37 8.34
N TRP A 70 -6.14 -5.84 7.80
CA TRP A 70 -5.50 -5.14 6.68
C TRP A 70 -6.32 -5.27 5.42
N GLN A 71 -6.37 -4.19 4.68
CA GLN A 71 -7.06 -4.16 3.40
C GLN A 71 -6.15 -3.54 2.35
N VAL A 72 -5.92 -4.29 1.27
CA VAL A 72 -4.98 -3.86 0.24
C VAL A 72 -5.70 -3.16 -0.91
N ALA A 73 -5.23 -1.97 -1.24
CA ALA A 73 -5.77 -1.23 -2.36
C ALA A 73 -4.65 -0.84 -3.31
N VAL A 74 -4.96 -0.73 -4.59
CA VAL A 74 -3.95 -0.43 -5.60
C VAL A 74 -4.39 0.73 -6.48
N ALA A 75 -3.45 1.29 -7.22
CA ALA A 75 -3.73 2.37 -8.14
C ALA A 75 -3.28 2.00 -9.54
N ASP A 76 -4.17 2.17 -10.51
CA ASP A 76 -3.88 1.79 -11.91
C ASP A 76 -2.69 2.55 -12.48
N LEU A 77 -2.93 3.76 -12.95
CA LEU A 77 -1.86 4.56 -13.55
C LEU A 77 -1.87 5.98 -12.98
N GLU A 78 -2.79 6.81 -13.47
CA GLU A 78 -2.88 8.20 -13.07
C GLU A 78 -3.15 8.34 -11.58
N GLN A 79 -3.89 7.37 -11.04
CA GLN A 79 -4.22 7.37 -9.63
C GLN A 79 -2.95 7.40 -8.78
N SER A 80 -1.92 6.68 -9.21
CA SER A 80 -0.65 6.64 -8.49
C SER A 80 -0.03 8.04 -8.41
N GLU A 81 -0.18 8.79 -9.49
CA GLU A 81 0.38 10.14 -9.57
C GLU A 81 -0.33 11.06 -8.59
N ALA A 82 -1.64 10.93 -8.50
CA ALA A 82 -2.45 11.75 -7.62
C ALA A 82 -2.35 11.30 -6.16
N ILE A 83 -2.45 10.00 -5.96
CA ILE A 83 -2.40 9.42 -4.61
C ILE A 83 -1.03 9.65 -3.97
N GLY A 84 0.02 9.44 -4.76
CA GLY A 84 1.37 9.64 -4.26
C GLY A 84 1.57 11.05 -3.74
N ASP A 85 1.23 12.03 -4.56
CA ASP A 85 1.42 13.43 -4.19
C ASP A 85 0.49 13.80 -3.03
N ARG A 86 -0.66 13.16 -2.97
CA ARG A 86 -1.62 13.36 -1.87
C ARG A 86 -0.93 13.11 -0.53
N PHE A 87 -0.09 12.09 -0.47
CA PHE A 87 0.64 11.77 0.76
C PHE A 87 2.06 12.32 0.70
N ASN A 88 2.37 13.01 -0.39
CA ASN A 88 3.69 13.61 -0.63
C ASN A 88 4.75 12.54 -0.85
N VAL A 89 4.29 11.39 -1.28
CA VAL A 89 5.17 10.28 -1.64
C VAL A 89 5.48 10.36 -3.13
N ARG A 90 6.68 10.83 -3.44
CA ARG A 90 7.06 11.07 -4.81
C ARG A 90 8.39 10.39 -5.14
N ARG A 91 9.09 9.94 -4.12
CA ARG A 91 10.35 9.24 -4.31
C ARG A 91 10.13 7.75 -4.06
N PHE A 92 9.97 6.99 -5.14
CA PHE A 92 9.60 5.57 -5.10
C PHE A 92 8.16 5.40 -4.63
N PRO A 93 7.32 4.75 -5.47
CA PRO A 93 5.91 4.52 -5.16
C PRO A 93 5.72 3.76 -3.85
N ALA A 94 5.85 2.42 -3.90
CA ALA A 94 5.99 1.59 -2.70
C ALA A 94 4.65 1.35 -2.01
N THR A 95 4.70 0.58 -0.94
CA THR A 95 3.53 0.30 -0.15
C THR A 95 3.31 1.40 0.87
N LEU A 96 2.13 1.98 0.87
CA LEU A 96 1.80 2.98 1.87
C LEU A 96 1.16 2.28 3.05
N VAL A 97 1.74 2.49 4.23
CA VAL A 97 1.30 1.80 5.42
C VAL A 97 0.42 2.69 6.26
N PHE A 98 -0.87 2.37 6.29
CA PHE A 98 -1.82 3.10 7.10
C PHE A 98 -2.31 2.25 8.25
N THR A 99 -2.28 2.85 9.43
CA THR A 99 -2.74 2.19 10.64
C THR A 99 -3.28 3.23 11.61
N ASP A 100 -4.48 2.99 12.15
CA ASP A 100 -5.13 3.93 13.04
C ASP A 100 -5.49 5.22 12.29
N GLY A 101 -5.53 5.13 10.98
CA GLY A 101 -5.73 6.32 10.16
C GLY A 101 -4.48 7.17 10.09
N LYS A 102 -3.39 6.65 10.63
CA LYS A 102 -2.12 7.35 10.60
C LYS A 102 -1.25 6.82 9.46
N LEU A 103 -0.49 7.72 8.85
CA LEU A 103 0.44 7.32 7.80
C LEU A 103 1.81 7.08 8.40
N ARG A 104 2.21 5.83 8.43
CA ARG A 104 3.49 5.46 9.01
C ARG A 104 4.61 5.69 8.02
N GLY A 105 4.27 5.56 6.74
CA GLY A 105 5.23 5.82 5.69
C GLY A 105 5.11 4.83 4.55
N ALA A 106 6.03 4.90 3.60
CA ALA A 106 6.06 3.97 2.49
C ALA A 106 7.07 2.85 2.76
N LEU A 107 7.09 1.85 1.89
CA LEU A 107 8.00 0.72 2.07
C LEU A 107 8.93 0.59 0.89
N SER A 108 10.10 1.23 1.00
CA SER A 108 11.07 1.23 -0.08
C SER A 108 12.16 0.19 0.19
N GLY A 109 12.05 -0.95 -0.46
CA GLY A 109 13.03 -2.00 -0.29
C GLY A 109 14.33 -1.69 -1.01
N ILE A 110 15.33 -1.24 -0.27
CA ILE A 110 16.64 -0.96 -0.84
C ILE A 110 17.41 -2.24 -1.11
N HIS A 111 16.86 -3.35 -0.61
CA HIS A 111 17.36 -4.69 -0.89
C HIS A 111 16.17 -5.64 -0.96
N PRO A 112 16.21 -6.62 -1.88
CA PRO A 112 15.11 -7.57 -2.08
C PRO A 112 14.68 -8.26 -0.79
N TRP A 113 13.46 -7.95 -0.35
CA TRP A 113 12.90 -8.45 0.90
C TRP A 113 13.74 -7.95 2.08
N ALA A 114 14.71 -8.76 2.51
CA ALA A 114 15.75 -8.41 3.51
C ALA A 114 15.37 -7.29 4.50
N GLU A 115 15.48 -6.05 4.03
CA GLU A 115 15.33 -4.86 4.87
C GLU A 115 13.94 -4.79 5.51
N LEU A 116 12.98 -5.44 4.87
CA LEU A 116 11.59 -5.39 5.30
C LEU A 116 11.46 -5.85 6.76
N LEU A 117 12.25 -6.85 7.14
CA LEU A 117 12.22 -7.38 8.51
C LEU A 117 12.42 -6.27 9.54
N THR A 118 13.41 -5.42 9.29
CA THR A 118 13.72 -4.32 10.19
C THR A 118 12.69 -3.20 10.05
N LEU A 119 12.33 -2.90 8.80
CA LEU A 119 11.40 -1.81 8.51
C LEU A 119 10.02 -2.05 9.12
N MET A 120 9.48 -3.24 8.90
CA MET A 120 8.11 -3.56 9.32
C MET A 120 7.96 -3.44 10.84
N ARG A 121 8.98 -3.84 11.58
CA ARG A 121 8.96 -3.79 13.02
C ARG A 121 8.98 -2.36 13.54
N SER A 122 9.74 -1.51 12.85
CA SER A 122 9.81 -0.10 13.21
C SER A 122 8.46 0.57 12.96
N ILE A 123 7.71 0.05 12.00
CA ILE A 123 6.40 0.57 11.67
C ILE A 123 5.36 0.16 12.72
N VAL A 124 5.35 -1.12 13.09
CA VAL A 124 4.37 -1.64 14.04
C VAL A 124 4.86 -1.46 15.48
N ASP A 125 5.73 -0.47 15.70
CA ASP A 125 6.24 -0.16 17.03
C ASP A 125 5.10 0.29 17.95
N THR A 126 4.06 0.86 17.35
CA THR A 126 2.88 1.30 18.08
C THR A 126 2.28 0.16 18.91
N PRO A 127 2.23 0.33 20.24
CA PRO A 127 1.71 -0.70 21.16
C PRO A 127 0.23 -0.98 20.92
N ALA A 128 -0.48 0.01 20.39
CA ALA A 128 -1.93 -0.07 20.12
C ALA A 128 -2.72 -0.10 21.44
N ALA A 129 -2.55 -1.17 22.21
CA ALA A 129 -3.18 -1.28 23.50
C ALA A 129 -2.49 -0.37 24.50
N GLN A 130 -3.25 0.52 25.11
CA GLN A 130 -2.72 1.57 25.97
C GLN A 130 -1.86 2.51 25.14
N GLU A 131 -2.52 3.44 24.48
CA GLU A 131 -1.86 4.42 23.63
C GLU A 131 -1.42 5.61 24.49
N THR A 132 -0.14 5.66 24.81
CA THR A 132 0.39 6.68 25.69
C THR A 132 0.28 8.08 25.07
N VAL A 133 0.95 8.27 23.94
CA VAL A 133 0.91 9.56 23.26
C VAL A 133 1.61 9.47 21.90
N GLN A 134 0.92 9.95 20.88
CA GLN A 134 1.49 10.03 19.54
C GLN A 134 1.22 11.40 18.95
N LEU A 135 2.26 12.01 18.41
CA LEU A 135 2.11 13.30 17.74
C LEU A 135 1.77 13.05 16.27
N GLU A 136 2.54 12.15 15.66
CA GLU A 136 2.39 11.75 14.27
C GLU A 136 2.12 12.97 13.38
N HIS A 137 3.18 13.70 13.09
CA HIS A 137 3.08 14.95 12.35
C HIS A 137 2.55 14.71 10.94
N HIS A 138 1.31 15.12 10.70
CA HIS A 138 0.72 15.05 9.37
C HIS A 138 1.49 15.95 8.41
N HIS A 139 1.91 15.39 7.28
CA HIS A 139 2.72 16.15 6.33
C HIS A 139 1.85 17.07 5.48
N HIS A 140 0.85 16.49 4.81
CA HIS A 140 0.07 17.24 3.84
C HIS A 140 -0.84 18.26 4.53
N HIS A 141 -1.19 19.30 3.79
CA HIS A 141 -2.04 20.37 4.30
C HIS A 141 -3.50 20.07 3.98
N HIS A 142 -4.37 20.28 4.96
CA HIS A 142 -5.79 20.06 4.77
C HIS A 142 -6.51 21.39 4.71
N MET A 1 5.14 4.21 -25.32
CA MET A 1 5.25 5.67 -25.14
C MET A 1 3.88 6.30 -25.09
N ALA A 2 3.52 6.84 -23.92
CA ALA A 2 2.28 7.58 -23.72
C ALA A 2 1.04 6.69 -23.88
N ASN A 3 0.38 6.42 -22.75
CA ASN A 3 -0.88 5.70 -22.72
C ASN A 3 -0.69 4.23 -23.15
N ASP A 4 0.55 3.76 -23.08
CA ASP A 4 0.84 2.37 -23.38
C ASP A 4 0.67 1.55 -22.11
N THR A 5 0.51 0.24 -22.28
CA THR A 5 0.31 -0.67 -21.17
C THR A 5 -1.06 -0.44 -20.53
N PRO A 6 -2.09 -1.11 -21.07
CA PRO A 6 -3.47 -0.93 -20.62
C PRO A 6 -3.85 -1.85 -19.47
N PHE A 7 -5.15 -2.01 -19.26
CA PHE A 7 -5.64 -2.85 -18.17
C PHE A 7 -5.66 -4.31 -18.62
N SER A 8 -6.79 -4.73 -19.20
CA SER A 8 -6.93 -6.09 -19.73
C SER A 8 -6.66 -7.13 -18.65
N ALA A 9 -6.37 -8.36 -19.07
CA ALA A 9 -6.02 -9.43 -18.15
C ALA A 9 -4.69 -9.13 -17.48
N LEU A 10 -3.84 -8.38 -18.19
CA LEU A 10 -2.53 -7.99 -17.68
C LEU A 10 -2.62 -7.34 -16.31
N TRP A 11 -3.49 -6.35 -16.19
CA TRP A 11 -3.69 -5.65 -14.93
C TRP A 11 -4.64 -6.43 -14.02
N GLN A 12 -5.74 -6.87 -14.60
CA GLN A 12 -6.78 -7.61 -13.87
C GLN A 12 -6.21 -8.80 -13.07
N ARG A 13 -5.18 -9.45 -13.61
CA ARG A 13 -4.63 -10.65 -12.95
C ARG A 13 -4.02 -10.33 -11.59
N LEU A 14 -3.58 -9.10 -11.39
CA LEU A 14 -3.08 -8.68 -10.08
C LEU A 14 -4.24 -8.47 -9.11
N LEU A 15 -5.38 -8.06 -9.65
CA LEU A 15 -6.54 -7.71 -8.83
C LEU A 15 -7.24 -8.95 -8.28
N THR A 16 -7.09 -10.07 -8.97
CA THR A 16 -7.80 -11.30 -8.63
C THR A 16 -7.52 -11.75 -7.18
N ARG A 17 -6.38 -11.34 -6.63
CA ARG A 17 -5.99 -11.74 -5.28
C ARG A 17 -6.85 -11.05 -4.22
N GLY A 18 -7.68 -10.11 -4.65
CA GLY A 18 -8.58 -9.44 -3.73
C GLY A 18 -8.17 -8.01 -3.45
N TRP A 19 -7.32 -7.47 -4.32
CA TRP A 19 -6.86 -6.10 -4.20
C TRP A 19 -7.80 -5.16 -4.92
N GLN A 20 -8.13 -4.05 -4.27
CA GLN A 20 -9.06 -3.07 -4.82
C GLN A 20 -8.30 -1.91 -5.45
N PRO A 21 -8.55 -1.65 -6.75
CA PRO A 21 -8.00 -0.47 -7.43
C PRO A 21 -8.75 0.79 -7.04
N VAL A 22 -8.05 1.70 -6.38
CA VAL A 22 -8.66 2.93 -5.89
C VAL A 22 -8.32 4.09 -6.80
N GLU A 23 -9.08 5.18 -6.66
CA GLU A 23 -8.87 6.36 -7.46
C GLU A 23 -8.03 7.38 -6.70
N ALA A 24 -7.87 8.56 -7.28
CA ALA A 24 -7.14 9.64 -6.62
C ALA A 24 -8.04 10.33 -5.59
N SER A 25 -9.34 10.19 -5.78
CA SER A 25 -10.32 10.80 -4.91
C SER A 25 -10.77 9.83 -3.81
N THR A 26 -11.33 8.70 -4.24
CA THR A 26 -11.94 7.74 -3.31
C THR A 26 -10.89 7.07 -2.41
N VAL A 27 -9.61 7.21 -2.77
CA VAL A 27 -8.55 6.58 -1.97
C VAL A 27 -8.50 7.16 -0.55
N ASP A 28 -8.72 8.47 -0.44
CA ASP A 28 -8.68 9.13 0.85
C ASP A 28 -9.87 8.69 1.71
N ASP A 29 -11.03 8.62 1.07
CA ASP A 29 -12.25 8.17 1.73
C ASP A 29 -12.15 6.69 2.10
N TRP A 30 -11.57 5.91 1.19
CA TRP A 30 -11.34 4.49 1.41
C TRP A 30 -10.51 4.26 2.68
N ILE A 31 -9.38 4.96 2.77
CA ILE A 31 -8.50 4.85 3.92
C ILE A 31 -9.21 5.28 5.19
N LYS A 32 -9.97 6.37 5.09
CA LYS A 32 -10.75 6.88 6.21
C LYS A 32 -11.77 5.84 6.68
N ARG A 33 -12.25 5.03 5.74
CA ARG A 33 -13.25 4.01 6.04
C ARG A 33 -12.60 2.77 6.63
N VAL A 34 -11.51 2.34 6.01
CA VAL A 34 -10.85 1.09 6.39
C VAL A 34 -9.98 1.25 7.63
N GLY A 35 -9.27 2.38 7.73
CA GLY A 35 -8.41 2.62 8.87
C GLY A 35 -7.08 1.89 8.78
N ASP A 36 -7.16 0.60 8.49
CA ASP A 36 -5.98 -0.26 8.47
C ASP A 36 -5.78 -0.87 7.09
N GLY A 37 -4.60 -0.69 6.54
CA GLY A 37 -4.32 -1.22 5.22
C GLY A 37 -3.09 -0.61 4.59
N VAL A 38 -2.72 -1.12 3.42
CA VAL A 38 -1.57 -0.63 2.68
C VAL A 38 -1.94 -0.36 1.24
N ILE A 39 -1.39 0.71 0.69
CA ILE A 39 -1.68 1.10 -0.69
C ILE A 39 -0.44 0.90 -1.55
N LEU A 40 -0.60 0.15 -2.64
CA LEU A 40 0.48 -0.08 -3.58
C LEU A 40 0.35 0.87 -4.77
N LEU A 41 1.40 1.65 -5.00
CA LEU A 41 1.46 2.52 -6.17
C LEU A 41 2.03 1.75 -7.34
N SER A 42 1.79 2.24 -8.55
CA SER A 42 2.34 1.63 -9.75
C SER A 42 3.86 1.68 -9.70
N SER A 43 4.49 0.55 -10.01
CA SER A 43 5.94 0.47 -10.02
C SER A 43 6.49 1.26 -11.21
N ASP A 44 5.76 1.18 -12.34
CA ASP A 44 6.11 1.90 -13.56
C ASP A 44 7.46 1.48 -14.11
N PRO A 45 7.79 1.91 -15.34
CA PRO A 45 9.16 1.91 -15.83
C PRO A 45 9.89 3.11 -15.27
N ARG A 46 9.65 3.37 -13.99
CA ARG A 46 10.14 4.57 -13.32
C ARG A 46 11.61 4.41 -12.95
N ARG A 47 11.94 3.23 -12.46
CA ARG A 47 13.29 2.93 -12.00
C ARG A 47 13.67 1.51 -12.40
N THR A 48 14.94 1.32 -12.76
CA THR A 48 15.45 0.01 -13.15
C THR A 48 14.94 -0.42 -14.54
N PRO A 49 15.85 -0.66 -15.48
CA PRO A 49 15.50 -1.16 -16.82
C PRO A 49 14.86 -2.53 -16.75
N GLU A 50 14.20 -2.92 -17.84
CA GLU A 50 13.51 -4.22 -17.95
C GLU A 50 12.18 -4.20 -17.20
N VAL A 51 12.25 -3.87 -15.90
CA VAL A 51 11.06 -3.76 -15.04
C VAL A 51 10.34 -5.10 -14.92
N SER A 52 10.82 -5.92 -14.01
CA SER A 52 10.16 -7.19 -13.69
C SER A 52 9.73 -7.17 -12.23
N ASP A 53 9.55 -5.96 -11.71
CA ASP A 53 9.16 -5.77 -10.32
C ASP A 53 7.68 -6.06 -10.12
N ASN A 54 7.40 -7.25 -9.60
CA ASN A 54 6.02 -7.67 -9.37
C ASN A 54 5.70 -7.61 -7.88
N PRO A 55 5.00 -6.55 -7.45
CA PRO A 55 4.62 -6.36 -6.04
C PRO A 55 3.42 -7.23 -5.66
N VAL A 56 3.43 -8.48 -6.10
CA VAL A 56 2.33 -9.40 -5.85
C VAL A 56 2.67 -10.30 -4.68
N MET A 57 3.96 -10.36 -4.35
CA MET A 57 4.44 -11.20 -3.28
C MET A 57 4.37 -10.47 -1.95
N ILE A 58 3.99 -9.20 -1.98
CA ILE A 58 3.86 -8.41 -0.77
C ILE A 58 2.69 -8.93 0.07
N ALA A 59 1.86 -9.76 -0.56
CA ALA A 59 0.73 -10.37 0.13
C ALA A 59 1.20 -11.17 1.34
N GLU A 60 2.23 -11.99 1.15
CA GLU A 60 2.76 -12.81 2.23
C GLU A 60 3.44 -11.95 3.29
N LEU A 61 3.97 -10.81 2.86
CA LEU A 61 4.58 -9.84 3.77
C LEU A 61 3.55 -9.39 4.80
N LEU A 62 2.39 -8.99 4.31
CA LEU A 62 1.30 -8.55 5.18
C LEU A 62 0.79 -9.69 6.07
N ARG A 63 1.04 -10.93 5.64
CA ARG A 63 0.63 -12.10 6.40
C ARG A 63 1.57 -12.34 7.57
N GLU A 64 2.58 -11.49 7.70
CA GLU A 64 3.50 -11.54 8.82
C GLU A 64 2.86 -10.87 10.02
N PHE A 65 1.84 -10.06 9.74
CA PHE A 65 1.13 -9.34 10.77
C PHE A 65 -0.38 -9.60 10.70
N PRO A 66 -0.81 -10.88 10.81
CA PRO A 66 -2.22 -11.24 10.71
C PRO A 66 -2.96 -10.99 12.02
N GLN A 67 -2.65 -9.86 12.64
CA GLN A 67 -3.27 -9.44 13.88
C GLN A 67 -4.40 -8.48 13.57
N PHE A 68 -4.11 -7.53 12.69
CA PHE A 68 -5.12 -6.61 12.20
C PHE A 68 -5.81 -7.19 10.97
N ASP A 69 -5.04 -7.91 10.16
CA ASP A 69 -5.47 -8.37 8.84
C ASP A 69 -5.87 -7.16 8.00
N TRP A 70 -4.90 -6.62 7.28
CA TRP A 70 -5.02 -5.30 6.71
C TRP A 70 -5.62 -5.37 5.32
N GLN A 71 -6.19 -4.28 4.84
CA GLN A 71 -6.78 -4.24 3.50
C GLN A 71 -5.79 -3.65 2.50
N VAL A 72 -5.48 -4.39 1.46
CA VAL A 72 -4.52 -3.94 0.46
C VAL A 72 -5.24 -3.30 -0.72
N ALA A 73 -4.83 -2.10 -1.07
CA ALA A 73 -5.39 -1.39 -2.21
C ALA A 73 -4.30 -1.05 -3.22
N VAL A 74 -4.68 -0.91 -4.47
CA VAL A 74 -3.74 -0.57 -5.53
C VAL A 74 -4.25 0.60 -6.34
N ALA A 75 -3.38 1.20 -7.13
CA ALA A 75 -3.78 2.30 -7.99
C ALA A 75 -3.47 1.97 -9.44
N ASP A 76 -4.41 2.28 -10.34
CA ASP A 76 -4.27 1.95 -11.75
C ASP A 76 -3.10 2.67 -12.41
N LEU A 77 -3.34 3.88 -12.91
CA LEU A 77 -2.30 4.64 -13.58
C LEU A 77 -2.21 6.07 -13.04
N GLU A 78 -3.09 6.94 -13.53
CA GLU A 78 -3.11 8.34 -13.14
C GLU A 78 -3.33 8.48 -11.63
N GLN A 79 -4.07 7.52 -11.08
CA GLN A 79 -4.34 7.47 -9.65
C GLN A 79 -3.04 7.51 -8.86
N SER A 80 -2.10 6.64 -9.21
CA SER A 80 -0.82 6.53 -8.50
C SER A 80 -0.11 7.88 -8.42
N GLU A 81 -0.11 8.62 -9.53
CA GLU A 81 0.59 9.88 -9.62
C GLU A 81 0.03 10.88 -8.59
N ALA A 82 -1.30 10.94 -8.49
CA ALA A 82 -1.95 11.88 -7.59
C ALA A 82 -1.89 11.40 -6.14
N ILE A 83 -1.92 10.08 -5.95
CA ILE A 83 -1.90 9.50 -4.62
C ILE A 83 -0.54 9.75 -3.94
N GLY A 84 0.55 9.62 -4.69
CA GLY A 84 1.86 9.91 -4.14
C GLY A 84 1.98 11.36 -3.71
N ASP A 85 1.34 12.23 -4.49
CA ASP A 85 1.29 13.66 -4.17
C ASP A 85 0.47 13.90 -2.91
N ARG A 86 -0.68 13.23 -2.83
CA ARG A 86 -1.59 13.34 -1.69
C ARG A 86 -0.90 12.97 -0.39
N PHE A 87 -0.11 11.91 -0.41
CA PHE A 87 0.55 11.42 0.79
C PHE A 87 1.87 12.14 1.03
N ASN A 88 2.28 12.97 0.07
CA ASN A 88 3.52 13.71 0.15
C ASN A 88 4.72 12.78 0.24
N VAL A 89 4.64 11.67 -0.49
CA VAL A 89 5.71 10.68 -0.50
C VAL A 89 6.58 10.88 -1.75
N ARG A 90 6.24 11.95 -2.48
CA ARG A 90 6.88 12.28 -3.75
C ARG A 90 6.48 11.26 -4.82
N ARG A 91 6.91 11.47 -6.05
CA ARG A 91 6.49 10.63 -7.16
C ARG A 91 7.41 9.42 -7.32
N PHE A 92 7.28 8.47 -6.42
CA PHE A 92 8.04 7.23 -6.46
C PHE A 92 7.18 6.06 -6.03
N PRO A 93 7.46 4.86 -6.55
CA PRO A 93 6.74 3.65 -6.16
C PRO A 93 7.09 3.22 -4.73
N ALA A 94 6.10 3.28 -3.86
CA ALA A 94 6.27 2.95 -2.46
C ALA A 94 4.98 2.41 -1.87
N THR A 95 5.11 1.52 -0.91
CA THR A 95 3.96 0.99 -0.20
C THR A 95 3.63 1.90 0.97
N LEU A 96 2.42 2.45 0.98
CA LEU A 96 2.01 3.34 2.06
C LEU A 96 1.33 2.54 3.16
N VAL A 97 1.85 2.68 4.37
CA VAL A 97 1.34 1.92 5.51
C VAL A 97 0.40 2.78 6.35
N PHE A 98 -0.85 2.36 6.44
CA PHE A 98 -1.84 3.07 7.23
C PHE A 98 -2.36 2.20 8.37
N THR A 99 -2.39 2.78 9.56
CA THR A 99 -2.87 2.08 10.73
C THR A 99 -3.84 2.95 11.52
N ASP A 100 -5.06 2.47 11.70
CA ASP A 100 -6.10 3.17 12.46
C ASP A 100 -6.40 4.55 11.86
N GLY A 101 -6.07 4.72 10.59
CA GLY A 101 -6.25 6.00 9.93
C GLY A 101 -4.99 6.86 9.98
N LYS A 102 -3.99 6.43 10.75
CA LYS A 102 -2.75 7.18 10.85
C LYS A 102 -1.73 6.65 9.85
N LEU A 103 -0.93 7.54 9.29
CA LEU A 103 0.08 7.14 8.33
C LEU A 103 1.38 6.78 9.04
N ARG A 104 1.94 5.63 8.71
CA ARG A 104 3.22 5.21 9.27
C ARG A 104 4.36 5.64 8.36
N GLY A 105 4.06 5.76 7.08
CA GLY A 105 5.04 6.20 6.11
C GLY A 105 5.09 5.29 4.91
N ALA A 106 6.18 5.38 4.16
CA ALA A 106 6.36 4.56 2.98
C ALA A 106 7.26 3.37 3.29
N LEU A 107 7.07 2.28 2.58
CA LEU A 107 7.85 1.08 2.83
C LEU A 107 8.84 0.87 1.70
N SER A 108 10.11 1.16 1.97
CA SER A 108 11.17 0.97 1.01
C SER A 108 12.45 0.57 1.72
N GLY A 109 12.76 -0.72 1.68
CA GLY A 109 13.97 -1.21 2.31
C GLY A 109 15.05 -1.48 1.30
N ILE A 110 15.36 -2.75 1.10
CA ILE A 110 16.35 -3.14 0.11
C ILE A 110 15.68 -3.84 -1.06
N HIS A 111 15.42 -5.13 -0.89
CA HIS A 111 14.76 -5.96 -1.90
C HIS A 111 14.41 -7.33 -1.33
N PRO A 112 15.39 -8.03 -0.69
CA PRO A 112 15.12 -9.31 -0.04
C PRO A 112 14.38 -9.16 1.29
N TRP A 113 14.30 -10.27 2.02
CA TRP A 113 13.58 -10.32 3.28
C TRP A 113 14.50 -9.87 4.43
N ALA A 114 14.47 -10.63 5.53
CA ALA A 114 15.37 -10.43 6.66
C ALA A 114 15.14 -9.11 7.40
N GLU A 115 15.77 -8.04 6.92
CA GLU A 115 15.82 -6.79 7.66
C GLU A 115 14.55 -5.98 7.51
N LEU A 116 13.70 -6.38 6.57
CA LEU A 116 12.42 -5.71 6.34
C LEU A 116 11.59 -5.74 7.61
N LEU A 117 11.64 -6.87 8.33
CA LEU A 117 10.89 -7.02 9.56
C LEU A 117 11.32 -5.96 10.57
N THR A 118 12.62 -5.85 10.78
CA THR A 118 13.18 -4.92 11.74
C THR A 118 12.78 -3.48 11.41
N LEU A 119 12.94 -3.10 10.14
CA LEU A 119 12.63 -1.75 9.71
C LEU A 119 11.13 -1.46 9.79
N MET A 120 10.32 -2.36 9.23
CA MET A 120 8.88 -2.13 9.17
C MET A 120 8.24 -2.18 10.55
N ARG A 121 8.61 -3.17 11.37
CA ARG A 121 8.01 -3.34 12.68
C ARG A 121 8.31 -2.15 13.59
N SER A 122 9.52 -1.62 13.45
CA SER A 122 9.95 -0.47 14.23
C SER A 122 9.03 0.72 13.97
N ILE A 123 8.57 0.86 12.73
CA ILE A 123 7.73 1.98 12.33
C ILE A 123 6.28 1.78 12.80
N VAL A 124 5.80 0.54 12.75
CA VAL A 124 4.42 0.24 13.11
C VAL A 124 4.29 -0.07 14.60
N ASP A 125 5.36 0.17 15.35
CA ASP A 125 5.35 -0.07 16.80
C ASP A 125 4.43 0.93 17.49
N THR A 126 4.39 2.14 16.98
CA THR A 126 3.53 3.18 17.52
C THR A 126 2.70 3.83 16.42
N PRO A 127 1.37 3.84 16.58
CA PRO A 127 0.46 4.51 15.65
C PRO A 127 0.38 6.01 15.94
N ALA A 128 0.77 6.39 17.14
CA ALA A 128 0.68 7.77 17.59
C ALA A 128 1.94 8.54 17.21
N ALA A 129 1.80 9.44 16.26
CA ALA A 129 2.91 10.26 15.80
C ALA A 129 2.39 11.58 15.27
N GLN A 130 3.27 12.38 14.67
CA GLN A 130 2.90 13.70 14.18
C GLN A 130 2.42 13.66 12.73
N GLU A 131 2.09 12.48 12.24
CA GLU A 131 1.51 12.35 10.92
C GLU A 131 0.05 11.92 11.06
N THR A 132 -0.85 12.88 10.92
CA THR A 132 -2.25 12.64 11.14
C THR A 132 -3.09 13.20 9.99
N VAL A 133 -4.32 12.72 9.87
CA VAL A 133 -5.23 13.16 8.84
C VAL A 133 -6.54 13.62 9.47
N GLN A 134 -7.00 14.80 9.08
CA GLN A 134 -8.24 15.34 9.62
C GLN A 134 -9.42 14.51 9.13
N LEU A 135 -10.30 14.14 10.06
CA LEU A 135 -11.41 13.26 9.75
C LEU A 135 -12.45 13.94 8.89
N GLU A 136 -12.37 13.70 7.60
CA GLU A 136 -13.34 14.25 6.67
C GLU A 136 -14.43 13.22 6.39
N HIS A 137 -15.67 13.66 6.42
CA HIS A 137 -16.80 12.79 6.17
C HIS A 137 -16.85 12.43 4.69
N HIS A 138 -16.29 13.31 3.86
CA HIS A 138 -16.24 13.11 2.42
C HIS A 138 -17.64 13.07 1.82
N HIS A 139 -18.20 14.26 1.60
CA HIS A 139 -19.53 14.44 1.01
C HIS A 139 -20.62 14.06 1.99
N HIS A 140 -21.69 14.84 2.01
CA HIS A 140 -22.85 14.53 2.83
C HIS A 140 -23.57 13.31 2.24
N HIS A 141 -23.57 13.22 0.92
CA HIS A 141 -24.09 12.05 0.25
C HIS A 141 -22.93 11.19 -0.21
N HIS A 142 -22.64 10.14 0.55
CA HIS A 142 -21.47 9.30 0.32
C HIS A 142 -21.66 8.46 -0.94
N MET A 1 -15.21 9.72 -24.32
CA MET A 1 -15.00 8.41 -24.98
C MET A 1 -13.55 8.24 -25.41
N ALA A 2 -12.86 9.36 -25.61
CA ALA A 2 -11.45 9.33 -25.96
C ALA A 2 -10.61 9.11 -24.71
N ASN A 3 -9.82 8.05 -24.72
CA ASN A 3 -9.03 7.68 -23.55
C ASN A 3 -7.61 7.32 -23.97
N ASP A 4 -7.51 6.43 -24.95
CA ASP A 4 -6.24 5.83 -25.36
C ASP A 4 -5.62 5.04 -24.23
N THR A 5 -5.74 3.72 -24.30
CA THR A 5 -5.23 2.81 -23.28
C THR A 5 -6.02 2.97 -21.97
N PRO A 6 -7.30 2.54 -21.97
CA PRO A 6 -8.17 2.66 -20.79
C PRO A 6 -7.80 1.69 -19.68
N PHE A 7 -7.40 0.48 -20.06
CA PHE A 7 -7.04 -0.54 -19.09
C PHE A 7 -5.89 -1.39 -19.61
N SER A 8 -5.20 -2.08 -18.71
CA SER A 8 -4.04 -2.88 -19.08
C SER A 8 -4.21 -4.33 -18.64
N ALA A 9 -3.47 -5.23 -19.30
CA ALA A 9 -3.56 -6.65 -19.03
C ALA A 9 -3.10 -6.99 -17.61
N LEU A 10 -1.87 -6.56 -17.28
CA LEU A 10 -1.30 -6.85 -15.96
C LEU A 10 -2.16 -6.24 -14.84
N TRP A 11 -2.86 -5.17 -15.18
CA TRP A 11 -3.73 -4.50 -14.23
C TRP A 11 -4.91 -5.39 -13.86
N GLN A 12 -5.62 -5.89 -14.87
CA GLN A 12 -6.74 -6.79 -14.66
C GLN A 12 -6.31 -8.07 -13.95
N ARG A 13 -5.05 -8.47 -14.13
CA ARG A 13 -4.52 -9.63 -13.43
C ARG A 13 -4.61 -9.42 -11.93
N LEU A 14 -4.24 -8.21 -11.50
CA LEU A 14 -4.27 -7.85 -10.09
C LEU A 14 -5.71 -7.85 -9.57
N LEU A 15 -6.59 -7.21 -10.33
CA LEU A 15 -8.01 -7.12 -9.97
C LEU A 15 -8.62 -8.52 -9.86
N THR A 16 -8.23 -9.39 -10.78
CA THR A 16 -8.72 -10.75 -10.82
C THR A 16 -8.20 -11.55 -9.61
N ARG A 17 -7.05 -11.14 -9.07
CA ARG A 17 -6.51 -11.77 -7.88
C ARG A 17 -7.26 -11.28 -6.64
N GLY A 18 -7.49 -9.97 -6.58
CA GLY A 18 -8.20 -9.39 -5.46
C GLY A 18 -7.77 -7.95 -5.22
N TRP A 19 -7.80 -7.55 -3.94
CA TRP A 19 -7.43 -6.20 -3.51
C TRP A 19 -8.43 -5.15 -3.99
N GLN A 20 -8.49 -4.04 -3.25
CA GLN A 20 -9.43 -2.97 -3.56
C GLN A 20 -8.78 -1.94 -4.49
N PRO A 21 -9.41 -1.68 -5.65
CA PRO A 21 -8.94 -0.65 -6.58
C PRO A 21 -9.35 0.74 -6.11
N VAL A 22 -8.39 1.55 -5.71
CA VAL A 22 -8.68 2.87 -5.18
C VAL A 22 -8.35 3.97 -6.18
N GLU A 23 -9.00 5.11 -6.03
CA GLU A 23 -8.77 6.25 -6.91
C GLU A 23 -7.96 7.31 -6.18
N ALA A 24 -7.70 8.42 -6.85
CA ALA A 24 -7.04 9.54 -6.19
C ALA A 24 -8.05 10.32 -5.36
N SER A 25 -9.32 9.99 -5.53
CA SER A 25 -10.39 10.68 -4.84
C SER A 25 -10.87 9.87 -3.62
N THR A 26 -11.31 8.64 -3.86
CA THR A 26 -11.90 7.83 -2.80
C THR A 26 -10.85 7.11 -1.96
N VAL A 27 -9.57 7.42 -2.21
CA VAL A 27 -8.48 6.73 -1.53
C VAL A 27 -8.51 6.96 -0.02
N ASP A 28 -8.57 8.20 0.41
CA ASP A 28 -8.57 8.51 1.84
C ASP A 28 -9.91 8.18 2.48
N ASP A 29 -10.94 8.03 1.66
CA ASP A 29 -12.26 7.62 2.14
C ASP A 29 -12.24 6.14 2.45
N TRP A 30 -11.52 5.39 1.64
CA TRP A 30 -11.31 3.97 1.87
C TRP A 30 -10.47 3.78 3.13
N ILE A 31 -9.38 4.53 3.20
CA ILE A 31 -8.44 4.46 4.32
C ILE A 31 -9.12 4.74 5.66
N LYS A 32 -9.96 5.78 5.70
CA LYS A 32 -10.62 6.18 6.94
C LYS A 32 -11.53 5.06 7.45
N ARG A 33 -12.03 4.25 6.53
CA ARG A 33 -12.96 3.18 6.87
C ARG A 33 -12.22 1.96 7.40
N VAL A 34 -11.18 1.58 6.71
CA VAL A 34 -10.42 0.38 7.07
C VAL A 34 -9.49 0.65 8.26
N GLY A 35 -8.87 1.82 8.26
CA GLY A 35 -7.99 2.20 9.33
C GLY A 35 -6.59 1.66 9.15
N ASP A 36 -6.51 0.35 9.04
CA ASP A 36 -5.25 -0.34 8.90
C ASP A 36 -5.16 -0.98 7.53
N GLY A 37 -4.33 -0.41 6.67
CA GLY A 37 -4.26 -0.90 5.31
C GLY A 37 -2.99 -0.50 4.61
N VAL A 38 -2.74 -1.12 3.47
CA VAL A 38 -1.55 -0.81 2.68
C VAL A 38 -1.93 -0.65 1.21
N ILE A 39 -1.51 0.47 0.64
CA ILE A 39 -1.79 0.74 -0.76
C ILE A 39 -0.58 0.34 -1.62
N LEU A 40 -0.77 -0.64 -2.48
CA LEU A 40 0.26 -1.04 -3.42
C LEU A 40 0.22 -0.13 -4.64
N LEU A 41 1.30 0.60 -4.88
CA LEU A 41 1.41 1.37 -6.10
C LEU A 41 1.52 0.45 -7.30
N SER A 42 1.29 0.99 -8.49
CA SER A 42 1.27 0.21 -9.72
C SER A 42 2.58 -0.57 -9.91
N SER A 43 3.65 -0.10 -9.28
CA SER A 43 4.94 -0.78 -9.31
C SER A 43 5.45 -0.88 -10.75
N ASP A 44 5.14 0.15 -11.53
CA ASP A 44 5.55 0.23 -12.93
C ASP A 44 7.06 0.04 -13.07
N PRO A 45 7.49 -0.86 -13.96
CA PRO A 45 8.90 -1.17 -14.15
C PRO A 45 9.61 -0.15 -15.03
N ARG A 46 9.71 1.08 -14.54
CA ARG A 46 10.46 2.12 -15.24
C ARG A 46 11.91 1.72 -15.37
N ARG A 47 12.50 1.31 -14.25
CA ARG A 47 13.86 0.80 -14.24
C ARG A 47 13.87 -0.72 -14.12
N THR A 48 14.65 -1.37 -14.97
CA THR A 48 14.73 -2.83 -15.00
C THR A 48 13.36 -3.47 -15.26
N PRO A 49 12.88 -3.41 -16.51
CA PRO A 49 11.60 -3.98 -16.91
C PRO A 49 11.74 -5.45 -17.29
N GLU A 50 12.31 -6.24 -16.39
CA GLU A 50 12.54 -7.65 -16.64
C GLU A 50 11.34 -8.49 -16.18
N VAL A 51 11.05 -8.45 -14.89
CA VAL A 51 9.97 -9.23 -14.33
C VAL A 51 8.62 -8.58 -14.62
N SER A 52 8.66 -7.26 -14.81
CA SER A 52 7.48 -6.47 -15.12
C SER A 52 6.55 -6.35 -13.90
N ASP A 53 5.76 -7.37 -13.65
CA ASP A 53 4.76 -7.32 -12.61
C ASP A 53 4.83 -8.55 -11.71
N ASN A 54 5.17 -8.34 -10.46
CA ASN A 54 5.18 -9.41 -9.47
C ASN A 54 4.97 -8.83 -8.06
N PRO A 55 3.73 -8.46 -7.73
CA PRO A 55 3.37 -7.93 -6.42
C PRO A 55 2.80 -9.01 -5.52
N VAL A 56 3.01 -10.26 -5.91
CA VAL A 56 2.57 -11.39 -5.10
C VAL A 56 3.62 -11.73 -4.06
N MET A 57 3.23 -12.56 -3.09
CA MET A 57 4.12 -12.95 -1.99
C MET A 57 4.35 -11.82 -1.00
N ILE A 58 3.79 -10.64 -1.29
CA ILE A 58 3.87 -9.51 -0.36
C ILE A 58 2.82 -9.66 0.74
N ALA A 59 1.85 -10.54 0.50
CA ALA A 59 0.70 -10.70 1.39
C ALA A 59 1.08 -11.32 2.74
N GLU A 60 2.12 -12.14 2.75
CA GLU A 60 2.52 -12.83 3.98
C GLU A 60 3.13 -11.86 4.98
N LEU A 61 3.74 -10.80 4.48
CA LEU A 61 4.31 -9.76 5.32
C LEU A 61 3.25 -9.23 6.28
N LEU A 62 2.10 -8.94 5.70
CA LEU A 62 0.97 -8.38 6.45
C LEU A 62 0.53 -9.31 7.58
N ARG A 63 0.63 -10.62 7.39
CA ARG A 63 0.19 -11.57 8.41
C ARG A 63 1.33 -11.91 9.37
N GLU A 64 2.38 -11.08 9.35
CA GLU A 64 3.42 -11.16 10.35
C GLU A 64 3.02 -10.23 11.50
N PHE A 65 1.95 -9.47 11.25
CA PHE A 65 1.44 -8.52 12.22
C PHE A 65 -0.03 -8.79 12.53
N PRO A 66 -0.32 -9.80 13.37
CA PRO A 66 -1.69 -10.12 13.74
C PRO A 66 -2.20 -9.19 14.84
N GLN A 67 -1.85 -7.92 14.71
CA GLN A 67 -2.23 -6.91 15.68
C GLN A 67 -3.26 -5.98 15.08
N PHE A 68 -3.25 -5.92 13.75
CA PHE A 68 -4.25 -5.19 12.99
C PHE A 68 -5.00 -6.15 12.07
N ASP A 69 -5.94 -5.61 11.31
CA ASP A 69 -6.57 -6.36 10.24
C ASP A 69 -6.44 -5.55 8.96
N TRP A 70 -5.39 -5.86 8.21
CA TRP A 70 -4.97 -5.01 7.09
C TRP A 70 -5.82 -5.25 5.85
N GLN A 71 -6.17 -4.19 5.17
CA GLN A 71 -6.78 -4.26 3.86
C GLN A 71 -5.80 -3.74 2.82
N VAL A 72 -5.57 -4.52 1.78
CA VAL A 72 -4.62 -4.13 0.74
C VAL A 72 -5.36 -3.56 -0.45
N ALA A 73 -4.86 -2.44 -0.97
CA ALA A 73 -5.48 -1.78 -2.10
C ALA A 73 -4.48 -1.57 -3.23
N VAL A 74 -4.97 -1.33 -4.43
CA VAL A 74 -4.13 -1.09 -5.59
C VAL A 74 -4.64 0.11 -6.39
N ALA A 75 -3.81 0.62 -7.29
CA ALA A 75 -4.16 1.78 -8.10
C ALA A 75 -3.70 1.60 -9.54
N ASP A 76 -4.46 2.19 -10.46
CA ASP A 76 -4.16 2.11 -11.90
C ASP A 76 -2.82 2.75 -12.22
N LEU A 77 -2.40 2.62 -13.47
CA LEU A 77 -1.19 3.27 -13.97
C LEU A 77 -1.28 4.78 -13.76
N GLU A 78 -2.46 5.33 -14.01
CA GLU A 78 -2.69 6.76 -13.84
C GLU A 78 -2.87 7.09 -12.35
N GLN A 79 -3.71 6.31 -11.68
CA GLN A 79 -4.08 6.57 -10.30
C GLN A 79 -2.88 6.51 -9.36
N SER A 80 -1.89 5.67 -9.68
CA SER A 80 -0.74 5.50 -8.82
C SER A 80 0.12 6.77 -8.73
N GLU A 81 0.20 7.52 -9.82
CA GLU A 81 0.94 8.79 -9.78
C GLU A 81 0.13 9.84 -9.04
N ALA A 82 -1.17 9.86 -9.29
CA ALA A 82 -2.06 10.79 -8.61
C ALA A 82 -2.08 10.54 -7.11
N ILE A 83 -2.18 9.27 -6.73
CA ILE A 83 -2.13 8.88 -5.32
C ILE A 83 -0.73 9.13 -4.75
N GLY A 84 0.28 8.92 -5.57
CA GLY A 84 1.64 9.21 -5.17
C GLY A 84 1.83 10.68 -4.84
N ASP A 85 1.15 11.53 -5.58
CA ASP A 85 1.19 12.98 -5.33
C ASP A 85 0.32 13.34 -4.13
N ARG A 86 -0.80 12.64 -4.02
CA ARG A 86 -1.76 12.84 -2.92
C ARG A 86 -1.09 12.72 -1.55
N PHE A 87 -0.22 11.72 -1.40
CA PHE A 87 0.47 11.50 -0.13
C PHE A 87 1.91 12.02 -0.20
N ASN A 88 2.28 12.56 -1.36
CA ASN A 88 3.63 13.07 -1.59
C ASN A 88 4.67 11.99 -1.36
N VAL A 89 4.49 10.88 -2.08
CA VAL A 89 5.37 9.72 -1.95
C VAL A 89 6.69 9.97 -2.67
N ARG A 90 6.71 11.00 -3.53
CA ARG A 90 7.90 11.38 -4.30
C ARG A 90 8.16 10.34 -5.41
N ARG A 91 7.10 9.62 -5.78
CA ARG A 91 7.14 8.62 -6.85
C ARG A 91 7.92 7.37 -6.44
N PHE A 92 8.20 6.52 -7.44
CA PHE A 92 8.88 5.23 -7.24
C PHE A 92 7.93 4.21 -6.60
N PRO A 93 8.06 2.92 -6.97
CA PRO A 93 7.22 1.85 -6.43
C PRO A 93 7.41 1.66 -4.93
N ALA A 94 6.31 1.73 -4.19
CA ALA A 94 6.34 1.57 -2.75
C ALA A 94 4.95 1.26 -2.23
N THR A 95 4.88 0.59 -1.11
CA THR A 95 3.63 0.32 -0.43
C THR A 95 3.34 1.44 0.55
N LEU A 96 2.12 1.95 0.56
CA LEU A 96 1.76 2.98 1.50
C LEU A 96 1.22 2.35 2.77
N VAL A 97 1.84 2.70 3.89
CA VAL A 97 1.50 2.08 5.17
C VAL A 97 0.58 2.98 5.96
N PHE A 98 -0.63 2.50 6.20
CA PHE A 98 -1.60 3.23 6.97
C PHE A 98 -2.03 2.43 8.18
N THR A 99 -2.12 3.09 9.32
CA THR A 99 -2.53 2.47 10.56
C THR A 99 -3.41 3.42 11.31
N ASP A 100 -4.54 2.91 11.81
CA ASP A 100 -5.53 3.69 12.56
C ASP A 100 -6.06 4.89 11.76
N GLY A 101 -5.80 4.87 10.46
CA GLY A 101 -6.19 5.97 9.61
C GLY A 101 -5.07 6.97 9.40
N LYS A 102 -3.98 6.80 10.13
CA LYS A 102 -2.83 7.70 9.99
C LYS A 102 -1.76 7.11 9.07
N LEU A 103 -1.11 7.98 8.32
CA LEU A 103 -0.04 7.58 7.41
C LEU A 103 1.23 7.30 8.19
N ARG A 104 1.85 6.17 7.91
CA ARG A 104 3.11 5.82 8.55
C ARG A 104 4.27 6.10 7.61
N GLY A 105 4.06 5.90 6.33
CA GLY A 105 5.08 6.16 5.34
C GLY A 105 4.97 5.27 4.13
N ALA A 106 6.06 5.16 3.38
CA ALA A 106 6.09 4.34 2.18
C ALA A 106 7.12 3.23 2.34
N LEU A 107 6.78 2.03 1.90
CA LEU A 107 7.64 0.88 2.06
C LEU A 107 8.50 0.71 0.82
N SER A 108 9.57 1.49 0.76
CA SER A 108 10.54 1.36 -0.31
C SER A 108 11.82 0.74 0.25
N GLY A 109 11.71 -0.51 0.70
CA GLY A 109 12.83 -1.19 1.28
C GLY A 109 13.84 -1.64 0.25
N ILE A 110 15.02 -1.05 0.29
CA ILE A 110 16.10 -1.44 -0.61
C ILE A 110 16.82 -2.67 -0.05
N HIS A 111 16.77 -2.80 1.27
CA HIS A 111 17.31 -3.98 1.94
C HIS A 111 16.25 -5.07 1.96
N PRO A 112 16.61 -6.28 1.48
CA PRO A 112 15.69 -7.41 1.33
C PRO A 112 15.21 -8.01 2.66
N TRP A 113 14.61 -9.19 2.58
CA TRP A 113 14.02 -9.82 3.74
C TRP A 113 15.09 -10.29 4.73
N ALA A 114 15.29 -9.48 5.76
CA ALA A 114 16.32 -9.66 6.79
C ALA A 114 16.45 -8.34 7.51
N GLU A 115 16.16 -7.28 6.77
CA GLU A 115 16.21 -5.92 7.28
C GLU A 115 14.81 -5.34 7.41
N LEU A 116 13.94 -5.78 6.50
CA LEU A 116 12.56 -5.28 6.43
C LEU A 116 11.82 -5.50 7.76
N LEU A 117 12.07 -6.64 8.39
CA LEU A 117 11.41 -7.00 9.64
C LEU A 117 11.58 -5.90 10.68
N THR A 118 12.82 -5.53 10.95
CA THR A 118 13.13 -4.49 11.92
C THR A 118 12.61 -3.14 11.46
N LEU A 119 12.80 -2.84 10.18
CA LEU A 119 12.41 -1.55 9.62
C LEU A 119 10.90 -1.34 9.75
N MET A 120 10.15 -2.35 9.32
CA MET A 120 8.70 -2.28 9.35
C MET A 120 8.17 -2.20 10.78
N ARG A 121 8.69 -3.05 11.66
CA ARG A 121 8.27 -3.09 13.05
C ARG A 121 8.61 -1.79 13.77
N SER A 122 9.66 -1.15 13.33
CA SER A 122 10.06 0.15 13.85
C SER A 122 8.94 1.19 13.61
N ILE A 123 8.20 1.00 12.54
CA ILE A 123 7.15 1.95 12.17
C ILE A 123 5.79 1.54 12.78
N VAL A 124 5.44 0.27 12.61
CA VAL A 124 4.16 -0.24 13.10
C VAL A 124 4.26 -0.76 14.53
N ASP A 125 5.09 -0.08 15.33
CA ASP A 125 5.36 -0.47 16.72
C ASP A 125 4.08 -0.56 17.55
N THR A 126 3.16 0.37 17.35
CA THR A 126 1.93 0.39 18.12
C THR A 126 0.80 -0.33 17.38
N PRO A 127 0.21 -1.35 18.03
CA PRO A 127 -0.91 -2.10 17.46
C PRO A 127 -2.24 -1.40 17.60
N ALA A 128 -3.28 -1.94 16.96
CA ALA A 128 -4.62 -1.40 17.08
C ALA A 128 -5.22 -1.79 18.41
N ALA A 129 -4.82 -2.95 18.90
CA ALA A 129 -5.24 -3.42 20.22
C ALA A 129 -4.14 -4.30 20.81
N GLN A 130 -4.23 -5.59 20.56
CA GLN A 130 -3.19 -6.54 20.95
C GLN A 130 -2.95 -7.49 19.80
N GLU A 131 -3.71 -8.57 19.78
CA GLU A 131 -3.75 -9.49 18.65
C GLU A 131 -5.19 -9.69 18.22
N THR A 132 -5.51 -9.26 17.00
CA THR A 132 -6.87 -9.33 16.50
C THR A 132 -7.28 -10.77 16.19
N VAL A 133 -6.38 -11.50 15.53
CA VAL A 133 -6.68 -12.87 15.12
C VAL A 133 -5.82 -13.86 15.91
N GLN A 134 -6.48 -14.71 16.69
CA GLN A 134 -5.78 -15.65 17.56
C GLN A 134 -5.49 -16.96 16.85
N LEU A 135 -6.36 -17.34 15.93
CA LEU A 135 -6.24 -18.62 15.23
C LEU A 135 -5.29 -18.52 14.04
N GLU A 136 -4.61 -17.40 13.92
CA GLU A 136 -3.62 -17.21 12.87
C GLU A 136 -2.28 -16.87 13.47
N HIS A 137 -1.55 -17.89 13.89
CA HIS A 137 -0.22 -17.70 14.44
C HIS A 137 0.70 -18.82 13.96
N HIS A 138 0.32 -19.45 12.87
CA HIS A 138 1.09 -20.56 12.31
C HIS A 138 1.87 -20.11 11.09
N HIS A 139 2.87 -20.89 10.72
CA HIS A 139 3.70 -20.57 9.56
C HIS A 139 3.75 -21.75 8.60
N HIS A 140 4.04 -21.46 7.34
CA HIS A 140 4.15 -22.50 6.33
C HIS A 140 5.61 -22.69 5.97
N HIS A 141 5.89 -23.69 5.16
CA HIS A 141 7.24 -23.92 4.68
C HIS A 141 7.35 -23.44 3.25
N HIS A 142 6.51 -24.04 2.41
CA HIS A 142 6.39 -23.64 1.01
C HIS A 142 5.32 -24.53 0.39
N MET A 1 -14.04 6.03 -11.08
CA MET A 1 -14.33 7.14 -12.02
C MET A 1 -13.42 7.05 -13.24
N ALA A 2 -12.12 7.11 -13.01
CA ALA A 2 -11.16 7.09 -14.10
C ALA A 2 -10.46 5.72 -14.19
N ASN A 3 -11.08 4.79 -14.91
CA ASN A 3 -10.52 3.46 -15.08
C ASN A 3 -11.30 2.70 -16.17
N ASP A 4 -10.61 2.37 -17.25
CA ASP A 4 -11.20 1.54 -18.29
C ASP A 4 -10.17 0.51 -18.75
N THR A 5 -10.66 -0.64 -19.23
CA THR A 5 -9.84 -1.81 -19.59
C THR A 5 -9.16 -2.41 -18.36
N PRO A 6 -8.77 -3.69 -18.42
CA PRO A 6 -8.05 -4.36 -17.33
C PRO A 6 -6.57 -4.00 -17.30
N PHE A 7 -6.18 -3.05 -18.16
CA PHE A 7 -4.78 -2.60 -18.26
C PHE A 7 -3.82 -3.78 -18.37
N SER A 8 -4.06 -4.63 -19.37
CA SER A 8 -3.23 -5.79 -19.62
C SER A 8 -3.34 -6.79 -18.46
N ALA A 9 -2.37 -7.68 -18.36
CA ALA A 9 -2.41 -8.74 -17.34
C ALA A 9 -1.99 -8.22 -15.98
N LEU A 10 -1.05 -7.27 -15.97
CA LEU A 10 -0.46 -6.77 -14.73
C LEU A 10 -1.53 -6.30 -13.75
N TRP A 11 -2.44 -5.45 -14.22
CA TRP A 11 -3.48 -4.90 -13.36
C TRP A 11 -4.56 -5.95 -13.08
N GLN A 12 -5.00 -6.61 -14.14
CA GLN A 12 -5.97 -7.71 -14.04
C GLN A 12 -5.57 -8.72 -12.95
N ARG A 13 -4.29 -9.08 -12.91
CA ARG A 13 -3.78 -10.02 -11.92
C ARG A 13 -4.00 -9.53 -10.50
N LEU A 14 -3.83 -8.23 -10.29
CA LEU A 14 -4.02 -7.64 -8.97
C LEU A 14 -5.48 -7.74 -8.56
N LEU A 15 -6.38 -7.49 -9.51
CA LEU A 15 -7.81 -7.60 -9.27
C LEU A 15 -8.18 -9.03 -8.90
N THR A 16 -7.49 -9.99 -9.50
CA THR A 16 -7.77 -11.41 -9.29
C THR A 16 -7.59 -11.80 -7.82
N ARG A 17 -6.73 -11.09 -7.11
CA ARG A 17 -6.44 -11.42 -5.72
C ARG A 17 -7.43 -10.72 -4.77
N GLY A 18 -8.40 -10.02 -5.33
CA GLY A 18 -9.44 -9.40 -4.52
C GLY A 18 -9.03 -8.05 -3.95
N TRP A 19 -8.11 -7.39 -4.62
CA TRP A 19 -7.68 -6.06 -4.20
C TRP A 19 -8.60 -4.98 -4.77
N GLN A 20 -8.86 -3.97 -3.97
CA GLN A 20 -9.75 -2.89 -4.34
C GLN A 20 -8.99 -1.78 -5.05
N PRO A 21 -9.56 -1.25 -6.15
CA PRO A 21 -8.99 -0.09 -6.84
C PRO A 21 -9.42 1.22 -6.18
N VAL A 22 -8.45 1.98 -5.69
CA VAL A 22 -8.76 3.24 -5.01
C VAL A 22 -8.43 4.42 -5.91
N GLU A 23 -9.09 5.54 -5.65
CA GLU A 23 -8.92 6.74 -6.45
C GLU A 23 -8.56 7.93 -5.58
N ALA A 24 -8.22 9.05 -6.20
CA ALA A 24 -7.72 10.21 -5.48
C ALA A 24 -8.81 10.86 -4.63
N SER A 25 -10.06 10.66 -5.01
CA SER A 25 -11.17 11.29 -4.31
C SER A 25 -11.76 10.37 -3.23
N THR A 26 -11.40 9.09 -3.26
CA THR A 26 -11.97 8.14 -2.32
C THR A 26 -10.89 7.46 -1.47
N VAL A 27 -9.62 7.69 -1.81
CA VAL A 27 -8.52 7.04 -1.11
C VAL A 27 -8.53 7.36 0.38
N ASP A 28 -8.71 8.64 0.73
CA ASP A 28 -8.69 9.08 2.11
C ASP A 28 -9.93 8.56 2.85
N ASP A 29 -11.03 8.43 2.11
CA ASP A 29 -12.27 7.94 2.69
C ASP A 29 -12.19 6.45 2.95
N TRP A 30 -11.52 5.74 2.06
CA TRP A 30 -11.27 4.31 2.22
C TRP A 30 -10.35 4.08 3.42
N ILE A 31 -9.31 4.90 3.53
CA ILE A 31 -8.40 4.83 4.67
C ILE A 31 -9.17 5.09 5.96
N LYS A 32 -10.09 6.04 5.91
CA LYS A 32 -10.96 6.35 7.04
C LYS A 32 -11.81 5.13 7.42
N ARG A 33 -12.14 4.32 6.43
CA ARG A 33 -13.00 3.17 6.64
C ARG A 33 -12.22 2.00 7.23
N VAL A 34 -11.04 1.76 6.69
CA VAL A 34 -10.24 0.61 7.10
C VAL A 34 -9.37 0.92 8.33
N GLY A 35 -8.77 2.10 8.34
CA GLY A 35 -7.88 2.46 9.42
C GLY A 35 -6.49 1.90 9.20
N ASP A 36 -6.43 0.61 8.96
CA ASP A 36 -5.17 -0.10 8.80
C ASP A 36 -5.16 -0.86 7.48
N GLY A 37 -4.07 -0.74 6.75
CA GLY A 37 -3.96 -1.41 5.45
C GLY A 37 -2.80 -0.87 4.63
N VAL A 38 -2.72 -1.28 3.38
CA VAL A 38 -1.63 -0.86 2.51
C VAL A 38 -2.14 -0.47 1.13
N ILE A 39 -1.61 0.63 0.61
CA ILE A 39 -1.93 1.06 -0.75
C ILE A 39 -0.73 0.78 -1.65
N LEU A 40 -0.96 0.06 -2.73
CA LEU A 40 0.11 -0.30 -3.65
C LEU A 40 0.12 0.66 -4.84
N LEU A 41 1.27 1.30 -5.07
CA LEU A 41 1.41 2.20 -6.20
C LEU A 41 1.70 1.41 -7.48
N SER A 42 1.44 2.05 -8.61
CA SER A 42 1.64 1.43 -9.91
C SER A 42 3.12 1.15 -10.12
N SER A 43 3.42 -0.04 -10.61
CA SER A 43 4.80 -0.45 -10.83
C SER A 43 5.19 -0.29 -12.29
N ASP A 44 4.43 0.53 -13.01
CA ASP A 44 4.71 0.82 -14.42
C ASP A 44 6.11 1.42 -14.60
N PRO A 45 6.47 2.49 -13.86
CA PRO A 45 7.82 3.08 -13.92
C PRO A 45 8.83 2.32 -13.05
N ARG A 46 8.90 1.01 -13.23
CA ARG A 46 9.79 0.19 -12.42
C ARG A 46 11.24 0.33 -12.88
N ARG A 47 11.99 1.16 -12.17
CA ARG A 47 13.43 1.26 -12.37
C ARG A 47 14.14 0.88 -11.06
N THR A 48 13.44 0.11 -10.26
CA THR A 48 13.90 -0.27 -8.94
C THR A 48 14.24 -1.76 -8.90
N PRO A 49 15.53 -2.12 -8.82
CA PRO A 49 16.01 -3.49 -8.88
C PRO A 49 16.31 -4.13 -7.52
N GLU A 50 15.78 -5.34 -7.34
CA GLU A 50 16.16 -6.25 -6.24
C GLU A 50 15.92 -5.64 -4.85
N VAL A 51 14.80 -4.95 -4.68
CA VAL A 51 14.40 -4.45 -3.38
C VAL A 51 12.91 -4.69 -3.15
N SER A 52 12.38 -4.13 -2.09
CA SER A 52 10.97 -4.29 -1.78
C SER A 52 10.11 -3.34 -2.62
N ASP A 53 9.78 -3.77 -3.83
CA ASP A 53 8.88 -3.02 -4.69
C ASP A 53 7.89 -3.98 -5.36
N ASN A 54 7.04 -3.43 -6.24
CA ASN A 54 5.96 -4.20 -6.88
C ASN A 54 4.81 -4.48 -5.91
N PRO A 55 3.61 -4.74 -6.44
CA PRO A 55 2.42 -5.06 -5.62
C PRO A 55 2.49 -6.49 -5.08
N VAL A 56 3.32 -7.31 -5.70
CA VAL A 56 3.46 -8.70 -5.31
C VAL A 56 4.36 -8.82 -4.09
N MET A 57 4.23 -9.94 -3.38
CA MET A 57 5.01 -10.24 -2.16
C MET A 57 4.38 -9.55 -0.95
N ILE A 58 3.47 -8.62 -1.20
CA ILE A 58 2.74 -7.95 -0.13
C ILE A 58 1.75 -8.90 0.54
N ALA A 59 1.22 -9.84 -0.24
CA ALA A 59 0.26 -10.82 0.27
C ALA A 59 0.89 -11.67 1.38
N GLU A 60 2.01 -12.31 1.06
CA GLU A 60 2.75 -13.11 2.03
C GLU A 60 3.28 -12.26 3.18
N LEU A 61 3.55 -10.99 2.91
CA LEU A 61 4.03 -10.06 3.92
C LEU A 61 3.04 -9.95 5.08
N LEU A 62 1.78 -9.83 4.71
CA LEU A 62 0.68 -9.60 5.66
C LEU A 62 0.70 -10.55 6.86
N ARG A 63 1.15 -11.78 6.65
CA ARG A 63 1.11 -12.80 7.72
C ARG A 63 2.17 -12.54 8.79
N GLU A 64 2.97 -11.49 8.62
CA GLU A 64 3.98 -11.13 9.59
C GLU A 64 3.36 -10.35 10.73
N PHE A 65 2.29 -9.60 10.43
CA PHE A 65 1.68 -8.72 11.41
C PHE A 65 0.24 -9.13 11.68
N PRO A 66 0.01 -10.04 12.65
CA PRO A 66 -1.33 -10.46 13.05
C PRO A 66 -1.89 -9.55 14.14
N GLN A 67 -1.66 -8.25 13.95
CA GLN A 67 -2.07 -7.24 14.92
C GLN A 67 -3.52 -6.84 14.67
N PHE A 68 -3.86 -6.70 13.40
CA PHE A 68 -5.19 -6.29 12.98
C PHE A 68 -5.46 -6.81 11.57
N ASP A 69 -6.63 -6.50 11.03
CA ASP A 69 -6.99 -6.96 9.69
C ASP A 69 -6.53 -5.97 8.64
N TRP A 70 -5.50 -6.34 7.91
CA TRP A 70 -4.97 -5.49 6.85
C TRP A 70 -5.76 -5.66 5.58
N GLN A 71 -6.01 -4.54 4.92
CA GLN A 71 -6.72 -4.54 3.66
C GLN A 71 -5.85 -3.91 2.59
N VAL A 72 -5.87 -4.48 1.39
CA VAL A 72 -4.97 -4.04 0.34
C VAL A 72 -5.74 -3.38 -0.79
N ALA A 73 -5.26 -2.22 -1.21
CA ALA A 73 -5.87 -1.51 -2.32
C ALA A 73 -4.79 -1.03 -3.28
N VAL A 74 -5.11 -0.99 -4.57
CA VAL A 74 -4.13 -0.67 -5.60
C VAL A 74 -4.67 0.38 -6.56
N ALA A 75 -3.76 1.05 -7.27
CA ALA A 75 -4.14 2.00 -8.29
C ALA A 75 -3.53 1.57 -9.62
N ASP A 76 -4.26 1.77 -10.72
CA ASP A 76 -3.81 1.33 -12.04
C ASP A 76 -2.61 2.13 -12.52
N LEU A 77 -2.82 3.41 -12.75
CA LEU A 77 -1.77 4.32 -13.17
C LEU A 77 -2.24 5.77 -13.02
N GLU A 78 -3.54 5.99 -13.22
CA GLU A 78 -4.13 7.30 -13.11
C GLU A 78 -4.08 7.79 -11.66
N GLN A 79 -4.61 6.97 -10.78
CA GLN A 79 -4.73 7.34 -9.38
C GLN A 79 -3.37 7.35 -8.71
N SER A 80 -2.52 6.40 -9.07
CA SER A 80 -1.20 6.29 -8.49
C SER A 80 -0.36 7.55 -8.75
N GLU A 81 -0.53 8.12 -9.93
CA GLU A 81 0.16 9.35 -10.29
C GLU A 81 -0.26 10.48 -9.35
N ALA A 82 -1.56 10.53 -9.07
CA ALA A 82 -2.12 11.55 -8.19
C ALA A 82 -1.75 11.26 -6.73
N ILE A 83 -1.98 10.02 -6.30
CA ILE A 83 -1.75 9.60 -4.92
C ILE A 83 -0.28 9.78 -4.51
N GLY A 84 0.63 9.32 -5.35
CA GLY A 84 2.05 9.43 -5.05
C GLY A 84 2.48 10.87 -4.87
N ASP A 85 2.05 11.72 -5.79
CA ASP A 85 2.39 13.14 -5.74
C ASP A 85 1.65 13.83 -4.60
N ARG A 86 0.44 13.33 -4.32
CA ARG A 86 -0.39 13.84 -3.22
C ARG A 86 0.32 13.68 -1.88
N PHE A 87 0.84 12.49 -1.62
CA PHE A 87 1.52 12.22 -0.37
C PHE A 87 3.01 12.59 -0.45
N ASN A 88 3.41 13.08 -1.63
CA ASN A 88 4.78 13.56 -1.85
C ASN A 88 5.79 12.44 -1.72
N VAL A 89 5.37 11.20 -1.99
CA VAL A 89 6.21 10.04 -1.74
C VAL A 89 7.11 9.73 -2.94
N ARG A 90 8.18 10.50 -3.06
CA ARG A 90 9.23 10.25 -4.04
C ARG A 90 8.67 10.09 -5.46
N ARG A 91 9.37 9.32 -6.29
CA ARG A 91 8.92 9.08 -7.65
C ARG A 91 9.23 7.65 -8.10
N PHE A 92 9.13 6.72 -7.17
CA PHE A 92 9.34 5.30 -7.48
C PHE A 92 8.30 4.45 -6.75
N PRO A 93 8.06 3.22 -7.22
CA PRO A 93 7.08 2.30 -6.62
C PRO A 93 7.33 2.07 -5.14
N ALA A 94 6.30 2.30 -4.32
CA ALA A 94 6.42 2.16 -2.88
C ALA A 94 5.08 1.80 -2.28
N THR A 95 5.09 0.86 -1.36
CA THR A 95 3.88 0.49 -0.64
C THR A 95 3.63 1.52 0.47
N LEU A 96 2.41 2.02 0.54
CA LEU A 96 2.07 2.98 1.58
C LEU A 96 1.50 2.23 2.79
N VAL A 97 2.12 2.45 3.94
CA VAL A 97 1.74 1.75 5.15
C VAL A 97 0.80 2.61 5.98
N PHE A 98 -0.48 2.24 5.96
CA PHE A 98 -1.48 2.96 6.72
C PHE A 98 -1.90 2.16 7.93
N THR A 99 -1.94 2.83 9.06
CA THR A 99 -2.29 2.20 10.32
C THR A 99 -2.82 3.26 11.27
N ASP A 100 -3.75 2.87 12.14
CA ASP A 100 -4.32 3.80 13.12
C ASP A 100 -5.14 4.88 12.40
N GLY A 101 -5.52 4.58 11.16
CA GLY A 101 -6.23 5.54 10.33
C GLY A 101 -5.30 6.60 9.76
N LYS A 102 -4.00 6.44 10.00
CA LYS A 102 -3.03 7.45 9.61
C LYS A 102 -1.89 6.85 8.81
N LEU A 103 -1.09 7.71 8.17
CA LEU A 103 0.05 7.25 7.40
C LEU A 103 1.29 7.23 8.28
N ARG A 104 2.04 6.14 8.21
CA ARG A 104 3.29 6.04 8.96
C ARG A 104 4.49 6.27 8.04
N GLY A 105 4.35 5.88 6.78
CA GLY A 105 5.41 6.08 5.82
C GLY A 105 5.28 5.14 4.64
N ALA A 106 6.29 5.14 3.78
CA ALA A 106 6.30 4.28 2.62
C ALA A 106 7.29 3.14 2.81
N LEU A 107 7.08 2.04 2.09
CA LEU A 107 7.93 0.89 2.24
C LEU A 107 9.05 0.90 1.21
N SER A 108 10.12 1.61 1.54
CA SER A 108 11.32 1.57 0.73
C SER A 108 12.29 0.56 1.34
N GLY A 109 12.01 -0.72 1.10
CA GLY A 109 12.76 -1.78 1.73
C GLY A 109 14.01 -2.14 0.98
N ILE A 110 15.15 -1.90 1.60
CA ILE A 110 16.43 -2.32 1.05
C ILE A 110 16.57 -3.83 1.20
N HIS A 111 17.10 -4.47 0.15
CA HIS A 111 17.14 -5.93 0.04
C HIS A 111 15.75 -6.48 -0.23
N PRO A 112 15.66 -7.58 -1.01
CA PRO A 112 14.37 -8.21 -1.35
C PRO A 112 13.56 -8.57 -0.11
N TRP A 113 14.20 -9.23 0.84
CA TRP A 113 13.57 -9.57 2.10
C TRP A 113 14.62 -9.67 3.19
N ALA A 114 14.50 -8.79 4.17
CA ALA A 114 15.42 -8.74 5.31
C ALA A 114 15.11 -7.53 6.19
N GLU A 115 15.51 -6.36 5.70
CA GLU A 115 15.35 -5.11 6.45
C GLU A 115 13.88 -4.72 6.52
N LEU A 116 13.12 -5.18 5.52
CA LEU A 116 11.68 -4.95 5.48
C LEU A 116 11.05 -5.33 6.82
N LEU A 117 11.49 -6.44 7.38
CA LEU A 117 10.99 -6.91 8.67
C LEU A 117 11.22 -5.86 9.74
N THR A 118 12.47 -5.46 9.91
CA THR A 118 12.84 -4.47 10.92
C THR A 118 12.08 -3.16 10.73
N LEU A 119 12.06 -2.67 9.49
CA LEU A 119 11.44 -1.39 9.20
C LEU A 119 9.94 -1.42 9.42
N MET A 120 9.26 -2.42 8.86
CA MET A 120 7.81 -2.48 8.98
C MET A 120 7.36 -2.81 10.39
N ARG A 121 8.13 -3.63 11.10
CA ARG A 121 7.83 -3.97 12.48
C ARG A 121 7.92 -2.73 13.37
N SER A 122 8.89 -1.88 13.07
CA SER A 122 9.03 -0.61 13.76
C SER A 122 7.84 0.29 13.45
N ILE A 123 7.37 0.22 12.21
CA ILE A 123 6.22 0.99 11.77
C ILE A 123 4.94 0.55 12.49
N VAL A 124 4.74 -0.77 12.56
CA VAL A 124 3.54 -1.33 13.17
C VAL A 124 3.66 -1.38 14.70
N ASP A 125 4.33 -0.39 15.27
CA ASP A 125 4.50 -0.29 16.71
C ASP A 125 3.26 0.38 17.31
N THR A 126 2.27 0.62 16.46
CA THR A 126 1.02 1.25 16.86
C THR A 126 0.39 0.55 18.07
N PRO A 127 0.12 1.31 19.14
CA PRO A 127 -0.48 0.78 20.36
C PRO A 127 -1.96 0.44 20.18
N ALA A 128 -2.53 -0.20 21.21
CA ALA A 128 -3.94 -0.60 21.20
C ALA A 128 -4.22 -1.71 20.19
N ALA A 129 -3.16 -2.33 19.70
CA ALA A 129 -3.29 -3.45 18.78
C ALA A 129 -3.47 -4.75 19.55
N GLN A 130 -4.72 -5.07 19.83
CA GLN A 130 -5.06 -6.23 20.63
C GLN A 130 -6.46 -6.73 20.26
N GLU A 131 -6.74 -8.00 20.52
CA GLU A 131 -8.03 -8.58 20.14
C GLU A 131 -9.13 -8.22 21.13
N THR A 132 -8.97 -7.09 21.80
CA THR A 132 -10.03 -6.53 22.63
C THR A 132 -11.13 -6.00 21.72
N VAL A 133 -10.71 -5.38 20.64
CA VAL A 133 -11.59 -5.04 19.55
C VAL A 133 -11.38 -6.04 18.43
N GLN A 134 -12.15 -5.92 17.35
CA GLN A 134 -12.01 -6.81 16.20
C GLN A 134 -12.32 -8.26 16.60
N LEU A 135 -13.59 -8.64 16.50
CA LEU A 135 -14.00 -10.01 16.76
C LEU A 135 -13.72 -10.86 15.53
N GLU A 136 -12.54 -11.44 15.48
CA GLU A 136 -12.09 -12.13 14.29
C GLU A 136 -12.14 -13.64 14.42
N HIS A 137 -11.81 -14.29 13.32
CA HIS A 137 -11.83 -15.73 13.21
C HIS A 137 -10.92 -16.16 12.07
N HIS A 138 -9.85 -15.39 11.90
CA HIS A 138 -8.95 -15.56 10.77
C HIS A 138 -7.56 -15.99 11.23
N HIS A 139 -7.33 -17.29 11.26
CA HIS A 139 -6.02 -17.82 11.64
C HIS A 139 -5.51 -18.74 10.54
N HIS A 140 -4.25 -18.57 10.15
CA HIS A 140 -3.67 -19.35 9.07
C HIS A 140 -3.18 -20.71 9.55
N HIS A 141 -3.76 -21.75 8.99
CA HIS A 141 -3.21 -23.09 9.10
C HIS A 141 -2.79 -23.53 7.70
N HIS A 142 -2.99 -22.61 6.77
CA HIS A 142 -2.49 -22.71 5.41
C HIS A 142 -2.03 -21.32 4.99
#